data_9UI9
#
_entry.id   9UI9
#
_cell.length_a   1.00
_cell.length_b   1.00
_cell.length_c   1.00
_cell.angle_alpha   90.00
_cell.angle_beta   90.00
_cell.angle_gamma   90.00
#
_symmetry.space_group_name_H-M   'P 1'
#
loop_
_entity.id
_entity.type
_entity.pdbx_description
1 polymer 'DNA repair protein RAD51 homolog 1'
2 polymer 'DNA (48-MER)'
3 polymer 'DNA (48-MER)'
4 polymer 'DNA (35-MER)'
5 non-polymer 'PHOSPHOAMINOPHOSPHONIC ACID-ADENYLATE ESTER'
6 non-polymer 'MAGNESIUM ION'
#
loop_
_entity_poly.entity_id
_entity_poly.type
_entity_poly.pdbx_seq_one_letter_code
_entity_poly.pdbx_strand_id
1 'polypeptide(L)'
;MASWSHPQFEKGADDDDKVPDPMAMQMQLEASADTSVEEESFGPQPISRLEQCGINANDVKKLEEAGYHTVEAVAYAPKK
ELINIKGISEAKADKILTEAAKLVPMGFTTATEFHQRRSEIIQITTGSKELDKLLQGGIETGSITEMFGEFRTGKTQICH
TLAVTCQLPIDRGGGEGKAMYIDTEGTFRPERLLAVAERYGLSGSDVLDNVAYARGFNTDHQTQLLYQAEDMMVESRYAL
LIVDSATALYRTDYSGRGELSARQMHLARFLRMLLRLADEFGVAVVITNQVVAQVDGAAMFAADPKKPIGGNIIAHASTT
RLYLRKGRGETRICKIYDSPCLPEAEAMFAINADGVGDAKD
;
E,F,G,H,I,A,B,C,D
2 'polydeoxyribonucleotide'
;(DC)(DG)(DG)(DT)(DG)(DT)(DC)(DG)(DA)(DG)(DT)(DC)(DA)(DG)(DC)(DC)(DT)(DA)(DT)(DT)
(DC)(DT)(DT)(DT)(DT)(DT)(DT)(DT)(DT)(DT)(DA)(DT)(DT)(DC)(DA)(DA)(DT)(DT)(DA)(DA)
(DG)(DC)(DA)(DA)(DG)(DT)(DA)(DC)
;
U
3 'polydeoxyribonucleotide'
;(DG)(DT)(DA)(DC)(DT)(DT)(DG)(DC)(DT)(DT)(DA)(DA)(DT)(DT)(DG)(DA)(DA)(DT)(DG)(DC)
(DG)(DT)(DG)(DG)(DG)(DC)(DG)(DA)(DC)(DG)(DT)(DA)(DG)(DG)(DC)(DT)(DG)(DA)(DC)(DT)
(DC)(DG)(DA)(DC)(DA)(DC)(DC)(DG)
;
T
4 'polydeoxyribonucleotide'
;(DT)(DT)(DT)(DT)(DT)(DT)(DT)(DT)(DT)(DT)(DT)(DT)(DC)(DG)(DT)(DC)(DG)(DC)(DC)(DC)
(DA)(DC)(DG)(DC)(DT)(DT)(DT)(DT)(DT)(DT)(DT)(DT)(DT)(DT)(DT)
;
L
#
loop_
_chem_comp.id
_chem_comp.type
_chem_comp.name
_chem_comp.formula
ANP non-polymer 'PHOSPHOAMINOPHOSPHONIC ACID-ADENYLATE ESTER' 'C10 H17 N6 O12 P3'
DA DNA linking 2'-DEOXYADENOSINE-5'-MONOPHOSPHATE 'C10 H14 N5 O6 P'
DC DNA linking 2'-DEOXYCYTIDINE-5'-MONOPHOSPHATE 'C9 H14 N3 O7 P'
DG DNA linking 2'-DEOXYGUANOSINE-5'-MONOPHOSPHATE 'C10 H14 N5 O7 P'
DT DNA linking THYMIDINE-5'-MONOPHOSPHATE 'C10 H15 N2 O8 P'
MG non-polymer 'MAGNESIUM ION' 'Mg 2'
#
# COMPACT_ATOMS: atom_id res chain seq x y z
N PRO A 44 19.35 29.11 34.10
CA PRO A 44 18.99 27.88 34.81
C PRO A 44 18.37 28.15 36.18
N GLN A 45 17.48 29.15 36.26
CA GLN A 45 16.82 29.47 37.52
C GLN A 45 15.75 28.43 37.84
N PRO A 46 15.70 27.90 39.05
CA PRO A 46 14.63 26.97 39.41
C PRO A 46 13.29 27.67 39.54
N ILE A 47 12.29 26.89 39.95
CA ILE A 47 10.91 27.37 40.09
C ILE A 47 10.83 28.39 41.21
N SER A 48 11.85 28.44 42.06
CA SER A 48 11.87 29.35 43.21
C SER A 48 11.61 30.79 42.81
N ARG A 49 12.14 31.21 41.65
CA ARG A 49 11.89 32.54 41.15
C ARG A 49 10.42 32.76 40.83
N LEU A 50 9.80 31.76 40.18
CA LEU A 50 8.36 31.82 39.82
C LEU A 50 7.53 31.90 41.10
N GLU A 51 7.87 31.12 42.12
CA GLU A 51 7.10 31.07 43.38
C GLU A 51 7.05 32.48 43.99
N GLN A 52 8.13 33.28 43.87
CA GLN A 52 8.18 34.62 44.45
C GLN A 52 7.07 35.51 43.90
N CYS A 53 6.75 35.37 42.61
CA CYS A 53 5.77 36.23 41.98
C CYS A 53 4.34 35.72 42.18
N GLY A 54 3.91 35.59 43.43
CA GLY A 54 2.52 35.30 43.71
C GLY A 54 2.16 33.84 43.86
N ILE A 55 2.60 33.03 42.89
CA ILE A 55 2.21 31.58 42.80
C ILE A 55 2.43 30.90 44.17
N ASN A 56 1.41 30.19 44.66
CA ASN A 56 1.51 29.45 45.94
C ASN A 56 2.58 28.36 45.80
N ALA A 57 3.27 27.99 46.88
CA ALA A 57 4.25 26.91 46.86
C ALA A 57 3.63 25.58 46.48
N ASN A 58 2.34 25.41 46.73
CA ASN A 58 1.66 24.17 46.34
C ASN A 58 1.63 24.04 44.82
N ASP A 59 1.25 25.12 44.12
CA ASP A 59 1.24 25.08 42.67
C ASP A 59 2.63 24.87 42.11
N VAL A 60 3.64 25.46 42.78
CA VAL A 60 5.07 25.34 42.36
C VAL A 60 5.55 23.90 42.59
N LYS A 61 5.04 23.20 43.61
CA LYS A 61 5.33 21.79 43.86
C LYS A 61 4.67 20.92 42.79
N LYS A 62 3.43 21.26 42.44
CA LYS A 62 2.70 20.54 41.41
C LYS A 62 3.40 20.65 40.06
N LEU A 63 3.86 21.87 39.72
CA LEU A 63 4.59 22.11 38.46
C LEU A 63 5.86 21.26 38.47
N GLU A 64 6.59 21.23 39.59
CA GLU A 64 7.83 20.48 39.68
C GLU A 64 7.60 18.99 39.52
N GLU A 65 6.60 18.44 40.21
CA GLU A 65 6.34 17.01 40.10
C GLU A 65 5.74 16.66 38.74
N ALA A 66 5.21 17.65 38.02
CA ALA A 66 4.67 17.40 36.69
C ALA A 66 5.78 17.38 35.66
N GLY A 67 7.01 17.66 36.09
CA GLY A 67 8.14 17.66 35.18
C GLY A 67 8.56 19.03 34.70
N TYR A 68 8.58 20.02 35.62
CA TYR A 68 9.03 21.41 35.31
C TYR A 68 9.94 21.86 36.43
N HIS A 69 11.25 21.65 36.31
CA HIS A 69 12.23 21.94 37.38
C HIS A 69 12.97 23.25 37.07
N THR A 70 12.61 23.97 36.01
CA THR A 70 13.26 25.23 35.64
C THR A 70 12.21 26.20 35.13
N VAL A 71 12.35 27.47 35.49
CA VAL A 71 11.40 28.50 35.07
C VAL A 71 11.42 28.58 33.56
N GLU A 72 12.58 28.34 32.94
CA GLU A 72 12.67 28.33 31.50
C GLU A 72 11.81 27.22 30.91
N ALA A 73 11.83 26.04 31.54
CA ALA A 73 10.99 24.94 31.06
C ALA A 73 9.51 25.30 31.14
N VAL A 74 9.11 25.97 32.23
CA VAL A 74 7.72 26.41 32.35
C VAL A 74 7.38 27.40 31.24
N ALA A 75 8.28 28.34 30.99
CA ALA A 75 8.05 29.30 29.92
C ALA A 75 8.05 28.63 28.55
N TYR A 76 8.65 27.44 28.44
CA TYR A 76 8.71 26.70 27.18
C TYR A 76 7.53 25.75 27.01
N ALA A 77 6.53 25.83 27.90
CA ALA A 77 5.38 24.95 27.87
C ALA A 77 4.20 25.73 27.28
N PRO A 78 3.56 25.23 26.24
CA PRO A 78 2.45 25.97 25.63
C PRO A 78 1.24 26.01 26.54
N LYS A 79 0.25 26.81 26.14
CA LYS A 79 -0.98 26.93 26.92
C LYS A 79 -1.72 25.59 26.96
N LYS A 80 -1.57 24.77 25.92
CA LYS A 80 -2.26 23.50 25.83
C LYS A 80 -1.82 22.51 26.90
N GLU A 81 -0.55 22.57 27.30
CA GLU A 81 0.01 21.57 28.19
C GLU A 81 -0.04 21.98 29.65
N LEU A 82 0.06 23.29 29.92
CA LEU A 82 0.10 23.75 31.30
C LEU A 82 -1.20 23.47 32.03
N ILE A 83 -2.33 23.67 31.37
CA ILE A 83 -3.63 23.39 32.02
C ILE A 83 -3.82 21.90 32.24
N ASN A 84 -3.18 21.04 31.45
CA ASN A 84 -3.31 19.59 31.57
C ASN A 84 -2.95 19.12 32.97
N ILE A 85 -2.00 19.76 33.64
CA ILE A 85 -1.64 19.39 35.00
C ILE A 85 -2.87 19.50 35.88
N LYS A 86 -3.21 18.41 36.57
CA LYS A 86 -4.40 18.39 37.42
C LYS A 86 -4.21 19.30 38.62
N GLY A 87 -5.22 20.15 38.89
CA GLY A 87 -5.19 21.12 39.96
C GLY A 87 -4.88 22.52 39.48
N ILE A 88 -4.40 22.67 38.25
CA ILE A 88 -4.08 23.97 37.68
C ILE A 88 -5.25 24.41 36.80
N SER A 89 -5.76 25.61 37.06
CA SER A 89 -6.88 26.18 36.34
C SER A 89 -6.38 26.95 35.13
N GLU A 90 -7.33 27.41 34.32
CA GLU A 90 -6.98 28.21 33.14
C GLU A 90 -6.36 29.54 33.54
N ALA A 91 -7.00 30.25 34.47
CA ALA A 91 -6.47 31.54 34.93
C ALA A 91 -5.14 31.36 35.65
N LYS A 92 -5.02 30.31 36.46
CA LYS A 92 -3.77 30.02 37.15
C LYS A 92 -2.65 29.75 36.15
N ALA A 93 -2.96 28.98 35.09
CA ALA A 93 -1.98 28.71 34.06
C ALA A 93 -1.56 29.99 33.34
N ASP A 94 -2.53 30.86 33.04
CA ASP A 94 -2.21 32.14 32.41
C ASP A 94 -1.30 32.96 33.29
N LYS A 95 -1.60 33.00 34.60
CA LYS A 95 -0.78 33.75 35.54
C LYS A 95 0.65 33.20 35.58
N ILE A 96 0.77 31.87 35.64
CA ILE A 96 2.10 31.19 35.73
C ILE A 96 2.89 31.44 34.44
N LEU A 97 2.23 31.44 33.27
CA LEU A 97 2.90 31.70 32.00
C LEU A 97 3.29 33.16 31.85
N THR A 98 2.50 34.09 32.39
CA THR A 98 2.85 35.50 32.34
C THR A 98 3.99 35.86 33.29
N GLU A 99 4.03 35.25 34.48
CA GLU A 99 5.21 35.43 35.32
C GLU A 99 6.47 34.89 34.66
N ALA A 100 6.38 33.74 34.00
CA ALA A 100 7.52 33.15 33.32
C ALA A 100 8.03 34.10 32.23
N ALA A 101 7.11 34.75 31.51
CA ALA A 101 7.50 35.68 30.46
C ALA A 101 8.31 36.84 31.01
N LYS A 102 7.91 37.37 32.16
CA LYS A 102 8.69 38.41 32.82
C LYS A 102 10.05 37.89 33.25
N LEU A 103 10.04 36.68 33.85
CA LEU A 103 11.24 36.06 34.49
C LEU A 103 12.30 35.59 33.49
N VAL A 104 11.98 35.46 32.19
CA VAL A 104 12.92 34.89 31.24
C VAL A 104 12.79 35.68 29.93
N PRO A 105 13.88 35.85 29.17
CA PRO A 105 13.77 36.61 27.91
C PRO A 105 13.05 35.85 26.82
N MET A 106 11.85 36.30 26.44
CA MET A 106 11.05 35.72 25.37
C MET A 106 10.52 36.86 24.50
N GLY A 107 11.29 37.25 23.50
CA GLY A 107 10.94 38.39 22.70
C GLY A 107 11.90 38.58 21.53
N PHE A 108 11.88 39.80 20.99
CA PHE A 108 12.68 40.12 19.81
C PHE A 108 14.00 40.78 20.20
N THR A 109 15.07 40.33 19.54
CA THR A 109 16.39 40.93 19.71
C THR A 109 16.99 41.09 18.32
N THR A 110 17.97 41.98 18.23
CA THR A 110 18.71 42.13 16.99
C THR A 110 19.61 40.92 16.77
N ALA A 111 19.97 40.68 15.49
CA ALA A 111 20.78 39.51 15.18
C ALA A 111 22.20 39.65 15.71
N THR A 112 22.70 40.88 15.81
CA THR A 112 24.03 41.10 16.37
C THR A 112 24.05 40.73 17.85
N GLU A 113 22.94 40.94 18.54
CA GLU A 113 22.79 40.54 19.93
C GLU A 113 22.98 39.04 20.05
N PHE A 114 22.47 38.29 19.07
CA PHE A 114 22.65 36.84 19.01
C PHE A 114 24.06 36.43 18.61
N HIS A 115 24.67 37.19 17.69
CA HIS A 115 26.07 36.94 17.27
C HIS A 115 26.96 37.13 18.50
N GLN A 116 26.60 38.02 19.45
CA GLN A 116 27.36 38.25 20.67
C GLN A 116 27.12 37.19 21.72
N ARG A 117 26.29 36.18 21.44
CA ARG A 117 26.08 35.06 22.36
C ARG A 117 26.34 33.74 21.62
N ARG A 118 26.72 33.84 20.35
CA ARG A 118 27.10 32.64 19.60
C ARG A 118 28.60 32.63 19.36
N SER A 119 29.31 33.51 20.07
CA SER A 119 30.75 33.38 20.25
C SER A 119 31.09 32.95 21.67
N GLU A 120 30.13 33.00 22.60
CA GLU A 120 30.30 32.46 23.93
C GLU A 120 29.78 31.04 24.06
N ILE A 121 29.25 30.46 22.99
CA ILE A 121 28.94 29.04 23.00
C ILE A 121 30.24 28.26 23.16
N ILE A 122 30.13 27.10 23.80
CA ILE A 122 31.34 26.27 24.07
C ILE A 122 31.38 25.14 23.03
N GLN A 123 32.55 24.81 22.54
CA GLN A 123 32.74 23.70 21.62
C GLN A 123 33.61 22.63 22.26
N ILE A 124 33.14 21.37 22.18
CA ILE A 124 33.79 20.23 22.88
C ILE A 124 34.67 19.44 21.91
N THR A 125 35.92 19.22 22.29
CA THR A 125 36.87 18.54 21.41
C THR A 125 36.53 17.07 21.31
N THR A 126 36.77 16.47 20.16
CA THR A 126 36.61 15.05 19.92
C THR A 126 37.93 14.29 19.83
N GLY A 127 39.04 14.93 20.18
CA GLY A 127 40.33 14.26 20.18
C GLY A 127 41.08 14.37 18.87
N SER A 128 40.51 13.81 17.80
CA SER A 128 41.14 13.85 16.49
C SER A 128 41.12 15.27 15.96
N LYS A 129 42.30 15.83 15.70
CA LYS A 129 42.38 17.20 15.22
C LYS A 129 41.73 17.36 13.85
N GLU A 130 41.77 16.30 13.03
CA GLU A 130 41.05 16.33 11.77
C GLU A 130 39.55 16.44 11.99
N LEU A 131 39.03 15.81 13.03
CA LEU A 131 37.62 15.96 13.36
C LEU A 131 37.32 17.34 13.91
N ASP A 132 38.17 17.86 14.79
CA ASP A 132 37.96 19.19 15.36
C ASP A 132 38.17 20.28 14.33
N LYS A 133 38.75 19.92 13.19
CA LYS A 133 38.85 20.84 12.05
C LYS A 133 37.69 20.70 11.09
N LEU A 134 37.22 19.47 10.86
CA LEU A 134 35.99 19.27 10.09
C LEU A 134 34.80 19.94 10.76
N LEU A 135 34.76 19.92 12.09
CA LEU A 135 33.65 20.49 12.84
C LEU A 135 33.88 21.95 13.21
N GLN A 136 35.00 22.53 12.79
CA GLN A 136 35.33 23.92 13.07
C GLN A 136 35.31 24.21 14.57
N GLY A 137 35.96 23.33 15.32
CA GLY A 137 36.12 23.52 16.75
C GLY A 137 35.66 22.35 17.59
N GLY A 138 34.61 21.68 17.18
CA GLY A 138 34.10 20.55 17.91
C GLY A 138 32.58 20.52 17.84
N ILE A 139 31.95 20.28 18.99
CA ILE A 139 30.50 20.13 19.10
C ILE A 139 29.97 21.23 19.99
N GLU A 140 28.98 21.97 19.49
CA GLU A 140 28.41 23.10 20.22
C GLU A 140 27.71 22.61 21.48
N THR A 141 27.66 23.49 22.48
CA THR A 141 26.93 23.17 23.73
C THR A 141 25.49 23.51 23.48
N GLY A 142 25.01 23.23 22.26
CA GLY A 142 23.60 23.51 21.90
C GLY A 142 23.20 22.59 20.76
N SER A 143 21.91 22.60 20.40
CA SER A 143 21.42 21.77 19.27
C SER A 143 21.56 20.28 19.61
N ILE A 144 21.28 19.41 18.64
CA ILE A 144 21.36 17.93 18.87
C ILE A 144 22.25 17.33 17.77
N THR A 145 23.47 16.91 18.15
CA THR A 145 24.41 16.33 17.17
C THR A 145 24.11 14.86 17.02
N GLU A 146 23.52 14.46 15.89
CA GLU A 146 23.13 13.08 15.69
C GLU A 146 24.16 12.39 14.79
N MET A 147 24.88 11.44 15.34
CA MET A 147 25.88 10.67 14.61
C MET A 147 25.37 9.25 14.42
N PHE A 148 25.41 8.74 13.20
CA PHE A 148 24.91 7.41 12.89
C PHE A 148 25.96 6.63 12.12
N GLY A 149 25.59 5.40 11.76
CA GLY A 149 26.47 4.53 11.02
C GLY A 149 26.22 3.07 11.36
N GLU A 150 26.86 2.19 10.61
CA GLU A 150 26.71 0.75 10.79
C GLU A 150 27.47 0.30 12.04
N PHE A 151 27.58 -1.00 12.24
CA PHE A 151 28.31 -1.50 13.39
C PHE A 151 29.80 -1.19 13.27
N ARG A 152 30.47 -1.19 14.42
CA ARG A 152 31.89 -0.86 14.58
C ARG A 152 32.34 0.31 13.72
N THR A 153 31.62 1.44 13.77
CA THR A 153 32.07 2.66 13.12
C THR A 153 32.49 3.73 14.11
N GLY A 154 32.47 3.45 15.41
CA GLY A 154 32.97 4.36 16.42
C GLY A 154 31.92 5.24 17.07
N LYS A 155 30.64 4.97 16.87
CA LYS A 155 29.61 5.81 17.47
C LYS A 155 29.63 5.74 19.00
N THR A 156 29.98 4.60 19.58
CA THR A 156 30.08 4.48 21.03
C THR A 156 31.53 4.58 21.51
N GLN A 157 32.44 5.01 20.65
CA GLN A 157 33.77 5.43 21.04
C GLN A 157 33.96 6.92 20.99
N ILE A 158 33.41 7.59 19.97
CA ILE A 158 33.25 9.04 19.99
C ILE A 158 32.43 9.48 21.19
N CYS A 159 31.35 8.76 21.51
CA CYS A 159 30.53 9.05 22.68
C CYS A 159 31.22 8.71 23.99
N HIS A 160 32.27 7.87 23.95
CA HIS A 160 33.07 7.52 25.15
C HIS A 160 34.12 8.60 25.39
N THR A 161 34.82 9.06 24.35
CA THR A 161 35.86 10.07 24.51
C THR A 161 35.28 11.45 24.80
N LEU A 162 34.06 11.71 24.33
CA LEU A 162 33.43 13.00 24.57
C LEU A 162 33.06 13.11 26.05
N ALA A 163 32.83 11.98 26.70
CA ALA A 163 32.50 11.97 28.12
C ALA A 163 33.71 12.17 29.02
N VAL A 164 34.93 12.06 28.48
CA VAL A 164 36.12 12.43 29.21
C VAL A 164 36.61 13.82 28.83
N THR A 165 36.39 14.24 27.58
CA THR A 165 36.83 15.57 27.15
C THR A 165 36.16 16.67 27.96
N CYS A 166 34.85 16.62 28.18
CA CYS A 166 34.15 17.72 28.89
C CYS A 166 34.80 17.98 30.25
N GLN A 167 35.45 16.97 30.82
CA GLN A 167 36.03 17.07 32.19
C GLN A 167 37.34 17.86 32.13
N LEU A 168 37.85 18.14 30.93
CA LEU A 168 39.11 18.89 30.74
C LEU A 168 38.86 20.40 30.91
N PRO A 169 39.85 21.20 31.35
CA PRO A 169 39.72 22.65 31.46
C PRO A 169 39.30 23.27 30.12
N ILE A 170 38.57 24.38 30.18
CA ILE A 170 38.01 25.00 28.95
C ILE A 170 39.13 25.31 27.95
N ASP A 171 40.37 25.49 28.40
CA ASP A 171 41.46 25.85 27.50
C ASP A 171 41.73 24.74 26.48
N ARG A 172 41.83 23.49 26.96
CA ARG A 172 42.22 22.38 26.11
C ARG A 172 41.01 21.72 25.48
N GLY A 173 39.92 22.47 25.33
CA GLY A 173 38.70 21.94 24.78
C GLY A 173 37.80 21.34 25.84
N GLY A 174 36.52 21.64 25.77
CA GLY A 174 35.58 21.14 26.76
C GLY A 174 34.70 22.22 27.34
N GLY A 175 33.69 21.84 28.10
CA GLY A 175 32.81 22.80 28.75
C GLY A 175 33.07 22.87 30.23
N GLU A 176 34.05 22.09 30.70
CA GLU A 176 34.41 22.01 32.10
C GLU A 176 33.16 21.73 32.94
N GLY A 177 32.55 20.57 32.71
CA GLY A 177 31.41 20.15 33.50
C GLY A 177 31.43 18.65 33.73
N LYS A 178 30.27 18.02 33.68
CA LYS A 178 30.17 16.57 33.77
C LYS A 178 29.23 16.09 32.68
N ALA A 179 29.47 14.87 32.21
CA ALA A 179 28.62 14.27 31.19
C ALA A 179 27.69 13.24 31.83
N MET A 180 26.55 13.02 31.15
CA MET A 180 25.57 11.99 31.56
C MET A 180 25.58 10.93 30.46
N TYR A 181 25.21 9.69 30.75
CA TYR A 181 25.20 8.59 29.80
C TYR A 181 23.88 7.85 29.90
N ILE A 182 22.96 8.14 28.99
CA ILE A 182 21.70 7.42 28.90
C ILE A 182 21.93 6.22 27.98
N ASP A 183 22.43 5.13 28.54
CA ASP A 183 22.73 3.94 27.75
C ASP A 183 21.44 3.22 27.41
N THR A 184 21.31 2.82 26.14
CA THR A 184 20.15 2.05 25.72
C THR A 184 20.52 0.76 24.99
N GLU A 185 21.81 0.43 24.87
CA GLU A 185 22.25 -0.79 24.22
C GLU A 185 23.10 -1.67 25.12
N GLY A 186 23.45 -1.23 26.32
CA GLY A 186 24.32 -1.98 27.19
C GLY A 186 25.78 -1.96 26.82
N THR A 187 26.27 -0.88 26.21
CA THR A 187 27.64 -0.78 25.74
C THR A 187 28.31 0.47 26.30
N PHE A 188 28.16 0.71 27.60
CA PHE A 188 28.90 1.77 28.28
C PHE A 188 30.04 1.12 29.04
N ARG A 189 31.27 1.40 28.62
CA ARG A 189 32.44 0.79 29.22
C ARG A 189 33.19 1.84 30.02
N PRO A 190 33.19 1.76 31.35
CA PRO A 190 33.99 2.69 32.15
C PRO A 190 35.49 2.50 32.04
N GLU A 191 35.94 1.51 31.27
CA GLU A 191 37.35 1.30 30.99
C GLU A 191 37.84 2.11 29.81
N ARG A 192 36.98 2.30 28.80
CA ARG A 192 37.34 3.17 27.68
C ARG A 192 37.52 4.61 28.14
N LEU A 193 36.62 5.08 29.02
CA LEU A 193 36.79 6.41 29.59
C LEU A 193 38.08 6.51 30.41
N LEU A 194 38.36 5.47 31.18
CA LEU A 194 39.58 5.42 31.98
C LEU A 194 40.81 5.52 31.08
N ALA A 195 40.76 4.87 29.93
CA ALA A 195 41.88 4.94 29.00
C ALA A 195 41.97 6.28 28.29
N VAL A 196 40.83 6.88 27.94
CA VAL A 196 40.80 8.16 27.25
C VAL A 196 41.36 9.23 28.18
N ALA A 197 41.12 9.07 29.47
CA ALA A 197 41.63 10.02 30.46
C ALA A 197 43.16 10.11 30.41
N GLU A 198 43.84 8.99 30.25
CA GLU A 198 45.31 9.00 30.22
C GLU A 198 45.83 9.74 29.00
N ARG A 199 45.13 9.63 27.87
CA ARG A 199 45.55 10.33 26.67
C ARG A 199 45.59 11.83 26.91
N TYR A 200 44.61 12.35 27.65
CA TYR A 200 44.54 13.77 27.98
C TYR A 200 45.13 14.10 29.33
N GLY A 201 45.78 13.14 29.99
CA GLY A 201 46.44 13.38 31.26
C GLY A 201 45.51 13.79 32.38
N LEU A 202 44.35 13.14 32.47
CA LEU A 202 43.37 13.46 33.49
C LEU A 202 43.66 12.69 34.77
N SER A 203 42.71 12.73 35.72
CA SER A 203 42.99 12.22 37.06
C SER A 203 42.56 10.78 37.29
N GLY A 204 42.02 10.10 36.27
CA GLY A 204 41.75 8.68 36.46
C GLY A 204 40.40 8.41 37.07
N SER A 205 40.39 8.19 38.39
CA SER A 205 39.16 7.87 39.11
C SER A 205 38.15 9.02 39.03
N ASP A 206 38.62 10.25 39.13
CA ASP A 206 37.75 11.41 39.24
C ASP A 206 36.87 11.59 38.01
N VAL A 207 37.42 11.35 36.80
CA VAL A 207 36.65 11.52 35.53
C VAL A 207 35.54 10.46 35.51
N LEU A 208 35.78 9.27 36.01
CA LEU A 208 34.73 8.27 36.17
C LEU A 208 33.79 8.60 37.31
N ASP A 209 34.20 9.44 38.25
CA ASP A 209 33.33 9.84 39.39
C ASP A 209 32.37 10.95 38.93
N ASN A 210 32.55 11.49 37.72
CA ASN A 210 31.73 12.63 37.22
C ASN A 210 31.05 12.26 35.89
N VAL A 211 30.63 11.00 35.72
CA VAL A 211 29.90 10.57 34.49
C VAL A 211 28.57 9.92 34.91
N ALA A 212 27.45 10.63 34.94
CA ALA A 212 26.21 9.95 35.30
C ALA A 212 25.92 8.84 34.29
N TYR A 213 25.27 7.79 34.76
CA TYR A 213 24.96 6.63 33.94
C TYR A 213 23.60 6.09 34.33
N ALA A 214 22.78 5.77 33.33
CA ALA A 214 21.44 5.25 33.58
C ALA A 214 21.01 4.48 32.36
N ARG A 215 20.83 3.17 32.50
CA ARG A 215 20.41 2.33 31.38
C ARG A 215 18.91 2.47 31.18
N GLY A 216 18.52 2.92 30.00
CA GLY A 216 17.11 2.98 29.64
C GLY A 216 16.69 1.71 28.95
N PHE A 217 16.06 0.80 29.70
CA PHE A 217 15.65 -0.49 29.16
C PHE A 217 14.49 -0.36 28.19
N ASN A 218 13.88 0.81 28.08
CA ASN A 218 12.57 0.92 27.46
C ASN A 218 12.46 2.24 26.70
N THR A 219 11.49 2.30 25.79
CA THR A 219 11.23 3.49 25.01
C THR A 219 10.55 4.59 25.82
N ASP A 220 9.92 4.26 26.94
CA ASP A 220 9.36 5.24 27.87
C ASP A 220 10.31 5.57 29.01
N HIS A 221 11.10 4.58 29.44
CA HIS A 221 12.16 4.84 30.40
C HIS A 221 13.17 5.85 29.88
N GLN A 222 13.34 5.96 28.57
CA GLN A 222 14.20 6.99 27.99
C GLN A 222 13.68 8.38 28.35
N THR A 223 12.42 8.64 28.05
CA THR A 223 11.78 9.92 28.36
C THR A 223 11.74 10.19 29.86
N GLN A 224 11.48 9.17 30.68
CA GLN A 224 11.52 9.36 32.12
C GLN A 224 12.93 9.61 32.65
N LEU A 225 13.95 9.02 32.03
CA LEU A 225 15.32 9.37 32.38
C LEU A 225 15.61 10.82 32.06
N LEU A 226 15.02 11.35 30.98
CA LEU A 226 15.17 12.77 30.72
C LEU A 226 14.59 13.62 31.85
N TYR A 227 13.40 13.24 32.33
CA TYR A 227 12.79 13.96 33.44
C TYR A 227 13.68 13.91 34.68
N GLN A 228 14.18 12.72 35.02
CA GLN A 228 15.10 12.60 36.14
C GLN A 228 16.41 13.33 35.90
N ALA A 229 16.78 13.53 34.64
CA ALA A 229 18.03 14.21 34.31
C ALA A 229 17.89 15.70 34.53
N GLU A 230 16.67 16.22 34.37
CA GLU A 230 16.42 17.67 34.51
C GLU A 230 16.79 18.12 35.93
N ASP A 231 16.49 17.34 36.98
CA ASP A 231 16.82 17.72 38.35
C ASP A 231 18.33 17.84 38.54
N MET A 232 19.06 16.79 38.18
CA MET A 232 20.51 16.81 38.33
C MET A 232 21.12 17.96 37.53
N MET A 233 20.59 18.19 36.32
CA MET A 233 21.09 19.27 35.43
C MET A 233 20.88 20.63 36.11
N VAL A 234 19.84 20.74 36.95
CA VAL A 234 19.54 21.99 37.72
C VAL A 234 20.53 22.11 38.88
N GLU A 235 20.68 21.07 39.72
CA GLU A 235 21.47 21.20 40.95
C GLU A 235 22.96 20.99 40.74
N SER A 236 23.43 20.88 39.50
CA SER A 236 24.86 20.79 39.25
C SER A 236 25.14 21.18 37.81
N ARG A 237 26.41 21.44 37.53
CA ARG A 237 26.84 21.89 36.21
C ARG A 237 27.15 20.69 35.33
N TYR A 238 26.41 20.55 34.23
CA TYR A 238 26.64 19.49 33.27
C TYR A 238 26.97 20.09 31.91
N ALA A 239 27.81 19.40 31.14
CA ALA A 239 28.26 19.88 29.84
C ALA A 239 27.81 19.00 28.68
N LEU A 240 27.61 17.70 28.91
CA LEU A 240 27.33 16.76 27.84
C LEU A 240 26.14 15.88 28.22
N LEU A 241 25.33 15.56 27.21
CA LEU A 241 24.28 14.55 27.31
C LEU A 241 24.53 13.52 26.22
N ILE A 242 24.67 12.26 26.62
CA ILE A 242 24.97 11.19 25.69
C ILE A 242 23.78 10.23 25.69
N VAL A 243 23.17 10.05 24.52
CA VAL A 243 22.14 9.04 24.33
C VAL A 243 22.80 7.96 23.48
N ASP A 244 23.08 6.82 24.12
CA ASP A 244 23.80 5.70 23.43
C ASP A 244 23.09 5.33 22.13
N SER A 245 21.76 5.38 22.11
CA SER A 245 21.01 5.08 20.87
C SER A 245 19.55 5.52 21.03
N ALA A 246 19.15 6.57 20.30
CA ALA A 246 17.76 7.07 20.38
C ALA A 246 16.81 6.10 19.69
N THR A 247 17.23 5.51 18.56
CA THR A 247 16.32 4.65 17.78
C THR A 247 16.59 3.18 18.04
N ALA A 248 17.34 2.86 19.09
CA ALA A 248 17.56 1.43 19.45
C ALA A 248 16.26 0.81 19.95
N LEU A 249 15.64 1.44 20.94
CA LEU A 249 14.42 0.85 21.55
C LEU A 249 13.29 0.93 20.52
N TYR A 250 13.11 2.08 19.88
CA TYR A 250 11.95 2.27 18.95
C TYR A 250 11.95 1.20 17.85
N ARG A 251 13.05 0.47 17.69
CA ARG A 251 13.14 -0.55 16.61
C ARG A 251 12.66 -1.91 17.16
N THR A 252 12.50 -2.01 18.49
CA THR A 252 12.09 -3.30 19.10
C THR A 252 10.84 -3.12 19.92
N ASP A 253 10.46 -1.87 20.22
CA ASP A 253 9.28 -1.63 21.11
C ASP A 253 8.11 -1.18 20.24
N TYR A 254 8.30 -1.15 18.91
CA TYR A 254 7.16 -0.84 17.99
C TYR A 254 6.98 -2.02 17.03
N SER A 255 6.08 -1.92 16.03
CA SER A 255 5.79 -3.10 15.18
C SER A 255 5.97 -2.84 13.67
N GLY A 256 5.63 -1.64 13.19
CA GLY A 256 5.82 -1.31 11.77
C GLY A 256 4.50 -1.05 11.06
N ARG A 257 4.38 0.09 10.37
CA ARG A 257 3.13 0.46 9.64
C ARG A 257 1.99 0.68 10.64
N GLY A 258 1.64 -0.36 11.41
CA GLY A 258 0.57 -0.24 12.43
C GLY A 258 0.99 0.67 13.56
N GLU A 259 2.25 0.58 14.00
CA GLU A 259 2.71 1.39 15.16
C GLU A 259 3.54 2.57 14.68
N LEU A 260 3.95 2.57 13.41
CA LEU A 260 4.81 3.66 12.88
C LEU A 260 4.19 5.02 13.24
N SER A 261 2.89 5.19 13.02
CA SER A 261 2.28 6.48 13.27
C SER A 261 2.32 6.89 14.73
N ALA A 262 2.54 5.95 15.64
CA ALA A 262 2.73 6.26 17.05
C ALA A 262 4.19 6.28 17.47
N ARG A 263 5.05 5.44 16.87
CA ARG A 263 6.48 5.55 17.12
C ARG A 263 7.03 6.89 16.68
N GLN A 264 6.64 7.36 15.50
CA GLN A 264 6.97 8.71 15.10
C GLN A 264 5.92 9.71 15.58
N MET A 265 5.40 9.49 16.78
CA MET A 265 4.55 10.48 17.50
C MET A 265 5.19 10.64 18.88
N HIS A 266 5.93 9.62 19.35
CA HIS A 266 6.65 9.62 20.65
C HIS A 266 8.12 9.97 20.42
N LEU A 267 8.64 9.70 19.21
CA LEU A 267 10.04 10.06 18.86
C LEU A 267 10.12 11.58 18.77
N ALA A 268 9.05 12.25 18.34
CA ALA A 268 8.98 13.71 18.27
C ALA A 268 8.75 14.31 19.65
N ARG A 269 8.12 13.56 20.55
CA ARG A 269 7.86 14.03 21.90
C ARG A 269 9.01 13.75 22.86
N PHE A 270 10.04 13.05 22.41
CA PHE A 270 11.27 12.87 23.17
C PHE A 270 12.38 13.77 22.64
N LEU A 271 12.44 13.96 21.32
CA LEU A 271 13.35 14.91 20.72
C LEU A 271 13.06 16.35 21.13
N ARG A 272 11.81 16.67 21.49
CA ARG A 272 11.49 17.99 22.02
C ARG A 272 11.98 18.20 23.45
N MET A 273 11.90 17.18 24.31
CA MET A 273 12.56 17.32 25.59
C MET A 273 14.07 17.36 25.44
N LEU A 274 14.61 16.68 24.42
CA LEU A 274 16.08 16.71 24.15
C LEU A 274 16.49 18.14 23.78
N LEU A 275 15.55 18.98 23.32
CA LEU A 275 15.83 20.34 22.89
C LEU A 275 15.47 21.36 23.97
N ARG A 276 14.44 21.08 24.76
CA ARG A 276 14.13 21.87 25.94
C ARG A 276 15.18 21.72 27.02
N LEU A 277 16.08 20.75 26.89
CA LEU A 277 17.26 20.66 27.74
C LEU A 277 18.42 21.43 27.13
N ALA A 278 18.62 21.28 25.82
CA ALA A 278 19.69 21.94 25.08
C ALA A 278 19.61 23.44 25.23
N ASP A 279 18.51 24.05 24.76
CA ASP A 279 18.41 25.50 24.92
C ASP A 279 17.76 25.86 26.25
N GLU A 280 18.18 25.19 27.32
CA GLU A 280 17.80 25.59 28.67
C GLU A 280 19.02 25.56 29.58
N PHE A 281 19.88 24.58 29.35
CA PHE A 281 21.09 24.41 30.17
C PHE A 281 22.36 24.71 29.40
N GLY A 282 22.26 25.02 28.11
CA GLY A 282 23.45 25.24 27.31
C GLY A 282 24.33 24.01 27.29
N VAL A 283 23.73 22.84 27.07
CA VAL A 283 24.48 21.60 27.06
C VAL A 283 24.53 21.03 25.65
N ALA A 284 25.48 20.12 25.42
CA ALA A 284 25.67 19.48 24.13
C ALA A 284 24.98 18.12 24.21
N VAL A 285 23.96 17.88 23.36
CA VAL A 285 23.18 16.61 23.40
C VAL A 285 23.58 15.75 22.18
N VAL A 286 24.32 14.65 22.40
CA VAL A 286 24.81 13.78 21.35
C VAL A 286 23.86 12.60 21.22
N ILE A 287 23.26 12.44 20.01
CA ILE A 287 22.25 11.38 19.74
C ILE A 287 22.80 10.35 18.74
N THR A 288 23.16 9.15 19.18
CA THR A 288 23.71 8.10 18.31
C THR A 288 22.49 7.55 17.60
N ASN A 289 22.58 7.28 16.31
CA ASN A 289 21.40 6.78 15.53
C ASN A 289 21.83 5.51 14.82
N GLN A 290 20.88 4.62 14.55
CA GLN A 290 21.17 3.33 13.90
C GLN A 290 21.11 3.46 12.38
N VAL A 291 21.21 2.34 11.65
CA VAL A 291 21.12 2.27 10.20
C VAL A 291 20.12 1.21 9.79
N VAL A 292 19.25 1.59 8.86
CA VAL A 292 18.40 0.67 8.12
C VAL A 292 18.88 0.68 6.68
N ALA A 293 19.17 -0.48 6.12
CA ALA A 293 19.69 -0.57 4.77
C ALA A 293 18.53 -0.57 3.78
N GLN A 294 18.65 0.29 2.76
CA GLN A 294 17.56 0.48 1.77
C GLN A 294 17.40 -0.81 0.96
N VAL A 295 16.24 -1.47 1.04
CA VAL A 295 15.97 -2.68 0.29
C VAL A 295 15.41 -2.40 -1.10
N ASP A 296 14.77 -1.25 -1.29
CA ASP A 296 14.22 -0.87 -2.58
C ASP A 296 15.25 -1.04 -3.68
N GLY A 297 14.79 -1.32 -4.89
CA GLY A 297 15.67 -1.45 -6.02
C GLY A 297 16.54 -0.23 -6.21
N ALA A 298 17.83 -0.35 -5.85
CA ALA A 298 18.76 0.79 -5.97
C ALA A 298 19.08 1.02 -7.44
N ALA A 299 18.32 1.92 -8.09
CA ALA A 299 18.54 2.19 -9.53
C ALA A 299 19.94 2.76 -9.75
N MET A 300 20.51 3.39 -8.72
CA MET A 300 21.89 3.93 -8.82
C MET A 300 22.88 2.83 -8.40
N PHE A 301 22.37 1.65 -8.02
CA PHE A 301 23.25 0.50 -7.68
C PHE A 301 24.34 0.96 -6.71
N ALA A 302 23.97 1.77 -5.72
CA ALA A 302 24.96 2.19 -4.70
C ALA A 302 25.52 0.94 -4.03
N ALA A 303 26.81 0.96 -3.68
CA ALA A 303 27.44 -0.25 -3.09
C ALA A 303 26.46 -0.92 -2.12
N ASP A 304 26.01 -0.18 -1.11
CA ASP A 304 24.99 -0.71 -0.15
C ASP A 304 24.33 0.48 0.53
N PRO A 305 23.37 1.19 -0.12
CA PRO A 305 22.75 2.41 0.45
C PRO A 305 22.26 2.11 1.86
N LYS A 306 22.78 2.83 2.86
CA LYS A 306 22.27 2.62 4.24
C LYS A 306 21.78 3.94 4.83
N LYS A 307 20.47 4.17 4.77
CA LYS A 307 19.85 5.40 5.33
C LYS A 307 19.78 5.30 6.86
N PRO A 308 19.68 6.40 7.63
CA PRO A 308 19.47 6.35 9.08
C PRO A 308 18.02 5.98 9.41
N ILE A 309 17.84 5.41 10.59
CA ILE A 309 16.51 5.02 11.04
C ILE A 309 15.93 6.11 11.92
N GLY A 310 14.68 6.48 11.66
CA GLY A 310 14.02 7.55 12.38
C GLY A 310 13.15 8.41 11.49
N GLY A 311 13.40 8.41 10.18
CA GLY A 311 12.51 9.12 9.22
C GLY A 311 12.67 10.63 9.27
N ASN A 312 11.58 11.37 9.09
CA ASN A 312 11.60 12.86 9.04
C ASN A 312 11.46 13.47 10.44
N ILE A 313 11.24 12.64 11.46
CA ILE A 313 11.06 13.13 12.87
C ILE A 313 12.46 13.37 13.45
N ILE A 314 13.45 12.56 13.08
CA ILE A 314 14.82 12.69 13.55
C ILE A 314 15.73 13.29 12.51
N ALA A 315 15.31 13.33 11.24
CA ALA A 315 16.05 14.05 10.22
C ALA A 315 15.86 15.55 10.33
N HIS A 316 14.68 16.00 10.73
CA HIS A 316 14.36 17.41 10.80
C HIS A 316 14.65 18.03 12.16
N ALA A 317 14.79 17.23 13.20
CA ALA A 317 15.06 17.76 14.53
C ALA A 317 16.54 17.83 14.83
N SER A 318 17.33 16.87 14.36
CA SER A 318 18.77 16.92 14.55
C SER A 318 19.37 18.10 13.78
N THR A 319 20.34 18.76 14.39
CA THR A 319 20.93 19.94 13.77
C THR A 319 22.12 19.56 12.91
N THR A 320 23.09 18.85 13.49
CA THR A 320 24.25 18.37 12.74
C THR A 320 24.21 16.85 12.71
N ARG A 321 24.39 16.29 11.53
CA ARG A 321 24.37 14.85 11.32
C ARG A 321 25.73 14.42 10.78
N LEU A 322 26.27 13.34 11.33
CA LEU A 322 27.55 12.80 10.90
C LEU A 322 27.37 11.37 10.40
N TYR A 323 28.07 11.03 9.32
CA TYR A 323 27.96 9.72 8.68
C TYR A 323 29.26 8.98 8.91
N LEU A 324 29.33 8.25 10.02
CA LEU A 324 30.51 7.46 10.33
C LEU A 324 30.52 6.21 9.46
N ARG A 325 31.64 5.97 8.79
CA ARG A 325 31.77 4.85 7.87
C ARG A 325 33.14 4.21 8.01
N LYS A 326 33.19 2.90 7.81
CA LYS A 326 34.40 2.13 7.99
C LYS A 326 35.35 2.34 6.83
N GLY A 327 36.65 2.41 7.14
CA GLY A 327 37.67 2.63 6.14
C GLY A 327 38.51 1.40 5.84
N ARG A 328 39.82 1.49 6.05
CA ARG A 328 40.72 0.41 5.69
C ARG A 328 41.10 -0.46 6.89
N GLY A 329 41.70 0.14 7.91
CA GLY A 329 42.11 -0.61 9.08
C GLY A 329 41.37 -0.19 10.33
N GLU A 330 42.09 0.42 11.28
CA GLU A 330 41.44 1.07 12.41
C GLU A 330 41.24 2.54 12.07
N THR A 331 40.63 2.82 10.92
CA THR A 331 40.46 4.18 10.42
C THR A 331 39.05 4.30 9.87
N ARG A 332 38.24 5.18 10.48
CA ARG A 332 36.91 5.48 9.98
C ARG A 332 36.95 6.81 9.24
N ILE A 333 35.87 7.13 8.51
CA ILE A 333 35.81 8.37 7.76
C ILE A 333 34.46 9.06 7.99
N CYS A 334 34.49 10.17 8.72
CA CYS A 334 33.26 10.88 9.06
C CYS A 334 32.99 11.96 8.01
N LYS A 335 31.81 11.90 7.40
CA LYS A 335 31.36 12.89 6.43
C LYS A 335 30.14 13.59 7.00
N ILE A 336 30.17 14.91 7.03
CA ILE A 336 29.07 15.66 7.63
C ILE A 336 27.85 15.54 6.72
N TYR A 337 26.83 14.84 7.22
CA TYR A 337 25.62 14.61 6.43
C TYR A 337 24.82 15.88 6.23
N ASP A 338 24.56 16.62 7.31
CA ASP A 338 23.70 17.80 7.25
C ASP A 338 23.94 18.67 8.47
N SER A 339 24.34 19.91 8.25
CA SER A 339 24.51 20.88 9.31
C SER A 339 24.19 22.27 8.76
N PRO A 340 23.75 23.20 9.61
CA PRO A 340 23.34 24.52 9.10
C PRO A 340 24.47 25.55 9.11
N CYS A 341 25.62 25.25 9.71
CA CYS A 341 26.76 26.20 9.78
C CYS A 341 28.05 25.56 9.28
N LEU A 342 28.20 24.24 9.42
CA LEU A 342 29.43 23.55 9.09
C LEU A 342 29.40 23.07 7.64
N PRO A 343 30.57 22.95 7.01
CA PRO A 343 30.60 22.53 5.60
C PRO A 343 30.34 21.04 5.43
N GLU A 344 30.40 20.57 4.20
CA GLU A 344 30.23 19.14 3.88
C GLU A 344 31.60 18.59 3.48
N ALA A 345 32.36 18.16 4.48
CA ALA A 345 33.69 17.62 4.28
C ALA A 345 33.78 16.22 4.86
N GLU A 346 34.97 15.63 4.79
CA GLU A 346 35.16 14.23 5.19
C GLU A 346 36.56 14.10 5.79
N ALA A 347 36.61 13.79 7.08
CA ALA A 347 37.86 13.71 7.82
C ALA A 347 38.04 12.31 8.39
N MET A 348 39.23 11.75 8.18
CA MET A 348 39.53 10.40 8.71
C MET A 348 39.84 10.53 10.19
N PHE A 349 39.63 9.47 10.96
CA PHE A 349 40.03 9.37 12.36
C PHE A 349 40.37 7.91 12.64
N ALA A 350 40.81 7.63 13.85
CA ALA A 350 41.23 6.28 14.22
C ALA A 350 40.81 6.04 15.66
N ILE A 351 40.43 4.79 15.97
CA ILE A 351 39.99 4.48 17.33
C ILE A 351 41.16 4.37 18.31
N ASN A 352 42.39 4.28 17.81
CA ASN A 352 43.59 4.18 18.64
C ASN A 352 43.43 3.15 19.74
N ALA A 353 43.96 3.45 20.93
CA ALA A 353 43.81 2.56 22.07
C ALA A 353 43.43 3.36 23.31
N ASP A 354 43.54 4.69 23.21
CA ASP A 354 43.21 5.60 24.30
C ASP A 354 42.05 6.52 23.91
N GLY A 355 41.14 6.00 23.10
CA GLY A 355 40.07 6.81 22.53
C GLY A 355 40.40 7.22 21.11
N VAL A 356 39.40 7.86 20.47
CA VAL A 356 39.55 8.29 19.06
C VAL A 356 40.71 9.30 18.98
N GLY A 357 41.46 9.29 17.88
CA GLY A 357 42.62 10.17 17.69
C GLY A 357 43.14 10.02 16.28
N ASP A 358 44.45 9.90 16.11
CA ASP A 358 45.03 9.80 14.77
C ASP A 358 46.07 8.70 14.69
N PRO B 44 0.59 50.80 7.27
CA PRO B 44 1.47 51.82 7.86
C PRO B 44 0.76 52.73 8.86
N GLN B 45 -0.46 53.15 8.54
CA GLN B 45 -1.21 54.04 9.41
C GLN B 45 -1.52 53.35 10.74
N PRO B 46 -0.91 53.77 11.84
CA PRO B 46 -1.09 53.07 13.11
C PRO B 46 -2.37 53.48 13.83
N ILE B 47 -2.55 52.94 15.02
CA ILE B 47 -3.65 53.38 15.86
C ILE B 47 -3.13 54.56 16.67
N SER B 48 -3.05 55.72 16.00
CA SER B 48 -2.97 57.03 16.62
C SER B 48 -3.84 57.95 15.78
N ARG B 49 -4.06 57.53 14.53
CA ARG B 49 -4.83 58.27 13.54
C ARG B 49 -6.29 57.84 13.48
N LEU B 50 -6.69 56.94 14.36
CA LEU B 50 -8.08 56.51 14.48
C LEU B 50 -8.87 57.41 15.43
N GLU B 51 -8.18 58.18 16.28
CA GLU B 51 -8.85 59.04 17.24
C GLU B 51 -9.54 60.22 16.58
N GLN B 52 -9.26 60.50 15.30
CA GLN B 52 -9.86 61.64 14.63
C GLN B 52 -11.37 61.43 14.47
N CYS B 53 -12.13 62.41 14.93
CA CYS B 53 -13.59 62.44 14.78
C CYS B 53 -14.24 61.20 15.42
N GLY B 54 -14.12 61.14 16.75
CA GLY B 54 -14.69 60.03 17.48
C GLY B 54 -13.84 59.45 18.60
N ILE B 55 -13.45 58.19 18.45
CA ILE B 55 -12.86 57.36 19.50
C ILE B 55 -11.75 58.11 20.22
N ASN B 56 -11.89 58.31 21.55
CA ASN B 56 -10.99 59.24 22.22
C ASN B 56 -9.69 58.65 22.75
N ALA B 57 -9.73 57.92 23.87
CA ALA B 57 -8.50 57.38 24.44
C ALA B 57 -8.57 55.90 24.81
N ASN B 58 -9.59 55.55 25.59
CA ASN B 58 -9.66 54.23 26.20
C ASN B 58 -9.88 53.16 25.14
N ASP B 59 -10.72 53.47 24.15
CA ASP B 59 -11.02 52.52 23.08
C ASP B 59 -9.79 52.20 22.24
N VAL B 60 -9.04 53.23 21.85
CA VAL B 60 -7.83 52.99 21.05
C VAL B 60 -6.78 52.27 21.88
N LYS B 61 -6.66 52.63 23.16
CA LYS B 61 -5.70 51.93 24.00
C LYS B 61 -6.09 50.47 24.19
N LYS B 62 -7.40 50.19 24.28
CA LYS B 62 -7.88 48.82 24.40
C LYS B 62 -7.61 48.04 23.12
N LEU B 63 -7.81 48.68 21.97
CA LEU B 63 -7.47 48.03 20.70
C LEU B 63 -5.98 47.72 20.64
N GLU B 64 -5.15 48.64 21.14
CA GLU B 64 -3.72 48.43 21.13
C GLU B 64 -3.33 47.25 22.02
N GLU B 65 -3.83 47.22 23.26
CA GLU B 65 -3.45 46.14 24.16
C GLU B 65 -4.03 44.81 23.69
N ALA B 66 -5.13 44.85 22.95
CA ALA B 66 -5.67 43.63 22.34
C ALA B 66 -4.70 43.08 21.30
N GLY B 67 -4.05 43.97 20.56
CA GLY B 67 -3.08 43.57 19.55
C GLY B 67 -3.14 44.44 18.32
N TYR B 68 -4.26 45.12 18.13
CA TYR B 68 -4.47 45.97 16.97
C TYR B 68 -3.64 47.24 17.06
N HIS B 69 -2.53 47.32 16.32
CA HIS B 69 -1.60 48.48 16.36
C HIS B 69 -1.67 49.27 15.06
N THR B 70 -2.74 49.11 14.26
CA THR B 70 -2.87 49.77 12.94
C THR B 70 -4.34 50.01 12.65
N VAL B 71 -4.67 51.07 11.90
CA VAL B 71 -6.05 51.36 11.53
C VAL B 71 -6.56 50.31 10.56
N GLU B 72 -5.67 49.82 9.69
CA GLU B 72 -5.99 48.70 8.83
C GLU B 72 -6.11 47.37 9.58
N ALA B 73 -5.45 47.23 10.72
CA ALA B 73 -5.54 45.99 11.48
C ALA B 73 -6.92 45.77 12.10
N VAL B 74 -7.67 46.84 12.36
CA VAL B 74 -9.04 46.70 12.84
C VAL B 74 -10.01 46.61 11.66
N ALA B 75 -9.64 47.17 10.51
CA ALA B 75 -10.46 47.03 9.32
C ALA B 75 -10.38 45.61 8.76
N TYR B 76 -9.19 45.02 8.78
CA TYR B 76 -9.04 43.64 8.28
C TYR B 76 -9.37 42.61 9.35
N ALA B 77 -10.54 42.73 9.98
CA ALA B 77 -10.91 41.89 11.10
C ALA B 77 -12.42 41.77 11.16
N PRO B 78 -12.94 40.66 11.70
CA PRO B 78 -14.39 40.51 11.80
C PRO B 78 -14.95 41.27 12.99
N LYS B 79 -16.14 41.86 12.80
CA LYS B 79 -16.78 42.64 13.86
C LYS B 79 -16.91 41.84 15.16
N LYS B 80 -17.14 40.54 15.03
CA LYS B 80 -17.18 39.64 16.18
C LYS B 80 -15.94 39.78 17.05
N GLU B 81 -14.77 39.80 16.42
CA GLU B 81 -13.52 39.82 17.18
C GLU B 81 -13.38 41.10 17.99
N LEU B 82 -13.77 42.24 17.42
CA LEU B 82 -13.78 43.48 18.18
C LEU B 82 -14.79 43.43 19.31
N ILE B 83 -15.95 42.80 19.08
CA ILE B 83 -16.96 42.69 20.12
C ILE B 83 -16.42 41.87 21.30
N ASN B 84 -15.63 40.84 21.00
CA ASN B 84 -15.12 39.93 22.03
C ASN B 84 -14.29 40.65 23.10
N ILE B 85 -13.62 41.74 22.72
CA ILE B 85 -12.77 42.48 23.65
C ILE B 85 -13.62 43.06 24.78
N LYS B 86 -13.15 42.90 26.03
CA LYS B 86 -13.84 43.45 27.18
C LYS B 86 -13.85 44.97 27.11
N GLY B 87 -14.93 45.57 27.62
CA GLY B 87 -15.07 47.00 27.60
C GLY B 87 -15.75 47.51 26.35
N ILE B 88 -15.27 47.08 25.20
CA ILE B 88 -15.86 47.47 23.92
C ILE B 88 -17.25 46.87 23.80
N SER B 89 -18.24 47.72 23.59
CA SER B 89 -19.61 47.26 23.41
C SER B 89 -19.93 47.06 21.93
N GLU B 90 -21.16 46.63 21.66
CA GLU B 90 -21.61 46.49 20.28
C GLU B 90 -21.59 47.85 19.57
N ALA B 91 -22.11 48.89 20.22
CA ALA B 91 -22.10 50.22 19.65
C ALA B 91 -20.67 50.71 19.42
N LYS B 92 -19.79 50.47 20.40
CA LYS B 92 -18.39 50.85 20.25
C LYS B 92 -17.76 50.11 19.08
N ALA B 93 -18.07 48.82 18.95
CA ALA B 93 -17.50 48.01 17.87
C ALA B 93 -17.92 48.52 16.50
N ASP B 94 -19.21 48.79 16.32
CA ASP B 94 -19.66 49.28 15.02
C ASP B 94 -19.12 50.68 14.75
N LYS B 95 -18.97 51.50 15.80
CA LYS B 95 -18.39 52.82 15.63
C LYS B 95 -16.94 52.71 15.15
N ILE B 96 -16.18 51.81 15.76
CA ILE B 96 -14.79 51.61 15.36
C ILE B 96 -14.71 51.11 13.92
N LEU B 97 -15.59 50.17 13.55
CA LEU B 97 -15.56 49.62 12.20
C LEU B 97 -15.91 50.69 11.16
N THR B 98 -16.93 51.52 11.46
CA THR B 98 -17.29 52.58 10.53
C THR B 98 -16.19 53.63 10.43
N GLU B 99 -15.51 53.90 11.54
CA GLU B 99 -14.35 54.79 11.53
C GLU B 99 -13.25 54.23 10.64
N ALA B 100 -12.98 52.95 10.78
CA ALA B 100 -11.92 52.30 10.03
C ALA B 100 -12.20 52.29 8.54
N ALA B 101 -13.46 52.03 8.17
CA ALA B 101 -13.85 51.96 6.76
C ALA B 101 -13.58 53.27 6.04
N LYS B 102 -13.51 54.38 6.78
CA LYS B 102 -13.28 55.71 6.15
C LYS B 102 -11.88 55.77 5.54
N LEU B 103 -10.86 55.21 6.19
CA LEU B 103 -9.49 55.36 5.71
C LEU B 103 -9.12 54.35 4.65
N VAL B 104 -9.19 53.06 4.98
CA VAL B 104 -8.72 52.00 4.09
C VAL B 104 -9.64 51.90 2.88
N PRO B 105 -9.10 51.55 1.71
CA PRO B 105 -9.98 51.28 0.56
C PRO B 105 -10.49 49.84 0.59
N MET B 106 -11.80 49.70 0.77
CA MET B 106 -12.45 48.40 0.71
C MET B 106 -13.64 48.55 -0.24
N GLY B 107 -13.37 48.38 -1.53
CA GLY B 107 -14.38 48.57 -2.55
C GLY B 107 -14.08 47.79 -3.80
N PHE B 108 -14.70 48.19 -4.92
CA PHE B 108 -14.59 47.46 -6.17
C PHE B 108 -13.76 48.28 -7.15
N THR B 109 -12.49 47.92 -7.28
CA THR B 109 -11.58 48.54 -8.23
C THR B 109 -11.36 47.59 -9.40
N THR B 110 -11.42 48.14 -10.61
CA THR B 110 -11.32 47.31 -11.81
C THR B 110 -9.93 46.70 -11.92
N ALA B 111 -9.83 45.66 -12.76
CA ALA B 111 -8.59 44.90 -12.85
C ALA B 111 -7.45 45.74 -13.40
N THR B 112 -7.78 46.73 -14.24
CA THR B 112 -6.75 47.62 -14.78
C THR B 112 -6.07 48.40 -13.66
N GLU B 113 -6.85 48.90 -12.71
CA GLU B 113 -6.28 49.65 -11.58
C GLU B 113 -5.48 48.72 -10.68
N PHE B 114 -5.93 47.47 -10.53
CA PHE B 114 -5.16 46.50 -9.77
C PHE B 114 -3.84 46.18 -10.47
N HIS B 115 -3.82 46.26 -11.80
CA HIS B 115 -2.61 45.95 -12.54
C HIS B 115 -1.47 46.89 -12.19
N GLN B 116 -1.77 48.17 -12.01
CA GLN B 116 -0.72 49.12 -11.66
C GLN B 116 -0.30 49.03 -10.20
N ARG B 117 -0.94 48.21 -9.36
CA ARG B 117 -0.49 48.02 -7.99
C ARG B 117 0.29 46.73 -7.84
N ARG B 118 0.60 46.06 -8.95
CA ARG B 118 1.55 44.96 -8.91
C ARG B 118 2.64 45.10 -9.96
N SER B 119 2.56 46.04 -10.88
CA SER B 119 3.69 46.39 -11.73
C SER B 119 4.79 47.09 -10.93
N GLU B 120 4.49 47.50 -9.70
CA GLU B 120 5.48 48.10 -8.81
C GLU B 120 5.80 47.20 -7.63
N ILE B 121 5.20 46.02 -7.54
CA ILE B 121 5.42 45.11 -6.42
C ILE B 121 6.88 44.68 -6.44
N ILE B 122 7.46 44.50 -5.24
CA ILE B 122 8.90 44.13 -5.05
C ILE B 122 9.10 42.64 -5.34
N GLN B 123 10.34 42.21 -5.62
CA GLN B 123 10.66 40.77 -5.76
C GLN B 123 12.05 40.57 -5.13
N ILE B 124 12.10 40.08 -3.88
CA ILE B 124 13.40 39.91 -3.14
C ILE B 124 14.17 38.76 -3.79
N THR B 125 15.15 39.07 -4.65
CA THR B 125 15.92 38.06 -5.36
C THR B 125 16.67 37.17 -4.40
N THR B 126 16.49 35.85 -4.56
CA THR B 126 17.16 34.89 -3.69
C THR B 126 18.68 34.95 -3.86
N GLY B 127 19.15 35.33 -5.04
CA GLY B 127 20.58 35.39 -5.30
C GLY B 127 20.99 34.44 -6.40
N SER B 128 20.42 33.23 -6.39
CA SER B 128 20.64 32.29 -7.48
C SER B 128 19.99 32.80 -8.75
N LYS B 129 20.74 32.86 -9.85
CA LYS B 129 20.15 33.33 -11.09
C LYS B 129 19.04 32.40 -11.58
N GLU B 130 19.26 31.09 -11.48
CA GLU B 130 18.26 30.14 -11.94
C GLU B 130 16.97 30.25 -11.13
N LEU B 131 17.09 30.45 -9.82
CA LEU B 131 15.92 30.62 -8.97
C LEU B 131 15.12 31.85 -9.38
N ASP B 132 15.80 32.95 -9.69
CA ASP B 132 15.13 34.16 -10.13
C ASP B 132 14.49 33.95 -11.50
N LYS B 133 15.14 33.19 -12.37
CA LYS B 133 14.52 32.88 -13.66
C LYS B 133 13.25 32.08 -13.48
N LEU B 134 13.26 31.10 -12.57
CA LEU B 134 12.07 30.27 -12.34
C LEU B 134 11.00 31.02 -11.56
N LEU B 135 11.41 31.88 -10.62
CA LEU B 135 10.48 32.66 -9.82
C LEU B 135 10.04 33.96 -10.50
N GLN B 136 10.48 34.19 -11.73
CA GLN B 136 10.13 35.39 -12.49
C GLN B 136 10.47 36.66 -11.72
N GLY B 137 11.63 36.63 -11.06
CA GLY B 137 12.11 37.78 -10.33
C GLY B 137 12.54 37.46 -8.91
N GLY B 138 11.85 36.55 -8.26
CA GLY B 138 12.18 36.18 -6.90
C GLY B 138 10.92 36.06 -6.06
N ILE B 139 11.04 36.44 -4.79
CA ILE B 139 9.95 36.32 -3.82
C ILE B 139 9.09 37.58 -3.91
N GLU B 140 7.86 37.42 -4.36
CA GLU B 140 6.94 38.54 -4.46
C GLU B 140 6.44 38.95 -3.08
N THR B 141 6.38 40.25 -2.85
CA THR B 141 5.90 40.80 -1.58
C THR B 141 4.39 40.83 -1.56
N GLY B 142 3.82 40.54 -0.38
CA GLY B 142 2.39 40.57 -0.21
C GLY B 142 1.72 39.21 -0.37
N SER B 143 2.40 38.17 0.10
CA SER B 143 1.89 36.81 -0.03
C SER B 143 2.67 35.84 0.83
N ILE B 144 2.14 34.65 1.04
CA ILE B 144 2.83 33.58 1.75
C ILE B 144 3.51 32.67 0.73
N THR B 145 4.82 32.44 0.92
CA THR B 145 5.62 31.63 0.00
C THR B 145 6.35 30.56 0.83
N GLU B 146 5.72 29.41 0.98
CA GLU B 146 6.28 28.34 1.78
C GLU B 146 7.22 27.47 0.95
N MET B 147 8.41 27.15 1.49
CA MET B 147 9.42 26.32 0.79
C MET B 147 9.74 25.09 1.67
N PHE B 148 9.26 23.92 1.28
CA PHE B 148 9.42 22.69 2.12
C PHE B 148 10.45 21.74 1.53
N GLY B 149 10.67 20.55 2.12
CA GLY B 149 11.56 19.54 1.62
C GLY B 149 12.03 18.66 2.75
N GLU B 150 12.85 17.67 2.40
CA GLU B 150 13.45 16.81 3.41
C GLU B 150 14.58 17.55 4.12
N PHE B 151 15.26 16.88 5.03
CA PHE B 151 16.43 17.47 5.65
C PHE B 151 17.54 17.65 4.61
N ARG B 152 18.49 18.52 4.93
CA ARG B 152 19.67 18.70 4.08
C ARG B 152 19.28 19.10 2.67
N THR B 153 18.48 20.15 2.52
CA THR B 153 18.01 20.56 1.21
C THR B 153 18.01 22.08 1.01
N GLY B 154 18.66 22.83 1.90
CA GLY B 154 18.83 24.25 1.70
C GLY B 154 17.56 25.07 1.84
N LYS B 155 16.77 24.79 2.87
CA LYS B 155 15.61 25.61 3.18
C LYS B 155 15.86 26.59 4.31
N THR B 156 16.81 26.32 5.21
CA THR B 156 17.24 27.28 6.20
C THR B 156 18.47 28.06 5.75
N GLN B 157 18.96 27.79 4.54
CA GLN B 157 19.95 28.61 3.87
C GLN B 157 19.33 29.56 2.86
N ILE B 158 18.27 29.13 2.19
CA ILE B 158 17.51 29.97 1.27
C ILE B 158 16.79 31.05 2.08
N CYS B 159 16.79 30.91 3.39
CA CYS B 159 16.25 31.91 4.30
C CYS B 159 17.32 32.84 4.84
N HIS B 160 18.51 32.33 5.17
CA HIS B 160 19.61 33.20 5.53
C HIS B 160 19.97 34.12 4.36
N THR B 161 20.06 33.57 3.15
CA THR B 161 20.40 34.39 2.00
C THR B 161 19.33 35.42 1.74
N LEU B 162 18.06 35.09 2.02
CA LEU B 162 16.99 36.08 1.85
C LEU B 162 17.07 37.17 2.90
N ALA B 163 17.32 36.80 4.15
CA ALA B 163 17.45 37.77 5.23
C ALA B 163 18.63 38.66 5.05
N VAL B 164 19.60 38.26 4.23
CA VAL B 164 20.71 39.14 3.87
C VAL B 164 20.40 39.98 2.63
N THR B 165 19.88 39.37 1.57
CA THR B 165 19.64 40.06 0.31
C THR B 165 18.45 41.00 0.38
N CYS B 166 17.61 40.92 1.41
CA CYS B 166 16.48 41.83 1.53
C CYS B 166 16.90 43.22 1.99
N GLN B 167 18.19 43.44 2.25
CA GLN B 167 18.71 44.75 2.56
C GLN B 167 19.38 45.42 1.37
N LEU B 168 19.39 44.78 0.22
CA LEU B 168 20.02 45.33 -0.96
C LEU B 168 19.19 46.50 -1.51
N PRO B 169 19.81 47.36 -2.31
CA PRO B 169 19.06 48.41 -2.98
C PRO B 169 18.02 47.82 -3.91
N ILE B 170 16.99 48.62 -4.23
CA ILE B 170 15.86 48.13 -5.02
C ILE B 170 16.34 47.60 -6.36
N ASP B 171 17.19 48.37 -7.05
CA ASP B 171 17.71 47.94 -8.33
C ASP B 171 18.58 46.69 -8.18
N ARG B 172 19.40 46.64 -7.13
CA ARG B 172 20.31 45.53 -6.92
C ARG B 172 19.62 44.36 -6.23
N GLY B 173 18.51 43.88 -6.78
CA GLY B 173 17.85 42.71 -6.24
C GLY B 173 16.56 42.97 -5.50
N GLY B 174 16.57 42.83 -4.17
CA GLY B 174 15.37 42.91 -3.38
C GLY B 174 15.21 44.28 -2.76
N GLY B 175 13.96 44.59 -2.40
CA GLY B 175 13.63 45.87 -1.83
C GLY B 175 14.33 46.17 -0.52
N GLU B 176 14.77 47.41 -0.34
CA GLU B 176 15.49 47.79 0.87
C GLU B 176 14.58 47.68 2.09
N GLY B 177 15.19 47.35 3.22
CA GLY B 177 14.46 47.15 4.45
C GLY B 177 15.07 46.05 5.29
N LYS B 178 14.59 45.88 6.51
CA LYS B 178 15.13 44.86 7.40
C LYS B 178 14.35 43.56 7.22
N ALA B 179 14.72 42.55 8.00
CA ALA B 179 14.05 41.27 7.96
C ALA B 179 13.71 40.87 9.40
N MET B 180 12.77 39.94 9.53
CA MET B 180 12.28 39.51 10.84
C MET B 180 12.33 37.99 10.85
N TYR B 181 13.43 37.42 11.34
CA TYR B 181 13.65 35.98 11.30
C TYR B 181 13.08 35.35 12.57
N ILE B 182 11.92 34.71 12.42
CA ILE B 182 11.28 34.02 13.59
C ILE B 182 11.67 32.54 13.56
N ASP B 183 12.85 32.21 14.06
CA ASP B 183 13.34 30.80 14.06
C ASP B 183 12.67 30.02 15.19
N THR B 184 12.09 28.86 14.88
CA THR B 184 11.42 28.04 15.91
C THR B 184 12.25 26.81 16.18
N GLU B 185 12.88 26.24 15.15
CA GLU B 185 13.68 25.00 15.30
C GLU B 185 14.93 25.27 16.15
N GLY B 186 15.58 26.41 15.94
CA GLY B 186 16.84 26.71 16.66
C GLY B 186 18.00 26.73 15.69
N THR B 187 17.71 26.52 14.39
CA THR B 187 18.78 26.48 13.37
C THR B 187 18.99 27.87 12.80
N PHE B 188 19.48 28.80 13.62
CA PHE B 188 19.81 30.17 13.12
C PHE B 188 21.26 30.47 13.46
N ARG B 189 22.12 30.63 12.45
CA ARG B 189 23.56 30.87 12.69
C ARG B 189 23.94 32.23 12.06
N PRO B 190 24.43 33.22 12.84
CA PRO B 190 24.71 34.55 12.29
C PRO B 190 26.09 34.61 11.63
N GLU B 191 26.78 33.48 11.56
CA GLU B 191 27.98 33.39 10.75
C GLU B 191 27.68 33.02 9.30
N ARG B 192 26.44 32.63 8.99
CA ARG B 192 26.02 32.41 7.62
C ARG B 192 25.41 33.66 7.00
N LEU B 193 25.37 34.77 7.73
CA LEU B 193 25.06 36.08 7.18
C LEU B 193 26.30 36.88 6.83
N LEU B 194 27.36 36.77 7.65
CA LEU B 194 28.60 37.46 7.41
C LEU B 194 29.44 36.78 6.34
N ALA B 195 28.91 35.68 5.79
CA ALA B 195 29.63 34.93 4.76
C ALA B 195 28.90 35.06 3.43
N VAL B 196 27.68 35.59 3.48
CA VAL B 196 26.92 35.87 2.27
C VAL B 196 26.79 37.36 2.00
N ALA B 197 26.89 38.21 3.02
CA ALA B 197 26.88 39.65 2.79
C ALA B 197 28.05 40.06 1.91
N GLU B 198 29.21 39.43 2.10
CA GLU B 198 30.40 39.76 1.34
C GLU B 198 30.22 39.49 -0.15
N ARG B 199 29.37 38.54 -0.51
CA ARG B 199 29.12 38.27 -1.92
C ARG B 199 28.50 39.48 -2.61
N TYR B 200 27.54 40.14 -1.96
CA TYR B 200 26.98 41.38 -2.45
C TYR B 200 27.72 42.60 -1.94
N GLY B 201 28.77 42.39 -1.15
CA GLY B 201 29.58 43.51 -0.65
C GLY B 201 28.86 44.28 0.46
N LEU B 202 27.66 43.84 0.82
CA LEU B 202 26.88 44.55 1.87
C LEU B 202 27.74 44.61 3.16
N SER B 203 27.73 45.78 3.82
CA SER B 203 28.48 45.92 5.09
C SER B 203 28.00 44.87 6.08
N GLY B 204 28.90 43.98 6.54
CA GLY B 204 28.49 42.89 7.44
C GLY B 204 27.90 43.43 8.73
N SER B 205 28.55 44.42 9.34
CA SER B 205 28.06 44.95 10.64
C SER B 205 26.59 45.39 10.49
N ASP B 206 26.28 46.13 9.43
CA ASP B 206 24.88 46.58 9.19
C ASP B 206 24.01 45.36 8.90
N VAL B 207 24.46 44.50 7.98
CA VAL B 207 23.64 43.31 7.59
C VAL B 207 23.26 42.56 8.88
N LEU B 208 24.10 42.65 9.92
CA LEU B 208 23.81 41.91 11.14
C LEU B 208 22.88 42.68 12.07
N ASP B 209 23.08 44.00 12.16
CA ASP B 209 22.29 44.87 13.03
C ASP B 209 21.03 45.39 12.37
N ASN B 210 20.55 44.72 11.33
CA ASN B 210 19.38 45.18 10.60
C ASN B 210 18.48 44.00 10.26
N VAL B 211 18.52 42.95 11.07
CA VAL B 211 17.57 41.85 10.96
C VAL B 211 17.14 41.40 12.36
N ALA B 212 15.90 41.67 12.71
CA ALA B 212 15.36 41.22 13.99
C ALA B 212 15.25 39.71 14.01
N TYR B 213 15.22 39.14 15.22
CA TYR B 213 15.21 37.70 15.39
C TYR B 213 14.60 37.35 16.73
N ALA B 214 13.80 36.28 16.74
CA ALA B 214 13.17 35.81 17.95
C ALA B 214 13.04 34.30 17.90
N ARG B 215 13.09 33.66 19.07
CA ARG B 215 13.05 32.22 19.18
C ARG B 215 11.68 31.80 19.68
N GLY B 216 10.89 31.18 18.81
CA GLY B 216 9.60 30.64 19.22
C GLY B 216 9.74 29.27 19.85
N PHE B 217 9.48 29.16 21.16
CA PHE B 217 9.67 27.89 21.91
C PHE B 217 8.41 27.02 21.85
N ASN B 218 7.23 27.64 21.84
CA ASN B 218 5.94 26.87 21.88
C ASN B 218 5.06 27.31 20.70
N THR B 219 3.88 26.68 20.51
CA THR B 219 3.01 26.95 19.38
C THR B 219 2.21 28.23 19.51
N ASP B 220 2.07 28.79 20.72
CA ASP B 220 1.40 30.08 20.90
C ASP B 220 2.39 31.23 21.03
N HIS B 221 3.64 30.92 21.36
CA HIS B 221 4.70 31.95 21.39
C HIS B 221 4.95 32.32 19.92
N GLN B 222 4.57 31.44 18.98
CA GLN B 222 4.69 31.75 17.53
C GLN B 222 3.73 32.90 17.19
N THR B 223 2.61 33.03 17.91
CA THR B 223 1.60 34.05 17.64
C THR B 223 1.77 35.29 18.49
N GLN B 224 2.25 35.14 19.73
CA GLN B 224 2.65 36.32 20.48
C GLN B 224 3.74 37.10 19.74
N LEU B 225 4.75 36.39 19.23
CA LEU B 225 5.78 37.05 18.45
C LEU B 225 5.24 37.57 17.13
N LEU B 226 4.12 37.04 16.66
CA LEU B 226 3.52 37.54 15.43
C LEU B 226 2.80 38.86 15.67
N TYR B 227 2.19 39.02 16.85
CA TYR B 227 1.68 40.32 17.23
C TYR B 227 2.81 41.31 17.44
N GLN B 228 3.84 40.90 18.17
CA GLN B 228 5.01 41.73 18.38
C GLN B 228 5.65 42.07 17.03
N ALA B 229 5.46 41.19 16.05
CA ALA B 229 6.00 41.45 14.72
C ALA B 229 5.45 42.74 14.14
N GLU B 230 4.13 42.87 14.08
CA GLU B 230 3.57 44.11 13.55
C GLU B 230 3.81 45.27 14.50
N ASP B 231 3.90 45.00 15.80
CA ASP B 231 4.26 46.07 16.73
C ASP B 231 5.61 46.68 16.37
N MET B 232 6.57 45.84 15.98
CA MET B 232 7.87 46.36 15.55
C MET B 232 7.80 46.98 14.16
N MET B 233 7.10 46.35 13.22
CA MET B 233 7.13 46.78 11.83
C MET B 233 6.26 48.01 11.55
N VAL B 234 5.44 48.44 12.51
CA VAL B 234 4.68 49.67 12.28
C VAL B 234 5.61 50.88 12.24
N GLU B 235 6.74 50.82 12.95
CA GLU B 235 7.65 51.96 13.04
C GLU B 235 8.93 51.71 12.25
N SER B 236 8.83 50.97 11.14
CA SER B 236 10.00 50.71 10.30
C SER B 236 9.57 50.25 8.92
N ARG B 237 10.51 49.73 8.13
CA ARG B 237 10.26 49.35 6.76
C ARG B 237 10.69 47.89 6.56
N TYR B 238 10.21 47.01 7.42
CA TYR B 238 10.51 45.58 7.28
C TYR B 238 10.03 45.09 5.91
N ALA B 239 10.85 44.25 5.28
CA ALA B 239 10.56 43.76 3.94
C ALA B 239 10.65 42.25 3.85
N LEU B 240 10.72 41.56 4.99
CA LEU B 240 10.75 40.10 4.99
C LEU B 240 10.36 39.60 6.37
N LEU B 241 9.56 38.54 6.39
CA LEU B 241 9.09 37.93 7.63
C LEU B 241 9.36 36.43 7.66
N ILE B 242 10.61 36.02 7.40
CA ILE B 242 10.99 34.62 7.38
C ILE B 242 10.55 33.92 8.66
N VAL B 243 9.73 32.89 8.51
CA VAL B 243 9.37 32.03 9.64
C VAL B 243 9.95 30.65 9.39
N ASP B 244 11.15 30.40 9.90
CA ASP B 244 11.78 29.11 9.71
C ASP B 244 11.05 28.04 10.50
N SER B 245 10.62 26.99 9.79
CA SER B 245 9.93 25.84 10.37
C SER B 245 8.72 26.27 11.19
N ALA B 246 7.74 26.92 10.55
CA ALA B 246 6.52 27.30 11.24
C ALA B 246 5.76 26.07 11.73
N THR B 247 5.74 25.01 10.91
CA THR B 247 5.09 23.76 11.28
C THR B 247 6.16 22.83 11.84
N ALA B 248 6.74 23.21 12.97
CA ALA B 248 7.74 22.37 13.63
C ALA B 248 7.29 22.06 15.05
N LEU B 249 6.74 23.06 15.72
CA LEU B 249 6.19 22.87 17.07
C LEU B 249 4.72 22.50 17.05
N TYR B 250 4.08 22.48 15.87
CA TYR B 250 2.72 21.95 15.74
C TYR B 250 2.73 20.43 15.70
N ARG B 251 3.68 19.85 14.96
CA ARG B 251 3.81 18.40 14.88
C ARG B 251 4.13 17.76 16.22
N THR B 252 4.71 18.53 17.15
CA THR B 252 5.21 17.97 18.40
C THR B 252 4.41 18.39 19.63
N ASP B 253 3.56 19.41 19.52
CA ASP B 253 2.72 19.83 20.63
C ASP B 253 1.33 19.22 20.54
N TYR B 254 0.63 19.44 19.43
CA TYR B 254 -0.66 18.80 19.18
C TYR B 254 -0.38 17.45 18.54
N SER B 255 -0.21 16.43 19.38
CA SER B 255 0.27 15.13 18.96
C SER B 255 -0.88 14.14 18.84
N GLY B 256 -0.98 13.52 17.67
CA GLY B 256 -1.91 12.42 17.48
C GLY B 256 -3.32 12.82 17.12
N ARG B 257 -4.03 11.93 16.43
CA ARG B 257 -5.44 12.12 16.17
C ARG B 257 -6.22 12.16 17.48
N GLY B 258 -7.25 12.99 17.52
CA GLY B 258 -7.90 13.33 18.77
C GLY B 258 -7.50 14.72 19.21
N GLU B 259 -6.42 15.22 18.62
CA GLU B 259 -6.01 16.61 18.76
C GLU B 259 -5.76 17.27 17.42
N LEU B 260 -5.87 16.53 16.32
CA LEU B 260 -5.63 17.06 14.98
C LEU B 260 -6.67 18.08 14.56
N SER B 261 -7.89 18.00 15.08
CA SER B 261 -8.89 19.04 14.84
C SER B 261 -8.61 20.30 15.63
N ALA B 262 -7.69 20.24 16.60
CA ALA B 262 -7.22 21.41 17.33
C ALA B 262 -5.92 21.98 16.74
N ARG B 263 -5.04 21.10 16.24
CA ARG B 263 -3.80 21.57 15.62
C ARG B 263 -4.09 22.41 14.39
N GLN B 264 -4.98 21.94 13.52
CA GLN B 264 -5.32 22.66 12.31
C GLN B 264 -6.39 23.71 12.54
N MET B 265 -6.75 23.95 13.81
CA MET B 265 -7.66 25.07 14.18
C MET B 265 -6.77 26.22 14.63
N HIS B 266 -5.73 25.92 15.41
CA HIS B 266 -4.76 26.94 15.91
C HIS B 266 -3.80 27.30 14.79
N LEU B 267 -3.55 26.35 13.87
CA LEU B 267 -2.63 26.59 12.73
C LEU B 267 -3.34 27.52 11.74
N ALA B 268 -4.69 27.55 11.70
CA ALA B 268 -5.40 28.44 10.81
C ALA B 268 -5.43 29.87 11.30
N ARG B 269 -5.19 30.10 12.59
CA ARG B 269 -5.01 31.46 13.08
C ARG B 269 -3.64 32.00 12.70
N PHE B 270 -2.64 31.12 12.69
CA PHE B 270 -1.27 31.53 12.39
C PHE B 270 -1.15 32.03 10.96
N LEU B 271 -1.65 31.25 9.99
CA LEU B 271 -1.61 31.68 8.60
C LEU B 271 -2.64 32.76 8.28
N ARG B 272 -3.58 33.06 9.16
CA ARG B 272 -4.42 34.23 8.98
C ARG B 272 -3.72 35.49 9.46
N MET B 273 -3.05 35.41 10.61
CA MET B 273 -2.23 36.51 11.08
C MET B 273 -1.13 36.83 10.06
N LEU B 274 -0.49 35.78 9.53
CA LEU B 274 0.53 35.97 8.51
C LEU B 274 -0.03 36.56 7.22
N LEU B 275 -1.20 36.12 6.79
CA LEU B 275 -1.81 36.63 5.58
C LEU B 275 -2.26 38.09 5.74
N ARG B 276 -2.66 38.48 6.94
CA ARG B 276 -2.98 39.87 7.24
C ARG B 276 -1.72 40.71 7.33
N LEU B 277 -0.62 40.15 7.85
CA LEU B 277 0.62 40.90 8.03
C LEU B 277 1.29 41.17 6.70
N ALA B 278 0.92 40.40 5.67
CA ALA B 278 1.49 40.59 4.35
C ALA B 278 0.69 41.63 3.58
N ASP B 279 -0.64 41.57 3.70
CA ASP B 279 -1.49 42.53 3.02
C ASP B 279 -1.39 43.92 3.63
N GLU B 280 -1.36 43.99 4.96
CA GLU B 280 -1.43 45.28 5.64
C GLU B 280 -0.11 46.03 5.53
N PHE B 281 1.02 45.35 5.75
CA PHE B 281 2.35 46.02 5.80
C PHE B 281 3.16 45.76 4.53
N GLY B 282 2.60 45.08 3.52
CA GLY B 282 3.26 44.90 2.25
C GLY B 282 4.61 44.22 2.33
N VAL B 283 4.71 43.20 3.17
CA VAL B 283 5.96 42.45 3.32
C VAL B 283 5.80 41.08 2.70
N ALA B 284 6.92 40.48 2.34
CA ALA B 284 6.95 39.11 1.85
C ALA B 284 7.16 38.16 3.03
N VAL B 285 6.43 37.05 3.00
CA VAL B 285 6.50 36.05 4.07
C VAL B 285 7.00 34.75 3.46
N VAL B 286 8.06 34.19 4.03
CA VAL B 286 8.64 32.96 3.53
C VAL B 286 8.68 31.92 4.64
N ILE B 287 7.62 31.12 4.73
CA ILE B 287 7.61 29.99 5.65
C ILE B 287 8.47 28.88 5.08
N THR B 288 9.00 28.00 5.93
CA THR B 288 9.71 26.80 5.44
C THR B 288 9.10 25.59 6.13
N ASN B 289 8.36 24.74 5.40
CA ASN B 289 7.61 23.60 5.99
C ASN B 289 8.44 22.32 6.01
N GLN B 290 7.99 21.27 6.73
CA GLN B 290 8.71 19.98 6.84
C GLN B 290 8.05 18.94 5.90
N VAL B 291 8.31 17.62 6.08
CA VAL B 291 7.75 16.60 5.23
C VAL B 291 7.39 15.36 6.06
N VAL B 292 6.49 14.57 5.51
CA VAL B 292 6.01 13.33 6.12
C VAL B 292 6.28 12.22 5.10
N ALA B 293 5.81 11.01 5.37
CA ALA B 293 6.05 9.87 4.45
C ALA B 293 4.72 9.21 4.10
N GLN B 294 4.36 9.21 2.81
CA GLN B 294 3.11 8.54 2.38
C GLN B 294 3.36 7.02 2.37
N VAL B 295 3.02 6.33 3.45
CA VAL B 295 3.31 4.87 3.55
C VAL B 295 2.20 4.07 2.85
N ASP B 296 1.34 4.76 2.09
CA ASP B 296 0.19 4.07 1.43
C ASP B 296 0.69 2.87 0.63
N GLY B 297 1.72 3.06 -0.20
CA GLY B 297 2.25 1.97 -1.03
C GLY B 297 1.85 2.14 -2.49
N ALA B 298 0.91 3.05 -2.77
CA ALA B 298 0.42 3.27 -4.15
C ALA B 298 1.54 3.91 -4.97
N ALA B 299 1.86 3.32 -6.13
CA ALA B 299 2.93 3.86 -7.01
C ALA B 299 4.21 4.06 -6.21
N MET B 300 4.48 3.16 -5.27
CA MET B 300 5.70 3.28 -4.43
C MET B 300 6.80 2.36 -5.01
N PHE B 301 6.65 1.94 -6.26
CA PHE B 301 7.68 1.12 -6.88
C PHE B 301 9.08 1.66 -6.63
N ALA B 302 9.78 1.05 -5.67
CA ALA B 302 11.07 1.53 -5.17
C ALA B 302 11.07 3.05 -5.01
N ALA B 303 10.00 3.58 -4.40
CA ALA B 303 9.89 5.06 -4.26
C ALA B 303 9.34 5.40 -2.88
N ASP B 304 9.75 6.54 -2.32
CA ASP B 304 9.24 7.00 -1.00
C ASP B 304 8.81 8.46 -1.11
N PRO B 305 7.59 8.77 -1.60
CA PRO B 305 7.12 10.18 -1.80
C PRO B 305 7.02 10.90 -0.46
N LYS B 306 7.35 12.20 -0.46
CA LYS B 306 7.27 12.99 0.79
C LYS B 306 6.16 14.04 0.63
N LYS B 307 5.22 14.08 1.57
CA LYS B 307 4.10 15.06 1.50
C LYS B 307 4.42 16.23 2.44
N PRO B 308 4.22 17.50 2.03
CA PRO B 308 4.44 18.66 2.93
C PRO B 308 3.59 18.52 4.19
N ILE B 309 4.23 18.57 5.35
CA ILE B 309 3.49 18.42 6.64
C ILE B 309 2.41 19.50 6.71
N GLY B 310 1.30 19.21 7.38
CA GLY B 310 0.19 20.14 7.42
C GLY B 310 -0.73 19.90 6.24
N GLY B 311 -2.02 19.77 6.50
CA GLY B 311 -2.94 19.39 5.45
C GLY B 311 -3.38 20.54 4.58
N ASN B 312 -4.67 20.48 4.20
CA ASN B 312 -5.31 21.50 3.33
C ASN B 312 -5.39 22.84 4.06
N ILE B 313 -5.23 22.86 5.38
CA ILE B 313 -5.24 24.14 6.14
C ILE B 313 -4.02 24.97 5.68
N ILE B 314 -2.82 24.37 5.61
CA ILE B 314 -1.62 25.08 5.15
C ILE B 314 -1.43 24.97 3.64
N ALA B 315 -2.11 24.04 2.99
CA ALA B 315 -2.03 23.96 1.53
C ALA B 315 -2.87 25.02 0.84
N HIS B 316 -3.92 25.51 1.48
CA HIS B 316 -4.86 26.44 0.87
C HIS B 316 -4.56 27.88 1.22
N ALA B 317 -3.54 28.14 2.04
CA ALA B 317 -3.07 29.50 2.18
C ALA B 317 -1.56 29.57 1.96
N SER B 318 -1.17 29.53 0.68
CA SER B 318 0.20 29.75 0.24
C SER B 318 0.15 30.07 -1.24
N THR B 319 0.46 31.30 -1.63
CA THR B 319 0.38 31.61 -3.05
C THR B 319 1.53 31.00 -3.84
N THR B 320 2.57 30.51 -3.18
CA THR B 320 3.67 29.87 -3.89
C THR B 320 4.36 28.84 -3.02
N ARG B 321 4.14 27.56 -3.31
CA ARG B 321 4.85 26.50 -2.61
C ARG B 321 6.02 26.02 -3.45
N LEU B 322 7.19 25.89 -2.84
CA LEU B 322 8.38 25.41 -3.52
C LEU B 322 8.85 24.11 -2.88
N TYR B 323 9.16 23.12 -3.72
CA TYR B 323 9.63 21.82 -3.29
C TYR B 323 11.13 21.75 -3.51
N LEU B 324 11.88 21.63 -2.42
CA LEU B 324 13.33 21.48 -2.49
C LEU B 324 13.69 20.00 -2.40
N ARG B 325 14.54 19.54 -3.31
CA ARG B 325 14.95 18.14 -3.37
C ARG B 325 16.47 18.08 -3.53
N LYS B 326 17.11 17.20 -2.79
CA LYS B 326 18.56 17.05 -2.88
C LYS B 326 18.95 16.60 -4.29
N GLY B 327 19.95 17.26 -4.86
CA GLY B 327 20.42 16.92 -6.19
C GLY B 327 21.62 16.01 -6.19
N ARG B 328 22.73 16.47 -6.77
CA ARG B 328 23.97 15.71 -6.83
C ARG B 328 25.09 16.52 -6.21
N GLY B 329 25.50 16.14 -5.01
CA GLY B 329 26.52 16.86 -4.28
C GLY B 329 25.98 18.08 -3.55
N GLU B 330 25.78 19.18 -4.28
CA GLU B 330 25.14 20.35 -3.68
C GLU B 330 24.16 21.03 -4.62
N THR B 331 23.77 20.38 -5.72
CA THR B 331 22.83 20.96 -6.69
C THR B 331 21.37 20.74 -6.32
N ARG B 332 20.96 21.23 -5.15
CA ARG B 332 19.58 21.11 -4.69
C ARG B 332 18.61 21.66 -5.73
N ILE B 333 17.64 20.84 -6.09
CA ILE B 333 16.71 21.15 -7.17
C ILE B 333 15.43 21.73 -6.58
N CYS B 334 15.05 22.91 -7.05
CA CYS B 334 13.82 23.56 -6.62
C CYS B 334 12.72 23.28 -7.63
N LYS B 335 11.45 23.38 -7.19
CA LYS B 335 10.33 23.07 -8.05
C LYS B 335 9.06 23.80 -7.59
N ILE B 336 8.39 24.49 -8.51
CA ILE B 336 7.18 25.21 -8.16
C ILE B 336 6.03 24.22 -7.99
N TYR B 337 5.67 23.97 -6.74
CA TYR B 337 4.56 23.05 -6.46
C TYR B 337 3.22 23.67 -6.86
N ASP B 338 2.99 24.92 -6.47
CA ASP B 338 1.71 25.57 -6.68
C ASP B 338 1.89 27.08 -6.72
N SER B 339 1.26 27.73 -7.70
CA SER B 339 1.29 29.18 -7.83
C SER B 339 0.27 29.62 -8.87
N PRO B 340 -0.34 30.80 -8.72
CA PRO B 340 -1.42 31.21 -9.64
C PRO B 340 -0.94 31.94 -10.88
N CYS B 341 0.33 32.29 -10.98
CA CYS B 341 0.82 32.98 -12.17
C CYS B 341 2.04 32.28 -12.76
N LEU B 342 2.90 31.74 -11.90
CA LEU B 342 4.08 31.04 -12.36
C LEU B 342 3.74 29.58 -12.68
N PRO B 343 4.38 28.99 -13.67
CA PRO B 343 4.05 27.60 -14.03
C PRO B 343 4.84 26.59 -13.23
N GLU B 344 4.57 25.30 -13.46
CA GLU B 344 5.40 24.25 -12.91
C GLU B 344 6.70 24.16 -13.70
N ALA B 345 7.82 24.31 -13.00
CA ALA B 345 9.13 24.26 -13.64
C ALA B 345 10.15 23.88 -12.59
N GLU B 346 11.27 23.35 -13.06
CA GLU B 346 12.35 22.91 -12.19
C GLU B 346 13.62 23.69 -12.51
N ALA B 347 14.36 24.03 -11.46
CA ALA B 347 15.61 24.74 -11.61
C ALA B 347 16.59 24.21 -10.57
N MET B 348 17.86 24.55 -10.77
CA MET B 348 18.93 24.05 -9.91
C MET B 348 19.69 25.23 -9.33
N PHE B 349 19.88 25.21 -8.01
CA PHE B 349 20.77 26.15 -7.33
C PHE B 349 21.85 25.35 -6.61
N ALA B 350 22.67 26.05 -5.85
CA ALA B 350 23.79 25.40 -5.16
C ALA B 350 24.09 26.16 -3.89
N ILE B 351 24.31 25.44 -2.79
CA ILE B 351 24.62 26.06 -1.51
C ILE B 351 26.12 26.29 -1.41
N ASN B 352 26.58 27.39 -1.97
CA ASN B 352 28.00 27.72 -1.94
C ASN B 352 28.38 28.23 -0.55
N ALA B 353 29.63 28.64 -0.40
CA ALA B 353 30.06 29.25 0.85
C ALA B 353 29.37 30.59 1.08
N ASP B 354 29.09 31.32 0.00
CA ASP B 354 28.40 32.61 0.09
C ASP B 354 26.91 32.45 -0.17
N GLY B 355 26.25 31.74 0.74
CA GLY B 355 24.83 31.52 0.61
C GLY B 355 24.50 30.64 -0.58
N VAL B 356 23.25 30.71 -1.02
CA VAL B 356 22.80 29.97 -2.19
C VAL B 356 23.29 30.68 -3.44
N GLY B 357 23.14 30.04 -4.59
CA GLY B 357 23.61 30.62 -5.84
C GLY B 357 24.39 29.65 -6.69
N ASP B 358 23.98 29.51 -7.95
CA ASP B 358 24.55 28.62 -8.97
C ASP B 358 25.79 27.83 -8.56
N PRO C 44 -33.42 43.52 -14.63
CA PRO C 44 -34.60 43.89 -13.83
C PRO C 44 -35.17 45.25 -14.23
N GLN C 45 -35.89 45.87 -13.28
CA GLN C 45 -36.39 47.26 -13.48
C GLN C 45 -35.82 48.08 -12.32
N PRO C 46 -35.10 49.20 -12.54
CA PRO C 46 -34.42 49.95 -11.44
C PRO C 46 -35.41 50.79 -10.63
N ILE C 47 -36.34 50.13 -9.93
CA ILE C 47 -37.31 50.84 -9.05
C ILE C 47 -37.97 51.98 -9.86
N SER C 48 -37.76 51.99 -11.18
CA SER C 48 -38.32 53.08 -12.03
C SER C 48 -39.85 53.13 -11.89
N ARG C 49 -40.51 51.99 -12.12
CA ARG C 49 -41.99 51.93 -12.00
C ARG C 49 -42.39 51.99 -10.52
N LEU C 50 -41.57 51.39 -9.64
CA LEU C 50 -41.86 51.40 -8.19
C LEU C 50 -41.91 52.86 -7.71
N GLU C 51 -41.02 53.71 -8.23
CA GLU C 51 -41.05 55.15 -7.87
C GLU C 51 -42.26 55.81 -8.54
N GLN C 52 -43.44 55.21 -8.37
CA GLN C 52 -44.69 55.74 -8.99
C GLN C 52 -45.88 54.96 -8.41
N CYS C 53 -47.04 55.01 -9.08
CA CYS C 53 -48.24 54.27 -8.60
C CYS C 53 -48.55 54.67 -7.14
N GLY C 54 -48.48 55.96 -6.84
CA GLY C 54 -48.80 56.45 -5.47
C GLY C 54 -47.68 56.18 -4.50
N ILE C 55 -46.79 55.23 -4.82
CA ILE C 55 -45.70 54.86 -3.91
C ILE C 55 -44.87 56.10 -3.61
N ASN C 56 -44.63 56.35 -2.32
CA ASN C 56 -43.92 57.54 -1.88
C ASN C 56 -42.42 57.25 -1.82
N ALA C 57 -41.65 58.25 -2.20
CA ALA C 57 -40.18 58.14 -2.16
C ALA C 57 -39.78 57.89 -0.71
N ASN C 58 -40.53 58.40 0.27
CA ASN C 58 -40.13 58.25 1.70
C ASN C 58 -39.84 56.78 1.98
N ASP C 59 -40.49 55.88 1.25
CA ASP C 59 -40.22 54.42 1.40
C ASP C 59 -38.82 54.07 0.87
N VAL C 60 -38.48 54.40 -0.38
CA VAL C 60 -37.28 53.92 -1.06
C VAL C 60 -36.02 54.51 -0.45
N LYS C 61 -36.08 55.75 0.05
CA LYS C 61 -34.88 56.32 0.64
C LYS C 61 -34.41 55.49 1.83
N LYS C 62 -35.34 55.05 2.67
CA LYS C 62 -34.98 54.22 3.81
C LYS C 62 -34.63 52.80 3.39
N LEU C 63 -35.37 52.25 2.42
CA LEU C 63 -35.09 50.88 1.98
C LEU C 63 -33.75 50.78 1.26
N GLU C 64 -33.23 51.90 0.77
CA GLU C 64 -31.98 51.88 0.02
C GLU C 64 -30.78 51.73 0.95
N GLU C 65 -31.02 51.79 2.27
CA GLU C 65 -29.95 51.70 3.26
C GLU C 65 -29.65 50.25 3.64
N ALA C 66 -30.30 49.29 2.99
CA ALA C 66 -30.06 47.88 3.30
C ALA C 66 -29.50 47.14 2.10
N GLY C 67 -29.86 47.56 0.88
CA GLY C 67 -29.27 46.97 -0.30
C GLY C 67 -30.23 46.60 -1.42
N TYR C 68 -31.49 47.03 -1.33
CA TYR C 68 -32.44 46.79 -2.41
C TYR C 68 -32.37 47.89 -3.47
N HIS C 69 -31.38 47.81 -4.34
CA HIS C 69 -31.23 48.80 -5.41
C HIS C 69 -32.13 48.48 -6.58
N THR C 70 -32.96 47.45 -6.45
CA THR C 70 -33.92 47.08 -7.49
C THR C 70 -35.23 46.69 -6.80
N VAL C 71 -36.22 46.28 -7.60
CA VAL C 71 -37.55 45.98 -7.08
C VAL C 71 -37.65 44.48 -6.83
N GLU C 72 -36.83 43.70 -7.53
CA GLU C 72 -36.84 42.26 -7.36
C GLU C 72 -36.39 41.86 -5.95
N ALA C 73 -35.44 42.62 -5.39
CA ALA C 73 -35.02 42.36 -4.02
C ALA C 73 -36.16 42.57 -3.04
N VAL C 74 -36.92 43.64 -3.23
CA VAL C 74 -38.07 43.90 -2.36
C VAL C 74 -39.15 42.84 -2.56
N ALA C 75 -39.40 42.43 -3.80
CA ALA C 75 -40.43 41.42 -4.05
C ALA C 75 -40.05 40.09 -3.40
N TYR C 76 -38.78 39.70 -3.50
CA TYR C 76 -38.32 38.44 -2.92
C TYR C 76 -37.72 38.73 -1.55
N ALA C 77 -38.53 39.36 -0.69
CA ALA C 77 -38.07 39.67 0.69
C ALA C 77 -39.21 39.42 1.68
N PRO C 78 -39.01 38.59 2.71
CA PRO C 78 -40.08 38.25 3.72
C PRO C 78 -40.46 39.48 4.52
N LYS C 79 -41.65 39.46 5.13
CA LYS C 79 -42.12 40.62 5.93
C LYS C 79 -41.06 40.97 6.98
N LYS C 80 -40.55 39.96 7.69
CA LYS C 80 -39.53 40.19 8.75
C LYS C 80 -38.37 41.01 8.18
N GLU C 81 -38.04 40.83 6.90
CA GLU C 81 -36.88 41.50 6.33
C GLU C 81 -37.12 43.00 6.17
N LEU C 82 -38.26 43.36 5.59
CA LEU C 82 -38.54 44.77 5.37
C LEU C 82 -39.33 45.40 6.52
N ILE C 83 -39.66 44.60 7.54
CA ILE C 83 -40.33 45.18 8.74
C ILE C 83 -39.23 45.75 9.66
N ASN C 84 -37.97 45.40 9.38
CA ASN C 84 -36.84 45.86 10.24
C ASN C 84 -36.10 47.00 9.55
N ILE C 85 -36.64 47.48 8.43
CA ILE C 85 -36.02 48.65 7.72
C ILE C 85 -36.02 49.83 8.69
N LYS C 86 -36.97 49.87 9.63
CA LYS C 86 -37.10 50.99 10.59
C LYS C 86 -37.59 52.22 9.80
N GLY C 87 -37.95 52.02 8.54
CA GLY C 87 -38.47 53.12 7.70
C GLY C 87 -39.75 52.68 7.03
N ILE C 88 -40.86 53.35 7.33
CA ILE C 88 -42.19 53.01 6.73
C ILE C 88 -42.36 51.47 6.72
N SER C 89 -41.85 50.77 7.74
CA SER C 89 -42.08 49.32 7.82
C SER C 89 -43.41 49.02 8.54
N GLU C 90 -44.48 48.76 7.77
CA GLU C 90 -45.81 48.45 8.37
C GLU C 90 -46.74 47.99 7.24
N ALA C 91 -48.04 48.29 7.34
CA ALA C 91 -48.98 47.97 6.25
C ALA C 91 -48.49 48.65 4.97
N LYS C 92 -47.86 49.83 5.11
CA LYS C 92 -47.27 50.51 3.94
C LYS C 92 -46.32 49.53 3.24
N ALA C 93 -45.42 48.91 4.01
CA ALA C 93 -44.50 47.94 3.43
C ALA C 93 -45.24 46.75 2.84
N ASP C 94 -46.38 46.38 3.43
CA ASP C 94 -47.20 45.33 2.82
C ASP C 94 -47.69 45.75 1.44
N LYS C 95 -48.17 46.99 1.31
CA LYS C 95 -48.54 47.53 0.01
C LYS C 95 -47.36 47.64 -0.93
N ILE C 96 -46.17 47.94 -0.41
CA ILE C 96 -44.95 47.91 -1.21
C ILE C 96 -44.72 46.51 -1.77
N LEU C 97 -44.90 45.49 -0.94
CA LEU C 97 -44.75 44.11 -1.38
C LEU C 97 -45.74 43.77 -2.48
N THR C 98 -47.00 44.18 -2.30
CA THR C 98 -48.02 43.91 -3.32
C THR C 98 -47.72 44.65 -4.62
N GLU C 99 -47.22 45.88 -4.50
CA GLU C 99 -46.83 46.65 -5.68
C GLU C 99 -45.70 45.95 -6.43
N ALA C 100 -44.71 45.47 -5.70
CA ALA C 100 -43.61 44.74 -6.32
C ALA C 100 -44.14 43.47 -6.99
N ALA C 101 -45.07 42.78 -6.33
CA ALA C 101 -45.65 41.57 -6.91
C ALA C 101 -46.37 41.86 -8.21
N LYS C 102 -47.13 42.95 -8.26
CA LYS C 102 -47.80 43.34 -9.51
C LYS C 102 -46.87 44.10 -10.45
N LEU C 103 -45.60 44.26 -10.11
CA LEU C 103 -44.63 44.79 -11.04
C LEU C 103 -43.61 43.77 -11.56
N VAL C 104 -43.69 42.51 -11.14
CA VAL C 104 -42.73 41.50 -11.59
C VAL C 104 -43.50 40.25 -12.04
N PRO C 105 -43.05 39.53 -13.08
CA PRO C 105 -43.64 38.22 -13.36
C PRO C 105 -43.29 37.21 -12.28
N MET C 106 -44.30 36.74 -11.56
CA MET C 106 -44.09 35.99 -10.32
C MET C 106 -44.99 34.77 -10.16
N GLY C 107 -46.09 34.65 -10.90
CA GLY C 107 -47.09 33.64 -10.63
C GLY C 107 -46.83 32.30 -11.30
N PHE C 108 -47.78 31.40 -11.11
CA PHE C 108 -47.72 30.05 -11.67
C PHE C 108 -47.75 30.10 -13.20
N THR C 109 -47.10 29.12 -13.82
CA THR C 109 -47.00 29.06 -15.26
C THR C 109 -46.78 27.63 -15.70
N THR C 110 -47.03 27.37 -16.98
CA THR C 110 -46.82 26.04 -17.54
C THR C 110 -45.33 25.84 -17.86
N ALA C 111 -44.95 24.57 -17.98
CA ALA C 111 -43.54 24.21 -18.17
C ALA C 111 -42.99 24.72 -19.51
N THR C 112 -43.87 24.95 -20.48
CA THR C 112 -43.43 25.37 -21.81
C THR C 112 -42.72 26.73 -21.76
N GLU C 113 -43.24 27.64 -20.96
CA GLU C 113 -42.63 28.97 -20.83
C GLU C 113 -41.21 28.86 -20.29
N PHE C 114 -41.01 28.08 -19.24
CA PHE C 114 -39.65 27.89 -18.71
C PHE C 114 -38.78 27.19 -19.76
N HIS C 115 -39.34 26.23 -20.49
CA HIS C 115 -38.57 25.53 -21.50
C HIS C 115 -38.06 26.48 -22.57
N GLN C 116 -38.92 27.41 -22.99
CA GLN C 116 -38.47 28.47 -23.90
C GLN C 116 -37.41 29.33 -23.22
N ARG C 117 -37.61 29.65 -21.94
CA ARG C 117 -36.62 30.45 -21.22
C ARG C 117 -35.57 29.51 -20.63
N ARG C 118 -35.04 28.60 -21.45
CA ARG C 118 -33.88 27.81 -21.06
C ARG C 118 -32.99 27.61 -22.29
N SER C 119 -33.49 28.05 -23.46
CA SER C 119 -32.70 28.03 -24.68
C SER C 119 -31.92 29.32 -24.88
N GLU C 120 -32.16 30.33 -24.05
CA GLU C 120 -31.43 31.58 -24.11
C GLU C 120 -30.38 31.72 -23.02
N ILE C 121 -30.27 30.74 -22.11
CA ILE C 121 -29.26 30.81 -21.06
C ILE C 121 -27.88 30.88 -21.70
N ILE C 122 -27.04 31.80 -21.22
CA ILE C 122 -25.70 32.05 -21.86
C ILE C 122 -24.87 30.76 -21.93
N GLN C 123 -24.61 30.07 -20.81
CA GLN C 123 -23.73 28.87 -20.80
C GLN C 123 -22.32 29.31 -21.27
N ILE C 124 -21.76 30.35 -20.64
CA ILE C 124 -20.40 30.89 -21.02
C ILE C 124 -19.42 29.72 -21.13
N THR C 125 -18.60 29.67 -22.19
CA THR C 125 -17.63 28.60 -22.39
C THR C 125 -16.52 28.66 -21.33
N THR C 126 -16.08 27.48 -20.88
CA THR C 126 -15.01 27.39 -19.92
C THR C 126 -13.65 27.73 -20.51
N GLY C 127 -13.38 27.28 -21.74
CA GLY C 127 -12.09 27.44 -22.37
C GLY C 127 -11.50 26.14 -22.87
N SER C 128 -11.81 25.03 -22.22
CA SER C 128 -11.40 23.69 -22.67
C SER C 128 -12.67 23.01 -23.18
N LYS C 129 -12.62 22.50 -24.41
CA LYS C 129 -13.82 21.91 -25.05
C LYS C 129 -14.23 20.61 -24.33
N GLU C 130 -13.40 20.07 -23.44
CA GLU C 130 -13.76 18.90 -22.65
C GLU C 130 -14.85 19.21 -21.64
N LEU C 131 -14.68 20.32 -20.91
CA LEU C 131 -15.64 20.75 -19.86
C LEU C 131 -16.84 21.40 -20.57
N ASP C 132 -16.72 21.78 -21.84
CA ASP C 132 -17.85 22.23 -22.64
C ASP C 132 -18.74 21.06 -23.02
N LYS C 133 -18.14 19.94 -23.42
CA LYS C 133 -18.91 18.72 -23.62
C LYS C 133 -19.51 18.24 -22.30
N LEU C 134 -18.74 18.34 -21.22
CA LEU C 134 -19.19 17.88 -19.91
C LEU C 134 -20.41 18.69 -19.43
N LEU C 135 -20.35 20.01 -19.60
CA LEU C 135 -21.38 20.91 -19.10
C LEU C 135 -22.43 21.27 -20.16
N GLN C 136 -22.33 20.68 -21.35
CA GLN C 136 -23.25 20.94 -22.45
C GLN C 136 -23.29 22.44 -22.76
N GLY C 137 -22.14 22.95 -23.20
CA GLY C 137 -22.02 24.36 -23.53
C GLY C 137 -21.07 25.12 -22.62
N GLY C 138 -21.11 24.82 -21.33
CA GLY C 138 -20.25 25.50 -20.38
C GLY C 138 -21.00 25.78 -19.08
N ILE C 139 -20.47 26.75 -18.35
CA ILE C 139 -21.08 27.16 -17.09
C ILE C 139 -22.38 27.89 -17.38
N GLU C 140 -23.51 27.24 -17.05
CA GLU C 140 -24.85 27.84 -17.32
C GLU C 140 -25.07 28.99 -16.34
N THR C 141 -25.69 30.08 -16.81
CA THR C 141 -25.94 31.28 -15.99
C THR C 141 -27.25 31.14 -15.27
N GLY C 142 -27.38 31.71 -14.06
CA GLY C 142 -28.66 31.72 -13.33
C GLY C 142 -28.60 31.07 -11.95
N SER C 143 -27.61 30.19 -11.67
CA SER C 143 -27.57 29.50 -10.40
C SER C 143 -26.12 29.26 -9.99
N ILE C 144 -25.94 29.01 -8.70
CA ILE C 144 -24.62 28.77 -8.12
C ILE C 144 -24.00 27.52 -8.74
N THR C 145 -22.69 27.56 -8.96
CA THR C 145 -21.96 26.49 -9.63
C THR C 145 -20.67 26.18 -8.86
N GLU C 146 -20.82 25.95 -7.56
CA GLU C 146 -19.68 25.65 -6.69
C GLU C 146 -18.76 24.61 -7.31
N MET C 147 -17.47 24.90 -7.29
CA MET C 147 -16.44 23.97 -7.76
C MET C 147 -15.40 23.86 -6.66
N PHE C 148 -15.32 22.69 -6.04
CA PHE C 148 -14.41 22.48 -4.94
C PHE C 148 -13.21 21.66 -5.39
N GLY C 149 -12.37 21.28 -4.44
CA GLY C 149 -11.14 20.58 -4.72
C GLY C 149 -10.15 20.81 -3.60
N GLU C 150 -8.87 20.75 -3.94
CA GLU C 150 -7.80 20.96 -2.97
C GLU C 150 -6.75 21.83 -3.63
N PHE C 151 -5.56 21.90 -3.05
CA PHE C 151 -4.54 22.79 -3.57
C PHE C 151 -4.04 22.29 -4.93
N ARG C 152 -3.78 23.24 -5.83
CA ARG C 152 -3.12 22.99 -7.12
C ARG C 152 -4.05 22.28 -8.12
N THR C 153 -5.32 22.09 -7.77
CA THR C 153 -6.23 21.42 -8.70
C THR C 153 -6.55 22.31 -9.91
N GLY C 154 -6.82 23.59 -9.69
CA GLY C 154 -7.04 24.47 -10.83
C GLY C 154 -8.22 25.42 -10.72
N LYS C 155 -8.85 25.48 -9.55
CA LYS C 155 -10.04 26.31 -9.35
C LYS C 155 -9.77 27.77 -9.66
N THR C 156 -8.75 28.35 -9.01
CA THR C 156 -8.50 29.79 -9.21
C THR C 156 -8.22 30.06 -10.67
N GLN C 157 -7.53 29.14 -11.34
CA GLN C 157 -7.20 29.32 -12.78
C GLN C 157 -8.49 29.29 -13.61
N ILE C 158 -9.40 28.36 -13.30
CA ILE C 158 -10.67 28.25 -14.07
C ILE C 158 -11.45 29.57 -13.93
N CYS C 159 -11.51 30.12 -12.72
CA CYS C 159 -12.26 31.38 -12.49
C CYS C 159 -11.66 32.49 -13.36
N HIS C 160 -10.32 32.61 -13.39
CA HIS C 160 -9.65 33.67 -14.18
C HIS C 160 -10.07 33.55 -15.64
N THR C 161 -10.07 32.31 -16.16
CA THR C 161 -10.42 32.11 -17.59
C THR C 161 -11.88 32.44 -17.80
N LEU C 162 -12.77 31.87 -16.98
CA LEU C 162 -14.19 32.20 -17.10
C LEU C 162 -14.42 33.71 -17.11
N ALA C 163 -13.70 34.42 -16.24
CA ALA C 163 -13.83 35.87 -16.17
C ALA C 163 -13.40 36.53 -17.47
N VAL C 164 -12.40 35.95 -18.14
CA VAL C 164 -12.01 36.47 -19.44
C VAL C 164 -13.08 36.15 -20.49
N THR C 165 -13.56 34.90 -20.49
CA THR C 165 -14.44 34.45 -21.56
C THR C 165 -15.82 35.09 -21.49
N CYS C 166 -16.19 35.62 -20.33
CA CYS C 166 -17.53 36.20 -20.20
C CYS C 166 -17.75 37.36 -21.16
N GLN C 167 -16.67 38.07 -21.51
CA GLN C 167 -16.82 39.24 -22.38
C GLN C 167 -17.02 38.86 -23.84
N LEU C 168 -16.78 37.60 -24.19
CA LEU C 168 -16.84 37.19 -25.59
C LEU C 168 -18.28 37.30 -26.12
N PRO C 169 -18.46 37.43 -27.43
CA PRO C 169 -19.80 37.41 -28.00
C PRO C 169 -20.52 36.12 -27.68
N ILE C 170 -21.83 36.23 -27.45
CA ILE C 170 -22.63 35.09 -26.97
C ILE C 170 -22.62 33.97 -28.00
N ASP C 171 -22.78 34.32 -29.28
CA ASP C 171 -22.74 33.30 -30.33
C ASP C 171 -21.35 32.66 -30.43
N ARG C 172 -20.30 33.44 -30.16
CA ARG C 172 -18.96 32.88 -30.14
C ARG C 172 -18.79 31.91 -28.97
N GLY C 173 -19.52 32.13 -27.88
CA GLY C 173 -19.45 31.27 -26.73
C GLY C 173 -19.39 32.01 -25.41
N GLY C 174 -19.27 33.34 -25.48
CA GLY C 174 -19.17 34.19 -24.33
C GLY C 174 -20.52 34.70 -23.85
N GLY C 175 -20.50 35.84 -23.19
CA GLY C 175 -21.73 36.40 -22.64
C GLY C 175 -21.95 37.88 -22.88
N GLU C 176 -20.94 38.57 -23.43
CA GLU C 176 -20.98 40.01 -23.63
C GLU C 176 -21.36 40.72 -22.34
N GLY C 177 -20.59 40.51 -21.28
CA GLY C 177 -20.90 41.11 -20.01
C GLY C 177 -19.69 41.61 -19.25
N LYS C 178 -19.63 41.28 -17.97
CA LYS C 178 -18.57 41.77 -17.08
C LYS C 178 -18.24 40.70 -16.05
N ALA C 179 -17.48 41.05 -15.01
CA ALA C 179 -17.13 40.08 -13.99
C ALA C 179 -16.92 40.77 -12.64
N MET C 180 -17.10 40.01 -11.55
CA MET C 180 -16.98 40.56 -10.18
C MET C 180 -16.11 39.60 -9.38
N TYR C 181 -14.83 39.42 -9.73
CA TYR C 181 -13.95 38.59 -8.93
C TYR C 181 -13.88 39.14 -7.50
N ILE C 182 -14.39 38.38 -6.53
CA ILE C 182 -14.57 38.85 -5.16
C ILE C 182 -13.53 38.09 -4.35
N ASP C 183 -12.37 37.86 -4.97
CA ASP C 183 -11.27 37.12 -4.38
C ASP C 183 -11.10 37.44 -2.90
N THR C 184 -11.05 36.38 -2.08
CA THR C 184 -10.86 36.51 -0.64
C THR C 184 -9.56 35.90 -0.14
N GLU C 185 -8.70 35.43 -1.04
CA GLU C 185 -7.41 34.86 -0.69
C GLU C 185 -6.29 35.84 -1.02
N GLY C 186 -6.35 36.49 -2.17
CA GLY C 186 -5.27 37.34 -2.65
C GLY C 186 -4.70 36.76 -3.93
N THR C 187 -5.30 35.66 -4.38
CA THR C 187 -4.76 34.89 -5.48
C THR C 187 -4.84 35.63 -6.81
N PHE C 188 -5.80 36.55 -6.95
CA PHE C 188 -6.07 37.22 -8.21
C PHE C 188 -4.83 37.77 -8.90
N ARG C 189 -4.51 37.24 -10.08
CA ARG C 189 -3.39 37.69 -10.88
C ARG C 189 -3.90 38.17 -12.24
N PRO C 190 -3.96 39.48 -12.48
CA PRO C 190 -4.47 39.98 -13.78
C PRO C 190 -3.62 39.53 -14.96
N GLU C 191 -2.39 39.09 -14.69
CA GLU C 191 -1.54 38.53 -15.73
C GLU C 191 -2.24 37.37 -16.44
N ARG C 192 -3.01 36.58 -15.69
CA ARG C 192 -3.75 35.48 -16.29
C ARG C 192 -4.81 35.97 -17.25
N LEU C 193 -5.49 37.06 -16.88
CA LEU C 193 -6.46 37.66 -17.79
C LEU C 193 -5.78 38.17 -19.05
N LEU C 194 -4.62 38.82 -18.89
CA LEU C 194 -3.82 39.19 -20.05
C LEU C 194 -3.54 37.99 -20.94
N ALA C 195 -3.08 36.89 -20.34
CA ALA C 195 -2.70 35.69 -21.07
C ALA C 195 -3.86 35.04 -21.81
N VAL C 196 -5.06 35.05 -21.23
CA VAL C 196 -6.19 34.44 -21.93
C VAL C 196 -6.75 35.41 -22.97
N ALA C 197 -6.48 36.72 -22.81
CA ALA C 197 -6.98 37.70 -23.77
C ALA C 197 -6.50 37.41 -25.18
N GLU C 198 -5.19 37.17 -25.35
CA GLU C 198 -4.68 36.86 -26.69
C GLU C 198 -5.09 35.45 -27.11
N ARG C 199 -5.39 34.60 -26.14
CA ARG C 199 -5.93 33.28 -26.46
C ARG C 199 -7.25 33.42 -27.21
N TYR C 200 -8.10 34.34 -26.77
CA TYR C 200 -9.37 34.59 -27.45
C TYR C 200 -9.33 35.81 -28.36
N GLY C 201 -8.14 36.33 -28.65
CA GLY C 201 -7.99 37.41 -29.61
C GLY C 201 -8.72 38.69 -29.24
N LEU C 202 -8.66 39.07 -27.98
CA LEU C 202 -9.26 40.31 -27.51
C LEU C 202 -8.21 41.40 -27.39
N SER C 203 -8.70 42.63 -27.20
CA SER C 203 -7.79 43.78 -27.09
C SER C 203 -6.92 43.68 -25.85
N GLY C 204 -7.43 43.03 -24.80
CA GLY C 204 -6.73 42.93 -23.54
C GLY C 204 -6.93 44.11 -22.61
N SER C 205 -7.11 45.30 -23.16
CA SER C 205 -7.38 46.49 -22.36
C SER C 205 -8.73 46.38 -21.67
N ASP C 206 -9.79 46.19 -22.46
CA ASP C 206 -11.13 46.06 -21.89
C ASP C 206 -11.29 44.75 -21.13
N VAL C 207 -10.36 43.81 -21.32
CA VAL C 207 -10.37 42.56 -20.58
C VAL C 207 -10.21 42.88 -19.10
N LEU C 208 -9.31 43.80 -18.78
CA LEU C 208 -9.11 44.25 -17.41
C LEU C 208 -9.99 45.43 -17.03
N ASP C 209 -10.40 46.24 -18.01
CA ASP C 209 -11.29 47.36 -17.71
C ASP C 209 -12.70 46.90 -17.35
N ASN C 210 -13.11 45.71 -17.78
CA ASN C 210 -14.45 45.20 -17.49
C ASN C 210 -14.48 44.42 -16.18
N VAL C 211 -13.48 43.56 -15.98
CA VAL C 211 -13.44 42.72 -14.79
C VAL C 211 -13.31 43.60 -13.55
N ALA C 212 -14.34 43.60 -12.71
CA ALA C 212 -14.27 44.29 -11.43
C ALA C 212 -13.67 43.36 -10.38
N TYR C 213 -12.99 43.95 -9.41
CA TYR C 213 -12.27 43.16 -8.42
C TYR C 213 -12.47 43.78 -7.05
N ALA C 214 -12.70 42.91 -6.06
CA ALA C 214 -12.82 43.34 -4.67
C ALA C 214 -11.87 42.47 -3.86
N ARG C 215 -11.97 42.57 -2.53
CA ARG C 215 -11.11 41.78 -1.65
C ARG C 215 -11.86 41.63 -0.34
N GLY C 216 -12.35 40.43 -0.05
CA GLY C 216 -12.97 40.18 1.23
C GLY C 216 -11.93 39.84 2.28
N PHE C 217 -11.87 40.67 3.33
CA PHE C 217 -10.93 40.41 4.40
C PHE C 217 -11.58 39.83 5.65
N ASN C 218 -12.91 39.81 5.70
CA ASN C 218 -13.60 39.17 6.84
C ASN C 218 -14.93 38.62 6.31
N THR C 219 -15.62 37.81 7.11
CA THR C 219 -16.88 37.19 6.72
C THR C 219 -17.95 38.22 6.41
N ASP C 220 -18.06 39.25 7.26
CA ASP C 220 -19.08 40.29 7.05
C ASP C 220 -18.80 41.09 5.80
N HIS C 221 -17.51 41.22 5.45
CA HIS C 221 -17.09 42.05 4.29
C HIS C 221 -17.59 41.41 3.01
N GLN C 222 -17.79 40.10 2.92
CA GLN C 222 -18.37 39.47 1.75
C GLN C 222 -19.83 39.89 1.56
N THR C 223 -20.59 39.89 2.65
CA THR C 223 -21.98 40.31 2.59
C THR C 223 -22.08 41.78 2.17
N GLN C 224 -21.22 42.62 2.74
CA GLN C 224 -21.23 44.04 2.37
C GLN C 224 -20.87 44.21 0.90
N LEU C 225 -19.90 43.44 0.42
CA LEU C 225 -19.50 43.52 -0.98
C LEU C 225 -20.64 43.11 -1.89
N LEU C 226 -21.40 42.08 -1.52
CA LEU C 226 -22.57 41.72 -2.31
C LEU C 226 -23.63 42.83 -2.27
N TYR C 227 -23.80 43.45 -1.11
CA TYR C 227 -24.78 44.53 -0.99
C TYR C 227 -24.47 45.67 -1.95
N GLN C 228 -23.20 46.07 -2.03
CA GLN C 228 -22.80 47.08 -3.02
C GLN C 228 -22.82 46.52 -4.44
N ALA C 229 -22.56 45.21 -4.57
CA ALA C 229 -22.55 44.56 -5.87
C ALA C 229 -23.91 44.65 -6.53
N GLU C 230 -24.98 44.56 -5.75
CA GLU C 230 -26.33 44.71 -6.29
C GLU C 230 -26.45 46.00 -7.08
N ASP C 231 -26.02 47.11 -6.47
CA ASP C 231 -26.04 48.41 -7.14
C ASP C 231 -25.16 48.37 -8.39
N MET C 232 -23.98 47.76 -8.26
CA MET C 232 -23.07 47.66 -9.41
C MET C 232 -23.77 47.01 -10.61
N MET C 233 -24.52 45.93 -10.36
CA MET C 233 -25.29 45.26 -11.44
C MET C 233 -26.36 46.23 -11.92
N VAL C 234 -26.98 46.97 -11.00
CA VAL C 234 -28.08 47.89 -11.34
C VAL C 234 -27.64 48.85 -12.43
N GLU C 235 -26.46 49.43 -12.31
CA GLU C 235 -26.01 50.24 -13.44
C GLU C 235 -25.46 49.40 -14.59
N SER C 236 -24.38 48.66 -14.35
CA SER C 236 -23.71 47.95 -15.42
C SER C 236 -24.06 46.47 -15.40
N ARG C 237 -24.34 45.90 -16.59
CA ARG C 237 -24.69 44.46 -16.67
C ARG C 237 -23.55 43.65 -16.06
N TYR C 238 -23.87 42.50 -15.46
CA TYR C 238 -22.84 41.59 -14.90
C TYR C 238 -23.29 40.18 -15.26
N ALA C 239 -22.38 39.32 -15.68
CA ALA C 239 -22.71 37.97 -16.13
C ALA C 239 -21.88 36.92 -15.41
N LEU C 240 -21.08 37.33 -14.44
CA LEU C 240 -20.22 36.38 -13.74
C LEU C 240 -19.80 36.93 -12.39
N LEU C 241 -20.17 36.23 -11.31
CA LEU C 241 -19.97 36.72 -9.95
C LEU C 241 -19.03 35.82 -9.14
N ILE C 242 -17.88 35.50 -9.73
CA ILE C 242 -16.90 34.60 -9.06
C ILE C 242 -16.64 35.08 -7.64
N VAL C 243 -16.83 34.22 -6.63
CA VAL C 243 -16.37 34.49 -5.27
C VAL C 243 -15.30 33.48 -4.93
N ASP C 244 -14.03 33.84 -5.17
CA ASP C 244 -12.92 32.93 -4.97
C ASP C 244 -12.79 32.52 -3.50
N SER C 245 -12.86 31.22 -3.24
CA SER C 245 -12.71 30.67 -1.89
C SER C 245 -13.68 31.32 -0.91
N ALA C 246 -14.97 31.26 -1.24
CA ALA C 246 -16.00 31.82 -0.38
C ALA C 246 -15.99 31.15 0.99
N THR C 247 -15.89 29.82 1.02
CA THR C 247 -15.84 29.08 2.28
C THR C 247 -14.39 28.85 2.70
N ALA C 248 -13.66 29.95 2.78
CA ALA C 248 -12.29 29.94 3.28
C ALA C 248 -12.07 30.94 4.39
N LEU C 249 -12.75 32.09 4.34
CA LEU C 249 -12.68 33.02 5.47
C LEU C 249 -13.50 32.51 6.65
N TYR C 250 -14.55 31.73 6.37
CA TYR C 250 -15.35 31.16 7.44
C TYR C 250 -14.53 30.15 8.24
N ARG C 251 -13.58 29.49 7.57
CA ARG C 251 -12.75 28.48 8.23
C ARG C 251 -11.85 29.08 9.30
N THR C 252 -11.56 30.39 9.23
CA THR C 252 -10.67 31.03 10.19
C THR C 252 -11.41 32.01 11.09
N ASP C 253 -12.31 32.83 10.53
CA ASP C 253 -13.07 33.76 11.36
C ASP C 253 -14.07 33.02 12.23
N TYR C 254 -14.98 32.26 11.57
CA TYR C 254 -16.03 31.45 12.26
C TYR C 254 -15.40 30.10 12.54
N SER C 255 -14.42 30.02 13.44
CA SER C 255 -13.65 28.81 13.66
C SER C 255 -14.04 28.15 14.96
N GLY C 256 -14.32 26.85 14.91
CA GLY C 256 -14.55 26.06 16.10
C GLY C 256 -16.01 25.68 16.28
N ARG C 257 -16.24 24.42 16.61
CA ARG C 257 -17.59 24.00 16.99
C ARG C 257 -17.94 24.55 18.36
N GLY C 258 -19.09 25.22 18.44
CA GLY C 258 -19.51 25.76 19.71
C GLY C 258 -18.83 27.08 20.05
N GLU C 259 -17.55 27.18 19.73
CA GLU C 259 -16.89 28.49 19.74
C GLU C 259 -17.72 29.40 18.83
N LEU C 260 -18.00 28.95 17.60
CA LEU C 260 -18.77 29.74 16.62
C LEU C 260 -19.70 28.79 15.84
N SER C 261 -20.85 28.42 16.42
CA SER C 261 -21.87 27.58 15.74
C SER C 261 -22.63 28.44 14.73
N ALA C 262 -22.47 29.77 14.79
CA ALA C 262 -23.12 30.72 13.87
C ALA C 262 -22.34 30.81 12.55
N ARG C 263 -21.38 29.90 12.31
CA ARG C 263 -20.66 29.84 11.02
C ARG C 263 -21.64 29.40 9.93
N GLN C 264 -22.50 28.42 10.20
CA GLN C 264 -23.38 27.82 9.16
C GLN C 264 -24.64 28.68 9.02
N MET C 265 -25.02 29.46 10.03
CA MET C 265 -26.08 30.44 9.89
C MET C 265 -25.66 31.59 8.97
N HIS C 266 -24.47 32.14 9.22
CA HIS C 266 -23.99 33.24 8.39
C HIS C 266 -23.74 32.78 6.97
N LEU C 267 -23.25 31.56 6.80
CA LEU C 267 -23.03 30.98 5.48
C LEU C 267 -24.34 30.83 4.74
N ALA C 268 -25.39 30.44 5.47
CA ALA C 268 -26.72 30.32 4.88
C ALA C 268 -27.21 31.68 4.39
N ARG C 269 -27.03 32.72 5.20
CA ARG C 269 -27.41 34.06 4.75
C ARG C 269 -26.59 34.51 3.55
N PHE C 270 -25.29 34.19 3.54
CA PHE C 270 -24.42 34.52 2.43
C PHE C 270 -24.91 33.88 1.14
N LEU C 271 -25.17 32.56 1.19
CA LEU C 271 -25.67 31.86 0.01
C LEU C 271 -27.05 32.34 -0.37
N ARG C 272 -27.85 32.80 0.61
CA ARG C 272 -29.14 33.39 0.30
C ARG C 272 -28.97 34.67 -0.52
N MET C 273 -27.98 35.48 -0.15
CA MET C 273 -27.66 36.67 -0.92
C MET C 273 -27.22 36.29 -2.33
N LEU C 274 -26.43 35.22 -2.44
CA LEU C 274 -26.00 34.73 -3.75
C LEU C 274 -27.20 34.33 -4.61
N LEU C 275 -28.14 33.61 -4.00
CA LEU C 275 -29.38 33.22 -4.73
C LEU C 275 -30.08 34.49 -5.20
N ARG C 276 -30.23 35.47 -4.30
CA ARG C 276 -30.94 36.72 -4.65
C ARG C 276 -30.28 37.37 -5.86
N LEU C 277 -28.96 37.57 -5.81
CA LEU C 277 -28.24 38.26 -6.92
C LEU C 277 -28.41 37.43 -8.20
N ALA C 278 -28.16 36.13 -8.13
CA ALA C 278 -28.24 35.27 -9.34
C ALA C 278 -29.65 35.36 -9.92
N ASP C 279 -30.67 35.34 -9.06
CA ASP C 279 -32.07 35.38 -9.54
C ASP C 279 -32.37 36.74 -10.16
N GLU C 280 -31.88 37.82 -9.55
CA GLU C 280 -32.21 39.18 -10.05
C GLU C 280 -31.56 39.46 -11.40
N PHE C 281 -30.24 39.23 -11.54
CA PHE C 281 -29.55 39.62 -12.79
C PHE C 281 -28.99 38.40 -13.54
N GLY C 282 -29.55 37.21 -13.30
CA GLY C 282 -29.12 36.01 -14.05
C GLY C 282 -27.61 35.89 -14.08
N VAL C 283 -26.96 36.02 -12.92
CA VAL C 283 -25.47 35.97 -12.85
C VAL C 283 -25.03 34.55 -12.45
N ALA C 284 -24.15 33.93 -13.25
CA ALA C 284 -23.63 32.60 -12.89
C ALA C 284 -22.70 32.75 -11.68
N VAL C 285 -23.21 32.52 -10.47
CA VAL C 285 -22.37 32.76 -9.31
C VAL C 285 -21.46 31.55 -9.12
N VAL C 286 -20.27 31.61 -9.71
CA VAL C 286 -19.35 30.47 -9.66
C VAL C 286 -18.54 30.55 -8.38
N ILE C 287 -19.11 30.05 -7.28
CA ILE C 287 -18.41 29.94 -6.01
C ILE C 287 -17.34 28.87 -6.14
N THR C 288 -16.25 29.01 -5.40
CA THR C 288 -15.29 27.92 -5.26
C THR C 288 -15.30 27.49 -3.79
N ASN C 289 -14.61 26.39 -3.48
CA ASN C 289 -14.65 25.80 -2.11
C ASN C 289 -13.30 25.15 -1.79
N GLN C 290 -12.99 24.98 -0.50
CA GLN C 290 -11.74 24.30 -0.05
C GLN C 290 -12.10 22.82 0.18
N VAL C 291 -11.32 22.07 0.95
CA VAL C 291 -11.66 20.66 1.29
C VAL C 291 -11.02 20.25 2.61
N VAL C 292 -11.62 19.29 3.32
CA VAL C 292 -11.17 18.80 4.61
C VAL C 292 -11.12 17.29 4.53
N ALA C 293 -9.96 16.73 4.91
CA ALA C 293 -9.72 15.27 4.80
C ALA C 293 -10.63 14.50 5.74
N GLN C 294 -11.01 13.29 5.34
CA GLN C 294 -11.84 12.42 6.21
C GLN C 294 -10.86 11.77 7.21
N VAL C 295 -10.54 12.48 8.30
CA VAL C 295 -9.65 11.93 9.36
C VAL C 295 -10.31 10.65 9.90
N ASP C 296 -11.62 10.47 9.65
CA ASP C 296 -12.36 9.28 10.06
C ASP C 296 -11.56 8.01 9.81
N GLY C 297 -11.63 7.10 10.77
CA GLY C 297 -10.92 5.82 10.71
C GLY C 297 -11.06 5.08 9.39
N ALA C 298 -12.17 5.32 8.68
CA ALA C 298 -12.36 4.75 7.36
C ALA C 298 -11.61 5.58 6.31
N ALA C 299 -10.28 5.67 6.46
CA ALA C 299 -9.44 6.40 5.53
C ALA C 299 -8.90 5.50 4.41
N MET C 300 -9.31 4.24 4.36
CA MET C 300 -8.94 3.34 3.27
C MET C 300 -9.75 3.72 2.04
N PHE C 301 -10.74 4.59 2.25
CA PHE C 301 -11.67 4.99 1.16
C PHE C 301 -10.92 5.63 0.02
N ALA C 302 -11.53 5.60 -1.16
CA ALA C 302 -10.90 6.23 -2.34
C ALA C 302 -11.44 7.65 -2.51
N ALA C 303 -11.28 8.25 -3.70
CA ALA C 303 -11.68 9.65 -3.91
C ALA C 303 -10.91 10.52 -2.91
N ASP C 304 -9.83 9.97 -2.34
CA ASP C 304 -9.07 10.69 -1.28
C ASP C 304 -10.02 10.88 -0.08
N PRO C 305 -9.55 11.31 1.10
CA PRO C 305 -10.49 11.60 2.23
C PRO C 305 -11.12 12.95 1.93
N LYS C 306 -11.60 13.14 0.69
CA LYS C 306 -12.11 14.48 0.29
C LYS C 306 -13.55 14.73 0.77
N LYS C 307 -13.76 15.84 1.47
CA LYS C 307 -15.08 16.26 1.93
C LYS C 307 -15.19 17.78 1.81
N PRO C 308 -15.82 18.28 0.74
CA PRO C 308 -15.91 19.73 0.55
C PRO C 308 -16.28 20.50 1.81
N ILE C 309 -15.39 21.43 2.20
CA ILE C 309 -15.60 22.22 3.46
C ILE C 309 -16.96 22.93 3.35
N GLY C 310 -17.60 23.23 4.48
CA GLY C 310 -18.95 23.81 4.44
C GLY C 310 -19.93 22.66 4.28
N GLY C 311 -20.79 22.43 5.28
CA GLY C 311 -21.66 21.24 5.24
C GLY C 311 -22.89 21.42 4.36
N ASN C 312 -23.99 20.76 4.73
CA ASN C 312 -25.22 20.80 3.91
C ASN C 312 -25.55 22.25 3.52
N ILE C 313 -25.30 23.21 4.42
CA ILE C 313 -25.67 24.63 4.15
C ILE C 313 -25.14 25.05 2.77
N ILE C 314 -23.91 24.67 2.42
CA ILE C 314 -23.31 25.16 1.15
C ILE C 314 -23.41 24.11 0.02
N ALA C 315 -24.07 22.97 0.27
CA ALA C 315 -24.05 21.90 -0.74
C ALA C 315 -25.34 21.84 -1.57
N HIS C 316 -26.32 22.71 -1.33
CA HIS C 316 -27.62 22.56 -2.05
C HIS C 316 -27.95 23.87 -2.76
N ALA C 317 -27.56 25.00 -2.19
CA ALA C 317 -27.76 26.27 -2.92
C ALA C 317 -27.01 26.14 -4.23
N SER C 318 -25.92 25.35 -4.24
CA SER C 318 -25.13 25.11 -5.48
C SER C 318 -25.87 24.13 -6.39
N THR C 319 -26.05 24.49 -7.66
CA THR C 319 -26.72 23.59 -8.64
C THR C 319 -25.77 22.49 -9.05
N THR C 320 -24.54 22.87 -9.45
CA THR C 320 -23.54 21.87 -9.89
C THR C 320 -22.42 21.81 -8.86
N ARG C 321 -21.48 20.89 -9.00
CA ARG C 321 -20.45 20.76 -7.97
C ARG C 321 -19.16 20.14 -8.49
N LEU C 322 -18.66 20.64 -9.62
CA LEU C 322 -17.42 20.14 -10.22
C LEU C 322 -16.35 19.87 -9.17
N TYR C 323 -15.80 18.66 -9.19
CA TYR C 323 -14.80 18.20 -8.23
C TYR C 323 -13.50 17.97 -8.99
N LEU C 324 -12.62 18.97 -8.97
CA LEU C 324 -11.35 18.90 -9.69
C LEU C 324 -10.30 18.17 -8.85
N ARG C 325 -9.50 17.36 -9.53
CA ARG C 325 -8.44 16.60 -8.88
C ARG C 325 -7.22 16.57 -9.79
N LYS C 326 -6.04 16.51 -9.17
CA LYS C 326 -4.79 16.48 -9.92
C LYS C 326 -4.66 15.15 -10.65
N GLY C 327 -4.94 15.14 -11.95
CA GLY C 327 -4.80 13.92 -12.71
C GLY C 327 -3.36 13.55 -13.02
N ARG C 328 -2.69 14.29 -13.92
CA ARG C 328 -1.28 14.00 -14.31
C ARG C 328 -0.62 15.24 -14.95
N GLY C 329 0.06 16.08 -14.18
CA GLY C 329 0.70 17.26 -14.73
C GLY C 329 -0.29 18.32 -15.17
N GLU C 330 -0.11 18.80 -16.39
CA GLU C 330 -1.01 19.81 -16.94
C GLU C 330 -2.42 19.27 -17.10
N THR C 331 -2.57 18.05 -17.59
CA THR C 331 -3.90 17.46 -17.75
C THR C 331 -4.45 17.10 -16.37
N ARG C 332 -5.68 17.54 -16.09
CA ARG C 332 -6.30 17.36 -14.79
C ARG C 332 -7.73 16.90 -15.00
N ILE C 333 -8.26 16.14 -14.04
CA ILE C 333 -9.63 15.58 -14.18
C ILE C 333 -10.63 16.55 -13.54
N CYS C 334 -11.84 16.59 -14.06
CA CYS C 334 -12.94 17.44 -13.52
C CYS C 334 -14.23 16.60 -13.47
N LYS C 335 -14.50 16.00 -12.31
CA LYS C 335 -15.71 15.16 -12.14
C LYS C 335 -16.93 16.08 -12.00
N ILE C 336 -18.15 15.52 -11.96
CA ILE C 336 -19.37 16.34 -11.71
C ILE C 336 -20.11 15.76 -10.49
N TYR C 337 -20.33 16.59 -9.47
CA TYR C 337 -21.05 16.13 -8.24
C TYR C 337 -22.41 16.80 -8.19
N ASP C 338 -23.33 16.25 -7.39
CA ASP C 338 -24.71 16.80 -7.31
C ASP C 338 -25.23 17.04 -8.73
N SER C 339 -25.93 18.16 -8.96
CA SER C 339 -26.42 18.53 -10.32
C SER C 339 -27.82 17.98 -10.62
N PRO C 340 -28.91 18.78 -10.57
CA PRO C 340 -30.27 18.29 -10.97
C PRO C 340 -30.18 17.66 -12.36
N CYS C 341 -29.53 18.37 -13.29
CA CYS C 341 -29.30 17.80 -14.64
C CYS C 341 -27.78 17.59 -14.78
N LEU C 342 -27.35 16.74 -15.73
CA LEU C 342 -25.90 16.47 -15.96
C LEU C 342 -25.42 15.34 -15.02
N PRO C 343 -25.31 14.09 -15.51
CA PRO C 343 -24.85 12.91 -14.71
C PRO C 343 -23.34 12.95 -14.52
N GLU C 344 -22.81 12.02 -13.74
CA GLU C 344 -21.35 12.00 -13.45
C GLU C 344 -20.56 11.81 -14.75
N ALA C 345 -19.51 12.61 -14.96
CA ALA C 345 -18.65 12.50 -16.16
C ALA C 345 -17.40 13.35 -15.90
N GLU C 346 -16.36 13.26 -16.74
CA GLU C 346 -15.15 14.05 -16.37
C GLU C 346 -14.65 14.90 -17.55
N ALA C 347 -13.44 15.46 -17.45
CA ALA C 347 -12.88 16.30 -18.48
C ALA C 347 -11.39 16.50 -18.24
N MET C 348 -10.57 16.30 -19.29
CA MET C 348 -9.09 16.37 -19.18
C MET C 348 -8.62 17.81 -19.42
N PHE C 349 -9.17 18.78 -18.69
CA PHE C 349 -8.78 20.17 -18.87
C PHE C 349 -7.33 20.37 -18.46
N ALA C 350 -6.59 21.11 -19.27
CA ALA C 350 -5.16 21.33 -19.07
C ALA C 350 -4.94 22.81 -18.78
N ILE C 351 -4.28 23.10 -17.66
CA ILE C 351 -3.94 24.47 -17.32
C ILE C 351 -2.57 24.81 -17.90
N ASN C 352 -2.56 25.54 -19.00
CA ASN C 352 -1.36 25.96 -19.69
C ASN C 352 -1.06 27.42 -19.39
N ALA C 353 -0.03 27.96 -20.03
CA ALA C 353 0.30 29.36 -19.86
C ALA C 353 -0.79 30.26 -20.45
N ASP C 354 -1.43 29.82 -21.54
CA ASP C 354 -2.47 30.62 -22.16
C ASP C 354 -3.72 30.67 -21.30
N GLY C 355 -3.89 29.71 -20.39
CA GLY C 355 -5.06 29.63 -19.55
C GLY C 355 -5.48 28.20 -19.29
N VAL C 356 -6.74 27.88 -19.60
CA VAL C 356 -7.22 26.51 -19.63
C VAL C 356 -7.48 26.14 -21.09
N GLY C 357 -6.99 24.97 -21.50
CA GLY C 357 -7.12 24.54 -22.88
C GLY C 357 -6.85 23.07 -23.08
N ASP C 358 -6.43 22.71 -24.28
CA ASP C 358 -6.14 21.31 -24.61
C ASP C 358 -4.89 21.20 -25.46
N PRO F 44 -64.53 18.15 -3.01
CA PRO F 44 -64.51 19.54 -3.46
C PRO F 44 -65.87 20.00 -3.98
N GLN F 45 -66.14 21.30 -3.86
CA GLN F 45 -67.39 21.90 -4.31
C GLN F 45 -67.15 23.36 -4.67
N PRO F 46 -67.59 23.80 -5.84
CA PRO F 46 -67.36 25.21 -6.24
C PRO F 46 -68.01 26.18 -5.25
N ILE F 47 -67.32 27.30 -5.02
CA ILE F 47 -67.81 28.30 -4.06
C ILE F 47 -69.11 28.94 -4.53
N SER F 48 -69.39 28.90 -5.83
CA SER F 48 -70.66 29.42 -6.34
C SER F 48 -71.84 28.60 -5.83
N ARG F 49 -71.60 27.33 -5.49
CA ARG F 49 -72.68 26.48 -4.96
C ARG F 49 -73.14 26.94 -3.59
N LEU F 50 -72.36 27.75 -2.89
CA LEU F 50 -72.75 28.25 -1.57
C LEU F 50 -73.60 29.50 -1.69
N GLU F 51 -74.79 29.37 -2.28
CA GLU F 51 -75.76 30.44 -2.39
C GLU F 51 -77.14 29.93 -2.00
N GLN F 52 -77.18 28.78 -1.31
CA GLN F 52 -78.46 28.09 -1.00
C GLN F 52 -79.38 28.92 -0.08
N CYS F 53 -78.96 29.34 1.12
CA CYS F 53 -79.87 30.04 2.03
C CYS F 53 -79.62 31.54 1.95
N GLY F 54 -79.86 32.10 0.76
CA GLY F 54 -79.75 33.53 0.56
C GLY F 54 -78.39 34.08 0.93
N ILE F 55 -77.33 33.32 0.65
CA ILE F 55 -75.97 33.71 1.11
C ILE F 55 -75.68 35.11 0.55
N ASN F 56 -75.19 36.03 1.39
CA ASN F 56 -74.96 37.44 0.97
C ASN F 56 -74.20 37.50 -0.36
N ALA F 57 -74.47 38.51 -1.18
CA ALA F 57 -73.86 38.66 -2.53
C ALA F 57 -72.33 38.81 -2.46
N ASN F 58 -71.80 39.76 -1.68
CA ASN F 58 -70.37 40.04 -1.66
C ASN F 58 -69.64 39.19 -0.63
N ASP F 59 -70.26 38.09 -0.16
CA ASP F 59 -69.58 37.14 0.75
C ASP F 59 -68.44 36.46 -0.01
N VAL F 60 -68.41 36.51 -1.34
CA VAL F 60 -67.45 35.76 -2.15
C VAL F 60 -66.02 36.21 -1.86
N LYS F 61 -65.69 37.46 -2.18
CA LYS F 61 -64.30 37.90 -2.14
C LYS F 61 -63.75 37.88 -0.72
N LYS F 62 -64.57 38.28 0.25
CA LYS F 62 -64.13 38.30 1.67
C LYS F 62 -63.91 36.86 2.13
N LEU F 63 -64.62 35.89 1.54
CA LEU F 63 -64.35 34.47 1.87
C LEU F 63 -63.03 34.08 1.20
N GLU F 64 -62.84 34.40 -0.09
CA GLU F 64 -61.64 33.96 -0.81
C GLU F 64 -60.38 34.70 -0.35
N GLU F 65 -60.50 35.73 0.49
CA GLU F 65 -59.29 36.44 0.91
C GLU F 65 -58.32 35.51 1.61
N ALA F 66 -58.84 34.57 2.40
CA ALA F 66 -57.97 33.56 3.07
C ALA F 66 -58.04 32.25 2.29
N GLY F 67 -57.84 32.32 0.97
CA GLY F 67 -57.96 31.12 0.13
C GLY F 67 -59.41 30.66 0.10
N TYR F 68 -59.71 29.53 0.76
CA TYR F 68 -61.13 29.07 0.86
C TYR F 68 -61.82 29.24 -0.49
N HIS F 69 -61.18 28.80 -1.57
CA HIS F 69 -61.75 29.00 -2.94
C HIS F 69 -62.83 27.95 -3.24
N THR F 70 -63.07 27.03 -2.29
CA THR F 70 -64.10 25.98 -2.49
C THR F 70 -65.02 25.96 -1.28
N VAL F 71 -66.22 25.41 -1.43
CA VAL F 71 -67.10 25.26 -0.27
C VAL F 71 -66.45 24.35 0.76
N GLU F 72 -65.77 23.29 0.29
CA GLU F 72 -65.10 22.38 1.21
C GLU F 72 -63.97 23.07 1.96
N ALA F 73 -63.46 24.17 1.40
CA ALA F 73 -62.36 24.88 2.05
C ALA F 73 -62.81 25.51 3.37
N VAL F 74 -63.92 26.26 3.34
CA VAL F 74 -64.49 26.76 4.58
C VAL F 74 -65.04 25.61 5.40
N ALA F 75 -65.53 24.55 4.75
CA ALA F 75 -65.92 23.35 5.47
C ALA F 75 -64.74 22.68 6.18
N TYR F 76 -63.51 23.00 5.78
CA TYR F 76 -62.31 22.49 6.43
C TYR F 76 -61.66 23.50 7.37
N ALA F 77 -62.34 24.62 7.65
CA ALA F 77 -61.75 25.62 8.54
C ALA F 77 -62.69 25.94 9.70
N PRO F 78 -62.13 26.14 10.91
CA PRO F 78 -62.99 26.37 12.08
C PRO F 78 -63.66 27.73 12.10
N LYS F 79 -64.52 27.96 13.10
CA LYS F 79 -65.23 29.23 13.18
C LYS F 79 -64.27 30.37 13.48
N LYS F 80 -63.12 30.06 14.09
CA LYS F 80 -62.17 31.09 14.49
C LYS F 80 -61.65 31.86 13.29
N GLU F 81 -61.33 31.16 12.20
CA GLU F 81 -60.86 31.85 11.00
C GLU F 81 -61.92 32.80 10.46
N LEU F 82 -63.15 32.31 10.34
CA LEU F 82 -64.23 33.12 9.79
C LEU F 82 -64.50 34.34 10.65
N ILE F 83 -64.43 34.18 11.98
CA ILE F 83 -64.59 35.31 12.88
C ILE F 83 -63.48 36.33 12.66
N ASN F 84 -62.24 35.83 12.52
CA ASN F 84 -61.06 36.72 12.35
C ASN F 84 -61.19 37.48 11.02
N ILE F 85 -61.75 36.85 9.98
CA ILE F 85 -61.86 37.47 8.66
C ILE F 85 -62.69 38.75 8.76
N LYS F 86 -62.07 39.88 8.44
CA LYS F 86 -62.76 41.15 8.41
C LYS F 86 -63.47 41.31 7.06
N GLY F 87 -64.57 42.08 7.07
CA GLY F 87 -65.39 42.18 5.85
C GLY F 87 -66.45 41.10 5.89
N ILE F 88 -66.06 39.85 6.18
CA ILE F 88 -67.01 38.70 6.21
C ILE F 88 -67.93 38.82 7.45
N SER F 89 -67.40 39.30 8.58
CA SER F 89 -68.20 39.39 9.83
C SER F 89 -68.86 38.04 10.14
N GLU F 90 -70.18 38.03 10.31
CA GLU F 90 -70.92 36.76 10.56
C GLU F 90 -71.99 36.59 9.47
N ALA F 91 -72.25 35.35 9.07
CA ALA F 91 -73.26 35.07 8.02
C ALA F 91 -74.66 35.03 8.63
N LYS F 92 -75.63 34.49 7.88
CA LYS F 92 -77.03 34.37 8.40
C LYS F 92 -77.06 33.39 9.57
N ALA F 93 -76.97 33.90 10.80
CA ALA F 93 -77.03 33.03 12.01
C ALA F 93 -76.03 31.89 11.89
N ASP F 94 -74.74 32.21 11.73
CA ASP F 94 -73.68 31.16 11.66
C ASP F 94 -74.07 30.09 10.63
N LYS F 95 -74.65 30.51 9.50
CA LYS F 95 -74.98 29.54 8.43
C LYS F 95 -73.70 28.82 8.02
N ILE F 96 -72.62 29.57 7.77
CA ILE F 96 -71.32 28.96 7.34
C ILE F 96 -71.06 27.68 8.16
N LEU F 97 -71.18 27.75 9.48
CA LEU F 97 -70.86 26.58 10.34
C LEU F 97 -71.98 25.53 10.22
N THR F 98 -73.24 25.95 10.34
CA THR F 98 -74.37 25.02 10.27
C THR F 98 -74.48 24.39 8.89
N GLU F 99 -74.11 25.11 7.84
CA GLU F 99 -74.08 24.58 6.49
C GLU F 99 -72.70 23.98 6.20
N ALA F 100 -72.55 23.41 5.00
CA ALA F 100 -71.32 22.76 4.55
C ALA F 100 -71.09 21.48 5.34
N ALA F 101 -71.94 21.21 6.34
CA ALA F 101 -72.01 19.89 6.95
C ALA F 101 -73.04 19.04 6.22
N LYS F 102 -74.02 19.71 5.60
CA LYS F 102 -75.07 18.99 4.87
C LYS F 102 -74.53 18.33 3.61
N LEU F 103 -73.54 18.97 2.97
CA LEU F 103 -73.07 18.53 1.66
C LEU F 103 -71.79 17.69 1.73
N VAL F 104 -71.27 17.41 2.92
CA VAL F 104 -70.14 16.50 3.05
C VAL F 104 -70.39 15.62 4.28
N PRO F 105 -70.02 14.34 4.24
CA PRO F 105 -70.11 13.52 5.45
C PRO F 105 -68.96 13.80 6.42
N MET F 106 -68.93 15.02 6.97
CA MET F 106 -67.85 15.40 7.91
C MET F 106 -68.14 14.80 9.28
N GLY F 107 -69.10 13.86 9.37
CA GLY F 107 -69.39 13.17 10.64
C GLY F 107 -68.66 11.85 10.73
N PHE F 108 -69.40 10.73 10.73
CA PHE F 108 -68.79 9.38 10.81
C PHE F 108 -69.28 8.56 9.62
N THR F 109 -68.40 7.77 9.02
CA THR F 109 -68.82 6.83 7.95
C THR F 109 -68.52 5.45 8.47
N THR F 110 -67.75 4.65 7.72
CA THR F 110 -67.31 3.33 8.22
C THR F 110 -66.03 2.96 7.52
N ALA F 111 -65.17 2.18 8.18
CA ALA F 111 -63.90 1.75 7.55
C ALA F 111 -64.23 0.92 6.30
N THR F 112 -65.34 0.18 6.32
CA THR F 112 -65.75 -0.55 5.10
C THR F 112 -66.01 0.47 4.01
N GLU F 113 -66.75 1.54 4.33
CA GLU F 113 -66.95 2.62 3.33
C GLU F 113 -65.58 3.23 3.02
N PHE F 114 -64.75 3.43 4.05
CA PHE F 114 -63.42 3.94 3.80
C PHE F 114 -62.66 3.00 2.87
N HIS F 115 -62.86 1.69 3.00
CA HIS F 115 -62.24 0.74 2.08
C HIS F 115 -62.87 0.81 0.70
N GLN F 116 -64.17 1.14 0.63
CA GLN F 116 -64.80 1.39 -0.65
C GLN F 116 -64.14 2.55 -1.39
N ARG F 117 -63.78 3.62 -0.68
CA ARG F 117 -63.01 4.69 -1.29
C ARG F 117 -61.51 4.41 -1.34
N ARG F 118 -61.03 3.42 -0.58
CA ARG F 118 -59.63 3.03 -0.57
C ARG F 118 -59.33 1.92 -1.57
N SER F 119 -59.81 2.10 -2.80
CA SER F 119 -59.38 1.32 -3.94
C SER F 119 -59.12 2.20 -5.15
N GLU F 120 -59.50 3.47 -5.09
CA GLU F 120 -59.17 4.47 -6.10
C GLU F 120 -58.05 5.38 -5.63
N ILE F 121 -57.32 4.97 -4.59
CA ILE F 121 -56.19 5.74 -4.08
C ILE F 121 -55.00 5.52 -5.00
N ILE F 122 -54.89 6.40 -6.02
CA ILE F 122 -53.81 6.27 -7.04
C ILE F 122 -52.47 6.16 -6.31
N GLN F 123 -51.63 5.22 -6.75
CA GLN F 123 -50.27 5.07 -6.19
C GLN F 123 -49.30 5.41 -7.33
N ILE F 124 -49.00 6.69 -7.54
CA ILE F 124 -48.14 7.15 -8.67
C ILE F 124 -46.92 6.23 -8.79
N THR F 125 -46.74 5.53 -9.91
CA THR F 125 -45.54 4.73 -10.10
C THR F 125 -44.30 5.56 -9.84
N THR F 126 -43.27 4.89 -9.33
CA THR F 126 -41.98 5.51 -9.03
C THR F 126 -41.10 5.69 -10.26
N GLY F 127 -41.51 5.18 -11.42
CA GLY F 127 -40.68 5.12 -12.59
C GLY F 127 -39.93 3.81 -12.72
N SER F 128 -39.34 3.32 -11.63
CA SER F 128 -38.78 1.98 -11.58
C SER F 128 -39.85 1.02 -11.08
N LYS F 129 -39.44 -0.19 -10.71
CA LYS F 129 -40.40 -1.18 -10.22
C LYS F 129 -40.09 -1.61 -8.80
N GLU F 130 -38.82 -1.52 -8.39
CA GLU F 130 -38.45 -1.91 -7.03
C GLU F 130 -39.06 -0.98 -6.00
N LEU F 131 -38.95 0.34 -6.20
CA LEU F 131 -39.61 1.27 -5.29
C LEU F 131 -41.12 1.13 -5.35
N ASP F 132 -41.67 0.82 -6.53
CA ASP F 132 -43.09 0.54 -6.63
C ASP F 132 -43.48 -0.63 -5.73
N LYS F 133 -42.63 -1.66 -5.69
CA LYS F 133 -42.86 -2.79 -4.80
C LYS F 133 -42.79 -2.36 -3.34
N LEU F 134 -41.76 -1.57 -2.98
CA LEU F 134 -41.62 -1.13 -1.61
C LEU F 134 -42.75 -0.19 -1.20
N LEU F 135 -43.25 0.59 -2.18
CA LEU F 135 -44.28 1.64 -1.95
C LEU F 135 -45.70 1.06 -1.92
N GLN F 136 -45.85 -0.24 -2.18
CA GLN F 136 -47.16 -0.88 -2.26
C GLN F 136 -48.02 -0.26 -3.37
N GLY F 137 -47.39 -0.04 -4.51
CA GLY F 137 -48.07 0.55 -5.65
C GLY F 137 -47.47 1.87 -6.06
N GLY F 138 -47.01 2.65 -5.08
CA GLY F 138 -46.42 3.94 -5.36
C GLY F 138 -46.71 4.98 -4.29
N ILE F 139 -47.13 6.17 -4.72
CA ILE F 139 -47.39 7.28 -3.81
C ILE F 139 -48.88 7.30 -3.53
N GLU F 140 -49.27 6.84 -2.35
CA GLU F 140 -50.68 6.82 -1.99
C GLU F 140 -51.22 8.24 -1.81
N THR F 141 -52.42 8.45 -2.33
CA THR F 141 -53.06 9.77 -2.32
C THR F 141 -53.67 10.01 -0.94
N GLY F 142 -54.08 11.25 -0.68
CA GLY F 142 -54.64 11.58 0.63
C GLY F 142 -53.64 11.50 1.75
N SER F 143 -52.38 11.84 1.48
CA SER F 143 -51.32 11.83 2.48
C SER F 143 -50.32 12.91 2.08
N ILE F 144 -49.13 12.84 2.68
CA ILE F 144 -48.02 13.73 2.32
C ILE F 144 -46.72 12.96 2.49
N THR F 145 -45.99 12.80 1.39
CA THR F 145 -44.72 12.08 1.38
C THR F 145 -43.58 13.05 1.72
N GLU F 146 -42.42 12.48 2.06
CA GLU F 146 -41.26 13.29 2.39
C GLU F 146 -40.00 12.49 2.12
N MET F 147 -38.89 13.21 1.90
CA MET F 147 -37.61 12.58 1.61
C MET F 147 -36.49 13.42 2.20
N PHE F 148 -35.34 12.77 2.39
CA PHE F 148 -34.11 13.38 2.87
C PHE F 148 -32.98 13.08 1.88
N GLY F 149 -31.75 13.22 2.37
CA GLY F 149 -30.58 12.91 1.53
C GLY F 149 -30.01 14.17 0.91
N GLU F 150 -28.84 14.59 1.36
CA GLU F 150 -28.27 15.86 0.86
C GLU F 150 -27.16 15.56 -0.16
N PHE F 151 -26.37 16.57 -0.54
CA PHE F 151 -25.33 16.39 -1.59
C PHE F 151 -26.02 15.72 -2.77
N ARG F 152 -25.37 14.73 -3.36
CA ARG F 152 -25.99 13.98 -4.47
C ARG F 152 -26.76 12.79 -3.87
N THR F 153 -28.10 12.85 -3.91
CA THR F 153 -28.93 11.78 -3.32
C THR F 153 -30.12 11.52 -4.21
N GLY F 154 -30.53 12.51 -5.01
CA GLY F 154 -31.59 12.28 -6.02
C GLY F 154 -32.99 12.52 -5.48
N LYS F 155 -33.32 13.76 -5.14
CA LYS F 155 -34.69 14.08 -4.71
C LYS F 155 -35.38 14.96 -5.73
N THR F 156 -34.63 15.80 -6.45
CA THR F 156 -35.21 16.72 -7.41
C THR F 156 -35.46 16.08 -8.77
N GLN F 157 -35.03 14.84 -8.97
CA GLN F 157 -35.32 14.11 -10.20
C GLN F 157 -36.45 13.12 -10.04
N ILE F 158 -36.58 12.49 -8.87
CA ILE F 158 -37.74 11.65 -8.61
C ILE F 158 -39.02 12.49 -8.66
N CYS F 159 -38.95 13.73 -8.20
CA CYS F 159 -40.11 14.62 -8.29
C CYS F 159 -40.40 15.07 -9.72
N HIS F 160 -39.49 14.86 -10.66
CA HIS F 160 -39.77 15.13 -12.07
C HIS F 160 -40.38 13.91 -12.75
N THR F 161 -39.78 12.74 -12.49
CA THR F 161 -40.25 11.47 -13.06
C THR F 161 -41.60 11.16 -12.44
N LEU F 162 -41.88 11.65 -11.23
CA LEU F 162 -43.15 11.41 -10.55
C LEU F 162 -44.25 12.28 -11.12
N ALA F 163 -43.96 13.54 -11.43
CA ALA F 163 -44.94 14.41 -12.06
C ALA F 163 -45.32 13.88 -13.45
N VAL F 164 -44.32 13.61 -14.29
CA VAL F 164 -44.58 13.21 -15.71
C VAL F 164 -45.36 11.89 -15.73
N THR F 165 -45.12 10.98 -14.77
CA THR F 165 -45.79 9.67 -14.71
C THR F 165 -47.12 9.83 -13.98
N CYS F 166 -47.35 10.93 -13.25
CA CYS F 166 -48.66 11.24 -12.62
C CYS F 166 -49.61 11.83 -13.68
N GLN F 167 -49.08 12.46 -14.73
CA GLN F 167 -49.91 12.97 -15.85
C GLN F 167 -50.55 11.79 -16.59
N LEU F 168 -50.11 10.54 -16.35
CA LEU F 168 -50.61 9.39 -17.08
C LEU F 168 -52.06 9.07 -16.66
N PRO F 169 -52.80 8.31 -17.49
CA PRO F 169 -54.22 8.06 -17.22
C PRO F 169 -54.51 7.29 -15.94
N ILE F 170 -55.79 7.27 -15.55
CA ILE F 170 -56.28 6.69 -14.31
C ILE F 170 -55.95 5.21 -14.20
N ASP F 171 -56.13 4.47 -15.29
CA ASP F 171 -56.02 3.02 -15.29
C ASP F 171 -54.67 2.55 -14.77
N ARG F 172 -53.58 3.12 -15.29
CA ARG F 172 -52.26 2.81 -14.78
C ARG F 172 -52.01 3.56 -13.47
N GLY F 173 -50.75 3.52 -13.00
CA GLY F 173 -50.40 4.22 -11.76
C GLY F 173 -50.48 5.72 -11.92
N GLY F 174 -50.69 6.21 -13.15
CA GLY F 174 -50.72 7.66 -13.42
C GLY F 174 -51.90 8.33 -12.76
N GLY F 175 -53.13 7.93 -13.09
CA GLY F 175 -54.32 8.65 -12.58
C GLY F 175 -54.53 9.93 -13.37
N GLU F 176 -54.18 11.09 -12.81
CA GLU F 176 -54.26 12.36 -13.57
C GLU F 176 -53.07 13.24 -13.16
N GLY F 177 -52.50 14.02 -14.09
CA GLY F 177 -51.27 14.75 -13.75
C GLY F 177 -51.46 16.25 -13.63
N LYS F 178 -50.74 17.03 -14.44
CA LYS F 178 -50.80 18.51 -14.36
C LYS F 178 -50.33 18.94 -12.96
N ALA F 179 -49.30 18.27 -12.42
CA ALA F 179 -48.84 18.55 -11.04
C ALA F 179 -48.33 19.98 -10.87
N MET F 180 -48.49 20.54 -9.67
CA MET F 180 -47.96 21.87 -9.36
C MET F 180 -46.65 21.69 -8.61
N TYR F 181 -45.52 21.94 -9.30
CA TYR F 181 -44.17 21.70 -8.73
C TYR F 181 -43.64 22.97 -8.08
N ILE F 182 -43.68 23.06 -6.74
CA ILE F 182 -43.24 24.23 -5.98
C ILE F 182 -41.73 24.20 -5.82
N ASP F 183 -41.03 24.91 -6.70
CA ASP F 183 -39.58 25.00 -6.62
C ASP F 183 -39.16 26.17 -5.73
N THR F 184 -38.60 25.87 -4.55
CA THR F 184 -38.11 26.90 -3.64
C THR F 184 -36.59 26.94 -3.62
N GLU F 185 -35.95 26.30 -4.59
CA GLU F 185 -34.49 26.28 -4.66
C GLU F 185 -34.00 26.43 -6.08
N GLY F 186 -34.93 26.57 -7.03
CA GLY F 186 -34.58 26.74 -8.43
C GLY F 186 -34.15 25.49 -9.17
N THR F 187 -34.21 24.32 -8.52
CA THR F 187 -33.79 23.07 -9.15
C THR F 187 -34.99 22.44 -9.87
N PHE F 188 -35.27 22.97 -11.06
CA PHE F 188 -36.31 22.39 -11.92
C PHE F 188 -35.80 22.43 -13.34
N ARG F 189 -35.41 21.27 -13.87
CA ARG F 189 -34.97 21.18 -15.26
C ARG F 189 -36.02 20.44 -16.05
N PRO F 190 -36.79 21.12 -16.91
CA PRO F 190 -37.79 20.40 -17.71
C PRO F 190 -37.18 19.45 -18.73
N GLU F 191 -35.87 19.49 -18.92
CA GLU F 191 -35.22 18.49 -19.76
C GLU F 191 -35.41 17.09 -19.20
N ARG F 192 -35.40 16.96 -17.86
CA ARG F 192 -35.65 15.67 -17.25
C ARG F 192 -37.07 15.19 -17.53
N LEU F 193 -38.03 16.12 -17.63
CA LEU F 193 -39.38 15.73 -17.99
C LEU F 193 -39.41 15.07 -19.37
N LEU F 194 -38.69 15.66 -20.34
CA LEU F 194 -38.57 15.03 -21.65
C LEU F 194 -37.85 13.69 -21.56
N ALA F 195 -36.85 13.60 -20.68
CA ALA F 195 -36.10 12.35 -20.53
C ALA F 195 -37.00 11.21 -20.07
N VAL F 196 -37.94 11.52 -19.17
CA VAL F 196 -38.81 10.48 -18.56
C VAL F 196 -40.10 10.35 -19.39
N ALA F 197 -40.37 11.26 -20.32
CA ALA F 197 -41.54 11.17 -21.18
C ALA F 197 -41.44 10.00 -22.14
N GLU F 198 -40.31 9.88 -22.84
CA GLU F 198 -40.11 8.75 -23.73
C GLU F 198 -40.05 7.45 -22.93
N ARG F 199 -39.46 7.50 -21.74
CA ARG F 199 -39.36 6.30 -20.88
C ARG F 199 -40.77 5.79 -20.57
N TYR F 200 -41.76 6.68 -20.56
CA TYR F 200 -43.15 6.29 -20.21
C TYR F 200 -44.08 6.60 -21.39
N GLY F 201 -43.51 6.69 -22.60
CA GLY F 201 -44.33 6.94 -23.80
C GLY F 201 -45.35 8.05 -23.56
N LEU F 202 -44.86 9.25 -23.19
CA LEU F 202 -45.75 10.40 -22.95
C LEU F 202 -45.46 11.48 -24.00
N SER F 203 -46.47 12.27 -24.38
CA SER F 203 -46.28 13.35 -25.37
C SER F 203 -45.56 14.54 -24.71
N GLY F 204 -44.27 14.71 -25.03
CA GLY F 204 -43.49 15.80 -24.42
C GLY F 204 -44.28 17.09 -24.34
N SER F 205 -44.78 17.58 -25.48
CA SER F 205 -45.49 18.86 -25.47
C SER F 205 -46.64 18.82 -24.48
N ASP F 206 -47.44 17.75 -24.51
CA ASP F 206 -48.53 17.60 -23.57
C ASP F 206 -48.02 17.53 -22.13
N VAL F 207 -46.90 16.84 -21.93
CA VAL F 207 -46.30 16.70 -20.61
C VAL F 207 -45.97 18.08 -20.04
N LEU F 208 -45.35 18.93 -20.86
CA LEU F 208 -45.04 20.28 -20.41
C LEU F 208 -46.31 21.10 -20.19
N ASP F 209 -47.32 20.91 -21.04
CA ASP F 209 -48.57 21.62 -20.86
C ASP F 209 -49.23 21.26 -19.54
N ASN F 210 -49.22 19.99 -19.17
CA ASN F 210 -49.86 19.54 -17.94
C ASN F 210 -49.23 20.15 -16.70
N VAL F 211 -47.95 19.87 -16.46
CA VAL F 211 -47.31 20.32 -15.24
C VAL F 211 -47.22 21.83 -15.23
N ALA F 212 -47.69 22.43 -14.14
CA ALA F 212 -47.63 23.89 -13.93
C ALA F 212 -46.77 24.14 -12.69
N TYR F 213 -45.50 24.46 -12.94
CA TYR F 213 -44.51 24.68 -11.85
C TYR F 213 -44.42 26.15 -11.51
N ALA F 214 -44.03 26.48 -10.27
CA ALA F 214 -43.79 27.86 -9.87
C ALA F 214 -42.46 28.01 -9.15
N ARG F 215 -42.14 29.25 -8.76
CA ARG F 215 -40.89 29.55 -8.09
C ARG F 215 -41.16 30.26 -6.77
N GLY F 216 -40.81 29.63 -5.65
CA GLY F 216 -40.95 30.23 -4.34
C GLY F 216 -39.68 30.94 -3.92
N PHE F 217 -39.87 32.02 -3.18
CA PHE F 217 -38.76 32.88 -2.81
C PHE F 217 -38.57 32.91 -1.30
N ASN F 218 -39.64 33.18 -0.56
CA ASN F 218 -39.61 33.21 0.90
C ASN F 218 -40.82 32.46 1.44
N THR F 219 -40.85 32.30 2.77
CA THR F 219 -41.86 31.49 3.43
C THR F 219 -43.27 32.02 3.16
N ASP F 220 -43.41 33.35 3.18
CA ASP F 220 -44.72 34.02 2.94
C ASP F 220 -45.14 33.78 1.50
N HIS F 221 -44.17 33.62 0.60
CA HIS F 221 -44.47 33.31 -0.83
C HIS F 221 -44.77 31.82 -0.92
N GLN F 222 -44.11 30.99 -0.12
CA GLN F 222 -44.38 29.53 -0.11
C GLN F 222 -45.85 29.32 0.28
N THR F 223 -46.30 29.92 1.39
CA THR F 223 -47.65 29.71 1.91
C THR F 223 -48.71 30.24 0.96
N GLN F 224 -48.53 31.46 0.44
CA GLN F 224 -49.56 32.07 -0.38
C GLN F 224 -49.69 31.41 -1.75
N LEU F 225 -48.61 30.80 -2.24
CA LEU F 225 -48.66 30.15 -3.54
C LEU F 225 -49.70 29.05 -3.56
N LEU F 226 -49.79 28.25 -2.50
CA LEU F 226 -50.81 27.21 -2.46
C LEU F 226 -52.18 27.75 -2.07
N TYR F 227 -52.21 28.84 -1.28
CA TYR F 227 -53.50 29.48 -0.96
C TYR F 227 -54.16 29.89 -2.27
N GLN F 228 -53.36 30.17 -3.29
CA GLN F 228 -53.87 30.57 -4.63
C GLN F 228 -53.95 29.32 -5.52
N ALA F 229 -53.11 28.29 -5.31
CA ALA F 229 -53.18 27.01 -6.01
C ALA F 229 -54.51 26.32 -5.76
N GLU F 230 -55.13 26.56 -4.60
CA GLU F 230 -56.53 26.20 -4.41
C GLU F 230 -57.34 26.57 -5.65
N ASP F 231 -57.35 27.88 -5.97
CA ASP F 231 -58.12 28.39 -7.09
C ASP F 231 -57.65 27.81 -8.42
N MET F 232 -56.33 27.71 -8.61
CA MET F 232 -55.87 27.18 -9.89
C MET F 232 -56.11 25.68 -10.02
N MET F 233 -56.58 25.03 -8.95
CA MET F 233 -56.86 23.61 -9.07
C MET F 233 -58.37 23.42 -9.21
N VAL F 234 -59.16 24.35 -8.64
CA VAL F 234 -60.62 24.16 -8.61
C VAL F 234 -61.26 24.02 -9.98
N GLU F 235 -60.59 24.44 -11.05
CA GLU F 235 -61.15 24.42 -12.39
C GLU F 235 -60.61 23.32 -13.28
N SER F 236 -59.69 22.49 -12.79
CA SER F 236 -59.06 21.46 -13.60
C SER F 236 -58.94 20.21 -12.75
N ARG F 237 -58.14 19.25 -13.21
CA ARG F 237 -57.86 18.03 -12.46
C ARG F 237 -56.37 17.95 -12.19
N TYR F 238 -55.98 18.01 -10.91
CA TYR F 238 -54.61 17.82 -10.48
C TYR F 238 -54.56 16.66 -9.49
N ALA F 239 -53.39 16.06 -9.34
CA ALA F 239 -53.22 14.95 -8.41
C ALA F 239 -51.94 15.02 -7.60
N LEU F 240 -51.00 15.90 -7.92
CA LEU F 240 -49.68 15.87 -7.32
C LEU F 240 -49.22 17.29 -6.97
N LEU F 241 -48.61 17.43 -5.80
CA LEU F 241 -48.27 18.73 -5.23
C LEU F 241 -46.87 18.72 -4.62
N ILE F 242 -45.86 18.28 -5.38
CA ILE F 242 -44.49 18.32 -4.88
C ILE F 242 -44.13 19.72 -4.41
N VAL F 243 -43.77 19.85 -3.13
CA VAL F 243 -43.12 21.05 -2.63
C VAL F 243 -41.63 20.77 -2.53
N ASP F 244 -40.92 20.98 -3.64
CA ASP F 244 -39.46 20.69 -3.66
C ASP F 244 -38.71 21.61 -2.70
N SER F 245 -37.60 21.14 -2.14
CA SER F 245 -36.80 21.96 -1.21
C SER F 245 -37.73 22.60 -0.16
N ALA F 246 -38.56 21.80 0.49
CA ALA F 246 -39.41 22.33 1.58
C ALA F 246 -38.54 22.59 2.80
N THR F 247 -38.98 23.48 3.70
CA THR F 247 -38.19 23.84 4.90
C THR F 247 -36.80 24.28 4.48
N ALA F 248 -36.66 24.77 3.24
CA ALA F 248 -35.36 25.33 2.80
C ALA F 248 -35.34 26.81 3.13
N LEU F 249 -36.30 27.55 2.57
CA LEU F 249 -36.40 29.00 2.89
C LEU F 249 -36.40 29.23 4.40
N TYR F 250 -37.18 28.44 5.16
CA TYR F 250 -37.29 28.65 6.62
C TYR F 250 -35.89 28.64 7.24
N ARG F 251 -34.96 27.89 6.65
CA ARG F 251 -33.63 27.77 7.23
C ARG F 251 -32.84 29.07 7.12
N THR F 252 -32.99 29.78 5.99
CA THR F 252 -32.20 30.99 5.75
C THR F 252 -32.89 32.21 6.36
N ASP F 253 -34.21 32.31 6.16
CA ASP F 253 -34.96 33.44 6.69
C ASP F 253 -34.91 33.48 8.21
N TYR F 254 -35.44 32.45 8.85
CA TYR F 254 -35.41 32.35 10.30
C TYR F 254 -34.04 31.85 10.73
N SER F 255 -33.28 32.72 11.40
CA SER F 255 -31.87 32.48 11.69
C SER F 255 -31.66 31.25 12.56
N GLY F 256 -32.20 31.27 13.78
CA GLY F 256 -31.96 30.19 14.72
C GLY F 256 -32.53 30.47 16.09
N ARG F 257 -31.71 30.27 17.13
CA ARG F 257 -32.13 30.55 18.49
C ARG F 257 -32.54 32.02 18.61
N GLY F 258 -33.76 32.25 19.10
CA GLY F 258 -34.32 33.58 19.14
C GLY F 258 -35.34 33.86 18.06
N GLU F 259 -35.42 33.01 17.04
CA GLU F 259 -36.42 33.15 15.98
C GLU F 259 -36.98 31.78 15.65
N LEU F 260 -36.62 30.78 16.45
CA LEU F 260 -37.02 29.40 16.18
C LEU F 260 -38.53 29.21 16.31
N SER F 261 -39.14 29.85 17.31
CA SER F 261 -40.58 29.73 17.53
C SER F 261 -41.33 30.10 16.27
N ALA F 262 -40.97 31.23 15.67
CA ALA F 262 -41.63 31.68 14.46
C ALA F 262 -41.45 30.68 13.33
N ARG F 263 -40.25 30.10 13.22
CA ARG F 263 -39.97 29.17 12.12
C ARG F 263 -40.88 27.95 12.17
N GLN F 264 -40.91 27.27 13.31
CA GLN F 264 -41.72 26.07 13.43
C GLN F 264 -43.20 26.40 13.42
N MET F 265 -43.59 27.57 13.97
CA MET F 265 -45.02 27.96 14.03
C MET F 265 -45.47 28.36 12.62
N HIS F 266 -44.56 28.87 11.78
CA HIS F 266 -44.87 29.22 10.37
C HIS F 266 -44.79 27.92 9.56
N LEU F 267 -43.98 26.95 10.02
CA LEU F 267 -43.88 25.63 9.35
C LEU F 267 -45.18 24.88 9.61
N ALA F 268 -45.75 24.91 10.81
CA ALA F 268 -47.00 24.27 11.20
C ALA F 268 -48.16 24.81 10.38
N ARG F 269 -48.20 26.12 10.20
CA ARG F 269 -49.23 26.73 9.35
C ARG F 269 -49.15 26.15 7.94
N PHE F 270 -47.94 26.07 7.38
CA PHE F 270 -47.76 25.48 6.06
C PHE F 270 -48.27 24.05 6.00
N LEU F 271 -47.86 23.23 6.95
CA LEU F 271 -48.22 21.81 6.90
C LEU F 271 -49.71 21.61 7.06
N ARG F 272 -50.33 22.41 7.94
CA ARG F 272 -51.79 22.34 8.20
C ARG F 272 -52.50 22.74 6.91
N MET F 273 -52.11 23.83 6.23
CA MET F 273 -52.73 24.31 5.02
C MET F 273 -52.56 23.29 3.91
N LEU F 274 -51.37 22.67 3.85
CA LEU F 274 -51.10 21.64 2.85
C LEU F 274 -51.98 20.41 3.05
N LEU F 275 -52.17 20.02 4.31
CA LEU F 275 -53.06 18.89 4.63
C LEU F 275 -54.50 19.23 4.23
N ARG F 276 -54.90 20.48 4.46
CA ARG F 276 -56.21 20.94 4.02
C ARG F 276 -56.35 20.78 2.52
N LEU F 277 -55.33 21.18 1.76
CA LEU F 277 -55.37 21.02 0.31
C LEU F 277 -55.46 19.56 -0.08
N ALA F 278 -54.69 18.70 0.58
CA ALA F 278 -54.66 17.28 0.25
C ALA F 278 -56.02 16.64 0.48
N ASP F 279 -56.65 16.94 1.62
CA ASP F 279 -57.99 16.43 1.88
C ASP F 279 -59.03 17.16 1.04
N GLU F 280 -58.65 18.29 0.47
CA GLU F 280 -59.63 19.17 -0.16
C GLU F 280 -59.83 18.83 -1.63
N PHE F 281 -58.75 18.49 -2.36
CA PHE F 281 -58.99 18.00 -3.71
C PHE F 281 -58.51 16.57 -3.90
N GLY F 282 -58.07 15.89 -2.84
CA GLY F 282 -57.60 14.54 -2.98
C GLY F 282 -56.33 14.41 -3.80
N VAL F 283 -55.30 15.17 -3.40
CA VAL F 283 -54.06 15.20 -4.22
C VAL F 283 -52.90 14.63 -3.39
N ALA F 284 -52.16 13.67 -3.95
CA ALA F 284 -50.97 13.16 -3.24
C ALA F 284 -49.95 14.30 -3.16
N VAL F 285 -49.45 14.59 -1.96
CA VAL F 285 -48.50 15.72 -1.81
C VAL F 285 -47.11 15.15 -1.51
N VAL F 286 -46.12 15.51 -2.32
CA VAL F 286 -44.73 15.02 -2.09
C VAL F 286 -43.89 16.18 -1.52
N ILE F 287 -43.05 15.89 -0.54
CA ILE F 287 -42.20 16.91 0.11
C ILE F 287 -40.73 16.53 -0.08
N THR F 288 -39.85 17.45 -0.47
CA THR F 288 -38.41 17.18 -0.58
C THR F 288 -37.73 17.92 0.55
N ASN F 289 -37.42 17.24 1.65
CA ASN F 289 -36.85 17.94 2.84
C ASN F 289 -35.32 17.86 2.82
N GLN F 290 -34.66 18.82 3.47
CA GLN F 290 -33.17 18.81 3.56
C GLN F 290 -32.78 18.06 4.85
N VAL F 291 -31.49 18.05 5.20
CA VAL F 291 -31.03 17.30 6.40
C VAL F 291 -30.01 18.12 7.19
N VAL F 292 -29.98 17.95 8.52
CA VAL F 292 -28.94 18.62 9.36
C VAL F 292 -28.03 17.48 9.85
N ALA F 293 -26.85 17.34 9.25
CA ALA F 293 -25.98 16.18 9.59
C ALA F 293 -25.07 16.51 10.77
N GLN F 294 -25.59 17.18 11.80
CA GLN F 294 -24.70 17.63 12.90
C GLN F 294 -25.23 17.13 14.26
N VAL F 295 -26.17 16.19 14.27
CA VAL F 295 -26.61 15.63 15.57
C VAL F 295 -25.37 14.99 16.21
N ASP F 296 -24.39 14.63 15.36
CA ASP F 296 -23.11 14.06 15.88
C ASP F 296 -22.28 15.20 16.48
N GLY F 297 -22.77 16.43 16.43
CA GLY F 297 -22.06 17.56 17.06
C GLY F 297 -21.70 17.21 18.48
N ALA F 298 -22.60 16.50 19.18
CA ALA F 298 -22.34 16.10 20.58
C ALA F 298 -21.74 14.70 20.60
N ALA F 299 -21.32 14.20 19.43
CA ALA F 299 -20.77 12.82 19.34
C ALA F 299 -21.76 11.86 20.01
N MET F 300 -23.06 12.09 19.81
CA MET F 300 -24.08 11.26 20.49
C MET F 300 -23.71 9.77 20.32
N PHE F 301 -23.62 9.31 19.07
CA PHE F 301 -23.23 7.90 18.81
C PHE F 301 -22.62 7.79 17.42
N ALA F 302 -21.91 6.70 17.16
CA ALA F 302 -21.36 6.48 15.80
C ALA F 302 -22.54 6.42 14.82
N ALA F 303 -22.30 6.81 13.57
CA ALA F 303 -23.37 6.78 12.54
C ALA F 303 -24.51 7.73 12.92
N ASP F 304 -24.20 8.95 13.36
CA ASP F 304 -25.26 9.98 13.60
C ASP F 304 -24.97 11.19 12.71
N PRO F 305 -24.62 11.02 11.40
CA PRO F 305 -24.18 12.13 10.51
C PRO F 305 -25.34 12.57 9.63
N LYS F 306 -26.56 12.63 10.19
CA LYS F 306 -27.73 13.13 9.42
C LYS F 306 -28.95 13.18 10.35
N LYS F 307 -29.87 14.11 10.10
CA LYS F 307 -31.10 14.24 10.92
C LYS F 307 -32.15 15.05 10.14
N PRO F 308 -33.43 14.62 10.13
CA PRO F 308 -34.52 15.40 9.45
C PRO F 308 -34.48 16.86 9.86
N ILE F 309 -34.32 17.76 8.90
CA ILE F 309 -34.08 19.21 9.22
C ILE F 309 -35.33 19.95 9.71
N GLY F 310 -36.52 19.51 9.28
CA GLY F 310 -37.74 20.27 9.63
C GLY F 310 -37.94 20.35 11.13
N GLY F 311 -37.83 19.23 11.84
CA GLY F 311 -38.11 19.22 13.28
C GLY F 311 -39.33 18.35 13.57
N ASN F 312 -39.81 18.34 14.81
CA ASN F 312 -40.94 17.45 15.20
C ASN F 312 -42.24 17.94 14.55
N ILE F 313 -42.39 19.25 14.40
CA ILE F 313 -43.68 19.80 13.86
C ILE F 313 -43.98 19.14 12.50
N ILE F 314 -42.98 19.06 11.61
CA ILE F 314 -43.17 18.44 10.27
C ILE F 314 -43.15 16.91 10.44
N ALA F 315 -42.28 16.42 11.32
CA ALA F 315 -42.18 14.95 11.56
C ALA F 315 -43.55 14.35 11.86
N HIS F 316 -44.42 15.07 12.58
CA HIS F 316 -45.76 14.55 12.97
C HIS F 316 -46.76 14.90 11.87
N ALA F 317 -46.36 15.67 10.87
CA ALA F 317 -47.22 16.04 9.73
C ALA F 317 -47.11 14.98 8.64
N SER F 318 -45.91 14.72 8.10
CA SER F 318 -45.75 13.85 6.95
C SER F 318 -46.20 12.43 7.27
N THR F 319 -47.12 11.92 6.45
CA THR F 319 -47.59 10.54 6.59
C THR F 319 -46.44 9.57 6.35
N THR F 320 -45.91 9.58 5.13
CA THR F 320 -44.78 8.75 4.76
C THR F 320 -43.48 9.53 4.96
N ARG F 321 -42.38 8.82 5.19
CA ARG F 321 -41.08 9.46 5.38
C ARG F 321 -40.04 8.55 4.74
N LEU F 322 -39.60 8.90 3.54
CA LEU F 322 -38.57 8.12 2.84
C LEU F 322 -37.18 8.59 3.25
N TYR F 323 -36.14 7.96 2.69
CA TYR F 323 -34.76 8.34 3.00
C TYR F 323 -33.83 7.94 1.88
N LEU F 324 -33.38 8.90 1.07
CA LEU F 324 -32.77 8.62 -0.21
C LEU F 324 -31.25 8.70 -0.17
N ARG F 325 -30.64 7.80 0.60
CA ARG F 325 -29.19 7.69 0.66
C ARG F 325 -28.60 7.25 -0.69
N LYS F 326 -27.36 7.69 -0.93
CA LYS F 326 -26.64 7.43 -2.19
C LYS F 326 -25.53 6.42 -2.01
N GLY F 327 -25.43 5.50 -2.98
CA GLY F 327 -24.32 4.57 -3.08
C GLY F 327 -23.54 4.75 -4.35
N ARG F 328 -22.87 3.68 -4.78
CA ARG F 328 -22.04 3.71 -5.98
C ARG F 328 -22.89 4.00 -7.21
N GLY F 329 -22.37 4.89 -8.06
CA GLY F 329 -23.04 5.21 -9.31
C GLY F 329 -24.41 5.80 -9.10
N GLU F 330 -25.44 5.03 -9.45
CA GLU F 330 -26.82 5.42 -9.22
C GLU F 330 -27.57 4.42 -8.34
N THR F 331 -26.85 3.50 -7.71
CA THR F 331 -27.47 2.55 -6.78
C THR F 331 -27.65 3.26 -5.43
N ARG F 332 -28.87 3.78 -5.25
CA ARG F 332 -29.23 4.62 -4.11
C ARG F 332 -30.22 3.87 -3.22
N ILE F 333 -29.89 3.73 -1.94
CA ILE F 333 -30.82 3.11 -1.01
C ILE F 333 -31.93 4.09 -0.66
N CYS F 334 -33.17 3.61 -0.70
CA CYS F 334 -34.31 4.39 -0.23
C CYS F 334 -34.97 3.62 0.92
N LYS F 335 -34.74 4.11 2.13
CA LYS F 335 -35.37 3.47 3.31
C LYS F 335 -36.76 4.10 3.54
N ILE F 336 -37.52 3.59 4.50
CA ILE F 336 -38.86 4.18 4.82
C ILE F 336 -38.89 4.52 6.31
N TYR F 337 -38.27 5.63 6.69
CA TYR F 337 -38.21 6.05 8.12
C TYR F 337 -39.57 5.82 8.76
N ASP F 338 -40.59 6.52 8.24
CA ASP F 338 -41.95 6.42 8.85
C ASP F 338 -43.00 6.31 7.74
N SER F 339 -43.77 5.21 7.76
CA SER F 339 -44.88 5.01 6.78
C SER F 339 -45.96 4.16 7.47
N PRO F 340 -47.15 4.69 7.81
CA PRO F 340 -48.18 3.93 8.59
C PRO F 340 -48.68 2.72 7.82
N CYS F 341 -48.41 2.67 6.51
CA CYS F 341 -48.91 1.54 5.68
C CYS F 341 -47.79 0.53 5.39
N LEU F 342 -46.64 1.01 4.88
CA LEU F 342 -45.54 0.08 4.49
C LEU F 342 -44.52 -0.03 5.64
N PRO F 343 -43.93 -1.22 5.90
CA PRO F 343 -42.87 -1.40 6.93
C PRO F 343 -41.52 -0.95 6.40
N GLU F 344 -40.48 -1.02 7.24
CA GLU F 344 -39.11 -0.58 6.83
C GLU F 344 -38.61 -1.46 5.67
N ALA F 345 -37.89 -0.86 4.71
CA ALA F 345 -37.36 -1.61 3.55
C ALA F 345 -36.34 -0.74 2.80
N GLU F 346 -35.61 -1.32 1.85
CA GLU F 346 -34.57 -0.56 1.13
C GLU F 346 -34.52 -1.08 -0.30
N ALA F 347 -34.65 -0.16 -1.26
CA ALA F 347 -34.50 -0.51 -2.67
C ALA F 347 -33.40 0.34 -3.32
N MET F 348 -33.11 0.06 -4.59
CA MET F 348 -31.90 0.53 -5.27
C MET F 348 -32.27 1.29 -6.55
N PHE F 349 -33.22 2.23 -6.43
CA PHE F 349 -33.65 3.07 -7.59
C PHE F 349 -32.42 3.70 -8.21
N ALA F 350 -32.32 3.70 -9.54
CA ALA F 350 -31.15 4.24 -10.24
C ALA F 350 -31.63 5.17 -11.35
N ILE F 351 -31.53 6.47 -11.13
CA ILE F 351 -31.88 7.43 -12.18
C ILE F 351 -30.85 7.31 -13.29
N ASN F 352 -31.33 7.25 -14.52
CA ASN F 352 -30.49 7.15 -15.70
C ASN F 352 -30.79 8.32 -16.62
N ALA F 353 -30.40 8.19 -17.89
CA ALA F 353 -30.67 9.21 -18.87
C ALA F 353 -32.17 9.35 -19.14
N ASP F 354 -32.96 8.39 -18.68
CA ASP F 354 -34.40 8.35 -18.95
C ASP F 354 -35.26 8.44 -17.71
N GLY F 355 -34.69 8.85 -16.57
CA GLY F 355 -35.46 8.99 -15.35
C GLY F 355 -35.09 7.92 -14.33
N VAL F 356 -35.94 7.81 -13.31
CA VAL F 356 -35.67 6.92 -12.19
C VAL F 356 -35.93 5.49 -12.63
N GLY F 357 -34.86 4.79 -13.03
CA GLY F 357 -34.98 3.42 -13.50
C GLY F 357 -34.14 2.43 -12.71
N ASP F 358 -33.49 1.52 -13.41
CA ASP F 358 -32.60 0.55 -12.77
C ASP F 358 -31.68 -0.09 -13.80
N PRO G 44 -75.46 6.62 29.45
CA PRO G 44 -76.43 5.53 29.41
C PRO G 44 -77.80 5.94 29.95
N GLN G 45 -77.95 7.22 30.27
CA GLN G 45 -79.15 7.74 30.90
C GLN G 45 -79.66 8.96 30.12
N PRO G 46 -80.29 8.73 28.97
CA PRO G 46 -80.82 9.86 28.18
C PRO G 46 -82.09 10.46 28.79
N ILE G 47 -82.73 11.36 28.05
CA ILE G 47 -83.97 11.99 28.53
C ILE G 47 -85.06 10.94 28.74
N SER G 48 -84.87 9.74 28.19
CA SER G 48 -85.86 8.67 28.31
C SER G 48 -86.11 8.31 29.77
N ARG G 49 -85.05 8.35 30.58
CA ARG G 49 -85.22 8.13 32.04
C ARG G 49 -85.76 9.42 32.66
N LEU G 50 -85.10 10.57 32.39
CA LEU G 50 -85.52 11.86 33.01
C LEU G 50 -86.59 12.53 32.12
N GLU G 51 -87.85 12.08 32.24
CA GLU G 51 -88.98 12.70 31.51
C GLU G 51 -90.22 12.37 32.34
N GLN G 52 -90.18 12.69 33.63
CA GLN G 52 -91.27 12.29 34.52
C GLN G 52 -91.43 13.34 35.62
N CYS G 53 -92.53 13.22 36.36
CA CYS G 53 -92.86 14.16 37.42
C CYS G 53 -92.83 15.59 36.90
N GLY G 54 -93.50 15.83 35.76
CA GLY G 54 -93.63 17.21 35.27
C GLY G 54 -92.44 17.67 34.43
N ILE G 55 -91.62 16.76 33.92
CA ILE G 55 -90.53 17.19 33.00
C ILE G 55 -91.16 17.38 31.61
N ASN G 56 -91.40 18.64 31.22
CA ASN G 56 -92.03 18.93 29.90
C ASN G 56 -91.10 18.42 28.80
N ALA G 57 -91.65 18.04 27.65
CA ALA G 57 -90.84 17.44 26.59
C ALA G 57 -90.22 18.48 25.67
N ASN G 58 -90.86 19.66 25.53
CA ASN G 58 -90.45 20.68 24.57
C ASN G 58 -89.07 21.23 24.89
N ASP G 59 -88.86 21.56 26.17
CA ASP G 59 -87.60 22.18 26.61
C ASP G 59 -86.44 21.21 26.58
N VAL G 60 -86.64 19.91 26.83
CA VAL G 60 -85.54 18.97 27.01
C VAL G 60 -84.88 18.58 25.70
N LYS G 61 -85.62 18.53 24.59
CA LYS G 61 -84.93 18.24 23.34
C LYS G 61 -83.92 19.35 23.01
N LYS G 62 -84.33 20.61 23.16
CA LYS G 62 -83.39 21.71 22.94
C LYS G 62 -82.24 21.67 23.94
N LEU G 63 -82.54 21.37 25.20
CA LEU G 63 -81.51 21.28 26.23
C LEU G 63 -80.48 20.20 25.89
N GLU G 64 -80.96 19.07 25.39
CA GLU G 64 -80.10 17.93 25.09
C GLU G 64 -79.39 18.07 23.76
N GLU G 65 -79.91 18.92 22.87
CA GLU G 65 -79.38 19.01 21.51
C GLU G 65 -77.93 19.43 21.47
N ALA G 66 -77.49 20.27 22.40
CA ALA G 66 -76.12 20.75 22.42
C ALA G 66 -75.15 19.77 23.08
N GLY G 67 -75.15 18.51 22.64
CA GLY G 67 -74.24 17.51 23.17
C GLY G 67 -74.61 16.96 24.53
N TYR G 68 -75.65 17.48 25.17
CA TYR G 68 -76.04 17.06 26.55
C TYR G 68 -77.07 15.94 26.45
N HIS G 69 -77.03 15.15 25.36
CA HIS G 69 -78.03 14.08 25.08
C HIS G 69 -78.21 13.21 26.33
N THR G 70 -77.12 12.84 27.00
CA THR G 70 -77.19 12.08 28.27
C THR G 70 -77.58 13.05 29.36
N VAL G 71 -78.60 12.74 30.16
CA VAL G 71 -79.09 13.58 31.25
C VAL G 71 -78.00 13.76 32.30
N GLU G 72 -77.07 12.80 32.36
CA GLU G 72 -75.93 12.87 33.29
C GLU G 72 -75.16 14.18 33.12
N ALA G 73 -75.04 14.65 31.87
CA ALA G 73 -74.39 15.94 31.62
C ALA G 73 -75.16 17.08 32.27
N VAL G 74 -76.49 17.03 32.20
CA VAL G 74 -77.33 18.03 32.85
C VAL G 74 -77.23 17.93 34.36
N ALA G 75 -76.97 16.72 34.88
CA ALA G 75 -76.93 16.50 36.32
C ALA G 75 -75.83 17.33 36.98
N TYR G 76 -74.64 17.36 36.37
CA TYR G 76 -73.55 18.20 36.84
C TYR G 76 -73.31 19.37 35.88
N ALA G 77 -74.40 19.87 35.28
CA ALA G 77 -74.28 21.00 34.32
C ALA G 77 -74.27 22.33 35.09
N PRO G 78 -73.42 23.30 34.69
CA PRO G 78 -73.42 24.66 35.32
C PRO G 78 -74.80 25.29 35.18
N LYS G 79 -75.26 25.98 36.22
CA LYS G 79 -76.58 26.66 36.16
C LYS G 79 -76.61 27.56 34.93
N LYS G 80 -75.51 28.25 34.64
CA LYS G 80 -75.43 29.11 33.44
C LYS G 80 -75.61 28.23 32.18
N GLU G 81 -74.88 27.11 32.12
CA GLU G 81 -74.99 26.20 30.94
C GLU G 81 -76.45 25.71 30.83
N LEU G 82 -77.04 25.32 31.95
CA LEU G 82 -78.44 24.82 31.96
C LEU G 82 -79.32 25.82 31.17
N ILE G 83 -78.94 27.10 31.18
CA ILE G 83 -79.74 28.11 30.49
C ILE G 83 -79.07 28.64 29.23
N ASN G 84 -77.85 28.18 28.91
CA ASN G 84 -77.11 28.72 27.77
C ASN G 84 -77.83 28.45 26.46
N ILE G 85 -78.38 27.25 26.31
CA ILE G 85 -79.08 26.87 25.08
C ILE G 85 -80.33 27.71 24.93
N LYS G 86 -80.52 28.28 23.73
CA LYS G 86 -81.68 29.13 23.48
C LYS G 86 -82.96 28.30 23.47
N GLY G 87 -84.06 28.91 23.90
CA GLY G 87 -85.32 28.24 24.02
C GLY G 87 -85.53 27.50 25.34
N ILE G 88 -84.54 27.54 26.23
CA ILE G 88 -84.63 26.86 27.52
C ILE G 88 -85.29 27.83 28.50
N SER G 89 -86.45 27.44 29.03
CA SER G 89 -87.15 28.27 30.00
C SER G 89 -86.39 28.33 31.31
N GLU G 90 -86.38 29.51 31.92
CA GLU G 90 -85.66 29.69 33.19
C GLU G 90 -86.32 28.92 34.32
N ALA G 91 -87.66 29.00 34.41
CA ALA G 91 -88.38 28.25 35.43
C ALA G 91 -88.22 26.75 35.20
N LYS G 92 -88.19 26.37 33.92
CA LYS G 92 -87.96 24.95 33.58
C LYS G 92 -86.56 24.58 34.06
N ALA G 93 -85.54 25.43 33.91
CA ALA G 93 -84.18 25.16 34.38
C ALA G 93 -84.16 25.02 35.90
N ASP G 94 -84.93 25.85 36.60
CA ASP G 94 -85.03 25.72 38.05
C ASP G 94 -85.68 24.40 38.45
N LYS G 95 -86.69 23.95 37.71
CA LYS G 95 -87.30 22.64 37.99
C LYS G 95 -86.30 21.52 37.79
N ILE G 96 -85.51 21.59 36.71
CA ILE G 96 -84.48 20.60 36.47
C ILE G 96 -83.43 20.63 37.57
N LEU G 97 -83.14 21.83 38.10
CA LEU G 97 -82.19 21.95 39.21
C LEU G 97 -82.50 21.03 40.38
N THR G 98 -83.75 20.60 40.52
CA THR G 98 -84.11 19.61 41.52
C THR G 98 -84.39 18.24 40.94
N GLU G 99 -85.02 18.16 39.77
CA GLU G 99 -85.33 16.86 39.17
C GLU G 99 -84.05 16.10 38.83
N ALA G 100 -83.15 16.73 38.07
CA ALA G 100 -81.89 16.08 37.74
C ALA G 100 -81.06 15.83 38.99
N ALA G 101 -81.08 16.77 39.93
CA ALA G 101 -80.30 16.62 41.17
C ALA G 101 -80.71 15.39 41.95
N LYS G 102 -82.02 15.16 42.09
CA LYS G 102 -82.48 13.94 42.73
C LYS G 102 -82.21 12.72 41.86
N LEU G 103 -82.06 12.93 40.53
CA LEU G 103 -81.76 11.83 39.59
C LEU G 103 -80.26 11.48 39.66
N VAL G 104 -79.41 12.42 40.12
CA VAL G 104 -77.94 12.20 40.18
C VAL G 104 -77.71 10.86 40.91
N PRO G 105 -77.02 9.86 40.31
CA PRO G 105 -76.87 8.51 40.95
C PRO G 105 -75.91 8.54 42.13
N MET G 106 -74.83 9.33 42.01
CA MET G 106 -73.80 9.34 43.09
C MET G 106 -73.48 10.79 43.48
N GLY G 107 -74.41 11.47 44.16
CA GLY G 107 -74.12 12.83 44.65
C GLY G 107 -72.97 12.78 45.64
N PHE G 108 -72.98 11.80 46.55
CA PHE G 108 -71.88 11.63 47.52
C PHE G 108 -71.76 10.15 47.85
N THR G 109 -70.53 9.65 47.97
CA THR G 109 -70.32 8.22 48.29
C THR G 109 -69.09 8.08 49.16
N THR G 110 -68.88 6.88 49.73
CA THR G 110 -67.70 6.63 50.54
C THR G 110 -66.60 6.00 49.68
N ALA G 111 -65.42 5.83 50.28
CA ALA G 111 -64.27 5.28 49.57
C ALA G 111 -64.33 3.77 49.41
N THR G 112 -65.22 3.09 50.11
CA THR G 112 -65.33 1.64 49.96
C THR G 112 -65.87 1.26 48.59
N GLU G 113 -66.84 2.04 48.08
CA GLU G 113 -67.41 1.76 46.77
C GLU G 113 -66.47 2.11 45.63
N PHE G 114 -65.37 2.83 45.92
CA PHE G 114 -64.33 3.02 44.91
C PHE G 114 -63.73 1.70 44.47
N HIS G 115 -63.70 0.71 45.37
CA HIS G 115 -63.24 -0.63 45.00
C HIS G 115 -64.19 -1.26 43.98
N GLN G 116 -65.49 -1.09 44.18
CA GLN G 116 -66.46 -1.58 43.20
C GLN G 116 -66.31 -0.85 41.87
N ARG G 117 -66.08 0.45 41.92
CA ARG G 117 -65.96 1.25 40.70
C ARG G 117 -64.67 0.95 39.94
N ARG G 118 -63.77 0.17 40.54
CA ARG G 118 -62.48 -0.12 39.92
C ARG G 118 -62.38 -1.59 39.54
N SER G 119 -63.06 -2.46 40.28
CA SER G 119 -63.00 -3.90 40.02
C SER G 119 -63.62 -4.29 38.69
N GLU G 120 -64.66 -3.58 38.23
CA GLU G 120 -65.27 -3.87 36.94
C GLU G 120 -64.37 -3.49 35.77
N ILE G 121 -63.31 -2.73 36.00
CA ILE G 121 -62.40 -2.37 34.92
C ILE G 121 -61.71 -3.62 34.41
N ILE G 122 -61.83 -3.88 33.11
CA ILE G 122 -61.29 -5.08 32.51
C ILE G 122 -59.82 -4.95 32.15
N GLN G 123 -59.26 -3.74 32.23
CA GLN G 123 -57.85 -3.49 31.88
C GLN G 123 -57.55 -3.98 30.47
N ILE G 124 -58.17 -3.29 29.51
CA ILE G 124 -58.10 -3.65 28.09
C ILE G 124 -56.64 -3.84 27.70
N THR G 125 -56.29 -5.05 27.27
CA THR G 125 -54.91 -5.43 27.05
C THR G 125 -54.25 -4.57 25.98
N THR G 126 -53.08 -4.00 26.31
CA THR G 126 -52.29 -3.17 25.38
C THR G 126 -51.87 -4.04 24.21
N GLY G 127 -51.44 -5.28 24.46
CA GLY G 127 -50.99 -6.19 23.43
C GLY G 127 -49.72 -6.92 23.79
N SER G 128 -49.26 -7.80 22.88
CA SER G 128 -48.06 -8.62 23.07
C SER G 128 -48.01 -9.27 24.45
N LYS G 129 -46.83 -9.33 25.06
CA LYS G 129 -46.67 -9.97 26.36
C LYS G 129 -46.25 -8.99 27.46
N GLU G 130 -45.07 -8.39 27.29
CA GLU G 130 -44.53 -7.49 28.35
C GLU G 130 -45.40 -6.22 28.44
N LEU G 131 -45.88 -5.74 27.31
CA LEU G 131 -46.67 -4.47 27.30
C LEU G 131 -47.84 -4.61 28.29
N ASP G 132 -48.26 -5.84 28.59
CA ASP G 132 -49.36 -6.07 29.58
C ASP G 132 -48.78 -6.66 30.86
N LYS G 133 -47.58 -7.25 30.80
CA LYS G 133 -47.00 -7.93 31.98
C LYS G 133 -46.54 -6.92 33.05
N LEU G 134 -45.73 -5.92 32.66
CA LEU G 134 -45.16 -4.98 33.66
C LEU G 134 -46.29 -4.22 34.40
N LEU G 135 -47.25 -3.66 33.65
CA LEU G 135 -48.33 -2.87 34.28
C LEU G 135 -49.39 -3.82 34.88
N GLN G 136 -50.18 -3.33 35.83
CA GLN G 136 -51.24 -4.16 36.46
C GLN G 136 -52.23 -4.62 35.37
N GLY G 137 -52.56 -3.72 34.43
CA GLY G 137 -53.51 -4.06 33.35
C GLY G 137 -53.33 -3.13 32.17
N GLY G 138 -53.63 -3.60 30.96
CA GLY G 138 -53.43 -2.80 29.74
C GLY G 138 -53.94 -1.38 29.88
N ILE G 139 -55.26 -1.19 29.74
CA ILE G 139 -55.83 0.20 29.78
C ILE G 139 -57.02 0.24 30.74
N GLU G 140 -56.96 1.10 31.75
CA GLU G 140 -58.12 1.25 32.68
C GLU G 140 -59.31 1.83 31.89
N THR G 141 -60.50 1.27 32.07
CA THR G 141 -61.68 1.83 31.38
C THR G 141 -61.99 3.19 31.98
N GLY G 142 -61.96 4.24 31.16
CA GLY G 142 -62.17 5.61 31.67
C GLY G 142 -60.87 6.37 31.75
N SER G 143 -59.74 5.66 31.80
CA SER G 143 -58.40 6.31 31.85
C SER G 143 -58.07 6.93 30.49
N ILE G 144 -58.11 8.27 30.39
CA ILE G 144 -57.87 8.95 29.09
C ILE G 144 -56.44 8.67 28.59
N THR G 145 -55.46 8.59 29.49
CA THR G 145 -54.05 8.29 29.12
C THR G 145 -53.48 9.38 28.24
N GLU G 146 -52.24 9.19 27.76
CA GLU G 146 -51.61 10.17 26.85
C GLU G 146 -50.45 9.48 26.11
N MET G 147 -50.26 9.81 24.82
CA MET G 147 -49.15 9.22 24.03
C MET G 147 -48.11 10.31 23.74
N PHE G 148 -46.82 9.96 23.71
CA PHE G 148 -45.75 10.97 23.49
C PHE G 148 -44.56 10.32 22.77
N GLY G 149 -44.44 10.56 21.46
CA GLY G 149 -43.28 10.07 20.74
C GLY G 149 -43.02 10.90 19.50
N GLU G 150 -41.77 10.80 19.02
CA GLU G 150 -41.42 11.39 17.73
C GLU G 150 -41.84 10.42 16.63
N PHE G 151 -41.56 10.75 15.38
CA PHE G 151 -41.90 9.88 14.26
C PHE G 151 -41.23 8.51 14.42
N ARG G 152 -41.70 7.55 13.60
CA ARG G 152 -41.20 6.15 13.54
C ARG G 152 -41.74 5.33 14.70
N THR G 153 -42.21 5.95 15.77
CA THR G 153 -42.51 5.21 17.00
C THR G 153 -43.70 4.27 16.82
N GLY G 154 -44.77 4.76 16.20
CA GLY G 154 -45.96 3.95 16.06
C GLY G 154 -47.04 4.30 17.07
N LYS G 155 -47.22 5.58 17.34
CA LYS G 155 -48.32 6.00 18.22
C LYS G 155 -49.66 5.66 17.60
N THR G 156 -49.74 5.57 16.28
CA THR G 156 -50.98 5.24 15.57
C THR G 156 -51.07 3.75 15.24
N GLN G 157 -50.23 2.93 15.87
CA GLN G 157 -50.25 1.50 15.62
C GLN G 157 -50.66 0.75 16.89
N ILE G 158 -50.18 1.23 18.04
CA ILE G 158 -50.69 0.73 19.32
C ILE G 158 -52.17 1.03 19.44
N CYS G 159 -52.58 2.19 18.89
CA CYS G 159 -54.00 2.61 18.89
C CYS G 159 -54.75 1.74 17.88
N HIS G 160 -54.07 1.20 16.86
CA HIS G 160 -54.69 0.31 15.84
C HIS G 160 -54.90 -1.08 16.42
N THR G 161 -53.94 -1.61 17.20
CA THR G 161 -54.04 -2.95 17.82
C THR G 161 -55.02 -2.86 18.97
N LEU G 162 -55.14 -1.72 19.66
CA LEU G 162 -56.12 -1.51 20.71
C LEU G 162 -57.52 -1.50 20.13
N ALA G 163 -57.65 -1.00 18.90
CA ALA G 163 -58.94 -0.97 18.22
C ALA G 163 -59.46 -2.38 17.97
N VAL G 164 -58.59 -3.29 17.52
CA VAL G 164 -59.00 -4.68 17.36
C VAL G 164 -59.30 -5.31 18.71
N THR G 165 -58.58 -4.87 19.74
CA THR G 165 -58.71 -5.44 21.10
C THR G 165 -59.83 -4.75 21.85
N CYS G 166 -60.96 -4.40 21.19
CA CYS G 166 -62.11 -3.88 21.90
C CYS G 166 -63.40 -4.55 21.39
N GLN G 167 -63.38 -4.99 20.14
CA GLN G 167 -64.56 -5.56 19.49
C GLN G 167 -64.81 -7.00 19.88
N LEU G 168 -63.89 -7.58 20.68
CA LEU G 168 -63.94 -9.02 21.04
C LEU G 168 -64.38 -9.15 22.51
N PRO G 169 -64.87 -10.33 22.95
CA PRO G 169 -65.26 -10.54 24.35
C PRO G 169 -64.07 -10.51 25.30
N ILE G 170 -64.32 -10.77 26.58
CA ILE G 170 -63.25 -10.79 27.58
C ILE G 170 -62.22 -11.89 27.33
N ASP G 171 -62.48 -12.77 26.37
CA ASP G 171 -61.50 -13.79 26.01
C ASP G 171 -60.20 -13.18 25.49
N ARG G 172 -60.24 -11.95 25.00
CA ARG G 172 -59.05 -11.20 24.61
C ARG G 172 -58.97 -9.90 25.39
N GLY G 173 -59.74 -9.79 26.47
CA GLY G 173 -59.78 -8.59 27.27
C GLY G 173 -60.41 -7.41 26.56
N GLY G 174 -61.27 -7.70 25.59
CA GLY G 174 -61.93 -6.66 24.83
C GLY G 174 -63.07 -6.04 25.62
N GLY G 175 -63.74 -5.07 24.96
CA GLY G 175 -64.82 -4.36 25.59
C GLY G 175 -66.19 -4.70 25.03
N GLU G 176 -66.25 -5.65 24.09
CA GLU G 176 -67.48 -6.07 23.45
C GLU G 176 -68.21 -4.88 22.82
N GLY G 177 -67.44 -4.01 22.19
CA GLY G 177 -68.00 -2.81 21.59
C GLY G 177 -67.15 -2.31 20.44
N LYS G 178 -67.66 -1.27 19.78
CA LYS G 178 -67.03 -0.70 18.60
C LYS G 178 -66.06 0.41 19.02
N ALA G 179 -65.48 1.09 18.03
CA ALA G 179 -64.46 2.14 18.29
C ALA G 179 -64.94 3.49 17.77
N MET G 180 -64.29 4.57 18.19
CA MET G 180 -64.58 5.93 17.69
C MET G 180 -63.22 6.48 17.25
N TYR G 181 -62.81 6.23 16.01
CA TYR G 181 -61.49 6.59 15.52
C TYR G 181 -61.38 8.08 15.23
N ILE G 182 -61.02 8.85 16.26
CA ILE G 182 -60.83 10.29 16.11
C ILE G 182 -59.41 10.54 15.63
N ASP G 183 -59.18 10.36 14.32
CA ASP G 183 -57.84 10.58 13.72
C ASP G 183 -57.81 11.98 13.11
N THR G 184 -57.26 12.96 13.85
CA THR G 184 -57.08 14.30 13.35
C THR G 184 -55.89 14.36 12.39
N GLU G 185 -55.15 13.25 12.30
CA GLU G 185 -54.15 13.09 11.25
C GLU G 185 -54.80 12.53 9.99
N GLY G 186 -53.98 12.13 9.01
CA GLY G 186 -54.47 11.43 7.85
C GLY G 186 -53.95 10.02 7.81
N THR G 187 -53.56 9.50 8.97
CA THR G 187 -52.92 8.19 9.09
C THR G 187 -53.90 7.09 9.46
N PHE G 188 -55.19 7.28 9.21
CA PHE G 188 -56.18 6.24 9.49
C PHE G 188 -55.95 5.06 8.54
N ARG G 189 -55.41 3.96 9.06
CA ARG G 189 -55.10 2.78 8.27
C ARG G 189 -55.82 1.58 8.84
N PRO G 190 -57.11 1.39 8.53
CA PRO G 190 -57.76 0.14 8.96
C PRO G 190 -57.26 -1.08 8.21
N GLU G 191 -56.41 -0.88 7.21
CA GLU G 191 -55.62 -2.00 6.70
C GLU G 191 -54.75 -2.57 7.80
N ARG G 192 -54.17 -1.70 8.62
CA ARG G 192 -53.47 -2.13 9.83
C ARG G 192 -54.42 -2.84 10.78
N LEU G 193 -55.66 -2.33 10.90
CA LEU G 193 -56.67 -2.95 11.80
C LEU G 193 -56.99 -4.37 11.30
N LEU G 194 -57.08 -4.61 9.98
CA LEU G 194 -57.31 -5.95 9.45
C LEU G 194 -56.05 -6.81 9.59
N ALA G 195 -54.86 -6.19 9.48
CA ALA G 195 -53.62 -6.93 9.63
C ALA G 195 -53.50 -7.50 11.05
N VAL G 196 -53.90 -6.71 12.04
CA VAL G 196 -53.89 -7.17 13.44
C VAL G 196 -55.11 -8.08 13.63
N ALA G 197 -56.14 -7.97 12.79
CA ALA G 197 -57.34 -8.85 12.84
C ALA G 197 -56.99 -10.23 12.30
N GLU G 198 -55.93 -10.35 11.48
CA GLU G 198 -55.45 -11.63 10.95
C GLU G 198 -54.80 -12.46 12.05
N ARG G 199 -53.85 -11.88 12.78
CA ARG G 199 -53.20 -12.62 13.84
C ARG G 199 -54.14 -12.85 15.02
N TYR G 200 -55.12 -11.96 15.20
CA TYR G 200 -56.11 -12.18 16.26
C TYR G 200 -57.09 -13.29 15.87
N GLY G 201 -57.35 -13.45 14.59
CA GLY G 201 -58.20 -14.53 14.10
C GLY G 201 -59.67 -14.44 14.49
N LEU G 202 -60.30 -13.28 14.27
CA LEU G 202 -61.74 -13.10 14.59
C LEU G 202 -62.53 -12.98 13.29
N SER G 203 -62.22 -11.97 12.45
CA SER G 203 -62.94 -11.68 11.22
C SER G 203 -62.31 -10.48 10.53
N GLY G 204 -62.86 -10.12 9.38
CA GLY G 204 -62.45 -8.93 8.68
C GLY G 204 -63.61 -8.02 8.33
N SER G 205 -64.83 -8.51 8.55
CA SER G 205 -66.03 -7.75 8.19
C SER G 205 -66.40 -6.74 9.28
N ASP G 206 -66.73 -7.23 10.48
CA ASP G 206 -67.14 -6.32 11.54
C ASP G 206 -65.94 -5.60 12.13
N VAL G 207 -64.79 -6.26 12.17
CA VAL G 207 -63.57 -5.61 12.65
C VAL G 207 -63.25 -4.37 11.85
N LEU G 208 -63.66 -4.33 10.58
CA LEU G 208 -63.59 -3.13 9.75
C LEU G 208 -64.79 -2.22 9.95
N ASP G 209 -66.00 -2.77 9.90
CA ASP G 209 -67.23 -1.99 9.94
C ASP G 209 -67.42 -1.22 11.24
N ASN G 210 -67.12 -1.86 12.37
CA ASN G 210 -67.48 -1.31 13.68
C ASN G 210 -66.87 0.05 13.97
N VAL G 211 -65.60 0.22 13.65
CA VAL G 211 -64.89 1.50 13.95
C VAL G 211 -65.52 2.63 13.13
N ALA G 212 -65.97 3.70 13.79
CA ALA G 212 -66.53 4.87 13.06
C ALA G 212 -65.46 5.96 13.01
N TYR G 213 -64.90 6.19 11.82
CA TYR G 213 -63.80 7.20 11.68
C TYR G 213 -64.36 8.60 11.86
N ALA G 214 -63.60 9.48 12.53
CA ALA G 214 -64.02 10.89 12.70
C ALA G 214 -63.00 11.80 12.00
N ARG G 215 -63.14 11.98 10.70
CA ARG G 215 -62.15 12.82 9.94
C ARG G 215 -62.24 14.25 10.46
N GLY G 216 -61.22 14.72 11.19
CA GLY G 216 -61.29 16.03 11.78
C GLY G 216 -60.37 17.05 11.15
N PHE G 217 -60.94 18.01 10.41
CA PHE G 217 -60.18 19.11 9.84
C PHE G 217 -60.07 20.28 10.81
N ASN G 218 -61.13 20.55 11.57
CA ASN G 218 -61.16 21.72 12.49
C ASN G 218 -61.06 21.28 13.93
N THR G 219 -60.76 22.21 14.84
CA THR G 219 -60.75 21.95 16.27
C THR G 219 -62.16 21.98 16.84
N ASP G 220 -62.94 22.99 16.43
CA ASP G 220 -64.32 23.18 16.91
C ASP G 220 -65.24 22.17 16.23
N HIS G 221 -64.83 21.64 15.06
CA HIS G 221 -65.63 20.59 14.38
C HIS G 221 -65.19 19.23 14.94
N GLN G 222 -63.99 19.04 15.52
CA GLN G 222 -63.72 17.81 16.24
C GLN G 222 -64.45 17.78 17.57
N THR G 223 -64.53 18.92 18.26
CA THR G 223 -65.27 18.98 19.52
C THR G 223 -66.75 18.68 19.33
N GLN G 224 -67.36 19.25 18.29
CA GLN G 224 -68.77 18.98 18.00
C GLN G 224 -68.99 17.61 17.37
N LEU G 225 -68.01 17.06 16.66
CA LEU G 225 -68.10 15.67 16.23
C LEU G 225 -68.11 14.74 17.42
N LEU G 226 -67.33 15.06 18.46
CA LEU G 226 -67.33 14.16 19.61
C LEU G 226 -68.61 14.34 20.42
N TYR G 227 -69.24 15.52 20.31
CA TYR G 227 -70.62 15.66 20.77
C TYR G 227 -71.57 14.80 19.94
N GLN G 228 -71.35 14.72 18.63
CA GLN G 228 -72.17 13.84 17.80
C GLN G 228 -72.03 12.39 18.23
N ALA G 229 -70.80 11.98 18.55
CA ALA G 229 -70.56 10.67 19.16
C ALA G 229 -71.22 10.54 20.51
N GLU G 230 -71.23 11.62 21.30
CA GLU G 230 -71.97 11.68 22.54
C GLU G 230 -73.47 11.53 22.24
N ASP G 231 -73.85 11.70 20.98
CA ASP G 231 -75.22 11.48 20.56
C ASP G 231 -75.40 10.14 19.83
N MET G 232 -74.44 9.23 19.99
CA MET G 232 -74.73 7.87 19.56
C MET G 232 -74.26 6.81 20.56
N MET G 233 -73.45 7.19 21.55
CA MET G 233 -72.99 6.21 22.53
C MET G 233 -74.13 5.71 23.41
N VAL G 234 -75.25 6.43 23.43
CA VAL G 234 -76.43 6.02 24.19
C VAL G 234 -76.95 4.67 23.73
N GLU G 235 -77.03 4.47 22.42
CA GLU G 235 -77.61 3.26 21.83
C GLU G 235 -76.56 2.17 21.66
N SER G 236 -75.44 2.52 21.04
CA SER G 236 -74.40 1.53 20.78
C SER G 236 -73.26 1.65 21.78
N ARG G 237 -72.97 0.54 22.48
CA ARG G 237 -71.96 0.51 23.57
C ARG G 237 -70.54 0.69 23.04
N TYR G 238 -69.78 1.63 23.59
CA TYR G 238 -68.44 1.98 23.12
C TYR G 238 -67.47 1.88 24.28
N ALA G 239 -66.18 1.65 23.98
CA ALA G 239 -65.17 1.67 25.03
C ALA G 239 -63.83 2.24 24.57
N LEU G 240 -63.77 2.86 23.39
CA LEU G 240 -62.46 3.33 22.96
C LEU G 240 -62.31 4.84 22.81
N LEU G 241 -63.00 5.46 21.85
CA LEU G 241 -62.76 6.89 21.54
C LEU G 241 -61.25 7.02 21.33
N ILE G 242 -60.71 6.34 20.32
CA ILE G 242 -59.23 6.31 20.06
C ILE G 242 -58.83 7.65 19.40
N VAL G 243 -58.21 8.57 20.14
CA VAL G 243 -57.90 9.93 19.69
C VAL G 243 -56.45 9.99 19.26
N ASP G 244 -56.19 10.69 18.15
CA ASP G 244 -54.82 10.80 17.57
C ASP G 244 -54.44 12.28 17.39
N SER G 245 -53.25 12.66 17.83
CA SER G 245 -52.74 14.06 17.67
C SER G 245 -53.88 15.07 17.84
N ALA G 246 -54.72 14.96 18.86
CA ALA G 246 -55.76 15.96 19.08
C ALA G 246 -55.16 17.36 19.23
N THR G 247 -54.01 17.45 19.89
CA THR G 247 -53.40 18.75 20.16
C THR G 247 -52.91 19.43 18.88
N ALA G 248 -52.64 18.64 17.85
CA ALA G 248 -52.05 19.14 16.62
C ALA G 248 -52.87 20.25 15.97
N LEU G 249 -54.19 20.03 15.87
CA LEU G 249 -55.06 21.03 15.25
C LEU G 249 -55.06 22.32 16.06
N TYR G 250 -55.07 22.19 17.38
CA TYR G 250 -54.96 23.35 18.27
C TYR G 250 -53.66 24.10 18.03
N ARG G 251 -52.56 23.37 17.86
CA ARG G 251 -51.27 24.02 17.65
C ARG G 251 -51.24 24.78 16.33
N THR G 252 -51.70 24.13 15.26
CA THR G 252 -51.67 24.77 13.94
C THR G 252 -52.60 25.99 13.90
N ASP G 253 -53.80 25.86 14.47
CA ASP G 253 -54.74 26.97 14.44
C ASP G 253 -54.40 28.03 15.48
N TYR G 254 -54.48 27.64 16.76
CA TYR G 254 -54.14 28.60 17.85
C TYR G 254 -52.64 28.86 17.84
N SER G 255 -52.20 29.78 16.99
CA SER G 255 -50.74 30.07 16.87
C SER G 255 -50.47 31.56 17.11
N GLY G 256 -49.25 31.92 17.51
CA GLY G 256 -48.92 33.32 17.83
C GLY G 256 -48.29 33.36 19.20
N ARG G 257 -48.87 34.09 20.16
CA ARG G 257 -48.31 34.02 21.53
C ARG G 257 -49.47 33.96 22.54
N GLY G 258 -50.33 35.00 22.56
CA GLY G 258 -51.48 35.01 23.47
C GLY G 258 -52.49 33.94 23.08
N GLU G 259 -52.73 33.78 21.78
CA GLU G 259 -53.72 32.79 21.28
C GLU G 259 -53.37 31.40 21.83
N LEU G 260 -52.19 31.25 22.45
CA LEU G 260 -51.83 29.97 23.05
C LEU G 260 -52.63 29.69 24.31
N SER G 261 -53.03 30.73 25.04
CA SER G 261 -53.96 30.54 26.15
C SER G 261 -55.32 30.07 25.64
N ALA G 262 -55.77 30.61 24.51
CA ALA G 262 -57.00 30.13 23.89
C ALA G 262 -56.85 28.69 23.42
N ARG G 263 -55.62 28.32 23.05
CA ARG G 263 -55.31 26.93 22.64
C ARG G 263 -55.56 26.02 23.85
N GLN G 264 -55.15 26.39 25.06
CA GLN G 264 -55.41 25.62 26.28
C GLN G 264 -56.89 25.66 26.64
N MET G 265 -57.49 26.84 26.46
CA MET G 265 -58.93 27.06 26.81
C MET G 265 -59.77 26.08 26.01
N HIS G 266 -59.52 25.95 24.70
CA HIS G 266 -60.32 25.05 23.82
C HIS G 266 -59.82 23.61 23.97
N LEU G 267 -58.55 23.42 24.37
CA LEU G 267 -58.00 22.06 24.63
C LEU G 267 -58.73 21.55 25.88
N ALA G 268 -59.16 22.43 26.78
CA ALA G 268 -59.87 22.06 28.00
C ALA G 268 -61.36 21.84 27.72
N ARG G 269 -61.94 22.64 26.83
CA ARG G 269 -63.32 22.41 26.43
C ARG G 269 -63.49 21.01 25.86
N PHE G 270 -62.53 20.55 25.06
CA PHE G 270 -62.48 19.17 24.60
C PHE G 270 -62.21 18.16 25.72
N LEU G 271 -61.22 18.43 26.57
CA LEU G 271 -60.67 17.49 27.55
C LEU G 271 -61.61 17.19 28.70
N ARG G 272 -62.22 18.23 29.28
CA ARG G 272 -63.12 18.00 30.39
C ARG G 272 -64.35 17.22 29.95
N MET G 273 -64.76 17.46 28.69
CA MET G 273 -65.92 16.76 28.05
C MET G 273 -65.49 15.31 27.82
N LEU G 274 -64.20 15.06 27.55
CA LEU G 274 -63.65 13.69 27.37
C LEU G 274 -63.71 13.00 28.72
N LEU G 275 -63.47 13.72 29.82
CA LEU G 275 -63.59 13.16 31.17
C LEU G 275 -65.04 12.84 31.50
N ARG G 276 -65.94 13.74 31.13
CA ARG G 276 -67.38 13.54 31.34
C ARG G 276 -67.86 12.26 30.69
N LEU G 277 -67.54 12.07 29.40
CA LEU G 277 -67.96 10.88 28.67
C LEU G 277 -67.30 9.61 29.23
N ALA G 278 -66.01 9.68 29.51
CA ALA G 278 -65.21 8.56 29.97
C ALA G 278 -65.57 8.17 31.39
N ASP G 279 -66.32 9.03 32.08
CA ASP G 279 -66.99 8.65 33.31
C ASP G 279 -68.44 8.25 33.10
N GLU G 280 -69.06 8.67 31.99
CA GLU G 280 -70.41 8.21 31.69
C GLU G 280 -70.43 6.71 31.41
N PHE G 281 -69.49 6.21 30.60
CA PHE G 281 -69.20 4.78 30.72
C PHE G 281 -67.79 4.51 31.20
N GLY G 282 -67.38 3.25 31.05
CA GLY G 282 -65.96 2.94 31.30
C GLY G 282 -65.29 3.02 29.96
N VAL G 283 -65.13 4.23 29.41
CA VAL G 283 -64.59 4.39 28.03
C VAL G 283 -63.14 4.88 28.10
N ALA G 284 -62.20 4.15 27.48
CA ALA G 284 -60.77 4.50 27.57
C ALA G 284 -60.52 5.94 27.11
N VAL G 285 -61.04 6.34 25.95
CA VAL G 285 -60.76 7.70 25.39
C VAL G 285 -59.24 7.91 25.37
N VAL G 286 -58.50 7.01 24.72
CA VAL G 286 -57.01 7.11 24.63
C VAL G 286 -56.63 8.37 23.83
N ILE G 287 -55.59 9.08 24.24
CA ILE G 287 -55.19 10.35 23.56
C ILE G 287 -53.74 10.21 23.05
N THR G 288 -53.40 10.92 21.96
CA THR G 288 -52.02 10.91 21.42
C THR G 288 -51.56 12.34 21.25
N ASN G 289 -50.33 12.64 21.66
CA ASN G 289 -49.81 14.04 21.59
C ASN G 289 -48.47 14.07 20.83
N GLN G 290 -48.03 15.26 20.40
CA GLN G 290 -46.79 15.38 19.61
C GLN G 290 -45.61 15.84 20.49
N VAL G 291 -44.51 16.35 19.92
CA VAL G 291 -43.28 16.71 20.71
C VAL G 291 -43.02 18.22 20.69
N VAL G 292 -42.69 18.81 21.86
CA VAL G 292 -42.32 20.26 21.96
C VAL G 292 -40.82 20.38 21.70
N ALA G 293 -40.00 19.47 22.23
CA ALA G 293 -38.56 19.47 22.04
C ALA G 293 -37.92 20.75 22.55
N GLN G 294 -37.95 20.95 23.87
CA GLN G 294 -37.39 22.15 24.51
C GLN G 294 -36.06 22.57 23.89
N VAL G 295 -35.99 23.83 23.49
CA VAL G 295 -34.79 24.34 22.82
C VAL G 295 -33.86 25.02 23.83
N ASP G 296 -34.45 25.71 24.81
CA ASP G 296 -33.63 26.36 25.86
C ASP G 296 -33.16 25.29 26.83
N GLY G 297 -33.58 24.04 26.59
CA GLY G 297 -33.18 22.93 27.49
C GLY G 297 -32.02 22.13 26.90
N ALA G 298 -31.01 21.85 27.71
CA ALA G 298 -29.85 21.03 27.28
C ALA G 298 -29.26 20.31 28.50
N ALA G 299 -27.97 19.95 28.46
CA ALA G 299 -27.28 19.35 29.64
C ALA G 299 -27.50 17.85 29.79
N MET G 300 -28.17 17.18 28.83
CA MET G 300 -28.36 15.70 28.86
C MET G 300 -29.34 15.30 29.96
N PHE G 301 -30.26 14.36 29.68
CA PHE G 301 -31.30 14.00 30.64
C PHE G 301 -31.97 15.24 31.20
N ALA G 302 -31.47 16.42 30.83
CA ALA G 302 -32.09 17.69 31.20
C ALA G 302 -32.42 18.56 30.00
N ALA G 303 -32.25 18.05 28.78
CA ALA G 303 -32.53 18.81 27.57
C ALA G 303 -34.03 18.72 27.28
N ASP G 304 -34.77 18.01 28.13
CA ASP G 304 -36.22 17.82 27.89
C ASP G 304 -36.44 17.41 26.43
N PRO G 305 -35.99 16.22 25.99
CA PRO G 305 -36.09 15.78 24.56
C PRO G 305 -37.54 15.80 24.09
N LYS G 306 -38.45 15.23 24.89
CA LYS G 306 -39.89 15.24 24.55
C LYS G 306 -40.65 16.04 25.62
N LYS G 307 -40.86 17.33 25.38
CA LYS G 307 -41.58 18.18 26.36
C LYS G 307 -43.09 18.01 26.15
N PRO G 308 -43.88 17.72 27.20
CA PRO G 308 -45.37 17.59 27.09
C PRO G 308 -45.94 18.66 26.19
N ILE G 309 -46.31 18.30 24.96
CA ILE G 309 -46.96 19.27 24.04
C ILE G 309 -48.24 19.74 24.72
N GLY G 310 -48.71 18.99 25.72
CA GLY G 310 -49.91 19.39 26.48
C GLY G 310 -49.59 19.42 27.96
N GLY G 311 -48.74 20.34 28.39
CA GLY G 311 -48.33 20.43 29.80
C GLY G 311 -49.30 21.28 30.61
N ASN G 312 -50.41 21.70 29.99
CA ASN G 312 -51.40 22.57 30.69
C ASN G 312 -52.71 21.81 30.89
N ILE G 313 -53.21 21.77 32.13
CA ILE G 313 -54.49 21.08 32.48
C ILE G 313 -54.31 19.57 32.23
N ILE G 314 -53.78 19.19 31.07
CA ILE G 314 -53.54 17.75 30.75
C ILE G 314 -52.36 17.25 31.59
N ALA G 315 -51.62 18.17 32.23
CA ALA G 315 -50.45 17.79 33.05
C ALA G 315 -50.87 16.72 34.07
N HIS G 316 -52.06 16.85 34.63
CA HIS G 316 -52.56 15.85 35.63
C HIS G 316 -53.76 15.10 35.04
N ALA G 317 -54.51 15.75 34.14
CA ALA G 317 -55.72 15.11 33.57
C ALA G 317 -55.34 13.78 32.91
N SER G 318 -54.33 13.81 32.04
CA SER G 318 -53.87 12.56 31.38
C SER G 318 -53.53 11.52 32.45
N THR G 319 -54.21 10.38 32.45
CA THR G 319 -53.94 9.35 33.45
C THR G 319 -52.55 8.77 33.28
N THR G 320 -52.23 8.24 32.10
CA THR G 320 -50.93 7.63 31.87
C THR G 320 -50.10 8.50 30.92
N ARG G 321 -48.78 8.38 31.05
CA ARG G 321 -47.84 9.19 30.28
C ARG G 321 -46.73 8.30 29.70
N LEU G 322 -47.13 7.23 29.02
CA LEU G 322 -46.17 6.34 28.39
C LEU G 322 -45.28 7.13 27.42
N TYR G 323 -43.98 6.87 27.50
CA TYR G 323 -42.98 7.60 26.74
C TYR G 323 -42.54 6.74 25.55
N LEU G 324 -43.36 6.72 24.51
CA LEU G 324 -43.10 5.85 23.36
C LEU G 324 -41.90 6.37 22.58
N ARG G 325 -40.83 5.58 22.57
CA ARG G 325 -39.52 6.03 22.08
C ARG G 325 -38.95 4.95 21.15
N LYS G 326 -38.41 5.39 20.02
CA LYS G 326 -37.68 4.50 19.12
C LYS G 326 -36.41 4.00 19.81
N GLY G 327 -36.14 2.70 19.72
CA GLY G 327 -34.95 2.13 20.33
C GLY G 327 -33.96 1.55 19.35
N ARG G 328 -33.82 0.23 19.35
CA ARG G 328 -32.92 -0.48 18.46
C ARG G 328 -33.74 -1.35 17.51
N GLY G 329 -33.50 -1.20 16.21
CA GLY G 329 -34.26 -1.97 15.26
C GLY G 329 -35.74 -1.62 15.30
N GLU G 330 -36.55 -2.49 15.88
CA GLU G 330 -37.98 -2.23 16.02
C GLU G 330 -38.46 -2.15 17.46
N THR G 331 -37.56 -2.08 18.45
CA THR G 331 -37.98 -1.98 19.84
C THR G 331 -38.48 -0.57 20.14
N ARG G 332 -39.53 -0.46 20.96
CA ARG G 332 -40.13 0.85 21.31
C ARG G 332 -40.30 0.96 22.84
N ILE G 333 -39.28 1.41 23.56
CA ILE G 333 -39.34 1.52 25.02
C ILE G 333 -40.22 2.71 25.41
N CYS G 334 -40.90 2.58 26.55
CA CYS G 334 -41.81 3.62 27.04
C CYS G 334 -41.82 3.62 28.56
N LYS G 335 -41.99 4.81 29.14
CA LYS G 335 -42.05 4.99 30.59
C LYS G 335 -43.20 5.92 30.93
N ILE G 336 -44.03 5.53 31.90
CA ILE G 336 -45.16 6.34 32.32
C ILE G 336 -44.70 7.35 33.36
N TYR G 337 -44.59 8.62 32.96
CA TYR G 337 -44.23 9.67 33.90
C TYR G 337 -45.32 9.81 34.97
N ASP G 338 -46.56 9.96 34.55
CA ASP G 338 -47.71 10.00 35.46
C ASP G 338 -48.62 8.82 35.14
N SER G 339 -48.93 8.03 36.16
CA SER G 339 -49.83 6.89 36.07
C SER G 339 -50.29 6.53 37.47
N PRO G 340 -51.42 7.11 37.94
CA PRO G 340 -51.76 7.08 39.38
C PRO G 340 -51.41 5.80 40.14
N CYS G 341 -51.86 4.65 39.66
CA CYS G 341 -51.54 3.38 40.32
C CYS G 341 -50.31 2.68 39.75
N LEU G 342 -49.19 3.41 39.59
CA LEU G 342 -47.90 2.89 39.18
C LEU G 342 -46.86 3.99 39.32
N PRO G 343 -45.73 3.74 39.99
CA PRO G 343 -44.71 4.78 40.08
C PRO G 343 -44.08 5.13 38.73
N GLU G 344 -43.44 4.15 38.09
CA GLU G 344 -42.89 4.26 36.74
C GLU G 344 -42.23 2.94 36.36
N ALA G 345 -42.09 2.68 35.06
CA ALA G 345 -41.38 1.50 34.59
C ALA G 345 -40.84 1.66 33.18
N GLU G 346 -40.30 0.59 32.60
CA GLU G 346 -39.76 0.62 31.25
C GLU G 346 -40.43 -0.51 30.48
N ALA G 347 -40.84 -0.24 29.24
CA ALA G 347 -41.69 -1.18 28.50
C ALA G 347 -41.32 -1.14 27.02
N MET G 348 -40.75 -2.22 26.52
CA MET G 348 -40.37 -2.28 25.11
C MET G 348 -41.39 -3.12 24.34
N PHE G 349 -41.75 -2.64 23.15
CA PHE G 349 -42.64 -3.37 22.28
C PHE G 349 -42.24 -3.15 20.83
N ALA G 350 -42.40 -4.18 20.01
CA ALA G 350 -41.97 -4.12 18.62
C ALA G 350 -43.18 -3.93 17.72
N ILE G 351 -42.99 -3.18 16.63
CA ILE G 351 -44.03 -3.05 15.61
C ILE G 351 -43.85 -4.19 14.62
N ASN G 352 -44.45 -5.34 14.92
CA ASN G 352 -44.32 -6.51 14.06
C ASN G 352 -45.12 -6.31 12.77
N ALA G 353 -45.15 -7.36 11.95
CA ALA G 353 -45.86 -7.32 10.68
C ALA G 353 -47.37 -7.20 10.89
N ASP G 354 -47.85 -7.55 12.07
CA ASP G 354 -49.27 -7.56 12.38
C ASP G 354 -49.60 -6.79 13.66
N GLY G 355 -48.91 -5.68 13.89
CA GLY G 355 -49.14 -4.86 15.06
C GLY G 355 -48.16 -5.12 16.17
N VAL G 356 -48.57 -4.77 17.39
CA VAL G 356 -47.76 -4.95 18.59
C VAL G 356 -47.42 -6.43 18.75
N GLY G 357 -46.17 -6.71 19.12
CA GLY G 357 -45.72 -8.08 19.30
C GLY G 357 -44.43 -8.18 20.08
N ASP G 358 -44.35 -9.16 20.96
CA ASP G 358 -43.16 -9.34 21.80
C ASP G 358 -42.64 -10.77 21.70
N PRO I 44 29.34 -17.07 -51.72
CA PRO I 44 29.22 -15.70 -52.21
C PRO I 44 27.76 -15.23 -52.23
N GLN I 45 27.51 -14.05 -51.65
CA GLN I 45 26.13 -13.52 -51.56
C GLN I 45 26.20 -11.99 -51.60
N PRO I 46 25.38 -11.29 -52.43
CA PRO I 46 25.35 -9.81 -52.42
C PRO I 46 24.79 -9.36 -51.08
N ILE I 47 25.39 -8.35 -50.43
CA ILE I 47 24.78 -7.81 -49.23
C ILE I 47 23.52 -7.02 -49.52
N SER I 48 23.25 -6.72 -50.79
CA SER I 48 21.99 -6.06 -51.14
C SER I 48 20.80 -6.97 -50.85
N ARG I 49 21.01 -8.28 -50.90
CA ARG I 49 19.95 -9.21 -50.52
C ARG I 49 19.59 -9.07 -49.05
N LEU I 50 20.54 -8.63 -48.22
CA LEU I 50 20.20 -8.27 -46.85
C LEU I 50 19.31 -7.03 -46.81
N GLU I 51 19.61 -6.03 -47.64
CA GLU I 51 18.86 -4.79 -47.64
C GLU I 51 17.58 -4.91 -48.47
N GLN I 52 16.49 -5.31 -47.81
CA GLN I 52 15.18 -5.38 -48.43
C GLN I 52 14.15 -5.48 -47.31
N CYS I 53 12.87 -5.49 -47.69
CA CYS I 53 11.77 -5.53 -46.73
C CYS I 53 11.87 -4.40 -45.73
N GLY I 54 12.21 -3.20 -46.20
CA GLY I 54 12.29 -2.04 -45.36
C GLY I 54 13.61 -1.85 -44.62
N ILE I 55 14.49 -2.85 -44.71
CA ILE I 55 15.77 -2.84 -43.93
C ILE I 55 16.58 -1.59 -44.32
N ASN I 56 16.82 -0.71 -43.35
CA ASN I 56 17.58 0.54 -43.59
C ASN I 56 18.98 0.18 -44.07
N ALA I 57 19.49 0.87 -45.10
CA ALA I 57 20.88 0.67 -45.54
C ALA I 57 21.78 0.95 -44.34
N ASN I 58 21.35 1.81 -43.42
CA ASN I 58 22.11 2.11 -42.18
C ASN I 58 22.69 0.83 -41.58
N ASP I 59 21.86 -0.19 -41.30
CA ASP I 59 22.31 -1.42 -40.60
C ASP I 59 23.19 -2.29 -41.51
N VAL I 60 22.92 -2.38 -42.81
CA VAL I 60 23.62 -3.26 -43.73
C VAL I 60 25.09 -2.82 -43.87
N LYS I 61 25.32 -1.53 -44.05
CA LYS I 61 26.71 -1.06 -44.11
C LYS I 61 27.38 -1.14 -42.74
N LYS I 62 26.62 -1.07 -41.66
CA LYS I 62 27.22 -1.24 -40.34
C LYS I 62 27.85 -2.62 -40.20
N LEU I 63 27.07 -3.66 -40.50
CA LEU I 63 27.65 -5.00 -40.53
C LEU I 63 28.65 -5.20 -41.66
N GLU I 64 28.60 -4.37 -42.71
CA GLU I 64 29.62 -4.45 -43.75
C GLU I 64 30.97 -3.97 -43.24
N GLU I 65 31.00 -2.85 -42.53
CA GLU I 65 32.25 -2.42 -41.91
C GLU I 65 32.60 -3.25 -40.69
N ALA I 66 31.67 -4.04 -40.18
CA ALA I 66 31.98 -5.04 -39.16
C ALA I 66 32.87 -6.15 -39.67
N GLY I 67 33.06 -6.25 -40.99
CA GLY I 67 33.93 -7.25 -41.58
C GLY I 67 33.22 -8.15 -42.56
N TYR I 68 31.95 -8.47 -42.28
CA TYR I 68 31.16 -9.40 -43.12
C TYR I 68 30.86 -8.70 -44.43
N HIS I 69 30.82 -9.43 -45.55
CA HIS I 69 30.51 -8.86 -46.89
C HIS I 69 29.37 -9.63 -47.54
N THR I 70 29.10 -10.87 -47.14
CA THR I 70 28.00 -11.71 -47.68
C THR I 70 27.05 -12.02 -46.54
N VAL I 71 25.79 -12.33 -46.83
CA VAL I 71 24.80 -12.67 -45.82
C VAL I 71 25.13 -13.99 -45.15
N GLU I 72 25.76 -14.93 -45.86
CA GLU I 72 26.14 -16.19 -45.23
C GLU I 72 27.18 -15.98 -44.15
N ALA I 73 28.06 -15.00 -44.34
CA ALA I 73 29.05 -14.69 -43.31
C ALA I 73 28.39 -14.22 -42.02
N VAL I 74 27.36 -13.38 -42.15
CA VAL I 74 26.58 -12.96 -40.99
C VAL I 74 25.82 -14.13 -40.39
N ALA I 75 25.32 -15.04 -41.22
CA ALA I 75 24.56 -16.19 -40.74
C ALA I 75 25.40 -17.07 -39.82
N TYR I 76 26.65 -17.32 -40.20
CA TYR I 76 27.52 -18.16 -39.37
C TYR I 76 27.90 -17.48 -38.07
N ALA I 77 27.78 -16.15 -38.01
CA ALA I 77 28.10 -15.42 -36.80
C ALA I 77 27.09 -15.71 -35.70
N PRO I 78 27.53 -15.91 -34.45
CA PRO I 78 26.59 -16.14 -33.36
C PRO I 78 25.89 -14.86 -32.93
N LYS I 79 25.03 -14.96 -31.91
CA LYS I 79 24.30 -13.79 -31.39
C LYS I 79 25.25 -12.84 -30.66
N LYS I 80 26.10 -13.40 -29.80
CA LYS I 80 26.99 -12.60 -28.97
C LYS I 80 27.94 -11.74 -29.79
N GLU I 81 28.53 -12.32 -30.83
CA GLU I 81 29.44 -11.56 -31.68
C GLU I 81 28.71 -10.44 -32.41
N LEU I 82 27.52 -10.74 -32.92
CA LEU I 82 26.72 -9.71 -33.59
C LEU I 82 26.23 -8.64 -32.61
N ILE I 83 26.25 -8.94 -31.32
CA ILE I 83 25.91 -7.94 -30.30
C ILE I 83 27.08 -7.01 -30.02
N ASN I 84 28.31 -7.54 -30.05
CA ASN I 84 29.47 -6.77 -29.61
C ASN I 84 29.73 -5.56 -30.48
N ILE I 85 29.32 -5.64 -31.76
CA ILE I 85 29.40 -4.46 -32.67
C ILE I 85 28.45 -3.41 -32.09
N LYS I 86 28.93 -2.23 -31.70
CA LYS I 86 28.04 -1.19 -31.22
C LYS I 86 27.30 -0.54 -32.38
N GLY I 87 26.06 -0.12 -32.11
CA GLY I 87 25.15 0.31 -33.14
C GLY I 87 24.18 -0.77 -33.58
N ILE I 88 24.52 -2.04 -33.35
CA ILE I 88 23.63 -3.17 -33.60
C ILE I 88 23.21 -3.72 -32.24
N SER I 89 21.91 -3.80 -32.02
CA SER I 89 21.37 -4.26 -30.74
C SER I 89 20.80 -5.67 -30.90
N GLU I 90 20.18 -6.17 -29.83
CA GLU I 90 19.57 -7.50 -29.87
C GLU I 90 18.42 -7.55 -30.87
N ALA I 91 17.58 -6.51 -30.89
CA ALA I 91 16.48 -6.45 -31.83
C ALA I 91 17.00 -6.43 -33.26
N LYS I 92 18.04 -5.62 -33.51
CA LYS I 92 18.69 -5.61 -34.81
C LYS I 92 19.24 -6.98 -35.15
N ALA I 93 19.84 -7.65 -34.16
CA ALA I 93 20.43 -8.97 -34.38
C ALA I 93 19.38 -9.97 -34.83
N ASP I 94 18.24 -10.02 -34.14
CA ASP I 94 17.18 -10.95 -34.52
C ASP I 94 16.58 -10.60 -35.88
N LYS I 95 16.36 -9.30 -36.11
CA LYS I 95 15.75 -8.86 -37.37
C LYS I 95 16.66 -9.14 -38.55
N ILE I 96 17.97 -9.20 -38.31
CA ILE I 96 18.94 -9.57 -39.34
C ILE I 96 19.00 -11.09 -39.47
N LEU I 97 18.95 -11.80 -38.34
CA LEU I 97 19.11 -13.25 -38.36
C LEU I 97 17.92 -13.93 -39.02
N THR I 98 16.73 -13.33 -38.95
CA THR I 98 15.61 -13.91 -39.69
C THR I 98 15.89 -13.97 -41.19
N GLU I 99 16.35 -12.85 -41.75
CA GLU I 99 16.73 -12.78 -43.16
C GLU I 99 17.91 -13.71 -43.43
N ALA I 100 18.86 -13.78 -42.50
CA ALA I 100 20.01 -14.65 -42.65
C ALA I 100 19.56 -16.10 -42.80
N ALA I 101 18.63 -16.53 -41.95
CA ALA I 101 18.09 -17.88 -42.02
C ALA I 101 17.35 -18.11 -43.32
N LYS I 102 16.45 -17.20 -43.71
CA LYS I 102 15.60 -17.46 -44.87
C LYS I 102 16.41 -17.43 -46.17
N LEU I 103 17.23 -16.41 -46.38
CA LEU I 103 18.00 -16.30 -47.62
C LEU I 103 18.96 -17.46 -47.80
N VAL I 104 19.72 -17.82 -46.77
CA VAL I 104 20.72 -18.94 -46.85
C VAL I 104 20.24 -20.07 -45.92
N PRO I 105 19.50 -21.10 -46.43
CA PRO I 105 18.93 -22.13 -45.57
C PRO I 105 19.89 -23.26 -45.28
N MET I 106 19.97 -23.64 -44.01
CA MET I 106 20.72 -24.83 -43.63
C MET I 106 19.79 -25.91 -43.10
N GLY I 107 18.95 -25.58 -42.12
CA GLY I 107 17.97 -26.48 -41.55
C GLY I 107 18.53 -27.88 -41.31
N PHE I 108 17.69 -28.87 -41.60
CA PHE I 108 18.15 -30.26 -41.67
C PHE I 108 18.02 -30.77 -43.08
N THR I 109 18.96 -31.62 -43.48
CA THR I 109 18.95 -32.25 -44.79
C THR I 109 19.08 -33.76 -44.59
N THR I 110 18.89 -34.49 -45.68
CA THR I 110 19.09 -35.94 -45.68
C THR I 110 20.49 -36.24 -46.18
N ALA I 111 21.05 -37.38 -45.74
CA ALA I 111 22.39 -37.74 -46.15
C ALA I 111 22.49 -37.91 -47.66
N THR I 112 21.39 -38.30 -48.30
CA THR I 112 21.35 -38.33 -49.75
C THR I 112 21.48 -36.93 -50.35
N GLU I 113 20.74 -35.98 -49.79
CA GLU I 113 20.76 -34.61 -50.28
C GLU I 113 22.15 -34.00 -50.13
N PHE I 114 22.79 -34.23 -48.98
CA PHE I 114 24.17 -33.80 -48.81
C PHE I 114 25.10 -34.50 -49.77
N HIS I 115 24.98 -35.83 -49.87
CA HIS I 115 25.85 -36.65 -50.70
C HIS I 115 25.85 -36.17 -52.15
N GLN I 116 24.69 -35.73 -52.62
CA GLN I 116 24.54 -35.27 -54.00
C GLN I 116 25.59 -34.20 -54.33
N ARG I 117 25.80 -33.25 -53.42
CA ARG I 117 26.78 -32.19 -53.67
C ARG I 117 28.15 -32.57 -53.12
N ARG I 118 28.19 -33.41 -52.09
CA ARG I 118 29.44 -33.83 -51.46
C ARG I 118 30.28 -34.61 -52.45
N SER I 119 29.64 -35.40 -53.31
CA SER I 119 30.37 -36.18 -54.30
C SER I 119 31.10 -35.25 -55.28
N GLU I 120 30.45 -34.17 -55.70
CA GLU I 120 31.04 -33.27 -56.67
C GLU I 120 31.92 -32.21 -56.02
N ILE I 121 33.08 -32.63 -55.53
CA ILE I 121 34.08 -31.74 -54.96
C ILE I 121 35.17 -31.53 -56.00
N ILE I 122 35.63 -30.28 -56.13
CA ILE I 122 36.55 -29.91 -57.21
C ILE I 122 37.82 -30.76 -57.14
N GLN I 123 38.35 -30.95 -55.93
CA GLN I 123 39.48 -31.84 -55.70
C GLN I 123 40.69 -31.44 -56.53
N ILE I 124 41.27 -30.28 -56.23
CA ILE I 124 42.40 -29.75 -57.00
C ILE I 124 43.55 -30.75 -57.03
N THR I 125 44.05 -31.00 -58.22
CA THR I 125 45.19 -31.90 -58.40
C THR I 125 46.45 -31.30 -57.79
N THR I 126 47.37 -32.18 -57.40
CA THR I 126 48.61 -31.79 -56.76
C THR I 126 49.81 -32.28 -57.57
N GLY I 127 49.78 -32.06 -58.88
CA GLY I 127 50.90 -32.45 -59.72
C GLY I 127 51.04 -33.94 -59.88
N SER I 128 52.03 -34.53 -59.20
CA SER I 128 52.32 -35.96 -59.24
C SER I 128 51.07 -36.82 -59.16
N LYS I 129 50.93 -37.74 -60.12
CA LYS I 129 49.77 -38.64 -60.11
C LYS I 129 49.79 -39.55 -58.90
N GLU I 130 50.99 -39.87 -58.39
CA GLU I 130 51.11 -40.70 -57.21
C GLU I 130 50.47 -40.05 -55.99
N LEU I 131 50.65 -38.74 -55.81
CA LEU I 131 49.97 -38.04 -54.74
C LEU I 131 48.46 -38.00 -54.97
N ASP I 132 48.05 -37.89 -56.24
CA ASP I 132 46.62 -37.94 -56.56
C ASP I 132 46.02 -39.29 -56.18
N LYS I 133 46.84 -40.34 -56.22
CA LYS I 133 46.37 -41.68 -55.87
C LYS I 133 45.90 -41.75 -54.43
N LEU I 134 46.72 -41.25 -53.49
CA LEU I 134 46.32 -41.28 -52.08
C LEU I 134 45.14 -40.36 -51.83
N LEU I 135 45.22 -39.12 -52.31
CA LEU I 135 44.25 -38.09 -51.97
C LEU I 135 42.94 -38.21 -52.75
N GLN I 136 42.73 -39.35 -53.41
CA GLN I 136 41.52 -39.62 -54.18
C GLN I 136 41.30 -38.57 -55.25
N GLY I 137 42.38 -37.94 -55.71
CA GLY I 137 42.29 -36.90 -56.72
C GLY I 137 43.06 -35.64 -56.35
N GLY I 138 43.07 -35.28 -55.07
CA GLY I 138 43.82 -34.12 -54.64
C GLY I 138 43.25 -33.52 -53.37
N ILE I 139 43.45 -32.21 -53.23
CA ILE I 139 43.05 -31.49 -52.03
C ILE I 139 41.53 -31.30 -52.02
N GLU I 140 40.94 -31.48 -50.83
CA GLU I 140 39.51 -31.21 -50.67
C GLU I 140 39.23 -29.73 -50.82
N THR I 141 38.14 -29.41 -51.52
CA THR I 141 37.82 -28.03 -51.87
C THR I 141 37.02 -27.31 -50.79
N GLY I 142 36.53 -28.01 -49.78
CA GLY I 142 35.70 -27.37 -48.78
C GLY I 142 36.18 -27.57 -47.36
N SER I 143 37.49 -27.59 -47.16
CA SER I 143 38.04 -27.90 -45.84
C SER I 143 39.48 -27.43 -45.70
N ILE I 144 40.15 -27.85 -44.63
CA ILE I 144 41.51 -27.42 -44.32
C ILE I 144 42.44 -28.61 -44.47
N THR I 145 43.43 -28.48 -45.35
CA THR I 145 44.41 -29.53 -45.62
C THR I 145 45.78 -29.02 -45.16
N GLU I 146 46.35 -29.70 -44.16
CA GLU I 146 47.61 -29.28 -43.59
C GLU I 146 48.76 -30.17 -44.05
N MET I 147 49.98 -29.64 -43.98
CA MET I 147 51.19 -30.39 -44.21
C MET I 147 52.05 -30.36 -42.96
N PHE I 148 53.15 -31.13 -42.98
CA PHE I 148 54.11 -31.13 -41.84
C PHE I 148 55.46 -31.45 -42.42
N GLY I 149 56.52 -30.79 -41.95
CA GLY I 149 57.83 -31.00 -42.57
C GLY I 149 58.98 -30.79 -41.62
N GLU I 150 60.05 -31.57 -41.73
CA GLU I 150 61.25 -31.34 -40.88
C GLU I 150 61.93 -30.06 -41.39
N PHE I 151 62.57 -30.15 -42.57
CA PHE I 151 63.25 -28.98 -43.19
C PHE I 151 63.51 -29.35 -44.64
N ARG I 152 63.56 -28.37 -45.54
CA ARG I 152 63.72 -28.70 -46.97
C ARG I 152 62.74 -29.82 -47.32
N THR I 153 61.64 -29.93 -46.57
CA THR I 153 60.69 -31.04 -46.78
C THR I 153 59.88 -30.78 -48.03
N GLY I 154 59.93 -29.55 -48.56
CA GLY I 154 59.26 -29.27 -49.80
C GLY I 154 57.85 -28.70 -49.67
N LYS I 155 57.48 -28.31 -48.45
CA LYS I 155 56.16 -27.77 -48.18
C LYS I 155 55.85 -26.53 -48.99
N THR I 156 56.76 -25.56 -48.96
CA THR I 156 56.54 -24.31 -49.69
C THR I 156 56.46 -24.56 -51.20
N GLN I 157 57.26 -25.53 -51.66
CA GLN I 157 57.30 -25.88 -53.09
C GLN I 157 55.98 -26.55 -53.46
N ILE I 158 55.31 -27.19 -52.49
CA ILE I 158 53.96 -27.80 -52.70
C ILE I 158 52.97 -26.62 -52.79
N CYS I 159 53.05 -25.62 -51.94
CA CYS I 159 52.20 -24.40 -51.94
C CYS I 159 52.44 -23.60 -53.22
N HIS I 160 53.67 -23.61 -53.74
CA HIS I 160 54.02 -22.88 -55.00
C HIS I 160 53.36 -23.60 -56.17
N THR I 161 53.33 -24.93 -56.14
CA THR I 161 52.79 -25.73 -57.26
C THR I 161 51.28 -25.60 -57.26
N LEU I 162 50.55 -25.82 -56.16
CA LEU I 162 49.10 -25.72 -56.08
C LEU I 162 48.63 -24.33 -56.48
N ALA I 163 49.43 -23.31 -56.14
CA ALA I 163 49.05 -21.92 -56.41
C ALA I 163 48.78 -21.68 -57.89
N VAL I 164 49.40 -22.49 -58.76
CA VAL I 164 49.12 -22.39 -60.19
C VAL I 164 48.23 -23.52 -60.69
N THR I 165 48.28 -24.70 -60.06
CA THR I 165 47.36 -25.78 -60.43
C THR I 165 45.90 -25.39 -60.25
N CYS I 166 45.59 -24.45 -59.35
CA CYS I 166 44.19 -24.07 -59.16
C CYS I 166 43.56 -23.50 -60.44
N GLN I 167 44.35 -22.85 -61.30
CA GLN I 167 43.78 -22.20 -62.47
C GLN I 167 43.56 -23.18 -63.63
N LEU I 168 44.07 -24.40 -63.51
CA LEU I 168 43.89 -25.39 -64.56
C LEU I 168 42.42 -25.70 -64.75
N PRO I 169 41.98 -25.98 -65.98
CA PRO I 169 40.62 -26.51 -66.19
C PRO I 169 40.27 -27.66 -65.26
N ILE I 170 38.98 -27.86 -65.01
CA ILE I 170 38.51 -28.87 -64.07
C ILE I 170 39.00 -30.25 -64.51
N ASP I 171 39.02 -30.49 -65.82
CA ASP I 171 39.50 -31.76 -66.35
C ASP I 171 40.98 -31.95 -66.02
N ARG I 172 41.76 -30.87 -66.07
CA ARG I 172 43.17 -30.96 -65.69
C ARG I 172 43.33 -31.05 -64.18
N GLY I 173 42.31 -30.65 -63.43
CA GLY I 173 42.34 -30.77 -61.98
C GLY I 173 42.25 -29.45 -61.24
N GLY I 174 41.55 -28.48 -61.79
CA GLY I 174 41.38 -27.20 -61.12
C GLY I 174 39.97 -26.65 -61.22
N GLY I 175 39.82 -25.33 -61.16
CA GLY I 175 38.51 -24.73 -61.34
C GLY I 175 38.56 -23.38 -62.04
N GLU I 176 39.68 -23.08 -62.70
CA GLU I 176 39.91 -21.78 -63.31
C GLU I 176 39.60 -20.65 -62.34
N GLY I 177 40.05 -20.79 -61.09
CA GLY I 177 39.82 -19.81 -60.06
C GLY I 177 41.11 -19.13 -59.61
N LYS I 178 40.97 -17.85 -59.28
CA LYS I 178 42.10 -17.03 -58.86
C LYS I 178 42.57 -17.52 -57.50
N ALA I 179 43.68 -18.25 -57.49
CA ALA I 179 44.27 -18.70 -56.24
C ALA I 179 44.84 -17.51 -55.48
N MET I 180 45.23 -17.76 -54.23
CA MET I 180 45.79 -16.73 -53.37
C MET I 180 46.98 -17.29 -52.63
N TYR I 181 47.75 -16.41 -52.00
CA TYR I 181 48.94 -16.83 -51.27
C TYR I 181 49.28 -15.84 -50.16
N ILE I 182 48.99 -16.21 -48.91
CA ILE I 182 49.39 -15.37 -47.73
C ILE I 182 50.72 -15.97 -47.22
N ASP I 183 51.79 -15.88 -48.01
CA ASP I 183 53.10 -16.45 -47.61
C ASP I 183 53.59 -15.66 -46.40
N THR I 184 53.53 -16.23 -45.19
CA THR I 184 53.95 -15.57 -43.95
C THR I 184 55.40 -15.94 -43.62
N GLU I 185 56.23 -16.29 -44.61
CA GLU I 185 57.65 -16.49 -44.38
C GLU I 185 58.54 -15.92 -45.48
N GLY I 186 57.99 -15.25 -46.49
CA GLY I 186 58.78 -14.72 -47.57
C GLY I 186 59.29 -15.74 -48.56
N THR I 187 58.88 -17.00 -48.43
CA THR I 187 59.38 -18.04 -49.32
C THR I 187 58.75 -17.96 -50.71
N PHE I 188 57.79 -17.06 -50.91
CA PHE I 188 57.18 -16.89 -52.22
C PHE I 188 58.24 -16.53 -53.24
N ARG I 189 58.20 -17.23 -54.38
CA ARG I 189 59.23 -17.10 -55.41
C ARG I 189 58.55 -17.24 -56.76
N PRO I 190 58.21 -16.12 -57.41
CA PRO I 190 57.45 -16.19 -58.66
C PRO I 190 58.18 -16.87 -59.80
N GLU I 191 59.51 -16.97 -59.74
CA GLU I 191 60.27 -17.72 -60.74
C GLU I 191 59.81 -19.16 -60.78
N ARG I 192 59.68 -19.78 -59.60
CA ARG I 192 59.19 -21.15 -59.53
C ARG I 192 57.74 -21.26 -59.97
N LEU I 193 56.93 -20.23 -59.69
CA LEU I 193 55.55 -20.24 -60.17
C LEU I 193 55.49 -20.24 -61.69
N LEU I 194 56.32 -19.42 -62.33
CA LEU I 194 56.41 -19.44 -63.78
C LEU I 194 56.94 -20.77 -64.30
N ALA I 195 57.86 -21.40 -63.58
CA ALA I 195 58.36 -22.72 -63.95
C ALA I 195 57.26 -23.78 -63.92
N VAL I 196 56.45 -23.78 -62.87
CA VAL I 196 55.35 -24.74 -62.77
C VAL I 196 54.32 -24.42 -63.84
N ALA I 197 54.15 -23.13 -64.14
CA ALA I 197 53.28 -22.74 -65.24
C ALA I 197 53.78 -23.29 -66.57
N GLU I 198 55.09 -23.23 -66.78
CA GLU I 198 55.68 -23.81 -67.99
C GLU I 198 55.48 -25.32 -68.02
N ARG I 199 55.50 -25.96 -66.85
CA ARG I 199 55.26 -27.40 -66.76
C ARG I 199 53.97 -27.79 -67.48
N TYR I 200 52.89 -27.06 -67.21
CA TYR I 200 51.60 -27.35 -67.84
C TYR I 200 51.35 -26.54 -69.10
N GLY I 201 52.28 -25.66 -69.49
CA GLY I 201 52.10 -24.84 -70.67
C GLY I 201 51.07 -23.74 -70.49
N LEU I 202 51.36 -22.80 -69.61
CA LEU I 202 50.45 -21.71 -69.28
C LEU I 202 51.16 -20.38 -69.38
N SER I 203 50.43 -19.34 -69.78
CA SER I 203 51.00 -18.00 -69.91
C SER I 203 51.37 -17.45 -68.54
N GLY I 204 52.55 -16.84 -68.46
CA GLY I 204 53.02 -16.29 -67.19
C GLY I 204 52.19 -15.11 -66.70
N SER I 205 51.70 -14.29 -67.62
CA SER I 205 50.97 -13.08 -67.25
C SER I 205 49.71 -13.42 -66.47
N ASP I 206 48.92 -14.38 -66.97
CA ASP I 206 47.73 -14.80 -66.24
C ASP I 206 48.10 -15.45 -64.91
N VAL I 207 49.18 -16.24 -64.90
CA VAL I 207 49.59 -16.92 -63.67
C VAL I 207 49.91 -15.92 -62.58
N LEU I 208 50.66 -14.87 -62.92
CA LEU I 208 51.04 -13.84 -61.96
C LEU I 208 49.96 -12.78 -61.79
N ASP I 209 48.86 -12.93 -62.53
CA ASP I 209 47.72 -11.99 -62.36
C ASP I 209 46.78 -12.52 -61.27
N ASN I 210 46.43 -13.82 -61.34
CA ASN I 210 45.47 -14.40 -60.37
C ASN I 210 46.12 -14.54 -58.99
N VAL I 211 47.34 -15.08 -58.91
CA VAL I 211 48.00 -15.31 -57.60
C VAL I 211 48.28 -13.95 -56.95
N ALA I 212 48.27 -13.89 -55.61
CA ALA I 212 48.50 -12.62 -54.90
C ALA I 212 49.34 -12.89 -53.64
N TYR I 213 50.37 -12.08 -53.40
CA TYR I 213 51.26 -12.33 -52.24
C TYR I 213 50.89 -11.39 -51.10
N ALA I 214 50.81 -11.93 -49.89
CA ALA I 214 50.53 -11.08 -48.70
C ALA I 214 51.48 -11.50 -47.58
N ARG I 215 52.38 -10.61 -47.18
CA ARG I 215 53.38 -10.95 -46.12
C ARG I 215 52.74 -10.73 -44.75
N GLY I 216 52.45 -11.82 -44.03
CA GLY I 216 51.88 -11.69 -42.67
C GLY I 216 52.97 -11.51 -41.64
N PHE I 217 53.18 -10.26 -41.20
CA PHE I 217 54.19 -9.99 -40.13
C PHE I 217 53.45 -9.91 -38.80
N ASN I 218 53.68 -10.89 -37.90
CA ASN I 218 53.03 -10.92 -36.56
C ASN I 218 51.63 -11.57 -36.68
N THR I 219 51.18 -12.26 -35.63
CA THR I 219 49.90 -12.99 -35.69
C THR I 219 48.76 -12.04 -36.03
N ASP I 220 48.71 -10.89 -35.36
CA ASP I 220 47.55 -9.96 -35.56
C ASP I 220 47.43 -9.59 -37.04
N HIS I 221 48.56 -9.31 -37.71
CA HIS I 221 48.50 -8.86 -39.13
C HIS I 221 47.85 -9.98 -39.96
N GLN I 222 48.27 -11.22 -39.74
CA GLN I 222 47.73 -12.36 -40.53
C GLN I 222 46.20 -12.43 -40.34
N THR I 223 45.71 -12.26 -39.11
CA THR I 223 44.26 -12.38 -38.86
C THR I 223 43.52 -11.29 -39.63
N GLN I 224 44.09 -10.09 -39.68
CA GLN I 224 43.46 -8.98 -40.43
C GLN I 224 43.65 -9.27 -41.92
N LEU I 225 44.71 -9.98 -42.32
CA LEU I 225 44.92 -10.38 -43.74
C LEU I 225 43.80 -11.36 -44.14
N LEU I 226 43.15 -12.06 -43.20
CA LEU I 226 42.03 -12.95 -43.51
C LEU I 226 40.74 -12.21 -43.81
N TYR I 227 40.41 -11.17 -43.03
CA TYR I 227 39.25 -10.35 -43.37
C TYR I 227 39.44 -9.65 -44.70
N GLN I 228 40.65 -9.12 -44.93
CA GLN I 228 40.95 -8.52 -46.23
C GLN I 228 40.83 -9.54 -47.36
N ALA I 229 41.14 -10.80 -47.06
CA ALA I 229 40.99 -11.87 -48.03
C ALA I 229 39.53 -12.15 -48.32
N GLU I 230 38.69 -12.07 -47.29
CA GLU I 230 37.24 -12.16 -47.50
C GLU I 230 36.78 -11.05 -48.44
N ASP I 231 37.26 -9.83 -48.18
CA ASP I 231 36.87 -8.68 -49.00
C ASP I 231 37.35 -8.84 -50.45
N MET I 232 38.56 -9.33 -50.63
CA MET I 232 39.18 -9.55 -51.93
C MET I 232 38.68 -10.87 -52.56
N MET I 233 37.88 -11.64 -51.82
CA MET I 233 37.34 -12.92 -52.33
C MET I 233 35.88 -12.76 -52.77
N VAL I 234 35.10 -11.84 -52.18
CA VAL I 234 33.68 -11.78 -52.50
C VAL I 234 33.40 -11.57 -53.99
N GLU I 235 34.26 -10.83 -54.69
CA GLU I 235 33.95 -10.42 -56.06
C GLU I 235 34.12 -11.55 -57.07
N SER I 236 35.33 -12.10 -57.18
CA SER I 236 35.61 -13.11 -58.18
C SER I 236 35.64 -14.50 -57.55
N ARG I 237 35.69 -15.52 -58.41
CA ARG I 237 35.65 -16.92 -57.98
C ARG I 237 37.05 -17.35 -57.57
N TYR I 238 37.48 -16.89 -56.40
CA TYR I 238 38.76 -17.31 -55.86
C TYR I 238 38.71 -18.79 -55.49
N ALA I 239 39.86 -19.46 -55.59
CA ALA I 239 39.90 -20.91 -55.51
C ALA I 239 40.60 -21.44 -54.26
N LEU I 240 41.80 -20.96 -53.96
CA LEU I 240 42.60 -21.53 -52.88
C LEU I 240 43.26 -20.43 -52.05
N LEU I 241 43.48 -20.73 -50.78
CA LEU I 241 44.20 -19.83 -49.88
C LEU I 241 45.26 -20.63 -49.13
N ILE I 242 46.48 -20.10 -49.11
CA ILE I 242 47.63 -20.78 -48.51
C ILE I 242 48.18 -19.88 -47.42
N VAL I 243 48.38 -20.44 -46.22
CA VAL I 243 49.12 -19.76 -45.17
C VAL I 243 50.37 -20.60 -44.87
N ASP I 244 51.52 -20.15 -45.39
CA ASP I 244 52.72 -20.97 -45.45
C ASP I 244 53.29 -21.26 -44.07
N SER I 245 53.12 -20.35 -43.12
CA SER I 245 53.72 -20.52 -41.81
C SER I 245 52.73 -20.21 -40.69
N ALA I 246 51.53 -20.78 -40.79
CA ALA I 246 50.41 -20.49 -39.89
C ALA I 246 50.80 -20.43 -38.42
N THR I 247 51.63 -21.35 -37.95
CA THR I 247 52.01 -21.41 -36.55
C THR I 247 53.50 -21.16 -36.33
N ALA I 248 54.20 -20.66 -37.34
CA ALA I 248 55.59 -20.28 -37.15
C ALA I 248 55.69 -18.91 -36.47
N LEU I 249 54.82 -17.98 -36.86
CA LEU I 249 54.80 -16.67 -36.23
C LEU I 249 54.33 -16.75 -34.79
N TYR I 250 53.35 -17.61 -34.52
CA TYR I 250 52.89 -17.80 -33.15
C TYR I 250 53.99 -18.38 -32.28
N ARG I 251 54.90 -19.13 -32.88
CA ARG I 251 56.00 -19.74 -32.14
C ARG I 251 56.92 -18.69 -31.52
N THR I 252 56.99 -17.51 -32.13
CA THR I 252 57.86 -16.44 -31.66
C THR I 252 57.11 -15.31 -30.98
N ASP I 253 55.90 -15.01 -31.45
CA ASP I 253 55.10 -13.89 -30.88
C ASP I 253 54.57 -14.26 -29.50
N TYR I 254 55.01 -15.40 -28.94
CA TYR I 254 54.55 -15.85 -27.60
C TYR I 254 55.74 -16.42 -26.83
N SER I 255 55.58 -16.58 -25.51
CA SER I 255 56.71 -17.05 -24.66
C SER I 255 56.39 -18.40 -24.00
N GLY I 256 56.18 -19.45 -24.80
CA GLY I 256 55.95 -20.80 -24.24
C GLY I 256 54.85 -20.83 -23.20
N ARG I 257 55.09 -21.52 -22.07
CA ARG I 257 54.04 -21.68 -21.03
C ARG I 257 53.51 -20.31 -20.57
N GLY I 258 54.41 -19.32 -20.46
CA GLY I 258 54.00 -17.99 -19.97
C GLY I 258 52.86 -17.43 -20.79
N GLU I 259 52.95 -17.55 -22.12
CA GLU I 259 51.90 -16.99 -23.02
C GLU I 259 51.18 -18.15 -23.73
N LEU I 260 51.25 -19.36 -23.18
CA LEU I 260 50.65 -20.52 -23.88
C LEU I 260 49.14 -20.29 -24.08
N SER I 261 48.41 -19.98 -23.01
CA SER I 261 46.97 -19.87 -23.13
C SER I 261 46.55 -18.86 -24.21
N ALA I 262 47.18 -17.68 -24.19
CA ALA I 262 46.84 -16.64 -25.14
C ALA I 262 47.15 -17.09 -26.57
N ARG I 263 48.30 -17.75 -26.76
CA ARG I 263 48.66 -18.24 -28.09
C ARG I 263 47.62 -19.23 -28.59
N GLN I 264 47.17 -20.12 -27.70
CA GLN I 264 46.24 -21.22 -28.10
C GLN I 264 44.84 -20.66 -28.37
N MET I 265 44.38 -19.61 -27.67
CA MET I 265 43.12 -18.96 -28.04
C MET I 265 43.25 -18.19 -29.35
N HIS I 266 44.38 -17.50 -29.55
CA HIS I 266 44.56 -16.75 -30.79
C HIS I 266 44.56 -17.68 -31.99
N LEU I 267 45.29 -18.80 -31.89
CA LEU I 267 45.35 -19.76 -32.98
C LEU I 267 44.00 -20.42 -33.20
N ALA I 268 43.24 -20.62 -32.11
CA ALA I 268 41.90 -21.19 -32.23
C ALA I 268 40.97 -20.26 -33.00
N ARG I 269 41.02 -18.97 -32.69
CA ARG I 269 40.19 -18.00 -33.41
C ARG I 269 40.62 -17.91 -34.87
N PHE I 270 41.95 -17.97 -35.10
CA PHE I 270 42.46 -17.99 -36.47
C PHE I 270 41.93 -19.18 -37.25
N LEU I 271 41.97 -20.37 -36.65
CA LEU I 271 41.51 -21.57 -37.34
C LEU I 271 40.00 -21.54 -37.56
N ARG I 272 39.24 -21.00 -36.60
CA ARG I 272 37.80 -20.89 -36.80
C ARG I 272 37.46 -19.91 -37.90
N MET I 273 38.19 -18.80 -38.00
CA MET I 273 37.99 -17.90 -39.14
C MET I 273 38.34 -18.61 -40.44
N LEU I 274 39.40 -19.41 -40.44
CA LEU I 274 39.77 -20.18 -41.64
C LEU I 274 38.65 -21.12 -42.05
N LEU I 275 38.08 -21.85 -41.09
CA LEU I 275 37.00 -22.79 -41.37
C LEU I 275 35.75 -22.07 -41.85
N ARG I 276 35.43 -20.94 -41.21
CA ARG I 276 34.32 -20.10 -41.62
C ARG I 276 34.47 -19.70 -43.08
N LEU I 277 35.66 -19.21 -43.44
CA LEU I 277 35.88 -18.76 -44.81
C LEU I 277 35.81 -19.93 -45.79
N ALA I 278 36.35 -21.10 -45.40
CA ALA I 278 36.31 -22.26 -46.27
C ALA I 278 34.89 -22.69 -46.56
N ASP I 279 34.04 -22.76 -45.53
CA ASP I 279 32.64 -23.10 -45.75
C ASP I 279 31.90 -21.97 -46.48
N GLU I 280 32.37 -20.74 -46.28
CA GLU I 280 31.79 -19.55 -46.87
C GLU I 280 31.89 -19.57 -48.39
N PHE I 281 33.13 -19.59 -48.89
CA PHE I 281 33.38 -19.36 -50.30
C PHE I 281 33.74 -20.63 -51.06
N GLY I 282 33.65 -21.79 -50.42
CA GLY I 282 33.92 -23.05 -51.10
C GLY I 282 35.33 -23.13 -51.65
N VAL I 283 36.30 -22.60 -50.92
CA VAL I 283 37.68 -22.55 -51.37
C VAL I 283 38.49 -23.59 -50.59
N ALA I 284 39.33 -24.33 -51.29
CA ALA I 284 40.29 -25.20 -50.61
C ALA I 284 41.28 -24.35 -49.84
N VAL I 285 41.53 -24.72 -48.59
CA VAL I 285 42.41 -23.94 -47.72
C VAL I 285 43.53 -24.88 -47.28
N VAL I 286 44.74 -24.62 -47.76
CA VAL I 286 45.87 -25.46 -47.43
C VAL I 286 46.82 -24.69 -46.52
N ILE I 287 47.23 -25.34 -45.43
CA ILE I 287 48.09 -24.74 -44.42
C ILE I 287 49.34 -25.58 -44.28
N THR I 288 50.47 -24.90 -44.19
CA THR I 288 51.76 -25.54 -43.95
C THR I 288 52.14 -25.32 -42.48
N ASN I 289 52.50 -26.42 -41.80
CA ASN I 289 52.77 -26.35 -40.34
C ASN I 289 54.23 -26.65 -40.03
N GLN I 290 54.76 -26.10 -38.94
CA GLN I 290 56.11 -26.35 -38.49
C GLN I 290 56.19 -27.71 -37.80
N VAL I 291 57.30 -27.95 -37.11
CA VAL I 291 57.50 -29.20 -36.39
C VAL I 291 58.36 -28.92 -35.16
N VAL I 292 58.06 -29.62 -34.08
CA VAL I 292 58.86 -29.54 -32.86
C VAL I 292 59.55 -30.87 -32.65
N ALA I 293 60.40 -30.96 -31.62
CA ALA I 293 61.11 -32.19 -31.30
C ALA I 293 60.48 -32.78 -30.05
N GLN I 294 59.96 -33.99 -30.17
CA GLN I 294 59.35 -34.67 -29.03
C GLN I 294 60.43 -35.27 -28.14
N VAL I 295 61.17 -34.42 -27.44
CA VAL I 295 62.26 -34.89 -26.59
C VAL I 295 61.72 -35.30 -25.22
N ASP I 296 61.32 -36.56 -25.11
CA ASP I 296 60.82 -37.07 -23.84
C ASP I 296 61.71 -38.19 -23.31
N GLY I 297 62.05 -39.14 -24.18
CA GLY I 297 62.90 -40.26 -23.79
C GLY I 297 62.41 -41.59 -24.33
N PRO I 305 61.61 -38.24 -32.90
CA PRO I 305 60.16 -38.15 -33.16
C PRO I 305 59.73 -36.73 -33.49
N LYS I 306 59.53 -36.46 -34.78
CA LYS I 306 59.15 -35.12 -35.22
C LYS I 306 57.66 -34.89 -35.08
N LYS I 307 57.19 -34.73 -33.84
CA LYS I 307 55.78 -34.47 -33.60
C LYS I 307 55.40 -33.07 -34.09
N PRO I 308 54.16 -32.89 -34.54
CA PRO I 308 53.73 -31.59 -35.04
C PRO I 308 53.75 -30.52 -33.96
N ILE I 309 53.95 -29.28 -34.39
CA ILE I 309 54.08 -28.14 -33.49
C ILE I 309 52.74 -27.85 -32.84
N GLY I 310 52.73 -27.30 -31.62
CA GLY I 310 51.47 -26.98 -30.93
C GLY I 310 50.80 -28.26 -30.47
N GLY I 311 49.47 -28.28 -30.36
CA GLY I 311 48.81 -29.48 -29.80
C GLY I 311 47.37 -29.71 -30.22
N ASN I 312 46.41 -29.62 -29.29
CA ASN I 312 45.03 -30.08 -29.55
C ASN I 312 44.02 -29.00 -30.00
N ILE I 313 44.46 -27.89 -30.60
CA ILE I 313 43.56 -26.87 -31.22
C ILE I 313 43.79 -27.00 -32.72
N ILE I 314 45.03 -27.31 -33.13
CA ILE I 314 45.46 -27.45 -34.51
C ILE I 314 45.45 -28.91 -34.95
N ALA I 315 45.31 -29.85 -34.02
CA ALA I 315 45.22 -31.27 -34.39
C ALA I 315 43.79 -31.65 -34.77
N HIS I 316 42.82 -30.89 -34.28
CA HIS I 316 41.45 -31.39 -34.19
C HIS I 316 40.61 -31.27 -35.46
N ALA I 317 40.61 -30.13 -36.14
CA ALA I 317 39.68 -30.01 -37.27
C ALA I 317 40.31 -30.57 -38.54
N SER I 318 41.35 -29.90 -39.04
CA SER I 318 42.44 -30.50 -39.81
C SER I 318 42.02 -31.68 -40.68
N THR I 319 41.11 -31.47 -41.62
CA THR I 319 40.49 -32.57 -42.34
C THR I 319 41.48 -33.43 -43.11
N THR I 320 42.65 -32.88 -43.44
CA THR I 320 43.71 -33.67 -44.06
C THR I 320 45.04 -33.25 -43.45
N ARG I 321 45.92 -34.20 -43.11
CA ARG I 321 47.17 -33.84 -42.37
C ARG I 321 48.40 -34.51 -42.99
N LEU I 322 48.56 -34.41 -44.31
CA LEU I 322 49.72 -34.95 -45.01
C LEU I 322 51.02 -34.68 -44.26
N TYR I 323 51.68 -35.74 -43.78
CA TYR I 323 52.94 -35.61 -43.06
C TYR I 323 54.10 -35.82 -44.03
N LEU I 324 54.63 -34.73 -44.56
CA LEU I 324 55.75 -34.83 -45.49
C LEU I 324 57.03 -35.16 -44.74
N ARG I 325 57.87 -35.96 -45.38
CA ARG I 325 59.15 -36.38 -44.83
C ARG I 325 60.15 -36.59 -45.95
N LYS I 326 61.37 -36.11 -45.76
CA LYS I 326 62.37 -36.16 -46.83
C LYS I 326 62.86 -37.59 -47.03
N GLY I 327 62.50 -38.18 -48.15
CA GLY I 327 62.90 -39.53 -48.47
C GLY I 327 64.30 -39.65 -49.03
N ARG I 328 64.54 -38.97 -50.16
CA ARG I 328 65.81 -39.04 -50.88
C ARG I 328 66.08 -37.70 -51.54
N GLY I 329 66.99 -37.66 -52.52
CA GLY I 329 67.36 -36.44 -53.21
C GLY I 329 66.18 -35.61 -53.69
N GLU I 330 65.37 -36.17 -54.59
CA GLU I 330 64.13 -35.52 -55.00
C GLU I 330 62.90 -36.15 -54.37
N THR I 331 62.87 -37.48 -54.27
CA THR I 331 61.69 -38.17 -53.74
C THR I 331 61.49 -37.83 -52.26
N ARG I 332 60.21 -37.76 -51.86
CA ARG I 332 59.84 -37.39 -50.47
C ARG I 332 58.53 -38.11 -50.13
N ILE I 333 58.34 -38.53 -48.89
CA ILE I 333 57.19 -39.29 -48.45
C ILE I 333 56.05 -38.33 -48.10
N CYS I 334 54.82 -38.81 -48.29
CA CYS I 334 53.62 -38.07 -47.87
C CYS I 334 52.63 -39.09 -47.31
N LYS I 335 52.68 -39.27 -45.99
CA LYS I 335 51.80 -40.20 -45.29
C LYS I 335 50.66 -39.40 -44.68
N ILE I 336 49.43 -39.82 -44.95
CA ILE I 336 48.26 -39.11 -44.42
C ILE I 336 48.11 -39.40 -42.95
N TYR I 337 48.25 -38.37 -42.11
CA TYR I 337 48.08 -38.54 -40.68
C TYR I 337 46.60 -38.65 -40.32
N ASP I 338 45.85 -37.56 -40.52
CA ASP I 338 44.45 -37.46 -40.06
C ASP I 338 43.54 -37.09 -41.23
N SER I 339 42.64 -38.00 -41.65
CA SER I 339 41.69 -37.72 -42.72
C SER I 339 40.44 -38.58 -42.51
N PRO I 340 39.32 -38.02 -41.97
CA PRO I 340 38.11 -38.83 -41.65
C PRO I 340 37.71 -39.74 -42.80
N CYS I 341 38.24 -39.50 -44.00
CA CYS I 341 37.82 -40.30 -45.18
C CYS I 341 39.02 -41.05 -45.79
N LEU I 342 40.14 -40.37 -46.04
CA LEU I 342 41.29 -41.01 -46.72
C LEU I 342 41.94 -42.04 -45.77
N PRO I 343 42.55 -43.13 -46.29
CA PRO I 343 43.20 -44.18 -45.46
C PRO I 343 44.60 -43.76 -45.03
N GLU I 344 45.27 -44.59 -44.22
CA GLU I 344 46.63 -44.28 -43.74
C GLU I 344 47.67 -44.75 -44.77
N ALA I 345 47.66 -44.16 -45.97
CA ALA I 345 48.60 -44.55 -47.01
C ALA I 345 49.85 -43.66 -46.98
N GLU I 346 50.71 -43.86 -47.98
CA GLU I 346 51.95 -43.09 -48.12
C GLU I 346 52.31 -43.05 -49.59
N ALA I 347 53.20 -42.13 -49.94
CA ALA I 347 53.51 -41.91 -51.36
C ALA I 347 55.02 -41.64 -51.51
N MET I 348 55.42 -41.27 -52.72
CA MET I 348 56.82 -41.02 -53.06
C MET I 348 56.84 -40.10 -54.27
N PHE I 349 57.16 -38.82 -54.06
CA PHE I 349 57.09 -37.83 -55.11
C PHE I 349 58.38 -37.01 -55.14
N ALA I 350 58.88 -36.79 -56.35
CA ALA I 350 60.16 -36.13 -56.55
C ALA I 350 59.99 -34.63 -56.75
N ILE I 351 60.85 -33.83 -56.10
CA ILE I 351 60.82 -32.34 -56.22
C ILE I 351 61.65 -31.94 -57.46
N ASN I 352 61.08 -32.11 -58.65
CA ASN I 352 61.77 -31.75 -59.93
C ASN I 352 61.88 -30.23 -60.01
N ALA I 353 62.40 -29.69 -61.13
CA ALA I 353 62.44 -28.22 -61.35
C ALA I 353 61.00 -27.76 -61.58
N ASP I 354 60.15 -28.62 -62.14
CA ASP I 354 58.73 -28.33 -62.35
C ASP I 354 57.97 -28.25 -61.02
N GLY I 355 58.59 -28.71 -59.94
CA GLY I 355 57.96 -28.72 -58.63
C GLY I 355 57.74 -30.14 -58.13
N VAL I 356 56.54 -30.39 -57.62
CA VAL I 356 56.21 -31.74 -57.17
C VAL I 356 55.90 -32.61 -58.38
N GLY I 357 56.49 -33.79 -58.43
CA GLY I 357 56.30 -34.66 -59.56
C GLY I 357 56.61 -36.10 -59.20
N ASP I 358 57.06 -36.84 -60.21
CA ASP I 358 57.35 -38.27 -60.08
C ASP I 358 58.26 -38.58 -58.89
N PRO J 44 5.95 -41.17 -26.35
CA PRO J 44 6.31 -39.86 -26.92
C PRO J 44 5.14 -39.21 -27.65
N GLN J 45 3.99 -39.13 -27.00
CA GLN J 45 2.83 -38.52 -27.63
C GLN J 45 3.04 -37.01 -27.81
N PRO J 46 2.58 -36.45 -28.92
CA PRO J 46 2.78 -35.02 -29.15
C PRO J 46 1.79 -34.18 -28.36
N ILE J 47 1.79 -32.88 -28.60
CA ILE J 47 0.90 -31.94 -27.92
C ILE J 47 -0.51 -32.15 -28.45
N SER J 48 -0.68 -33.10 -29.37
CA SER J 48 -1.99 -33.42 -29.91
C SER J 48 -2.95 -33.87 -28.83
N ARG J 49 -2.47 -34.66 -27.87
CA ARG J 49 -3.30 -35.05 -26.74
C ARG J 49 -3.51 -33.91 -25.75
N LEU J 50 -2.72 -32.83 -25.88
CA LEU J 50 -2.74 -31.72 -24.89
C LEU J 50 -3.81 -30.65 -25.19
N GLU J 51 -4.30 -30.52 -26.43
CA GLU J 51 -5.40 -29.57 -26.68
C GLU J 51 -6.69 -30.00 -26.02
N GLN J 52 -6.75 -31.23 -25.52
CA GLN J 52 -7.93 -31.72 -24.80
C GLN J 52 -7.96 -31.07 -23.42
N CYS J 53 -8.93 -31.49 -22.60
CA CYS J 53 -9.12 -30.98 -21.24
C CYS J 53 -9.40 -29.48 -21.22
N GLY J 54 -9.85 -28.93 -22.34
CA GLY J 54 -10.18 -27.52 -22.40
C GLY J 54 -8.97 -26.60 -22.42
N ILE J 55 -7.78 -27.16 -22.57
CA ILE J 55 -6.58 -26.34 -22.71
C ILE J 55 -6.64 -25.67 -24.06
N ASN J 56 -6.75 -24.34 -24.06
CA ASN J 56 -7.02 -23.58 -25.29
C ASN J 56 -5.98 -23.88 -26.37
N ALA J 57 -6.48 -24.17 -27.58
CA ALA J 57 -5.60 -24.59 -28.67
C ALA J 57 -4.62 -23.49 -29.07
N ASN J 58 -5.00 -22.22 -28.90
CA ASN J 58 -4.09 -21.14 -29.27
C ASN J 58 -2.88 -21.10 -28.34
N ASP J 59 -3.11 -21.18 -27.03
CA ASP J 59 -1.99 -21.25 -26.10
C ASP J 59 -1.16 -22.51 -26.34
N VAL J 60 -1.83 -23.59 -26.72
CA VAL J 60 -1.12 -24.80 -27.14
C VAL J 60 -0.18 -24.50 -28.29
N LYS J 61 -0.66 -23.74 -29.28
CA LYS J 61 0.15 -23.41 -30.43
C LYS J 61 1.33 -22.53 -30.06
N LYS J 62 1.10 -21.56 -29.18
CA LYS J 62 2.19 -20.72 -28.71
C LYS J 62 3.27 -21.54 -28.00
N LEU J 63 2.87 -22.40 -27.07
CA LEU J 63 3.87 -23.20 -26.37
C LEU J 63 4.52 -24.23 -27.30
N GLU J 64 3.82 -24.63 -28.35
CA GLU J 64 4.41 -25.53 -29.34
C GLU J 64 5.51 -24.83 -30.13
N GLU J 65 5.23 -23.62 -30.60
CA GLU J 65 6.27 -22.84 -31.27
C GLU J 65 7.38 -22.45 -30.31
N ALA J 66 7.08 -22.41 -29.02
CA ALA J 66 8.10 -22.11 -28.01
C ALA J 66 8.83 -23.37 -27.58
N GLY J 67 9.37 -24.12 -28.54
CA GLY J 67 10.21 -25.26 -28.24
C GLY J 67 9.46 -26.55 -27.97
N TYR J 68 8.63 -26.57 -26.93
CA TYR J 68 7.95 -27.77 -26.47
C TYR J 68 7.07 -28.34 -27.57
N HIS J 69 7.43 -29.52 -28.08
CA HIS J 69 6.67 -30.18 -29.13
C HIS J 69 5.98 -31.46 -28.70
N THR J 70 6.23 -31.93 -27.48
CA THR J 70 5.66 -33.17 -26.98
C THR J 70 5.21 -32.97 -25.53
N VAL J 71 4.16 -33.72 -25.16
CA VAL J 71 3.54 -33.62 -23.80
C VAL J 71 4.59 -33.85 -22.70
N GLU J 72 5.52 -34.78 -22.90
CA GLU J 72 6.59 -34.98 -21.92
C GLU J 72 7.49 -33.77 -21.78
N ALA J 73 7.81 -33.09 -22.88
CA ALA J 73 8.70 -31.93 -22.81
C ALA J 73 8.09 -30.82 -21.95
N VAL J 74 6.81 -30.55 -22.13
CA VAL J 74 6.12 -29.52 -21.36
C VAL J 74 5.86 -30.05 -19.96
N ALA J 75 5.98 -31.36 -19.78
CA ALA J 75 5.87 -31.96 -18.46
C ALA J 75 7.16 -31.89 -17.65
N TYR J 76 8.32 -31.87 -18.32
CA TYR J 76 9.59 -31.69 -17.63
C TYR J 76 10.02 -30.22 -17.58
N ALA J 77 9.22 -29.34 -18.18
CA ALA J 77 9.58 -27.92 -18.16
C ALA J 77 9.28 -27.32 -16.80
N PRO J 78 10.20 -26.50 -16.28
CA PRO J 78 9.98 -25.90 -14.97
C PRO J 78 8.78 -24.96 -14.97
N LYS J 79 8.15 -24.83 -13.80
CA LYS J 79 7.05 -23.87 -13.65
C LYS J 79 7.52 -22.45 -13.93
N LYS J 80 8.68 -22.09 -13.40
CA LYS J 80 9.23 -20.75 -13.61
C LYS J 80 9.57 -20.53 -15.08
N GLU J 81 10.14 -21.54 -15.73
CA GLU J 81 10.43 -21.43 -17.15
C GLU J 81 9.15 -21.36 -17.97
N LEU J 82 8.11 -22.09 -17.51
CA LEU J 82 6.83 -22.04 -18.21
C LEU J 82 6.18 -20.67 -18.12
N ILE J 83 6.30 -20.01 -16.97
CA ILE J 83 5.58 -18.76 -16.76
C ILE J 83 6.10 -17.62 -17.64
N ASN J 84 7.40 -17.65 -17.94
CA ASN J 84 8.01 -16.58 -18.78
C ASN J 84 7.81 -16.92 -20.26
N ILE J 85 6.92 -17.86 -20.55
CA ILE J 85 6.69 -18.29 -21.97
C ILE J 85 5.42 -17.59 -22.49
N LYS J 86 5.55 -16.81 -23.57
CA LYS J 86 4.38 -16.14 -24.19
C LYS J 86 3.41 -15.62 -23.11
N GLY J 87 2.12 -15.96 -23.23
CA GLY J 87 1.12 -15.48 -22.27
C GLY J 87 0.67 -16.58 -21.33
N ILE J 88 1.12 -17.82 -21.57
CA ILE J 88 0.78 -18.94 -20.63
C ILE J 88 1.25 -18.54 -19.23
N SER J 89 0.32 -18.41 -18.28
CA SER J 89 0.69 -17.94 -16.92
C SER J 89 -0.38 -18.33 -15.89
N GLU J 90 -0.02 -18.33 -14.61
CA GLU J 90 -0.98 -18.65 -13.52
C GLU J 90 -1.78 -19.91 -13.86
N ALA J 91 -3.11 -19.83 -13.84
CA ALA J 91 -3.95 -21.02 -14.06
C ALA J 91 -3.54 -21.72 -15.37
N LYS J 92 -3.23 -20.93 -16.40
CA LYS J 92 -2.81 -21.50 -17.70
C LYS J 92 -1.54 -22.35 -17.49
N ALA J 93 -0.64 -21.90 -16.63
CA ALA J 93 0.63 -22.64 -16.38
C ALA J 93 0.41 -23.70 -15.29
N ASP J 94 -0.80 -23.75 -14.72
CA ASP J 94 -1.11 -24.74 -13.66
C ASP J 94 -1.88 -25.91 -14.27
N LYS J 95 -3.05 -25.64 -14.85
CA LYS J 95 -3.84 -26.70 -15.49
C LYS J 95 -2.97 -27.54 -16.42
N ILE J 96 -2.03 -26.91 -17.12
CA ILE J 96 -1.17 -27.62 -18.06
C ILE J 96 -0.26 -28.55 -17.27
N LEU J 97 0.24 -28.09 -16.12
CA LEU J 97 1.09 -28.94 -15.28
C LEU J 97 0.32 -30.16 -14.78
N THR J 98 -0.88 -29.94 -14.23
CA THR J 98 -1.66 -31.06 -13.72
C THR J 98 -2.04 -32.03 -14.81
N GLU J 99 -2.45 -31.51 -15.98
CA GLU J 99 -2.89 -32.38 -17.07
C GLU J 99 -1.71 -33.17 -17.63
N ALA J 100 -0.54 -32.53 -17.73
CA ALA J 100 0.65 -33.25 -18.17
C ALA J 100 1.05 -34.33 -17.17
N ALA J 101 0.93 -34.02 -15.87
CA ALA J 101 1.23 -35.02 -14.85
C ALA J 101 0.27 -36.21 -14.97
N LYS J 102 -0.99 -35.94 -15.31
CA LYS J 102 -1.93 -37.02 -15.57
C LYS J 102 -1.55 -37.81 -16.82
N LEU J 103 -1.05 -37.12 -17.85
CA LEU J 103 -0.76 -37.81 -19.12
C LEU J 103 0.47 -38.70 -19.00
N VAL J 104 1.53 -38.22 -18.34
CA VAL J 104 2.78 -38.94 -18.23
C VAL J 104 3.05 -39.19 -16.76
N PRO J 105 3.32 -40.43 -16.35
CA PRO J 105 3.59 -40.70 -14.93
C PRO J 105 4.85 -39.97 -14.46
N MET J 106 4.74 -39.41 -13.26
CA MET J 106 5.86 -38.72 -12.63
C MET J 106 5.95 -39.18 -11.18
N GLY J 107 5.18 -40.21 -10.84
CA GLY J 107 5.06 -40.67 -9.48
C GLY J 107 6.17 -41.63 -9.08
N PHE J 108 5.94 -42.29 -7.95
CA PHE J 108 6.93 -43.15 -7.32
C PHE J 108 6.70 -44.60 -7.75
N THR J 109 7.35 -45.00 -8.84
CA THR J 109 7.32 -46.40 -9.23
C THR J 109 8.24 -47.21 -8.32
N THR J 110 8.08 -48.53 -8.35
CA THR J 110 8.97 -49.42 -7.62
C THR J 110 10.13 -49.82 -8.51
N ALA J 111 11.11 -50.50 -7.92
CA ALA J 111 12.34 -50.78 -8.65
C ALA J 111 12.15 -51.88 -9.68
N THR J 112 11.27 -52.84 -9.40
CA THR J 112 11.06 -53.95 -10.32
C THR J 112 10.50 -53.50 -11.65
N GLU J 113 9.56 -52.55 -11.63
CA GLU J 113 9.01 -52.02 -12.87
C GLU J 113 10.10 -51.33 -13.69
N PHE J 114 10.97 -50.59 -13.02
CA PHE J 114 12.09 -49.95 -13.72
C PHE J 114 13.04 -50.99 -14.30
N HIS J 115 13.25 -52.09 -13.57
CA HIS J 115 14.17 -53.16 -14.02
C HIS J 115 13.51 -53.91 -15.20
N GLN J 116 12.17 -53.80 -15.33
CA GLN J 116 11.43 -54.42 -16.46
C GLN J 116 11.52 -53.47 -17.67
N ARG J 117 11.50 -52.17 -17.46
CA ARG J 117 11.69 -51.18 -18.52
C ARG J 117 13.13 -51.16 -19.03
N ARG J 118 14.10 -51.35 -18.13
CA ARG J 118 15.51 -51.39 -18.52
C ARG J 118 15.86 -52.65 -19.28
N SER J 119 15.26 -53.79 -18.95
CA SER J 119 15.46 -55.00 -19.72
C SER J 119 14.82 -54.85 -21.10
N GLU J 120 13.85 -53.93 -21.20
CA GLU J 120 13.25 -53.61 -22.49
C GLU J 120 14.01 -52.52 -23.24
N ILE J 121 15.30 -52.31 -22.94
CA ILE J 121 16.06 -51.28 -23.62
C ILE J 121 16.70 -51.86 -24.88
N ILE J 122 16.91 -51.00 -25.88
CA ILE J 122 17.32 -51.43 -27.21
C ILE J 122 18.76 -51.95 -27.19
N GLN J 123 19.68 -51.17 -26.61
CA GLN J 123 21.10 -51.51 -26.55
C GLN J 123 21.71 -51.73 -27.93
N ILE J 124 21.79 -50.64 -28.70
CA ILE J 124 22.39 -50.68 -30.06
C ILE J 124 23.84 -51.17 -29.90
N THR J 125 24.42 -51.79 -30.93
CA THR J 125 25.74 -52.41 -30.90
C THR J 125 26.70 -51.65 -31.80
N THR J 126 27.93 -51.48 -31.33
CA THR J 126 28.98 -50.92 -32.16
C THR J 126 29.37 -51.92 -33.26
N GLY J 127 30.19 -51.45 -34.20
CA GLY J 127 30.58 -52.28 -35.33
C GLY J 127 31.36 -53.52 -34.95
N SER J 128 32.28 -53.42 -34.01
CA SER J 128 33.10 -54.56 -33.64
C SER J 128 32.38 -55.43 -32.62
N LYS J 129 33.00 -56.54 -32.25
CA LYS J 129 32.47 -57.44 -31.23
C LYS J 129 33.22 -57.34 -29.92
N GLU J 130 34.52 -57.06 -29.94
CA GLU J 130 35.25 -56.80 -28.69
C GLU J 130 34.71 -55.57 -27.99
N LEU J 131 34.43 -54.51 -28.76
CA LEU J 131 33.80 -53.32 -28.18
C LEU J 131 32.44 -53.67 -27.61
N ASP J 132 31.67 -54.47 -28.34
CA ASP J 132 30.35 -54.90 -27.87
C ASP J 132 30.49 -55.65 -26.55
N LYS J 133 31.54 -56.45 -26.41
CA LYS J 133 31.80 -57.10 -25.12
C LYS J 133 32.14 -56.07 -24.05
N LEU J 134 32.84 -55.00 -24.43
CA LEU J 134 33.27 -54.00 -23.45
C LEU J 134 32.07 -53.30 -22.81
N LEU J 135 31.21 -52.72 -23.66
CA LEU J 135 30.02 -51.99 -23.16
C LEU J 135 28.93 -53.01 -22.79
N GLN J 136 29.29 -54.29 -22.73
CA GLN J 136 28.31 -55.34 -22.33
C GLN J 136 26.99 -55.15 -23.08
N GLY J 137 27.02 -55.18 -24.42
CA GLY J 137 25.76 -55.09 -25.20
C GLY J 137 25.75 -53.90 -26.13
N GLY J 138 26.81 -53.08 -26.11
CA GLY J 138 26.91 -51.94 -27.04
C GLY J 138 26.34 -50.67 -26.44
N ILE J 139 26.12 -49.64 -27.26
CA ILE J 139 25.64 -48.33 -26.76
C ILE J 139 24.21 -48.46 -26.22
N GLU J 140 24.00 -48.22 -24.92
CA GLU J 140 22.66 -48.26 -24.37
C GLU J 140 21.89 -46.99 -24.74
N THR J 141 20.58 -47.15 -24.92
CA THR J 141 19.73 -46.01 -25.22
C THR J 141 19.30 -45.30 -23.94
N GLY J 142 18.76 -44.10 -24.11
CA GLY J 142 18.32 -43.30 -22.98
C GLY J 142 19.43 -42.92 -22.04
N SER J 143 20.60 -42.59 -22.61
CA SER J 143 21.75 -42.17 -21.82
C SER J 143 22.78 -41.49 -22.71
N ILE J 144 23.23 -40.30 -22.32
CA ILE J 144 24.22 -39.57 -23.11
C ILE J 144 25.57 -40.21 -22.88
N THR J 145 26.28 -40.52 -23.97
CA THR J 145 27.62 -41.07 -23.88
C THR J 145 28.61 -40.08 -24.49
N GLU J 146 29.84 -40.12 -23.99
CA GLU J 146 30.91 -39.23 -24.42
C GLU J 146 32.06 -40.06 -24.96
N MET J 147 32.84 -39.51 -25.90
CA MET J 147 33.95 -40.26 -26.55
C MET J 147 35.25 -39.46 -26.49
N PHE J 148 35.53 -38.75 -25.39
CA PHE J 148 36.76 -38.02 -25.19
C PHE J 148 37.96 -38.81 -25.69
N GLY J 149 38.81 -38.14 -26.49
CA GLY J 149 39.99 -38.76 -27.03
C GLY J 149 40.82 -37.77 -27.82
N GLU J 150 42.06 -38.18 -28.11
CA GLU J 150 43.02 -37.38 -28.83
C GLU J 150 42.67 -37.41 -30.32
N PHE J 151 43.33 -36.58 -31.12
CA PHE J 151 43.13 -36.61 -32.56
C PHE J 151 43.60 -37.95 -33.14
N ARG J 152 43.09 -38.28 -34.31
CA ARG J 152 43.46 -39.50 -35.04
C ARG J 152 43.09 -40.76 -34.27
N THR J 153 41.96 -40.69 -33.56
CA THR J 153 41.60 -41.78 -32.66
C THR J 153 40.39 -42.58 -33.07
N GLY J 154 39.49 -42.05 -33.89
CA GLY J 154 38.38 -42.87 -34.36
C GLY J 154 36.99 -42.32 -34.17
N LYS J 155 36.86 -41.21 -33.44
CA LYS J 155 35.57 -40.60 -33.08
C LYS J 155 34.55 -40.63 -34.20
N THR J 156 34.88 -39.96 -35.31
CA THR J 156 33.96 -39.83 -36.45
C THR J 156 33.80 -41.18 -37.13
N GLN J 157 34.78 -42.08 -37.04
CA GLN J 157 34.63 -43.45 -37.61
C GLN J 157 33.58 -44.22 -36.79
N ILE J 158 33.52 -43.95 -35.48
CA ILE J 158 32.56 -44.61 -34.56
C ILE J 158 31.20 -43.91 -34.72
N CYS J 159 31.17 -42.61 -35.01
CA CYS J 159 29.91 -41.86 -35.22
C CYS J 159 29.21 -42.42 -36.48
N HIS J 160 29.96 -42.69 -37.55
CA HIS J 160 29.44 -43.24 -38.79
C HIS J 160 28.95 -44.67 -38.60
N THR J 161 29.72 -45.47 -37.87
CA THR J 161 29.37 -46.86 -37.63
C THR J 161 28.05 -46.97 -36.89
N LEU J 162 27.87 -46.17 -35.83
CA LEU J 162 26.60 -46.19 -35.10
C LEU J 162 25.46 -45.71 -35.97
N ALA J 163 25.70 -44.67 -36.77
CA ALA J 163 24.67 -44.15 -37.66
C ALA J 163 24.21 -45.22 -38.64
N VAL J 164 25.11 -46.10 -39.05
CA VAL J 164 24.72 -47.14 -40.00
C VAL J 164 24.19 -48.40 -39.30
N THR J 165 24.61 -48.68 -38.07
CA THR J 165 24.12 -49.87 -37.39
C THR J 165 22.78 -49.62 -36.71
N CYS J 166 22.39 -48.34 -36.64
CA CYS J 166 21.07 -47.97 -36.10
C CYS J 166 19.99 -48.54 -37.02
N GLN J 167 20.19 -48.49 -38.36
CA GLN J 167 19.22 -48.94 -39.33
C GLN J 167 19.37 -50.43 -39.61
N LEU J 168 19.37 -51.23 -38.55
CA LEU J 168 19.44 -52.67 -38.63
C LEU J 168 18.35 -53.29 -37.76
N PRO J 169 17.88 -54.49 -38.12
CA PRO J 169 16.90 -55.17 -37.26
C PRO J 169 17.43 -55.36 -35.85
N ILE J 170 16.56 -55.24 -34.85
CA ILE J 170 16.95 -55.38 -33.45
C ILE J 170 17.50 -56.79 -33.23
N ASP J 171 17.10 -57.72 -34.09
CA ASP J 171 17.64 -59.08 -34.09
C ASP J 171 19.15 -59.00 -34.28
N ARG J 172 19.58 -58.44 -35.42
CA ARG J 172 21.01 -58.35 -35.71
C ARG J 172 21.71 -57.38 -34.77
N GLY J 173 21.01 -56.30 -34.40
CA GLY J 173 21.59 -55.29 -33.50
C GLY J 173 21.34 -53.88 -34.00
N GLY J 174 20.51 -53.12 -33.28
CA GLY J 174 20.16 -51.76 -33.71
C GLY J 174 18.76 -51.39 -33.25
N GLY J 175 18.31 -50.17 -33.55
CA GLY J 175 16.97 -49.72 -33.14
C GLY J 175 16.08 -49.51 -34.34
N GLU J 176 16.60 -49.76 -35.55
CA GLU J 176 15.82 -49.55 -36.80
C GLU J 176 15.21 -48.14 -36.77
N GLY J 177 15.96 -47.16 -36.25
CA GLY J 177 15.47 -45.77 -36.20
C GLY J 177 16.42 -44.84 -36.90
N LYS J 178 15.92 -44.00 -37.80
CA LYS J 178 16.82 -43.12 -38.59
C LYS J 178 17.73 -42.32 -37.66
N ALA J 179 19.05 -42.40 -37.86
CA ALA J 179 19.98 -41.59 -37.08
C ALA J 179 19.90 -40.13 -37.51
N MET J 180 20.29 -39.24 -36.61
CA MET J 180 20.24 -37.81 -36.85
C MET J 180 21.60 -37.20 -36.53
N TYR J 181 22.43 -37.04 -37.55
CA TYR J 181 23.77 -36.47 -37.43
C TYR J 181 23.66 -34.95 -37.40
N ILE J 182 24.09 -34.35 -36.29
CA ILE J 182 23.97 -32.88 -36.06
C ILE J 182 25.37 -32.37 -35.68
N ASP J 183 26.42 -32.90 -36.31
CA ASP J 183 27.81 -32.49 -36.02
C ASP J 183 28.06 -31.05 -36.45
N THR J 184 29.14 -30.48 -35.92
CA THR J 184 29.53 -29.11 -36.26
C THR J 184 30.96 -29.06 -36.80
N GLU J 185 31.49 -30.20 -37.22
CA GLU J 185 32.85 -30.29 -37.74
C GLU J 185 32.90 -30.21 -39.26
N GLY J 186 31.88 -30.74 -39.95
CA GLY J 186 31.89 -30.88 -41.39
C GLY J 186 32.56 -32.17 -41.84
N THR J 187 33.04 -32.98 -40.90
CA THR J 187 33.74 -34.22 -41.24
C THR J 187 32.80 -35.30 -41.74
N PHE J 188 31.49 -35.09 -41.65
CA PHE J 188 30.52 -36.09 -42.11
C PHE J 188 30.70 -36.42 -43.58
N ARG J 189 31.09 -37.65 -43.87
CA ARG J 189 31.31 -38.13 -45.24
C ARG J 189 30.25 -39.18 -45.54
N PRO J 190 29.23 -38.87 -46.35
CA PRO J 190 28.21 -39.87 -46.68
C PRO J 190 28.80 -41.10 -47.34
N GLU J 191 29.91 -40.91 -48.08
CA GLU J 191 30.59 -42.02 -48.72
C GLU J 191 31.02 -43.07 -47.70
N ARG J 192 31.33 -42.64 -46.48
CA ARG J 192 31.77 -43.58 -45.46
C ARG J 192 30.62 -44.46 -44.98
N LEU J 193 29.43 -43.88 -44.83
CA LEU J 193 28.25 -44.68 -44.54
C LEU J 193 27.96 -45.65 -45.68
N LEU J 194 28.07 -45.15 -46.93
CA LEU J 194 27.86 -46.01 -48.08
C LEU J 194 28.83 -47.19 -48.06
N ALA J 195 30.07 -46.94 -47.62
CA ALA J 195 31.07 -47.99 -47.58
C ALA J 195 30.79 -48.99 -46.47
N VAL J 196 30.44 -48.51 -45.27
CA VAL J 196 30.24 -49.44 -44.16
C VAL J 196 28.95 -50.23 -44.34
N ALA J 197 27.99 -49.70 -45.11
CA ALA J 197 26.76 -50.42 -45.38
C ALA J 197 27.04 -51.77 -46.05
N GLU J 198 28.09 -51.80 -46.87
CA GLU J 198 28.46 -53.05 -47.58
C GLU J 198 28.77 -54.14 -46.54
N ARG J 199 29.38 -53.75 -45.41
CA ARG J 199 29.78 -54.75 -44.37
C ARG J 199 28.51 -55.49 -43.87
N TYR J 200 27.39 -54.77 -43.77
CA TYR J 200 26.13 -55.38 -43.25
C TYR J 200 25.22 -55.71 -44.43
N GLY J 201 25.80 -55.91 -45.62
CA GLY J 201 25.00 -56.23 -46.81
C GLY J 201 23.76 -55.37 -46.89
N LEU J 202 23.83 -54.17 -46.32
CA LEU J 202 22.68 -53.27 -46.32
C LEU J 202 22.55 -52.54 -47.66
N SER J 203 21.56 -51.65 -47.77
CA SER J 203 21.32 -50.91 -49.01
C SER J 203 21.71 -49.45 -48.75
N GLY J 204 22.74 -49.00 -49.47
CA GLY J 204 23.25 -47.66 -49.31
C GLY J 204 22.22 -46.58 -49.60
N SER J 205 21.39 -46.80 -50.62
CA SER J 205 20.37 -45.83 -50.99
C SER J 205 19.42 -45.57 -49.84
N ASP J 206 19.19 -46.59 -49.00
CA ASP J 206 18.36 -46.42 -47.77
C ASP J 206 19.27 -45.98 -46.61
N VAL J 207 20.53 -46.42 -46.61
CA VAL J 207 21.50 -46.08 -45.52
C VAL J 207 21.61 -44.55 -45.48
N LEU J 208 21.49 -43.90 -46.63
CA LEU J 208 21.61 -42.44 -46.72
C LEU J 208 20.27 -41.74 -46.55
N ASP J 209 19.18 -42.40 -46.95
CA ASP J 209 17.83 -41.76 -46.90
C ASP J 209 17.39 -41.51 -45.45
N ASN J 210 18.04 -42.17 -44.47
CA ASN J 210 17.64 -42.05 -43.04
C ASN J 210 18.47 -41.01 -42.29
N VAL J 211 19.80 -41.07 -42.35
CA VAL J 211 20.64 -40.20 -41.55
C VAL J 211 20.37 -38.75 -41.95
N ALA J 212 19.79 -37.97 -41.04
CA ALA J 212 19.56 -36.55 -41.29
C ALA J 212 20.76 -35.75 -40.80
N TYR J 213 21.31 -34.92 -41.69
CA TYR J 213 22.57 -34.23 -41.44
C TYR J 213 22.36 -32.73 -41.38
N ALA J 214 23.02 -32.09 -40.43
CA ALA J 214 22.99 -30.64 -40.30
C ALA J 214 24.28 -30.17 -39.63
N ARG J 215 24.74 -28.99 -40.01
CA ARG J 215 25.98 -28.42 -39.49
C ARG J 215 25.65 -27.29 -38.51
N GLY J 216 26.21 -27.37 -37.31
CA GLY J 216 26.10 -26.28 -36.36
C GLY J 216 27.20 -25.27 -36.56
N PHE J 217 26.94 -24.15 -37.25
CA PHE J 217 28.00 -23.18 -37.63
C PHE J 217 28.57 -22.47 -36.40
N ASN J 218 27.73 -22.13 -35.42
CA ASN J 218 28.18 -21.34 -34.24
C ASN J 218 27.72 -22.01 -32.95
N THR J 219 28.02 -21.41 -31.78
CA THR J 219 27.62 -21.92 -30.48
C THR J 219 26.25 -21.36 -30.06
N ASP J 220 25.31 -21.42 -31.00
CA ASP J 220 23.92 -21.00 -30.66
C ASP J 220 23.31 -22.11 -29.81
N HIS J 221 24.09 -23.11 -29.33
CA HIS J 221 23.61 -24.31 -28.58
C HIS J 221 22.97 -25.16 -29.68
N GLN J 222 23.27 -24.84 -30.94
CA GLN J 222 22.55 -25.49 -32.06
C GLN J 222 21.10 -25.48 -31.58
N THR J 223 20.56 -24.29 -31.27
CA THR J 223 19.16 -24.20 -30.87
C THR J 223 18.23 -24.49 -32.05
N GLN J 224 18.44 -23.80 -33.16
CA GLN J 224 17.54 -23.90 -34.30
C GLN J 224 17.63 -25.27 -34.95
N LEU J 225 18.68 -26.02 -34.60
CA LEU J 225 18.89 -27.39 -35.12
C LEU J 225 18.30 -28.42 -34.16
N LEU J 226 18.71 -28.42 -32.89
CA LEU J 226 18.35 -29.44 -31.92
C LEU J 226 17.06 -29.11 -31.16
N TYR J 227 16.36 -28.04 -31.53
CA TYR J 227 14.96 -27.87 -31.17
C TYR J 227 14.02 -28.28 -32.28
N GLN J 228 14.36 -28.00 -33.55
CA GLN J 228 13.69 -28.60 -34.71
C GLN J 228 13.90 -30.10 -34.77
N ALA J 229 14.90 -30.60 -34.04
CA ALA J 229 15.08 -32.05 -33.90
C ALA J 229 13.79 -32.71 -33.42
N GLU J 230 13.15 -32.14 -32.38
CA GLU J 230 11.87 -32.71 -31.93
C GLU J 230 10.79 -32.55 -32.98
N ASP J 231 10.78 -31.41 -33.67
CA ASP J 231 9.78 -31.14 -34.69
C ASP J 231 9.79 -32.24 -35.75
N MET J 232 10.97 -32.73 -36.10
CA MET J 232 11.14 -33.78 -37.14
C MET J 232 11.30 -35.17 -36.51
N MET J 233 11.43 -35.28 -35.19
CA MET J 233 11.55 -36.60 -34.51
C MET J 233 10.19 -37.10 -34.02
N VAL J 234 9.25 -36.22 -33.62
CA VAL J 234 8.02 -36.72 -33.01
C VAL J 234 7.20 -37.51 -34.03
N GLU J 235 7.25 -37.10 -35.30
CA GLU J 235 6.44 -37.73 -36.32
C GLU J 235 7.04 -39.02 -36.87
N SER J 236 8.22 -39.42 -36.41
CA SER J 236 8.86 -40.63 -36.91
C SER J 236 9.60 -41.30 -35.76
N ARG J 237 10.38 -42.32 -36.06
CA ARG J 237 11.18 -43.04 -35.07
C ARG J 237 12.65 -42.78 -35.32
N TYR J 238 13.39 -42.50 -34.25
CA TYR J 238 14.79 -42.14 -34.35
C TYR J 238 15.60 -42.91 -33.33
N ALA J 239 16.90 -43.08 -33.55
CA ALA J 239 17.63 -43.93 -32.55
C ALA J 239 18.97 -43.32 -32.13
N LEU J 240 19.65 -42.59 -33.03
CA LEU J 240 20.99 -42.05 -32.68
C LEU J 240 20.98 -40.52 -32.79
N LEU J 241 21.71 -39.84 -31.90
CA LEU J 241 21.80 -38.36 -31.93
C LEU J 241 23.26 -37.93 -32.02
N ILE J 242 24.08 -38.66 -32.79
CA ILE J 242 25.51 -38.27 -32.98
C ILE J 242 25.57 -36.76 -33.19
N VAL J 243 26.42 -36.10 -32.39
CA VAL J 243 26.73 -34.65 -32.55
C VAL J 243 28.25 -34.62 -32.43
N ASP J 244 28.99 -34.72 -33.54
CA ASP J 244 30.47 -34.87 -33.48
C ASP J 244 31.17 -33.70 -32.80
N SER J 245 30.44 -32.63 -32.48
CA SER J 245 31.11 -31.43 -31.91
C SER J 245 31.16 -31.50 -30.38
N ALA J 246 30.01 -31.43 -29.73
CA ALA J 246 29.95 -31.39 -28.25
C ALA J 246 30.55 -30.07 -27.76
N THR J 247 31.87 -29.89 -27.88
CA THR J 247 32.50 -28.67 -27.32
C THR J 247 33.52 -28.13 -28.29
N ALA J 248 33.35 -28.40 -29.59
CA ALA J 248 34.28 -27.83 -30.59
C ALA J 248 34.11 -26.33 -30.67
N LEU J 249 32.87 -25.86 -30.83
CA LEU J 249 32.60 -24.41 -30.89
C LEU J 249 32.65 -23.83 -29.47
N TYR J 250 32.35 -24.66 -28.47
CA TYR J 250 32.36 -24.21 -27.09
C TYR J 250 33.80 -24.11 -26.58
N ARG J 251 34.76 -24.17 -27.49
CA ARG J 251 36.15 -23.94 -27.15
C ARG J 251 36.73 -22.75 -27.88
N THR J 252 36.06 -22.23 -28.90
CA THR J 252 36.52 -21.06 -29.63
C THR J 252 35.60 -19.86 -29.54
N ASP J 253 34.29 -20.05 -29.37
CA ASP J 253 33.41 -18.89 -29.36
C ASP J 253 33.54 -18.12 -28.05
N TYR J 254 33.30 -18.80 -26.92
CA TYR J 254 33.62 -18.19 -25.63
C TYR J 254 35.04 -18.56 -25.22
N SER J 255 35.97 -17.63 -25.37
CA SER J 255 37.38 -17.89 -25.11
C SER J 255 37.87 -16.95 -24.01
N GLY J 256 38.76 -17.46 -23.18
CA GLY J 256 39.33 -16.69 -22.09
C GLY J 256 38.55 -16.85 -20.79
N ARG J 257 39.19 -16.44 -19.70
CA ARG J 257 38.58 -16.52 -18.38
C ARG J 257 37.41 -15.54 -18.29
N GLY J 258 37.31 -14.61 -19.24
CA GLY J 258 36.21 -13.66 -19.25
C GLY J 258 34.87 -14.25 -19.61
N GLU J 259 34.86 -15.40 -20.28
CA GLU J 259 33.58 -16.04 -20.59
C GLU J 259 33.49 -17.46 -20.06
N LEU J 260 34.25 -17.83 -19.04
CA LEU J 260 34.19 -19.19 -18.52
C LEU J 260 32.89 -19.44 -17.78
N SER J 261 32.25 -18.38 -17.32
CA SER J 261 30.98 -18.51 -16.61
C SER J 261 29.77 -18.47 -17.54
N ALA J 262 29.96 -18.08 -18.80
CA ALA J 262 28.90 -18.15 -19.80
C ALA J 262 29.04 -19.32 -20.74
N ARG J 263 30.28 -19.73 -21.05
CA ARG J 263 30.51 -20.93 -21.85
C ARG J 263 29.95 -22.15 -21.14
N GLN J 264 30.33 -22.34 -19.88
CA GLN J 264 29.89 -23.49 -19.09
C GLN J 264 28.45 -23.39 -18.68
N MET J 265 27.83 -22.22 -18.81
CA MET J 265 26.39 -22.04 -18.49
C MET J 265 25.56 -22.46 -19.71
N HIS J 266 26.02 -22.10 -20.91
CA HIS J 266 25.31 -22.46 -22.18
C HIS J 266 25.62 -23.93 -22.48
N LEU J 267 26.75 -24.43 -21.98
CA LEU J 267 27.12 -25.86 -22.15
C LEU J 267 26.10 -26.69 -21.36
N ALA J 268 25.61 -26.20 -20.22
CA ALA J 268 24.68 -26.91 -19.35
C ALA J 268 23.29 -27.01 -19.98
N ARG J 269 22.86 -25.95 -20.65
CA ARG J 269 21.58 -25.97 -21.35
C ARG J 269 21.58 -27.06 -22.42
N PHE J 270 22.65 -27.13 -23.19
CA PHE J 270 22.79 -28.18 -24.19
C PHE J 270 22.72 -29.56 -23.56
N LEU J 271 23.52 -29.80 -22.52
CA LEU J 271 23.61 -31.16 -21.94
C LEU J 271 22.30 -31.54 -21.24
N ARG J 272 21.51 -30.58 -20.73
CA ARG J 272 20.21 -30.91 -20.17
C ARG J 272 19.16 -31.14 -21.24
N MET J 273 19.19 -30.38 -22.33
CA MET J 273 18.14 -30.52 -23.34
C MET J 273 18.38 -31.82 -24.10
N LEU J 274 19.65 -32.23 -24.24
CA LEU J 274 19.95 -33.54 -24.79
C LEU J 274 19.35 -34.64 -23.91
N LEU J 275 19.46 -34.50 -22.59
CA LEU J 275 18.85 -35.47 -21.70
C LEU J 275 17.32 -35.45 -21.82
N ARG J 276 16.76 -34.26 -22.07
CA ARG J 276 15.33 -34.14 -22.32
C ARG J 276 14.93 -34.99 -23.52
N LEU J 277 15.69 -34.89 -24.61
CA LEU J 277 15.43 -35.75 -25.76
C LEU J 277 15.62 -37.22 -25.39
N ALA J 278 16.68 -37.53 -24.66
CA ALA J 278 17.03 -38.90 -24.32
C ALA J 278 15.91 -39.61 -23.59
N ASP J 279 15.54 -39.12 -22.40
CA ASP J 279 14.46 -39.78 -21.65
C ASP J 279 13.12 -39.11 -21.96
N GLU J 280 12.88 -38.88 -23.25
CA GLU J 280 11.53 -38.60 -23.73
C GLU J 280 11.34 -39.25 -25.09
N PHE J 281 12.42 -39.81 -25.64
CA PHE J 281 12.32 -40.56 -26.88
C PHE J 281 12.93 -41.96 -26.76
N GLY J 282 13.61 -42.22 -25.65
CA GLY J 282 14.40 -43.43 -25.57
C GLY J 282 15.54 -43.51 -26.55
N VAL J 283 15.98 -42.36 -27.08
CA VAL J 283 17.02 -42.29 -28.09
C VAL J 283 18.37 -42.25 -27.40
N ALA J 284 19.33 -43.02 -27.91
CA ALA J 284 20.71 -42.95 -27.46
C ALA J 284 21.35 -41.69 -28.02
N VAL J 285 22.13 -41.01 -27.18
CA VAL J 285 22.81 -39.77 -27.57
C VAL J 285 24.30 -40.04 -27.42
N VAL J 286 25.05 -39.85 -28.51
CA VAL J 286 26.49 -40.08 -28.50
C VAL J 286 27.15 -38.73 -28.83
N ILE J 287 27.70 -38.09 -27.81
CA ILE J 287 28.46 -36.87 -28.00
C ILE J 287 29.94 -37.24 -28.03
N THR J 288 30.72 -36.70 -28.96
CA THR J 288 32.18 -36.96 -29.03
C THR J 288 32.87 -35.68 -28.65
N ASN J 289 33.86 -35.76 -27.76
CA ASN J 289 34.51 -34.54 -27.22
C ASN J 289 35.98 -34.45 -27.64
N GLN J 290 36.76 -33.55 -27.02
CA GLN J 290 38.17 -33.34 -27.41
C GLN J 290 39.06 -33.36 -26.16
N VAL J 291 40.27 -32.76 -26.26
CA VAL J 291 41.25 -32.76 -25.14
C VAL J 291 41.86 -31.36 -25.01
N VAL J 292 42.35 -31.04 -23.80
CA VAL J 292 43.12 -29.79 -23.55
C VAL J 292 44.49 -30.31 -23.09
N ALA J 293 45.56 -29.52 -23.19
CA ALA J 293 46.91 -30.07 -22.89
C ALA J 293 47.09 -30.49 -21.43
N GLN J 294 46.50 -29.78 -20.46
CA GLN J 294 46.81 -30.08 -19.04
C GLN J 294 48.30 -29.76 -18.89
N VAL J 295 48.67 -28.50 -19.07
CA VAL J 295 50.12 -28.12 -19.10
C VAL J 295 50.65 -28.07 -17.66
N ASP J 296 49.74 -27.95 -16.69
CA ASP J 296 50.15 -27.89 -15.26
C ASP J 296 50.92 -29.17 -14.90
N GLY J 297 50.48 -30.31 -15.42
CA GLY J 297 51.16 -31.60 -15.14
C GLY J 297 51.57 -31.68 -13.68
N PRO J 305 47.63 -36.08 -18.96
CA PRO J 305 48.29 -35.26 -19.98
C PRO J 305 47.41 -34.96 -21.18
N LYS J 306 46.16 -35.44 -21.14
CA LYS J 306 45.20 -35.16 -22.24
C LYS J 306 43.80 -34.97 -21.62
N LYS J 307 43.71 -34.18 -20.54
CA LYS J 307 42.41 -34.02 -19.83
C LYS J 307 41.29 -33.70 -20.82
N PRO J 308 40.06 -34.25 -20.66
CA PRO J 308 38.91 -33.93 -21.54
C PRO J 308 38.59 -32.44 -21.48
N ILE J 309 37.78 -31.94 -22.43
CA ILE J 309 37.44 -30.52 -22.46
C ILE J 309 35.99 -30.39 -22.05
N GLY J 310 35.69 -29.43 -21.18
CA GLY J 310 34.31 -29.20 -20.80
C GLY J 310 34.14 -29.07 -19.30
N GLY J 311 35.11 -29.60 -18.55
CA GLY J 311 35.10 -29.47 -17.11
C GLY J 311 33.94 -30.22 -16.48
N ASN J 312 33.63 -29.82 -15.25
CA ASN J 312 32.54 -30.45 -14.51
C ASN J 312 31.20 -29.85 -14.90
N ILE J 313 30.94 -29.76 -16.20
CA ILE J 313 29.62 -29.46 -16.72
C ILE J 313 29.30 -30.55 -17.73
N ILE J 314 30.33 -31.11 -18.39
CA ILE J 314 30.18 -32.29 -19.29
C ILE J 314 30.69 -33.54 -18.53
N ALA J 315 31.56 -33.41 -17.51
CA ALA J 315 31.97 -34.59 -16.76
C ALA J 315 30.78 -35.22 -16.05
N HIS J 316 29.87 -34.39 -15.56
CA HIS J 316 28.77 -34.90 -14.74
C HIS J 316 27.60 -35.37 -15.58
N ALA J 317 27.23 -34.59 -16.60
CA ALA J 317 26.02 -34.87 -17.35
C ALA J 317 26.06 -36.21 -18.07
N SER J 318 27.16 -36.51 -18.76
CA SER J 318 27.28 -37.74 -19.50
C SER J 318 27.23 -38.96 -18.58
N THR J 319 26.41 -39.95 -18.92
CA THR J 319 26.31 -41.14 -18.09
C THR J 319 27.57 -41.99 -18.20
N THR J 320 28.02 -42.24 -19.44
CA THR J 320 29.22 -43.01 -19.69
C THR J 320 30.10 -42.27 -20.69
N ARG J 321 31.40 -42.23 -20.43
CA ARG J 321 32.36 -41.60 -21.31
C ARG J 321 33.45 -42.61 -21.65
N LEU J 322 33.89 -42.60 -22.90
CA LEU J 322 34.82 -43.59 -23.44
C LEU J 322 36.09 -42.87 -23.88
N TYR J 323 37.24 -43.36 -23.43
CA TYR J 323 38.53 -42.79 -23.77
C TYR J 323 39.12 -43.58 -24.94
N LEU J 324 39.25 -42.93 -26.09
CA LEU J 324 39.86 -43.57 -27.27
C LEU J 324 41.32 -43.14 -27.33
N ARG J 325 42.22 -44.09 -27.09
CA ARG J 325 43.66 -43.83 -27.24
C ARG J 325 44.11 -44.22 -28.64
N LYS J 326 45.42 -44.28 -28.85
CA LYS J 326 45.97 -44.70 -30.13
C LYS J 326 47.00 -45.80 -29.89
N GLY J 327 46.94 -46.84 -30.72
CA GLY J 327 47.88 -47.94 -30.62
C GLY J 327 48.83 -48.01 -31.78
N ARG J 328 48.84 -49.14 -32.48
CA ARG J 328 49.70 -49.35 -33.64
C ARG J 328 48.84 -49.55 -34.89
N GLY J 329 49.36 -49.12 -36.03
CA GLY J 329 48.64 -49.21 -37.28
C GLY J 329 47.30 -48.50 -37.23
N GLU J 330 46.22 -49.26 -37.38
CA GLU J 330 44.87 -48.73 -37.24
C GLU J 330 44.21 -49.10 -35.92
N THR J 331 44.81 -49.98 -35.13
CA THR J 331 44.22 -50.41 -33.88
C THR J 331 44.22 -49.28 -32.86
N ARG J 332 43.13 -49.16 -32.11
CA ARG J 332 42.99 -48.20 -31.04
C ARG J 332 42.73 -48.94 -29.73
N ILE J 333 42.75 -48.20 -28.61
CA ILE J 333 42.50 -48.80 -27.30
C ILE J 333 41.42 -47.99 -26.58
N CYS J 334 40.17 -48.45 -26.67
CA CYS J 334 39.08 -47.76 -26.00
C CYS J 334 38.97 -48.22 -24.55
N LYS J 335 38.85 -47.27 -23.63
CA LYS J 335 38.81 -47.54 -22.20
C LYS J 335 37.54 -46.97 -21.60
N ILE J 336 36.97 -47.69 -20.64
CA ILE J 336 35.80 -47.21 -19.91
C ILE J 336 36.28 -46.13 -18.95
N TYR J 337 36.08 -44.86 -19.32
CA TYR J 337 36.48 -43.77 -18.45
C TYR J 337 35.64 -43.81 -17.18
N ASP J 338 34.32 -43.72 -17.34
CA ASP J 338 33.38 -43.86 -16.24
C ASP J 338 32.07 -44.42 -16.77
N SER J 339 31.38 -45.17 -15.91
CA SER J 339 30.13 -45.78 -16.29
C SER J 339 29.40 -46.19 -15.02
N PRO J 340 28.12 -45.85 -14.85
CA PRO J 340 27.42 -46.17 -13.61
C PRO J 340 27.28 -47.66 -13.35
N CYS J 341 27.42 -48.51 -14.37
CA CYS J 341 27.25 -49.95 -14.18
C CYS J 341 28.47 -50.73 -14.66
N LEU J 342 29.06 -50.31 -15.77
CA LEU J 342 30.12 -51.06 -16.41
C LEU J 342 31.43 -50.92 -15.64
N PRO J 343 32.07 -52.01 -15.23
CA PRO J 343 33.41 -51.90 -14.64
C PRO J 343 34.40 -51.32 -15.63
N GLU J 344 35.34 -50.53 -15.12
CA GLU J 344 36.31 -49.88 -15.98
C GLU J 344 37.30 -50.91 -16.52
N ALA J 345 37.52 -50.89 -17.83
CA ALA J 345 38.40 -51.85 -18.49
C ALA J 345 38.76 -51.31 -19.86
N GLU J 346 39.63 -52.01 -20.58
CA GLU J 346 40.06 -51.57 -21.89
C GLU J 346 39.92 -52.71 -22.89
N ALA J 347 39.59 -52.35 -24.13
CA ALA J 347 39.43 -53.31 -25.20
C ALA J 347 39.75 -52.63 -26.52
N MET J 348 40.50 -53.34 -27.37
CA MET J 348 40.98 -52.77 -28.62
C MET J 348 39.87 -52.76 -29.67
N PHE J 349 40.13 -52.07 -30.78
CA PHE J 349 39.30 -52.15 -31.97
C PHE J 349 40.13 -51.62 -33.13
N ALA J 350 39.50 -51.43 -34.29
CA ALA J 350 40.21 -50.98 -35.48
C ALA J 350 39.28 -50.08 -36.29
N ILE J 351 39.71 -49.76 -37.51
CA ILE J 351 38.93 -48.92 -38.40
C ILE J 351 38.70 -49.64 -39.72
N ASN J 352 39.55 -50.63 -40.01
CA ASN J 352 39.51 -51.39 -41.25
C ASN J 352 39.23 -50.50 -42.46
N ALA J 353 38.20 -50.85 -43.23
CA ALA J 353 37.79 -50.03 -44.38
C ALA J 353 36.27 -49.97 -44.45
N ASP J 354 35.59 -50.55 -43.45
CA ASP J 354 34.14 -50.61 -43.41
C ASP J 354 33.60 -50.28 -42.01
N GLY J 355 34.06 -49.20 -41.41
CA GLY J 355 33.71 -48.88 -40.04
C GLY J 355 34.58 -49.63 -39.05
N VAL J 356 34.37 -49.31 -37.77
CA VAL J 356 35.17 -49.92 -36.71
C VAL J 356 34.96 -51.42 -36.72
N GLY J 357 36.04 -52.16 -36.94
CA GLY J 357 35.97 -53.61 -37.00
C GLY J 357 36.94 -54.27 -36.04
N ASP J 358 37.64 -55.29 -36.52
CA ASP J 358 38.56 -56.05 -35.67
C ASP J 358 39.96 -56.06 -36.25
N PRO K 44 6.55 -41.73 13.62
CA PRO K 44 5.62 -40.61 13.41
C PRO K 44 4.25 -40.88 14.00
N GLN K 45 3.26 -40.10 13.56
CA GLN K 45 1.89 -40.28 14.02
C GLN K 45 0.93 -39.70 12.99
N PRO K 46 0.01 -40.51 12.46
CA PRO K 46 -0.85 -40.02 11.37
C PRO K 46 -1.73 -38.86 11.82
N ILE K 47 -2.10 -38.02 10.86
CA ILE K 47 -2.84 -36.78 11.11
C ILE K 47 -4.17 -37.07 11.79
N SER K 48 -4.66 -38.31 11.64
CA SER K 48 -5.92 -38.72 12.25
C SER K 48 -5.90 -38.52 13.76
N ARG K 49 -4.74 -38.68 14.38
CA ARG K 49 -4.60 -38.48 15.83
C ARG K 49 -4.86 -37.03 16.23
N LEU K 50 -4.76 -36.08 15.31
CA LEU K 50 -4.97 -34.67 15.59
C LEU K 50 -6.40 -34.21 15.35
N GLU K 51 -7.12 -34.86 14.43
CA GLU K 51 -8.46 -34.44 14.06
C GLU K 51 -9.45 -34.53 15.22
N GLN K 52 -9.12 -35.35 16.22
CA GLN K 52 -10.05 -35.64 17.30
C GLN K 52 -10.41 -34.40 18.12
N CYS K 53 -9.46 -33.48 18.29
CA CYS K 53 -9.67 -32.34 19.16
C CYS K 53 -10.47 -31.24 18.48
N GLY K 54 -11.76 -31.48 18.24
CA GLY K 54 -12.67 -30.46 17.75
C GLY K 54 -12.24 -29.79 16.46
N ILE K 55 -11.76 -30.57 15.50
CA ILE K 55 -11.30 -30.05 14.22
C ILE K 55 -12.18 -30.66 13.14
N ASN K 56 -12.80 -29.80 12.33
CA ASN K 56 -13.59 -30.22 11.19
C ASN K 56 -12.73 -31.01 10.22
N ALA K 57 -13.24 -32.15 9.76
CA ALA K 57 -12.48 -33.08 8.89
C ALA K 57 -12.04 -32.41 7.60
N ASN K 58 -12.70 -31.33 7.18
CA ASN K 58 -12.25 -30.58 5.99
C ASN K 58 -11.01 -29.76 6.35
N ASP K 59 -10.81 -29.38 7.62
CA ASP K 59 -9.57 -28.69 8.04
C ASP K 59 -8.39 -29.62 7.79
N VAL K 60 -8.46 -30.87 8.24
CA VAL K 60 -7.42 -31.88 8.12
C VAL K 60 -7.44 -32.48 6.72
N LYS K 61 -8.40 -32.07 5.92
CA LYS K 61 -8.35 -32.39 4.49
C LYS K 61 -7.49 -31.40 3.72
N LYS K 62 -7.67 -30.10 3.98
CA LYS K 62 -6.80 -29.11 3.36
C LYS K 62 -5.36 -29.30 3.82
N LEU K 63 -5.15 -29.62 5.10
CA LEU K 63 -3.80 -29.87 5.58
C LEU K 63 -3.19 -31.10 4.91
N GLU K 64 -3.96 -32.19 4.82
CA GLU K 64 -3.45 -33.38 4.13
C GLU K 64 -3.15 -33.09 2.67
N GLU K 65 -3.93 -32.22 2.03
CA GLU K 65 -3.65 -31.87 0.64
C GLU K 65 -2.44 -30.98 0.49
N ALA K 66 -2.19 -30.10 1.47
CA ALA K 66 -1.02 -29.22 1.43
C ALA K 66 0.28 -29.97 1.69
N GLY K 67 0.24 -31.30 1.80
CA GLY K 67 1.42 -32.10 2.07
C GLY K 67 1.62 -32.40 3.53
N TYR K 68 0.74 -31.91 4.39
CA TYR K 68 0.92 -32.00 5.83
C TYR K 68 0.31 -33.31 6.31
N HIS K 69 1.10 -34.38 6.34
CA HIS K 69 0.56 -35.72 6.49
C HIS K 69 0.83 -36.34 7.86
N THR K 70 1.34 -35.56 8.81
CA THR K 70 1.73 -36.12 10.10
C THR K 70 1.45 -35.09 11.19
N VAL K 71 1.16 -35.55 12.42
CA VAL K 71 0.96 -34.62 13.58
C VAL K 71 2.37 -34.09 13.90
N GLU K 72 3.42 -34.91 13.74
CA GLU K 72 4.79 -34.45 13.89
C GLU K 72 5.20 -33.50 12.82
N ALA K 73 4.47 -33.41 11.71
CA ALA K 73 4.79 -32.49 10.64
C ALA K 73 4.05 -31.17 10.75
N VAL K 74 3.16 -31.02 11.72
CA VAL K 74 2.41 -29.79 11.92
C VAL K 74 3.07 -29.00 13.04
N ALA K 75 3.69 -29.71 13.98
CA ALA K 75 4.36 -29.07 15.09
C ALA K 75 5.68 -28.46 14.64
N TYR K 76 6.05 -28.72 13.38
CA TYR K 76 7.26 -28.15 12.79
C TYR K 76 6.92 -27.11 11.74
N ALA K 77 5.82 -26.39 11.92
CA ALA K 77 5.36 -25.43 10.94
C ALA K 77 5.04 -24.09 11.61
N PRO K 78 5.62 -23.00 11.15
CA PRO K 78 5.30 -21.69 11.73
C PRO K 78 3.86 -21.32 11.45
N LYS K 79 3.30 -20.50 12.34
CA LYS K 79 1.90 -20.11 12.24
C LYS K 79 1.59 -19.40 10.93
N LYS K 80 2.55 -18.69 10.35
CA LYS K 80 2.33 -18.09 9.04
C LYS K 80 2.11 -19.15 7.97
N GLU K 81 2.87 -20.24 8.02
CA GLU K 81 2.76 -21.28 7.00
C GLU K 81 1.38 -21.95 7.03
N LEU K 82 0.88 -22.25 8.22
CA LEU K 82 -0.44 -22.85 8.34
C LEU K 82 -1.53 -21.91 7.84
N ILE K 83 -1.38 -20.62 8.12
CA ILE K 83 -2.38 -19.63 7.70
C ILE K 83 -2.44 -19.55 6.18
N ASN K 84 -1.28 -19.69 5.52
CA ASN K 84 -1.16 -19.50 4.09
C ASN K 84 -2.11 -20.40 3.30
N ILE K 85 -2.39 -21.60 3.82
CA ILE K 85 -3.27 -22.54 3.16
C ILE K 85 -4.69 -22.00 3.17
N LYS K 86 -5.36 -22.02 2.01
CA LYS K 86 -6.73 -21.52 1.92
C LYS K 86 -7.67 -22.42 2.71
N GLY K 87 -8.72 -21.82 3.25
CA GLY K 87 -9.68 -22.57 4.04
C GLY K 87 -9.36 -22.49 5.52
N ILE K 88 -8.16 -22.95 5.89
CA ILE K 88 -7.73 -22.84 7.29
C ILE K 88 -7.33 -21.39 7.55
N SER K 89 -8.01 -20.76 8.50
CA SER K 89 -7.80 -19.36 8.83
C SER K 89 -6.81 -19.24 9.98
N GLU K 90 -6.61 -18.01 10.43
CA GLU K 90 -5.76 -17.76 11.60
C GLU K 90 -6.35 -18.40 12.84
N ALA K 91 -7.67 -18.26 13.02
CA ALA K 91 -8.34 -18.84 14.17
C ALA K 91 -8.21 -20.35 14.16
N LYS K 92 -8.34 -20.94 12.96
CA LYS K 92 -8.18 -22.39 12.81
C LYS K 92 -6.71 -22.73 13.06
N ALA K 93 -5.75 -21.96 12.56
CA ALA K 93 -4.32 -22.24 12.61
C ALA K 93 -3.79 -22.27 14.03
N ASP K 94 -4.21 -21.30 14.87
CA ASP K 94 -3.75 -21.32 16.25
C ASP K 94 -4.22 -22.58 16.96
N LYS K 95 -5.44 -23.02 16.66
CA LYS K 95 -5.98 -24.24 17.23
C LYS K 95 -5.15 -25.45 16.81
N ILE K 96 -4.85 -25.55 15.50
CA ILE K 96 -4.08 -26.67 15.00
C ILE K 96 -2.72 -26.72 15.71
N LEU K 97 -2.08 -25.55 15.81
CA LEU K 97 -0.76 -25.51 16.43
C LEU K 97 -0.82 -25.89 17.91
N THR K 98 -1.84 -25.40 18.63
CA THR K 98 -1.94 -25.73 20.04
C THR K 98 -2.17 -27.22 20.25
N GLU K 99 -3.05 -27.83 19.45
CA GLU K 99 -3.25 -29.27 19.58
C GLU K 99 -1.99 -30.04 19.22
N ALA K 100 -1.28 -29.60 18.17
CA ALA K 100 -0.06 -30.26 17.76
C ALA K 100 0.99 -30.20 18.87
N ALA K 101 0.99 -29.11 19.62
CA ALA K 101 1.92 -28.94 20.74
C ALA K 101 1.72 -30.02 21.79
N LYS K 102 0.47 -30.47 21.98
CA LYS K 102 0.18 -31.48 23.01
C LYS K 102 0.92 -32.79 22.76
N LEU K 103 0.74 -33.37 21.56
CA LEU K 103 1.31 -34.72 21.25
C LEU K 103 2.83 -34.65 21.08
N VAL K 104 3.31 -33.96 20.05
CA VAL K 104 4.74 -33.90 19.73
C VAL K 104 5.49 -33.26 20.88
N PRO K 105 6.54 -33.88 21.39
CA PRO K 105 7.29 -33.27 22.49
C PRO K 105 8.10 -32.08 21.99
N MET K 106 7.80 -30.91 22.53
CA MET K 106 8.50 -29.69 22.15
C MET K 106 8.80 -28.86 23.39
N GLY K 107 9.96 -29.10 23.97
CA GLY K 107 10.32 -28.45 25.22
C GLY K 107 11.77 -28.67 25.55
N PHE K 108 12.10 -28.51 26.82
CA PHE K 108 13.47 -28.60 27.31
C PHE K 108 13.71 -29.95 27.98
N THR K 109 14.65 -30.72 27.44
CA THR K 109 15.05 -32.00 27.99
C THR K 109 16.51 -31.94 28.37
N THR K 110 16.85 -32.46 29.55
CA THR K 110 18.24 -32.52 29.96
C THR K 110 19.03 -33.37 28.98
N ALA K 111 20.30 -33.00 28.76
CA ALA K 111 21.07 -33.61 27.69
C ALA K 111 21.29 -35.10 27.92
N THR K 112 21.17 -35.57 29.17
CA THR K 112 21.32 -36.98 29.44
C THR K 112 20.20 -37.79 28.77
N GLU K 113 18.99 -37.21 28.71
CA GLU K 113 17.91 -37.86 27.99
C GLU K 113 18.21 -37.89 26.50
N PHE K 114 18.81 -36.83 25.98
CA PHE K 114 19.20 -36.83 24.57
C PHE K 114 20.27 -37.88 24.32
N HIS K 115 21.16 -38.12 25.28
CA HIS K 115 22.14 -39.19 25.14
C HIS K 115 21.46 -40.55 25.11
N GLN K 116 20.52 -40.77 26.03
CA GLN K 116 19.83 -42.05 26.09
C GLN K 116 18.90 -42.25 24.90
N ARG K 117 18.59 -41.17 24.20
CA ARG K 117 17.80 -41.26 22.98
C ARG K 117 18.62 -41.27 21.71
N ARG K 118 19.90 -40.87 21.75
CA ARG K 118 20.76 -40.85 20.58
C ARG K 118 21.81 -41.96 20.59
N SER K 119 21.94 -42.70 21.69
CA SER K 119 22.78 -43.89 21.68
C SER K 119 22.10 -45.08 21.04
N GLU K 120 21.01 -44.87 20.30
CA GLU K 120 20.23 -45.94 19.69
C GLU K 120 19.93 -45.66 18.23
N ILE K 121 20.78 -44.86 17.57
CA ILE K 121 20.61 -44.57 16.15
C ILE K 121 20.93 -45.81 15.35
N ILE K 122 20.34 -45.89 14.15
CA ILE K 122 20.45 -47.10 13.33
C ILE K 122 21.89 -47.28 12.84
N GLN K 123 22.49 -46.21 12.32
CA GLN K 123 23.86 -46.24 11.82
C GLN K 123 24.05 -47.27 10.71
N ILE K 124 23.42 -47.04 9.55
CA ILE K 124 23.57 -47.89 8.38
C ILE K 124 25.05 -48.03 8.05
N THR K 125 25.46 -49.25 7.71
CA THR K 125 26.85 -49.49 7.34
C THR K 125 27.04 -49.32 5.84
N THR K 126 28.31 -49.22 5.42
CA THR K 126 28.65 -48.94 4.04
C THR K 126 29.32 -50.09 3.31
N GLY K 127 29.49 -51.24 3.94
CA GLY K 127 30.16 -52.35 3.28
C GLY K 127 31.65 -52.37 3.49
N SER K 128 32.35 -51.38 2.91
CA SER K 128 33.80 -51.31 3.06
C SER K 128 34.17 -51.14 4.52
N LYS K 129 35.14 -51.94 4.99
CA LYS K 129 35.51 -51.92 6.40
C LYS K 129 36.27 -50.66 6.80
N GLU K 130 36.69 -49.83 5.84
CA GLU K 130 37.37 -48.59 6.17
C GLU K 130 36.39 -47.43 6.36
N LEU K 131 35.37 -47.37 5.50
CA LEU K 131 34.41 -46.27 5.61
C LEU K 131 33.57 -46.37 6.87
N ASP K 132 33.13 -47.57 7.23
CA ASP K 132 32.35 -47.74 8.45
C ASP K 132 33.20 -47.74 9.70
N LYS K 133 34.49 -47.39 9.58
CA LYS K 133 35.33 -47.05 10.72
C LYS K 133 35.72 -45.59 10.75
N LEU K 134 35.87 -44.99 9.58
CA LEU K 134 36.14 -43.53 9.50
C LEU K 134 34.86 -42.79 9.89
N LEU K 135 33.70 -43.29 9.46
CA LEU K 135 32.41 -42.67 9.84
C LEU K 135 31.95 -43.24 11.18
N GLN K 136 32.84 -44.00 11.85
CA GLN K 136 32.52 -44.58 13.19
C GLN K 136 31.16 -45.29 13.13
N GLY K 137 31.04 -46.31 12.28
CA GLY K 137 29.79 -47.08 12.20
C GLY K 137 29.13 -46.93 10.84
N GLY K 138 28.84 -45.69 10.44
CA GLY K 138 28.24 -45.45 9.12
C GLY K 138 27.25 -44.31 9.13
N ILE K 139 26.60 -44.05 8.00
CA ILE K 139 25.64 -42.95 7.87
C ILE K 139 24.60 -43.05 8.98
N GLU K 140 24.50 -42.01 9.78
CA GLU K 140 23.49 -41.95 10.83
C GLU K 140 22.12 -41.65 10.23
N THR K 141 21.08 -42.03 10.98
CA THR K 141 19.70 -41.72 10.60
C THR K 141 19.24 -40.55 11.46
N GLY K 142 18.73 -39.52 10.81
CA GLY K 142 18.37 -38.30 11.51
C GLY K 142 19.35 -37.17 11.21
N SER K 143 19.84 -37.13 9.98
CA SER K 143 20.80 -36.12 9.56
C SER K 143 20.94 -36.12 8.05
N ILE K 144 21.18 -34.95 7.45
CA ILE K 144 21.32 -34.86 6.00
C ILE K 144 22.77 -35.06 5.60
N THR K 145 23.18 -36.32 5.45
CA THR K 145 24.51 -36.62 4.96
C THR K 145 24.64 -36.18 3.51
N GLU K 146 25.84 -35.75 3.14
CA GLU K 146 26.13 -35.32 1.78
C GLU K 146 27.45 -35.91 1.34
N MET K 147 27.53 -36.33 0.08
CA MET K 147 28.77 -36.82 -0.53
C MET K 147 28.99 -36.09 -1.83
N PHE K 148 30.18 -35.53 -2.02
CA PHE K 148 30.46 -34.77 -3.23
C PHE K 148 31.84 -35.11 -3.77
N GLY K 149 31.97 -34.98 -5.09
CA GLY K 149 33.22 -35.28 -5.75
C GLY K 149 33.07 -35.07 -7.24
N GLU K 150 34.18 -35.27 -7.94
CA GLU K 150 34.23 -35.08 -9.38
C GLU K 150 33.52 -36.24 -10.07
N PHE K 151 33.59 -36.25 -11.40
CA PHE K 151 33.08 -37.37 -12.16
C PHE K 151 33.95 -38.60 -11.91
N ARG K 152 33.44 -39.81 -12.26
CA ARG K 152 34.11 -41.12 -11.99
C ARG K 152 34.69 -41.24 -10.55
N THR K 153 33.89 -41.02 -9.47
CA THR K 153 34.42 -41.02 -8.12
C THR K 153 33.81 -42.14 -7.27
N GLY K 154 32.52 -42.34 -7.38
CA GLY K 154 31.88 -43.45 -6.67
C GLY K 154 30.86 -43.04 -5.63
N LYS K 155 30.16 -41.93 -5.84
CA LYS K 155 29.10 -41.50 -4.93
C LYS K 155 27.76 -42.12 -5.30
N THR K 156 27.37 -42.03 -6.58
CA THR K 156 26.14 -42.68 -7.03
C THR K 156 26.37 -44.16 -7.26
N GLN K 157 27.52 -44.67 -6.80
CA GLN K 157 27.70 -46.10 -6.62
C GLN K 157 27.81 -46.47 -5.16
N ILE K 158 28.11 -45.49 -4.30
CA ILE K 158 28.04 -45.68 -2.82
C ILE K 158 26.54 -45.69 -2.50
N CYS K 159 25.72 -44.97 -3.28
CA CYS K 159 24.24 -44.90 -3.11
C CYS K 159 23.63 -46.25 -3.55
N HIS K 160 24.27 -46.95 -4.49
CA HIS K 160 23.79 -48.27 -4.97
C HIS K 160 23.99 -49.30 -3.86
N THR K 161 25.19 -49.34 -3.26
CA THR K 161 25.53 -50.33 -2.21
C THR K 161 24.76 -49.99 -0.95
N LEU K 162 24.43 -48.71 -0.70
CA LEU K 162 23.66 -48.32 0.47
C LEU K 162 22.20 -48.71 0.38
N ALA K 163 21.61 -48.71 -0.82
CA ALA K 163 20.20 -48.99 -0.99
C ALA K 163 19.85 -50.47 -0.81
N VAL K 164 20.81 -51.33 -0.46
CA VAL K 164 20.50 -52.72 -0.19
C VAL K 164 20.96 -53.07 1.22
N THR K 165 22.00 -52.38 1.70
CA THR K 165 22.37 -52.53 3.09
C THR K 165 21.45 -51.75 4.02
N CYS K 166 20.66 -50.82 3.48
CA CYS K 166 19.58 -50.21 4.25
C CYS K 166 18.53 -51.25 4.62
N GLN K 167 18.20 -52.13 3.69
CA GLN K 167 17.23 -53.20 3.96
C GLN K 167 17.83 -54.33 4.77
N LEU K 168 19.14 -54.31 4.99
CA LEU K 168 19.79 -55.36 5.75
C LEU K 168 19.32 -55.32 7.20
N PRO K 169 19.38 -56.45 7.90
CA PRO K 169 19.04 -56.44 9.33
C PRO K 169 20.03 -55.63 10.14
N ILE K 170 19.58 -55.19 11.32
CA ILE K 170 20.42 -54.38 12.20
C ILE K 170 21.67 -55.15 12.60
N ASP K 171 21.53 -56.45 12.81
CA ASP K 171 22.65 -57.30 13.20
C ASP K 171 23.77 -57.21 12.17
N ARG K 172 23.42 -57.17 10.89
CA ARG K 172 24.43 -57.04 9.84
C ARG K 172 24.78 -55.58 9.60
N GLY K 173 23.98 -54.64 10.11
CA GLY K 173 24.32 -53.23 9.98
C GLY K 173 23.36 -52.43 9.13
N GLY K 174 22.08 -52.78 9.14
CA GLY K 174 21.12 -52.11 8.29
C GLY K 174 20.00 -51.47 9.09
N GLY K 175 19.04 -50.92 8.37
CA GLY K 175 17.91 -50.23 8.98
C GLY K 175 16.62 -51.02 9.01
N GLU K 176 16.62 -52.20 8.38
CA GLU K 176 15.43 -53.05 8.29
C GLU K 176 14.25 -52.28 7.70
N GLY K 177 14.52 -51.52 6.65
CA GLY K 177 13.49 -50.70 6.04
C GLY K 177 13.69 -50.53 4.56
N LYS K 178 12.63 -50.08 3.91
CA LYS K 178 12.68 -49.81 2.46
C LYS K 178 13.61 -48.62 2.24
N ALA K 179 13.89 -48.28 1.01
CA ALA K 179 14.72 -47.16 0.63
C ALA K 179 14.11 -46.46 -0.58
N MET K 180 14.44 -45.18 -0.74
CA MET K 180 14.01 -44.41 -1.90
C MET K 180 15.19 -43.99 -2.74
N TYR K 181 14.98 -43.83 -4.05
CA TYR K 181 16.09 -43.45 -4.91
C TYR K 181 15.70 -42.35 -5.87
N ILE K 182 15.19 -41.23 -5.35
CA ILE K 182 14.93 -40.06 -6.18
C ILE K 182 16.19 -39.78 -6.98
N ASP K 183 16.11 -39.88 -8.30
CA ASP K 183 17.27 -39.94 -9.17
C ASP K 183 17.08 -38.98 -10.32
N THR K 184 17.69 -37.79 -10.21
CA THR K 184 17.38 -36.66 -11.07
C THR K 184 18.22 -36.61 -12.35
N GLU K 185 19.08 -37.59 -12.59
CA GLU K 185 19.84 -37.58 -13.83
C GLU K 185 19.59 -38.81 -14.67
N GLY K 186 19.49 -39.99 -14.05
CA GLY K 186 19.34 -41.27 -14.77
C GLY K 186 20.58 -42.10 -14.58
N THR K 187 21.14 -42.12 -13.37
CA THR K 187 22.36 -42.89 -13.02
C THR K 187 21.95 -44.01 -12.10
N PHE K 188 20.71 -44.52 -12.24
CA PHE K 188 20.20 -45.59 -11.39
C PHE K 188 20.19 -46.89 -12.17
N ARG K 189 20.91 -47.88 -11.68
CA ARG K 189 20.99 -49.17 -12.36
C ARG K 189 20.57 -50.29 -11.42
N PRO K 190 19.35 -50.82 -11.56
CA PRO K 190 18.93 -51.92 -10.69
C PRO K 190 19.80 -53.16 -10.81
N GLU K 191 20.44 -53.36 -11.97
CA GLU K 191 21.39 -54.45 -12.13
C GLU K 191 22.49 -54.34 -11.07
N ARG K 192 22.94 -53.11 -10.83
CA ARG K 192 23.91 -52.87 -9.76
C ARG K 192 23.35 -53.30 -8.41
N LEU K 193 22.07 -53.01 -8.18
CA LEU K 193 21.43 -53.38 -6.92
C LEU K 193 21.43 -54.89 -6.73
N LEU K 194 21.05 -55.64 -7.76
CA LEU K 194 21.08 -57.10 -7.65
C LEU K 194 22.50 -57.60 -7.44
N ALA K 195 23.47 -57.01 -8.15
CA ALA K 195 24.85 -57.45 -8.03
C ALA K 195 25.36 -57.27 -6.61
N VAL K 196 25.05 -56.14 -5.98
CA VAL K 196 25.53 -55.94 -4.62
C VAL K 196 24.69 -56.74 -3.63
N ALA K 197 23.42 -57.00 -3.96
CA ALA K 197 22.56 -57.80 -3.08
C ALA K 197 23.07 -59.23 -2.99
N GLU K 198 23.54 -59.78 -4.11
CA GLU K 198 24.05 -61.15 -4.11
C GLU K 198 25.24 -61.29 -3.16
N ARG K 199 25.90 -60.19 -2.86
CA ARG K 199 27.04 -60.21 -1.95
C ARG K 199 26.64 -60.61 -0.53
N TYR K 200 25.53 -60.06 -0.03
CA TYR K 200 25.13 -60.30 1.35
C TYR K 200 24.14 -61.44 1.51
N GLY K 201 23.71 -62.08 0.42
CA GLY K 201 22.80 -63.19 0.46
C GLY K 201 21.35 -62.80 0.21
N LEU K 202 21.03 -61.51 0.33
CA LEU K 202 19.69 -61.01 0.05
C LEU K 202 19.27 -61.36 -1.36
N SER K 203 18.11 -62.01 -1.48
CA SER K 203 17.60 -62.39 -2.80
C SER K 203 17.25 -61.14 -3.60
N GLY K 204 17.55 -61.18 -4.90
CA GLY K 204 17.41 -60.02 -5.76
C GLY K 204 16.02 -59.41 -5.81
N SER K 205 14.99 -60.25 -5.83
CA SER K 205 13.62 -59.76 -5.94
C SER K 205 13.24 -58.86 -4.78
N ASP K 206 13.64 -59.23 -3.56
CA ASP K 206 13.30 -58.43 -2.39
C ASP K 206 14.00 -57.07 -2.43
N VAL K 207 15.30 -57.06 -2.73
CA VAL K 207 16.04 -55.80 -2.77
C VAL K 207 15.57 -54.94 -3.93
N LEU K 208 15.02 -55.55 -4.97
CA LEU K 208 14.47 -54.82 -6.09
C LEU K 208 12.99 -54.53 -5.94
N ASP K 209 12.40 -54.94 -4.82
CA ASP K 209 11.03 -54.61 -4.48
C ASP K 209 10.95 -53.47 -3.48
N ASN K 210 11.86 -53.43 -2.52
CA ASN K 210 11.84 -52.40 -1.47
C ASN K 210 12.75 -51.25 -1.85
N VAL K 211 12.54 -50.74 -3.07
CA VAL K 211 13.25 -49.55 -3.53
C VAL K 211 12.27 -48.71 -4.34
N ALA K 212 11.97 -47.53 -3.84
CA ALA K 212 10.95 -46.65 -4.43
C ALA K 212 11.66 -45.68 -5.38
N TYR K 213 11.68 -46.03 -6.66
CA TYR K 213 12.30 -45.19 -7.67
C TYR K 213 11.40 -44.02 -8.05
N ALA K 214 12.04 -42.91 -8.43
CA ALA K 214 11.36 -41.74 -8.94
C ALA K 214 12.37 -40.82 -9.61
N ARG K 215 12.14 -40.44 -10.86
CA ARG K 215 13.17 -39.73 -11.58
C ARG K 215 13.29 -38.27 -11.15
N GLY K 216 12.29 -37.46 -11.46
CA GLY K 216 12.38 -36.06 -11.14
C GLY K 216 13.02 -35.32 -12.29
N PHE K 217 12.24 -34.60 -13.07
CA PHE K 217 12.76 -33.87 -14.21
C PHE K 217 12.74 -32.36 -13.99
N ASN K 218 12.67 -31.92 -12.74
CA ASN K 218 12.49 -30.52 -12.45
C ASN K 218 12.97 -30.24 -11.04
N THR K 219 13.19 -28.96 -10.75
CA THR K 219 13.51 -28.57 -9.39
C THR K 219 12.25 -28.57 -8.51
N ASP K 220 11.12 -28.15 -9.08
CA ASP K 220 9.85 -28.23 -8.36
C ASP K 220 9.46 -29.68 -8.11
N HIS K 221 9.70 -30.54 -9.10
CA HIS K 221 9.44 -31.96 -8.93
C HIS K 221 10.33 -32.53 -7.83
N GLN K 222 11.52 -31.95 -7.64
CA GLN K 222 12.43 -32.46 -6.63
C GLN K 222 11.88 -32.27 -5.22
N THR K 223 10.91 -31.39 -5.03
CA THR K 223 10.27 -31.25 -3.72
C THR K 223 8.86 -31.83 -3.71
N GLN K 224 8.21 -31.87 -4.88
CA GLN K 224 6.93 -32.57 -4.97
C GLN K 224 7.11 -34.04 -4.65
N LEU K 225 8.20 -34.63 -5.16
CA LEU K 225 8.52 -36.01 -4.83
C LEU K 225 8.81 -36.17 -3.35
N LEU K 226 9.35 -35.14 -2.71
CA LEU K 226 9.58 -35.21 -1.27
C LEU K 226 8.26 -35.20 -0.50
N TYR K 227 7.29 -34.40 -0.95
CA TYR K 227 5.96 -34.45 -0.32
C TYR K 227 5.32 -35.82 -0.50
N GLN K 228 5.41 -36.37 -1.72
CA GLN K 228 4.93 -37.73 -1.95
C GLN K 228 5.68 -38.72 -1.07
N ALA K 229 6.95 -38.45 -0.81
CA ALA K 229 7.76 -39.29 0.06
C ALA K 229 7.23 -39.27 1.48
N GLU K 230 6.85 -38.09 1.96
CA GLU K 230 6.20 -37.99 3.26
C GLU K 230 4.93 -38.83 3.30
N ASP K 231 4.09 -38.68 2.28
CA ASP K 231 2.83 -39.41 2.23
C ASP K 231 3.07 -40.91 2.24
N MET K 232 4.07 -41.37 1.48
CA MET K 232 4.33 -42.80 1.37
C MET K 232 5.04 -43.35 2.61
N MET K 233 5.89 -42.55 3.25
CA MET K 233 6.56 -42.95 4.47
C MET K 233 5.63 -43.00 5.67
N VAL K 234 4.49 -42.31 5.60
CA VAL K 234 3.54 -42.36 6.72
C VAL K 234 3.16 -43.80 7.06
N GLU K 235 2.85 -44.62 6.05
CA GLU K 235 2.36 -45.97 6.31
C GLU K 235 3.48 -46.99 6.51
N SER K 236 4.48 -46.97 5.63
CA SER K 236 5.52 -48.01 5.63
C SER K 236 6.62 -47.63 6.62
N ARG K 237 7.73 -48.37 6.55
CA ARG K 237 8.89 -48.15 7.42
C ARG K 237 10.11 -47.96 6.52
N TYR K 238 10.34 -46.71 6.10
CA TYR K 238 11.51 -46.38 5.33
C TYR K 238 12.66 -46.02 6.26
N ALA K 239 13.88 -46.22 5.78
CA ALA K 239 15.05 -46.02 6.63
C ALA K 239 16.16 -45.30 5.86
N LEU K 240 15.86 -44.85 4.64
CA LEU K 240 16.90 -44.19 3.81
C LEU K 240 16.26 -43.44 2.63
N LEU K 241 16.65 -42.17 2.42
CA LEU K 241 16.16 -41.39 1.26
C LEU K 241 17.38 -40.92 0.46
N ILE K 242 17.71 -41.59 -0.64
CA ILE K 242 18.96 -41.23 -1.39
C ILE K 242 18.59 -40.37 -2.61
N VAL K 243 19.01 -39.11 -2.63
CA VAL K 243 18.77 -38.24 -3.82
C VAL K 243 20.03 -38.30 -4.70
N ASP K 244 19.89 -38.74 -5.95
CA ASP K 244 21.07 -38.91 -6.84
C ASP K 244 21.68 -37.54 -7.15
N SER K 245 20.89 -36.48 -7.08
CA SER K 245 21.46 -35.12 -7.28
C SER K 245 20.58 -34.06 -6.59
N ALA K 246 21.06 -33.51 -5.48
CA ALA K 246 20.31 -32.43 -4.78
C ALA K 246 20.49 -31.12 -5.55
N THR K 247 21.40 -31.09 -6.53
CA THR K 247 21.68 -29.82 -7.23
C THR K 247 22.20 -30.04 -8.63
N ALA K 248 21.64 -30.95 -9.44
CA ALA K 248 22.19 -31.03 -10.78
C ALA K 248 21.17 -30.41 -11.70
N LEU K 249 19.94 -30.29 -11.19
CA LEU K 249 18.87 -29.56 -11.84
C LEU K 249 18.88 -28.10 -11.47
N TYR K 250 19.53 -27.75 -10.35
CA TYR K 250 19.63 -26.36 -9.94
C TYR K 250 20.64 -25.60 -10.79
N ARG K 251 21.72 -26.30 -11.16
CA ARG K 251 22.78 -25.70 -12.00
C ARG K 251 22.26 -25.53 -13.43
N THR K 252 21.03 -25.98 -13.74
CA THR K 252 20.51 -25.91 -15.11
C THR K 252 19.25 -25.05 -15.19
N ASP K 253 18.27 -25.35 -14.33
CA ASP K 253 16.99 -24.65 -14.36
C ASP K 253 17.22 -23.17 -14.12
N TYR K 254 17.94 -22.84 -13.05
CA TYR K 254 18.25 -21.45 -12.75
C TYR K 254 19.58 -21.06 -13.36
N SER K 255 19.61 -19.91 -14.02
CA SER K 255 20.79 -19.48 -14.75
C SER K 255 21.83 -18.89 -13.80
N GLY K 256 22.85 -18.23 -14.34
CA GLY K 256 23.93 -17.69 -13.55
C GLY K 256 23.49 -16.48 -12.74
N ARG K 257 24.47 -15.63 -12.42
CA ARG K 257 24.25 -14.42 -11.64
C ARG K 257 23.03 -13.66 -12.12
N GLY K 258 22.19 -13.24 -11.18
CA GLY K 258 20.89 -12.68 -11.50
C GLY K 258 19.73 -13.62 -11.27
N GLU K 259 19.99 -14.89 -11.01
CA GLU K 259 18.95 -15.85 -10.64
C GLU K 259 19.36 -16.56 -9.37
N LEU K 260 20.46 -16.11 -8.77
CA LEU K 260 21.04 -16.79 -7.62
C LEU K 260 20.09 -16.78 -6.43
N SER K 261 19.44 -15.64 -6.18
CA SER K 261 18.56 -15.52 -5.02
C SER K 261 17.43 -16.53 -5.08
N ALA K 262 16.80 -16.66 -6.25
CA ALA K 262 15.74 -17.65 -6.43
C ALA K 262 16.28 -19.07 -6.29
N ARG K 263 17.44 -19.33 -6.89
CA ARG K 263 18.04 -20.65 -6.82
C ARG K 263 18.33 -21.04 -5.38
N GLN K 264 18.97 -20.16 -4.63
CA GLN K 264 19.35 -20.45 -3.27
C GLN K 264 18.17 -20.36 -2.30
N MET K 265 17.07 -19.76 -2.74
CA MET K 265 15.83 -19.71 -1.98
C MET K 265 15.03 -20.99 -2.15
N HIS K 266 15.18 -21.63 -3.33
CA HIS K 266 14.54 -22.93 -3.65
C HIS K 266 15.43 -24.05 -3.12
N LEU K 267 16.73 -23.80 -2.98
CA LEU K 267 17.71 -24.79 -2.46
C LEU K 267 17.52 -24.91 -0.94
N ALA K 268 17.12 -23.83 -0.26
CA ALA K 268 16.87 -23.80 1.17
C ALA K 268 15.55 -24.45 1.55
N ARG K 269 14.50 -24.20 0.79
CA ARG K 269 13.23 -24.88 1.03
C ARG K 269 13.39 -26.39 0.88
N PHE K 270 14.09 -26.81 -0.17
CA PHE K 270 14.32 -28.23 -0.38
C PHE K 270 15.15 -28.83 0.76
N LEU K 271 16.19 -28.12 1.20
CA LEU K 271 17.04 -28.63 2.27
C LEU K 271 16.34 -28.68 3.61
N ARG K 272 15.46 -27.73 3.91
CA ARG K 272 14.65 -27.80 5.12
C ARG K 272 13.61 -28.91 5.04
N MET K 273 13.08 -29.14 3.84
CA MET K 273 12.19 -30.28 3.62
C MET K 273 12.91 -31.58 3.91
N LEU K 274 14.16 -31.69 3.50
CA LEU K 274 14.93 -32.91 3.67
C LEU K 274 15.24 -33.18 5.13
N LEU K 275 15.26 -32.14 5.96
CA LEU K 275 15.44 -32.30 7.40
C LEU K 275 14.13 -32.58 8.11
N ARG K 276 13.04 -31.99 7.61
CA ARG K 276 11.72 -32.37 8.12
C ARG K 276 11.46 -33.85 7.89
N LEU K 277 11.81 -34.36 6.71
CA LEU K 277 11.81 -35.80 6.50
C LEU K 277 13.14 -36.43 6.87
N ALA K 278 13.70 -36.03 8.01
CA ALA K 278 14.83 -36.72 8.61
C ALA K 278 14.62 -36.80 10.11
N ASP K 279 13.86 -35.85 10.63
CA ASP K 279 13.65 -35.74 12.08
C ASP K 279 12.28 -36.19 12.54
N GLU K 280 11.46 -36.75 11.64
CA GLU K 280 10.15 -37.23 12.06
C GLU K 280 10.00 -38.72 11.84
N PHE K 281 10.68 -39.24 10.80
CA PHE K 281 10.60 -40.68 10.47
C PHE K 281 11.92 -41.35 10.84
N GLY K 282 12.90 -40.55 11.28
CA GLY K 282 14.23 -41.10 11.63
C GLY K 282 14.85 -41.84 10.46
N VAL K 283 15.06 -41.15 9.33
CA VAL K 283 15.61 -41.80 8.11
C VAL K 283 16.92 -41.09 7.69
N ALA K 284 17.80 -41.79 6.96
CA ALA K 284 19.03 -41.15 6.44
C ALA K 284 18.66 -40.30 5.23
N VAL K 285 19.53 -39.39 4.80
CA VAL K 285 19.15 -38.47 3.73
C VAL K 285 20.31 -38.26 2.77
N VAL K 286 21.07 -39.32 2.50
CA VAL K 286 22.37 -39.18 1.85
C VAL K 286 22.25 -38.56 0.47
N ILE K 287 22.75 -37.32 0.35
CA ILE K 287 22.74 -36.50 -0.85
C ILE K 287 24.04 -36.72 -1.62
N THR K 288 24.03 -36.52 -2.94
CA THR K 288 25.24 -36.64 -3.79
C THR K 288 25.47 -35.29 -4.48
N ASN K 289 26.03 -34.31 -3.76
CA ASN K 289 26.28 -32.94 -4.29
C ASN K 289 27.30 -32.99 -5.44
N GLN K 290 27.28 -32.01 -6.35
CA GLN K 290 28.21 -31.94 -7.51
C GLN K 290 29.46 -31.11 -7.13
N VAL K 291 30.30 -30.71 -8.10
CA VAL K 291 31.53 -29.96 -7.82
C VAL K 291 31.71 -28.91 -8.91
N VAL K 292 32.20 -27.73 -8.50
CA VAL K 292 32.51 -26.63 -9.40
C VAL K 292 33.97 -26.24 -9.19
N ALA K 293 34.66 -25.93 -10.29
CA ALA K 293 36.08 -25.62 -10.24
C ALA K 293 36.33 -24.27 -9.59
N GLN K 294 37.43 -24.18 -8.85
CA GLN K 294 37.81 -22.97 -8.13
C GLN K 294 38.77 -22.14 -8.97
N VAL K 295 38.20 -21.35 -9.87
CA VAL K 295 38.99 -20.42 -10.68
C VAL K 295 39.47 -19.30 -9.76
N ASP K 296 40.77 -19.27 -9.47
CA ASP K 296 41.33 -18.28 -8.55
C ASP K 296 41.40 -16.89 -9.18
N GLY K 297 41.88 -16.78 -10.41
CA GLY K 297 41.99 -15.50 -11.07
C GLY K 297 43.15 -14.67 -10.57
N PRO K 305 41.66 -27.76 -5.68
CA PRO K 305 41.19 -26.67 -6.54
C PRO K 305 39.73 -26.83 -6.96
N LYS K 306 38.94 -27.53 -6.15
CA LYS K 306 37.48 -27.71 -6.40
C LYS K 306 36.71 -27.23 -5.17
N LYS K 307 35.41 -27.01 -5.32
CA LYS K 307 34.54 -26.59 -4.18
C LYS K 307 33.14 -27.13 -4.45
N PRO K 308 32.46 -27.76 -3.46
CA PRO K 308 31.10 -28.32 -3.65
C PRO K 308 30.15 -27.22 -4.09
N ILE K 309 29.25 -27.54 -5.03
CA ILE K 309 28.27 -26.53 -5.53
C ILE K 309 27.20 -26.30 -4.46
N GLY K 310 26.39 -25.24 -4.62
CA GLY K 310 25.33 -24.94 -3.64
C GLY K 310 25.69 -23.73 -2.79
N GLY K 311 26.92 -23.68 -2.28
CA GLY K 311 27.35 -22.56 -1.48
C GLY K 311 27.06 -22.71 0.00
N ASN K 312 26.94 -21.58 0.69
CA ASN K 312 26.83 -21.54 2.14
C ASN K 312 25.44 -21.90 2.64
N ILE K 313 24.53 -22.29 1.75
CA ILE K 313 23.13 -22.69 2.12
C ILE K 313 23.10 -24.22 2.24
N ILE K 314 23.84 -24.93 1.38
CA ILE K 314 23.94 -26.39 1.40
C ILE K 314 25.15 -26.76 2.23
N ALA K 315 26.06 -25.82 2.47
CA ALA K 315 27.27 -26.07 3.28
C ALA K 315 26.86 -26.15 4.75
N HIS K 316 25.92 -25.30 5.18
CA HIS K 316 25.47 -25.25 6.60
C HIS K 316 24.35 -26.28 6.81
N ALA K 317 23.43 -26.42 5.87
CA ALA K 317 22.29 -27.37 5.98
C ALA K 317 22.80 -28.78 6.20
N SER K 318 23.70 -29.28 5.33
CA SER K 318 24.24 -30.62 5.41
C SER K 318 25.00 -30.80 6.71
N THR K 319 24.89 -32.00 7.28
CA THR K 319 25.45 -32.28 8.61
C THR K 319 26.83 -32.90 8.54
N THR K 320 27.01 -33.93 7.72
CA THR K 320 28.23 -34.72 7.79
C THR K 320 28.84 -34.97 6.42
N ARG K 321 29.03 -33.90 5.64
CA ARG K 321 29.53 -34.00 4.27
C ARG K 321 30.76 -34.90 4.14
N LEU K 322 30.93 -35.51 2.98
CA LEU K 322 32.04 -36.41 2.71
C LEU K 322 32.70 -35.98 1.41
N TYR K 323 34.03 -35.97 1.38
CA TYR K 323 34.78 -35.60 0.18
C TYR K 323 35.34 -36.87 -0.44
N LEU K 324 34.73 -37.29 -1.54
CA LEU K 324 35.22 -38.45 -2.28
C LEU K 324 36.09 -37.98 -3.44
N ARG K 325 37.29 -38.55 -3.55
CA ARG K 325 38.23 -38.23 -4.61
C ARG K 325 38.68 -39.53 -5.26
N LYS K 326 39.41 -39.39 -6.37
CA LYS K 326 39.91 -40.58 -7.12
C LYS K 326 41.33 -40.90 -6.69
N GLY K 327 41.65 -42.18 -6.47
CA GLY K 327 42.96 -42.65 -6.07
C GLY K 327 43.59 -43.56 -7.11
N ARG K 328 44.69 -44.24 -6.73
CA ARG K 328 45.39 -45.10 -7.67
C ARG K 328 44.50 -46.26 -8.10
N GLY K 329 44.39 -46.44 -9.41
CA GLY K 329 43.54 -47.48 -9.95
C GLY K 329 42.07 -47.25 -9.66
N GLU K 330 41.50 -48.05 -8.77
CA GLU K 330 40.09 -47.93 -8.38
C GLU K 330 39.95 -47.66 -6.88
N THR K 331 41.02 -47.22 -6.23
CA THR K 331 40.99 -46.98 -4.79
C THR K 331 40.64 -45.53 -4.47
N ARG K 332 39.38 -45.16 -4.74
CA ARG K 332 38.91 -43.82 -4.47
C ARG K 332 38.98 -43.53 -2.97
N ILE K 333 39.53 -42.36 -2.63
CA ILE K 333 39.76 -41.97 -1.25
C ILE K 333 38.59 -41.11 -0.77
N CYS K 334 38.38 -41.13 0.54
CA CYS K 334 37.31 -40.36 1.16
C CYS K 334 37.82 -39.71 2.44
N LYS K 335 37.55 -38.41 2.59
CA LYS K 335 37.86 -37.70 3.82
C LYS K 335 36.65 -36.89 4.24
N ILE K 336 36.34 -36.89 5.53
CA ILE K 336 35.17 -36.16 6.03
C ILE K 336 35.43 -34.67 5.96
N TYR K 337 34.70 -33.99 5.08
CA TYR K 337 34.81 -32.54 4.96
C TYR K 337 34.37 -31.87 6.26
N ASP K 338 33.10 -32.01 6.61
CA ASP K 338 32.51 -31.35 7.77
C ASP K 338 31.69 -32.36 8.55
N SER K 339 31.94 -32.45 9.86
CA SER K 339 31.17 -33.33 10.73
C SER K 339 31.23 -32.84 12.17
N PRO K 340 30.10 -32.50 12.77
CA PRO K 340 30.10 -32.00 14.15
C PRO K 340 30.74 -32.95 15.16
N CYS K 341 30.77 -34.25 14.87
CA CYS K 341 31.19 -35.21 15.88
C CYS K 341 32.44 -35.99 15.48
N LEU K 342 32.58 -36.31 14.20
CA LEU K 342 33.68 -37.16 13.77
C LEU K 342 34.95 -36.34 13.52
N PRO K 343 36.12 -36.97 13.59
CA PRO K 343 37.36 -36.26 13.23
C PRO K 343 37.48 -36.06 11.73
N GLU K 344 38.63 -35.53 11.30
CA GLU K 344 38.82 -35.14 9.90
C GLU K 344 39.82 -36.06 9.21
N ALA K 345 39.69 -37.36 9.44
CA ALA K 345 40.61 -38.34 8.87
C ALA K 345 40.22 -38.71 7.45
N GLU K 346 40.88 -39.72 6.89
CA GLU K 346 40.53 -40.27 5.59
C GLU K 346 40.44 -41.78 5.68
N ALA K 347 39.90 -42.38 4.62
CA ALA K 347 39.85 -43.83 4.48
C ALA K 347 39.86 -44.17 3.00
N MET K 348 40.32 -45.37 2.69
CA MET K 348 40.51 -45.81 1.32
C MET K 348 39.51 -46.91 1.01
N PHE K 349 38.60 -46.66 0.08
CA PHE K 349 37.65 -47.66 -0.39
C PHE K 349 37.82 -47.88 -1.87
N ALA K 350 37.46 -49.09 -2.32
CA ALA K 350 37.60 -49.47 -3.72
C ALA K 350 36.24 -49.88 -4.24
N ILE K 351 35.85 -49.33 -5.38
CA ILE K 351 34.57 -49.67 -5.99
C ILE K 351 34.70 -50.99 -6.77
N ASN K 352 34.36 -52.09 -6.10
CA ASN K 352 34.54 -53.42 -6.66
C ASN K 352 33.47 -53.71 -7.71
N ALA K 353 33.45 -54.94 -8.22
CA ALA K 353 32.38 -55.38 -9.11
C ALA K 353 31.14 -55.83 -8.37
N ASP K 354 31.19 -55.90 -7.04
CA ASP K 354 30.06 -56.26 -6.21
C ASP K 354 29.69 -55.18 -5.19
N GLY K 355 29.89 -53.92 -5.53
CA GLY K 355 29.61 -52.81 -4.63
C GLY K 355 30.87 -52.26 -3.99
N VAL K 356 30.67 -51.28 -3.12
CA VAL K 356 31.77 -50.65 -2.40
C VAL K 356 32.39 -51.67 -1.44
N GLY K 357 33.70 -51.85 -1.53
CA GLY K 357 34.40 -52.79 -0.68
C GLY K 357 35.77 -52.27 -0.29
N ASP K 358 36.48 -53.09 0.47
CA ASP K 358 37.80 -52.74 0.97
C ASP K 358 38.87 -53.10 -0.05
N PRO L 44 17.26 -11.46 40.75
CA PRO L 44 16.07 -11.53 39.90
C PRO L 44 14.86 -12.12 40.63
N GLN L 45 14.31 -11.36 41.58
CA GLN L 45 13.18 -11.85 42.35
C GLN L 45 11.97 -12.03 41.43
N PRO L 46 11.17 -13.06 41.68
CA PRO L 46 10.02 -13.33 40.80
C PRO L 46 8.87 -12.37 41.07
N ILE L 47 7.80 -12.55 40.30
CA ILE L 47 6.62 -11.68 40.35
C ILE L 47 5.91 -11.82 41.69
N SER L 48 6.29 -12.82 42.48
CA SER L 48 5.70 -13.02 43.81
C SER L 48 5.86 -11.77 44.67
N ARG L 49 6.99 -11.09 44.52
CA ARG L 49 7.23 -9.86 45.27
C ARG L 49 6.24 -8.78 44.87
N LEU L 50 5.90 -8.72 43.58
CA LEU L 50 4.92 -7.76 43.09
C LEU L 50 3.58 -7.94 43.81
N GLU L 51 3.19 -9.20 44.02
CA GLU L 51 1.93 -9.50 44.67
C GLU L 51 1.87 -8.86 46.05
N GLN L 52 1.02 -7.84 46.20
CA GLN L 52 0.90 -7.04 47.42
C GLN L 52 -0.06 -5.89 47.16
N CYS L 53 0.44 -4.83 46.51
CA CYS L 53 -0.36 -3.64 46.27
C CYS L 53 -1.17 -3.76 45.00
N GLY L 54 -2.37 -4.33 45.10
CA GLY L 54 -3.28 -4.41 43.94
C GLY L 54 -2.76 -5.30 42.84
N ILE L 55 -1.85 -6.22 43.17
CA ILE L 55 -1.33 -7.19 42.17
C ILE L 55 -1.84 -8.58 42.54
N ASN L 56 -3.16 -8.72 42.67
CA ASN L 56 -3.76 -10.02 43.09
C ASN L 56 -3.27 -11.14 42.16
N ALA L 57 -3.20 -12.36 42.69
CA ALA L 57 -2.70 -13.51 41.87
C ALA L 57 -3.41 -13.54 40.53
N ASN L 58 -4.68 -13.14 40.49
CA ASN L 58 -5.43 -13.10 39.21
C ASN L 58 -4.59 -12.39 38.15
N ASP L 59 -4.07 -11.20 38.49
CA ASP L 59 -3.23 -10.44 37.54
C ASP L 59 -1.86 -11.10 37.44
N VAL L 60 -1.32 -11.58 38.56
CA VAL L 60 0.01 -12.17 38.53
C VAL L 60 0.01 -13.38 37.60
N LYS L 61 -1.01 -14.23 37.75
CA LYS L 61 -1.16 -15.36 36.85
C LYS L 61 -1.39 -14.89 35.42
N LYS L 62 -2.16 -13.80 35.26
CA LYS L 62 -2.39 -13.24 33.94
C LYS L 62 -1.09 -12.76 33.30
N LEU L 63 -0.16 -12.25 34.10
CA LEU L 63 1.12 -11.80 33.57
C LEU L 63 2.02 -12.97 33.19
N GLU L 64 2.06 -14.01 34.03
CA GLU L 64 3.02 -15.08 33.83
C GLU L 64 2.51 -16.13 32.86
N GLU L 65 1.30 -15.93 32.33
CA GLU L 65 0.89 -16.71 31.17
C GLU L 65 1.22 -15.97 29.88
N ALA L 66 1.85 -14.80 29.96
CA ALA L 66 2.31 -14.05 28.81
C ALA L 66 3.82 -13.97 28.71
N GLY L 67 4.56 -14.35 29.75
CA GLY L 67 6.00 -14.37 29.70
C GLY L 67 6.70 -13.72 30.88
N TYR L 68 6.15 -12.63 31.40
CA TYR L 68 6.79 -11.92 32.49
C TYR L 68 6.72 -12.75 33.76
N HIS L 69 7.82 -13.43 34.12
CA HIS L 69 7.86 -14.36 35.30
C HIS L 69 8.70 -13.79 36.43
N THR L 70 9.48 -12.73 36.17
CA THR L 70 10.32 -12.07 37.20
C THR L 70 10.02 -10.60 37.15
N VAL L 71 10.11 -9.89 38.28
CA VAL L 71 9.76 -8.46 38.35
C VAL L 71 10.69 -7.64 37.47
N GLU L 72 11.92 -8.11 37.26
CA GLU L 72 12.83 -7.43 36.36
C GLU L 72 12.28 -7.40 34.95
N ALA L 73 11.69 -8.51 34.51
CA ALA L 73 11.07 -8.59 33.19
C ALA L 73 9.82 -7.73 33.13
N VAL L 74 9.21 -7.46 34.28
CA VAL L 74 8.02 -6.63 34.34
C VAL L 74 8.34 -5.16 34.07
N ALA L 75 9.37 -4.63 34.73
CA ALA L 75 9.72 -3.23 34.58
C ALA L 75 10.54 -2.95 33.33
N TYR L 76 10.96 -3.99 32.61
CA TYR L 76 11.57 -3.82 31.29
C TYR L 76 10.53 -3.73 30.19
N ALA L 77 9.25 -3.71 30.55
CA ALA L 77 8.17 -3.76 29.58
C ALA L 77 7.50 -2.41 29.44
N PRO L 78 7.24 -1.95 28.21
CA PRO L 78 6.60 -0.65 28.03
C PRO L 78 5.14 -0.72 28.47
N LYS L 79 4.58 0.45 28.78
CA LYS L 79 3.20 0.52 29.23
C LYS L 79 2.26 -0.08 28.20
N LYS L 80 2.51 0.21 26.92
CA LYS L 80 1.67 -0.29 25.83
C LYS L 80 1.66 -1.82 25.79
N GLU L 81 2.83 -2.43 25.97
CA GLU L 81 2.90 -3.89 25.96
C GLU L 81 2.13 -4.50 27.12
N LEU L 82 2.24 -3.88 28.30
CA LEU L 82 1.51 -4.35 29.47
C LEU L 82 0.00 -4.25 29.26
N ILE L 83 -0.44 -3.21 28.55
CA ILE L 83 -1.87 -2.93 28.37
C ILE L 83 -2.54 -4.09 27.64
N ASN L 84 -1.91 -4.57 26.57
CA ASN L 84 -2.53 -5.54 25.68
C ASN L 84 -2.74 -6.89 26.35
N ILE L 85 -2.14 -7.10 27.52
CA ILE L 85 -2.35 -8.31 28.29
C ILE L 85 -3.82 -8.37 28.70
N LYS L 86 -4.49 -9.47 28.38
CA LYS L 86 -5.92 -9.57 28.61
C LYS L 86 -6.21 -9.55 30.11
N GLY L 87 -7.24 -8.80 30.48
CA GLY L 87 -7.59 -8.61 31.88
C GLY L 87 -6.92 -7.41 32.52
N ILE L 88 -5.70 -7.10 32.10
CA ILE L 88 -5.00 -5.94 32.62
C ILE L 88 -5.60 -4.68 32.03
N SER L 89 -6.11 -3.80 32.88
CA SER L 89 -6.83 -2.61 32.46
C SER L 89 -5.84 -1.44 32.38
N GLU L 90 -6.30 -0.21 32.19
CA GLU L 90 -5.41 0.94 32.06
C GLU L 90 -4.71 1.26 33.37
N ALA L 91 -5.48 1.59 34.41
CA ALA L 91 -4.89 1.88 35.71
C ALA L 91 -4.21 0.66 36.31
N LYS L 92 -4.68 -0.54 35.97
CA LYS L 92 -4.04 -1.78 36.39
C LYS L 92 -2.60 -1.82 35.89
N ALA L 93 -2.41 -1.62 34.59
CA ALA L 93 -1.09 -1.73 33.96
C ALA L 93 -0.09 -0.75 34.57
N ASP L 94 -0.57 0.48 34.81
CA ASP L 94 0.28 1.52 35.44
C ASP L 94 0.64 1.03 36.84
N LYS L 95 -0.27 0.34 37.54
CA LYS L 95 -0.01 -0.19 38.90
C LYS L 95 1.12 -1.23 38.85
N ILE L 96 1.27 -1.94 37.73
CA ILE L 96 2.30 -3.02 37.60
C ILE L 96 3.69 -2.38 37.45
N LEU L 97 3.79 -1.20 36.83
CA LEU L 97 5.07 -0.53 36.54
C LEU L 97 5.55 0.28 37.74
N THR L 98 4.65 1.00 38.40
CA THR L 98 5.03 1.82 39.55
C THR L 98 5.56 0.95 40.67
N GLU L 99 4.88 -0.16 40.96
CA GLU L 99 5.35 -1.07 42.00
C GLU L 99 6.66 -1.72 41.60
N ALA L 100 6.79 -2.11 40.33
CA ALA L 100 8.01 -2.77 39.88
C ALA L 100 9.22 -1.86 39.98
N ALA L 101 9.05 -0.58 39.61
CA ALA L 101 10.17 0.36 39.60
C ALA L 101 10.76 0.61 40.98
N LYS L 102 10.05 0.26 42.05
CA LYS L 102 10.58 0.38 43.40
C LYS L 102 11.43 -0.82 43.80
N LEU L 103 11.10 -1.99 43.25
CA LEU L 103 11.82 -3.26 43.56
C LEU L 103 13.13 -3.25 42.76
N VAL L 104 13.06 -3.19 41.43
CA VAL L 104 14.27 -3.17 40.55
C VAL L 104 14.78 -1.72 40.52
N PRO L 105 16.06 -1.42 40.87
CA PRO L 105 16.51 -0.03 40.90
C PRO L 105 16.75 0.54 39.50
N MET L 106 16.00 1.57 39.14
CA MET L 106 16.17 2.26 37.86
C MET L 106 16.30 3.75 38.14
N GLY L 107 17.53 4.26 38.07
CA GLY L 107 17.78 5.66 38.29
C GLY L 107 19.20 6.00 37.94
N PHE L 108 19.44 7.30 37.73
CA PHE L 108 20.78 7.76 37.39
C PHE L 108 21.76 7.42 38.50
N THR L 109 22.93 6.91 38.12
CA THR L 109 23.96 6.54 39.07
C THR L 109 25.31 6.78 38.45
N THR L 110 26.27 7.17 39.29
CA THR L 110 27.59 7.57 38.83
C THR L 110 28.30 6.41 38.13
N ALA L 111 29.25 6.76 37.26
CA ALA L 111 29.96 5.75 36.50
C ALA L 111 30.91 4.96 37.36
N THR L 112 31.41 5.54 38.46
CA THR L 112 32.26 4.77 39.35
C THR L 112 31.48 3.67 40.07
N GLU L 113 30.15 3.75 40.08
CA GLU L 113 29.33 2.65 40.53
C GLU L 113 29.11 1.61 39.45
N PHE L 114 29.27 1.98 38.18
CA PHE L 114 29.28 1.01 37.10
C PHE L 114 30.68 0.49 36.80
N HIS L 115 31.63 0.70 37.71
CA HIS L 115 32.92 0.03 37.66
C HIS L 115 33.05 -0.97 38.80
N GLN L 116 32.46 -0.65 39.96
CA GLN L 116 32.37 -1.61 41.05
C GLN L 116 31.50 -2.79 40.66
N ARG L 117 30.36 -2.51 40.03
CA ARG L 117 29.44 -3.58 39.62
C ARG L 117 29.98 -4.31 38.39
N ARG L 118 30.52 -3.57 37.42
CA ARG L 118 31.00 -4.19 36.20
C ARG L 118 32.20 -5.09 36.45
N SER L 119 32.98 -4.79 37.49
CA SER L 119 34.12 -5.63 37.81
C SER L 119 33.67 -6.85 38.61
N GLU L 120 32.67 -7.55 38.09
CA GLU L 120 32.26 -8.84 38.62
C GLU L 120 31.82 -9.79 37.52
N ILE L 121 31.95 -9.41 36.25
CA ILE L 121 31.57 -10.27 35.14
C ILE L 121 32.35 -11.57 35.22
N ILE L 122 31.63 -12.69 35.08
CA ILE L 122 32.22 -14.00 35.35
C ILE L 122 33.34 -14.31 34.36
N GLN L 123 33.10 -14.01 33.08
CA GLN L 123 34.10 -14.21 32.04
C GLN L 123 34.55 -15.66 31.94
N ILE L 124 33.64 -16.56 31.55
CA ILE L 124 33.96 -17.97 31.39
C ILE L 124 34.99 -18.12 30.28
N THR L 125 36.02 -18.91 30.53
CA THR L 125 37.06 -19.13 29.53
C THR L 125 36.51 -19.97 28.37
N THR L 126 37.03 -19.71 27.18
CA THR L 126 36.63 -20.43 25.98
C THR L 126 37.50 -21.66 25.73
N GLY L 127 38.23 -22.12 26.75
CA GLY L 127 39.07 -23.30 26.60
C GLY L 127 40.47 -22.98 26.14
N SER L 128 40.61 -22.45 24.93
CA SER L 128 41.91 -22.12 24.40
C SER L 128 42.56 -21.01 25.22
N LYS L 129 43.87 -21.14 25.43
CA LYS L 129 44.63 -20.16 26.19
C LYS L 129 45.09 -18.99 25.34
N GLU L 130 44.96 -19.08 24.02
CA GLU L 130 45.24 -17.96 23.13
C GLU L 130 43.97 -17.19 22.77
N LEU L 131 42.85 -17.89 22.58
CA LEU L 131 41.57 -17.24 22.40
C LEU L 131 41.10 -16.53 23.67
N ASP L 132 41.71 -16.82 24.82
CA ASP L 132 41.52 -16.05 26.03
C ASP L 132 42.30 -14.75 26.02
N LYS L 133 43.40 -14.67 25.29
CA LYS L 133 44.13 -13.41 25.18
C LYS L 133 43.35 -12.40 24.36
N LEU L 134 42.69 -12.85 23.31
CA LEU L 134 41.83 -11.98 22.51
C LEU L 134 40.69 -11.43 23.36
N LEU L 135 39.82 -12.33 23.82
CA LEU L 135 38.73 -11.95 24.72
C LEU L 135 39.29 -11.88 26.13
N GLN L 136 39.71 -10.67 26.56
CA GLN L 136 40.34 -10.50 27.86
C GLN L 136 39.50 -11.16 28.94
N GLY L 137 40.05 -12.19 29.59
CA GLY L 137 39.30 -12.98 30.52
C GLY L 137 38.57 -14.12 29.86
N GLY L 138 37.69 -13.80 28.92
CA GLY L 138 36.91 -14.80 28.21
C GLY L 138 35.54 -14.28 27.82
N ILE L 139 34.67 -15.16 27.33
CA ILE L 139 33.30 -14.78 27.01
C ILE L 139 32.65 -14.21 28.27
N GLU L 140 32.08 -13.01 28.16
CA GLU L 140 31.67 -12.25 29.33
C GLU L 140 30.18 -12.41 29.61
N THR L 141 29.84 -12.61 30.89
CA THR L 141 28.42 -12.68 31.29
C THR L 141 27.79 -11.36 30.95
N GLY L 142 26.48 -11.34 30.77
CA GLY L 142 25.78 -10.17 30.28
C GLY L 142 26.06 -9.99 28.81
N SER L 143 25.23 -9.20 28.13
CA SER L 143 25.45 -8.86 26.72
C SER L 143 25.35 -10.08 25.82
N ILE L 144 25.49 -9.86 24.51
CA ILE L 144 25.38 -10.92 23.52
C ILE L 144 26.77 -11.13 22.92
N THR L 145 27.01 -12.27 22.27
CA THR L 145 28.31 -12.55 21.68
C THR L 145 28.15 -13.38 20.41
N GLU L 146 28.22 -12.74 19.24
CA GLU L 146 28.06 -13.48 18.00
C GLU L 146 29.29 -14.34 17.73
N MET L 147 29.10 -15.37 16.92
CA MET L 147 30.22 -16.20 16.50
C MET L 147 30.10 -16.57 15.03
N PHE L 148 29.77 -15.62 14.16
CA PHE L 148 29.55 -15.97 12.78
C PHE L 148 30.84 -16.51 12.17
N GLY L 149 30.69 -17.13 11.01
CA GLY L 149 31.81 -17.83 10.40
C GLY L 149 31.39 -18.51 9.11
N GLU L 150 31.75 -19.78 8.96
CA GLU L 150 31.42 -20.51 7.74
C GLU L 150 31.33 -21.98 8.07
N PHE L 151 30.86 -22.80 7.13
CA PHE L 151 30.81 -24.24 7.37
C PHE L 151 32.20 -24.77 7.68
N ARG L 152 32.29 -25.64 8.69
CA ARG L 152 33.50 -26.32 9.15
C ARG L 152 34.39 -25.42 10.00
N THR L 153 34.06 -24.14 10.19
CA THR L 153 34.96 -23.24 10.91
C THR L 153 35.08 -23.62 12.38
N GLY L 154 33.96 -23.96 13.01
CA GLY L 154 34.01 -24.32 14.42
C GLY L 154 32.93 -23.69 15.28
N LYS L 155 31.96 -23.02 14.64
CA LYS L 155 30.94 -22.27 15.35
C LYS L 155 30.19 -23.12 16.37
N THR L 156 29.93 -24.42 16.13
CA THR L 156 29.28 -25.29 17.15
C THR L 156 30.31 -26.06 17.95
N GLN L 157 31.59 -26.00 17.58
CA GLN L 157 32.67 -26.67 18.35
C GLN L 157 33.03 -25.79 19.56
N ILE L 158 33.01 -24.45 19.44
CA ILE L 158 33.22 -23.56 20.58
C ILE L 158 31.94 -23.27 21.31
N CYS L 159 30.82 -23.90 20.89
CA CYS L 159 29.52 -23.82 21.61
C CYS L 159 29.47 -25.01 22.56
N HIS L 160 30.02 -26.16 22.14
CA HIS L 160 30.05 -27.40 22.97
C HIS L 160 31.11 -27.25 24.05
N THR L 161 32.26 -26.66 23.72
CA THR L 161 33.38 -26.45 24.68
C THR L 161 32.96 -25.39 25.67
N LEU L 162 31.96 -24.56 25.34
CA LEU L 162 31.49 -23.47 26.20
C LEU L 162 30.40 -23.95 27.16
N ALA L 163 29.71 -25.03 26.81
CA ALA L 163 28.73 -25.62 27.70
C ALA L 163 29.35 -26.57 28.71
N VAL L 164 30.65 -26.84 28.63
CA VAL L 164 31.36 -27.61 29.65
C VAL L 164 32.17 -26.72 30.58
N THR L 165 32.82 -25.68 30.05
CA THR L 165 33.50 -24.69 30.87
C THR L 165 32.55 -23.85 31.70
N CYS L 166 31.29 -23.76 31.28
CA CYS L 166 30.25 -22.97 31.99
C CYS L 166 30.05 -23.54 33.40
N GLN L 167 30.26 -24.85 33.59
CA GLN L 167 30.00 -25.53 34.89
C GLN L 167 31.27 -25.53 35.75
N LEU L 168 32.41 -25.10 35.19
CA LEU L 168 33.70 -25.10 35.93
C LEU L 168 33.62 -24.11 37.10
N PRO L 169 34.40 -24.29 38.18
CA PRO L 169 34.46 -23.31 39.27
C PRO L 169 34.95 -21.96 38.78
N ILE L 170 34.59 -20.92 39.54
CA ILE L 170 34.95 -19.56 39.13
C ILE L 170 36.46 -19.38 39.07
N ASP L 171 37.19 -20.10 39.93
CA ASP L 171 38.64 -20.05 39.90
C ASP L 171 39.18 -20.54 38.56
N ARG L 172 38.62 -21.65 38.06
CA ARG L 172 39.07 -22.21 36.79
C ARG L 172 38.52 -21.43 35.59
N GLY L 173 37.59 -20.52 35.80
CA GLY L 173 37.05 -19.74 34.70
C GLY L 173 35.66 -20.17 34.27
N GLY L 174 34.80 -20.46 35.24
CA GLY L 174 33.44 -20.86 34.94
C GLY L 174 32.41 -20.12 35.77
N GLY L 175 31.15 -20.13 35.32
CA GLY L 175 30.10 -19.50 36.08
C GLY L 175 29.61 -20.37 37.23
N GLU L 176 30.09 -21.61 37.30
CA GLU L 176 29.65 -22.59 38.27
C GLU L 176 28.13 -22.75 38.21
N GLY L 177 27.58 -22.67 37.01
CA GLY L 177 26.17 -22.88 36.80
C GLY L 177 25.90 -23.82 35.64
N LYS L 178 24.64 -24.10 35.38
CA LYS L 178 24.26 -24.96 34.27
C LYS L 178 24.27 -24.15 32.98
N ALA L 179 24.28 -24.83 31.85
CA ALA L 179 24.34 -24.18 30.55
C ALA L 179 22.96 -24.27 29.91
N MET L 180 22.84 -23.80 28.67
CA MET L 180 21.57 -23.83 27.96
C MET L 180 21.78 -23.92 26.46
N TYR L 181 21.65 -25.11 25.91
CA TYR L 181 21.76 -25.28 24.47
C TYR L 181 20.40 -25.13 23.82
N ILE L 182 20.31 -24.28 22.80
CA ILE L 182 19.09 -24.17 22.01
C ILE L 182 19.47 -24.43 20.57
N ASP L 183 19.44 -25.71 20.17
CA ASP L 183 19.91 -26.08 18.80
C ASP L 183 18.76 -25.93 17.79
N THR L 184 18.98 -25.13 16.74
CA THR L 184 17.94 -24.99 15.69
C THR L 184 18.50 -25.54 14.39
N GLU L 185 19.55 -26.36 14.48
CA GLU L 185 20.13 -27.00 13.27
C GLU L 185 20.21 -28.51 13.50
N GLY L 186 19.99 -28.96 14.74
CA GLY L 186 20.07 -30.40 15.07
C GLY L 186 21.48 -30.91 14.99
N THR L 187 22.45 -30.10 15.41
CA THR L 187 23.88 -30.51 15.34
C THR L 187 24.43 -30.68 16.74
N PHE L 188 23.55 -30.92 17.72
CA PHE L 188 23.99 -31.11 19.13
C PHE L 188 24.40 -32.56 19.33
N ARG L 189 25.72 -32.81 19.45
CA ARG L 189 26.22 -34.20 19.67
C ARG L 189 26.73 -34.30 21.12
N PRO L 190 25.99 -34.95 22.04
CA PRO L 190 26.37 -34.98 23.46
C PRO L 190 27.41 -36.03 23.76
N GLU L 191 28.44 -36.10 22.90
CA GLU L 191 29.59 -36.95 23.14
C GLU L 191 30.81 -36.06 23.07
N ARG L 192 30.60 -34.77 22.72
CA ARG L 192 31.64 -33.72 22.73
C ARG L 192 31.56 -33.08 24.11
N LEU L 193 30.40 -33.13 24.81
CA LEU L 193 30.31 -32.68 26.19
C LEU L 193 30.80 -33.76 27.16
N LEU L 194 31.00 -34.97 26.67
CA LEU L 194 31.57 -36.02 27.51
C LEU L 194 33.01 -36.31 27.15
N ALA L 195 33.54 -35.72 26.08
CA ALA L 195 34.96 -35.75 25.80
C ALA L 195 35.69 -34.50 26.27
N VAL L 196 35.05 -33.33 26.21
CA VAL L 196 35.62 -32.13 26.80
C VAL L 196 35.69 -32.23 28.32
N ALA L 197 34.73 -32.91 28.95
CA ALA L 197 34.75 -33.05 30.40
C ALA L 197 36.02 -33.76 30.87
N GLU L 198 36.50 -34.72 30.09
CA GLU L 198 37.74 -35.41 30.44
C GLU L 198 38.93 -34.46 30.43
N ARG L 199 38.90 -33.46 29.54
CA ARG L 199 39.97 -32.47 29.48
C ARG L 199 40.13 -31.74 30.80
N TYR L 200 39.02 -31.30 31.37
CA TYR L 200 39.04 -30.55 32.62
C TYR L 200 38.92 -31.43 33.85
N GLY L 201 38.88 -32.75 33.66
CA GLY L 201 38.79 -33.66 34.80
C GLY L 201 37.49 -33.58 35.55
N LEU L 202 36.41 -33.21 34.86
CA LEU L 202 35.10 -33.20 35.48
C LEU L 202 34.58 -34.64 35.59
N SER L 203 33.38 -34.79 36.16
CA SER L 203 32.76 -36.11 36.26
C SER L 203 31.97 -36.38 34.98
N GLY L 204 31.14 -37.41 34.98
CA GLY L 204 30.51 -37.85 33.76
C GLY L 204 29.13 -37.27 33.53
N SER L 205 28.09 -38.03 33.89
CA SER L 205 26.72 -37.63 33.61
C SER L 205 26.39 -36.27 34.22
N ASP L 206 27.06 -35.91 35.32
CA ASP L 206 26.75 -34.64 35.98
C ASP L 206 27.05 -33.45 35.08
N VAL L 207 27.94 -33.62 34.10
CA VAL L 207 28.19 -32.57 33.11
C VAL L 207 27.09 -32.51 32.08
N LEU L 208 26.53 -33.65 31.68
CA LEU L 208 25.43 -33.70 30.72
C LEU L 208 24.08 -33.38 31.34
N ASP L 209 23.94 -33.56 32.65
CA ASP L 209 22.68 -33.30 33.34
C ASP L 209 22.47 -31.81 33.54
N ASN L 210 23.55 -31.03 33.36
CA ASN L 210 23.50 -29.59 33.58
C ASN L 210 23.49 -28.81 32.27
N VAL L 211 23.14 -29.46 31.16
CA VAL L 211 22.99 -28.77 29.89
C VAL L 211 21.56 -28.95 29.38
N ALA L 212 20.70 -28.00 29.71
CA ALA L 212 19.33 -28.04 29.21
C ALA L 212 19.33 -27.94 27.70
N TYR L 213 18.56 -28.80 27.04
CA TYR L 213 18.55 -28.86 25.59
C TYR L 213 17.14 -28.70 25.05
N ALA L 214 17.02 -27.93 23.97
CA ALA L 214 15.77 -27.81 23.24
C ALA L 214 16.10 -27.61 21.77
N ARG L 215 15.16 -27.97 20.91
CA ARG L 215 15.36 -27.86 19.47
C ARG L 215 14.30 -26.95 18.89
N GLY L 216 14.74 -25.90 18.21
CA GLY L 216 13.80 -25.04 17.50
C GLY L 216 13.42 -25.67 16.18
N PHE L 217 12.12 -25.84 15.96
CA PHE L 217 11.62 -26.44 14.73
C PHE L 217 11.18 -25.40 13.72
N ASN L 218 10.47 -24.36 14.15
CA ASN L 218 10.15 -23.21 13.33
C ASN L 218 10.62 -21.95 14.06
N THR L 219 10.58 -20.82 13.37
CA THR L 219 11.05 -19.57 13.97
C THR L 219 10.28 -19.22 15.24
N ASP L 220 8.99 -19.54 15.30
CA ASP L 220 8.17 -19.22 16.46
C ASP L 220 8.41 -20.16 17.65
N HIS L 221 8.83 -21.40 17.41
CA HIS L 221 9.15 -22.32 18.53
C HIS L 221 10.42 -21.80 19.21
N GLN L 222 11.41 -21.34 18.45
CA GLN L 222 12.67 -20.89 19.02
C GLN L 222 12.56 -19.52 19.66
N THR L 223 11.49 -18.77 19.38
CA THR L 223 11.20 -17.54 20.10
C THR L 223 10.22 -17.78 21.24
N GLN L 224 9.56 -18.95 21.26
CA GLN L 224 8.78 -19.38 22.41
C GLN L 224 9.59 -20.27 23.34
N LEU L 225 10.85 -20.52 22.99
CA LEU L 225 11.74 -21.32 23.82
C LEU L 225 12.44 -20.50 24.87
N LEU L 226 12.50 -19.18 24.72
CA LEU L 226 13.03 -18.29 25.74
C LEU L 226 11.96 -17.92 26.76
N TYR L 227 10.70 -18.21 26.45
CA TYR L 227 9.63 -18.05 27.41
C TYR L 227 9.53 -19.23 28.36
N GLN L 228 9.96 -20.41 27.88
CA GLN L 228 10.05 -21.62 28.73
C GLN L 228 11.40 -21.55 29.44
N ALA L 229 12.43 -21.05 28.75
CA ALA L 229 13.80 -20.93 29.31
C ALA L 229 13.76 -20.02 30.53
N GLU L 230 13.28 -18.78 30.40
CA GLU L 230 13.30 -17.79 31.51
C GLU L 230 12.64 -18.40 32.77
N ASP L 231 11.71 -19.36 32.62
CA ASP L 231 10.96 -19.95 33.76
C ASP L 231 11.81 -20.99 34.53
N MET L 232 12.85 -21.53 33.92
CA MET L 232 13.76 -22.53 34.60
C MET L 232 14.95 -21.77 35.20
N MET L 233 15.30 -20.59 34.68
CA MET L 233 16.38 -19.76 35.20
C MET L 233 16.06 -19.14 36.55
N VAL L 234 14.79 -18.83 36.81
CA VAL L 234 14.40 -18.23 38.09
C VAL L 234 14.61 -19.17 39.27
N GLU L 235 14.69 -20.48 39.02
CA GLU L 235 14.85 -21.47 40.07
C GLU L 235 16.30 -21.89 40.24
N SER L 236 16.97 -22.26 39.15
CA SER L 236 18.36 -22.70 39.19
C SER L 236 19.25 -21.70 38.48
N ARG L 237 20.45 -21.51 39.03
CA ARG L 237 21.39 -20.55 38.45
C ARG L 237 21.97 -21.09 37.14
N TYR L 238 21.88 -20.27 36.10
CA TYR L 238 22.39 -20.60 34.78
C TYR L 238 23.48 -19.61 34.42
N ALA L 239 24.35 -19.99 33.48
CA ALA L 239 25.46 -19.10 33.15
C ALA L 239 25.75 -19.03 31.65
N LEU L 240 25.01 -19.78 30.83
CA LEU L 240 25.19 -19.70 29.37
C LEU L 240 23.82 -19.87 28.73
N LEU L 241 23.59 -19.28 27.57
CA LEU L 241 22.35 -19.43 26.82
C LEU L 241 22.67 -19.64 25.34
N ILE L 242 23.55 -20.60 25.05
CA ILE L 242 23.96 -20.91 23.69
C ILE L 242 22.77 -21.03 22.76
N VAL L 243 22.77 -20.23 21.69
CA VAL L 243 21.73 -20.38 20.63
C VAL L 243 22.53 -20.78 19.39
N ASP L 244 22.96 -22.06 19.30
CA ASP L 244 23.85 -22.51 18.20
C ASP L 244 23.35 -22.08 16.83
N SER L 245 22.05 -21.77 16.70
CA SER L 245 21.56 -21.26 15.40
C SER L 245 20.44 -20.24 15.65
N ALA L 246 20.71 -18.96 15.40
CA ALA L 246 19.70 -17.91 15.64
C ALA L 246 19.04 -17.53 14.32
N THR L 247 19.84 -17.16 13.32
CA THR L 247 19.29 -16.74 12.03
C THR L 247 19.24 -17.92 11.09
N ALA L 248 19.67 -19.10 11.57
CA ALA L 248 19.72 -20.27 10.70
C ALA L 248 18.32 -20.70 10.28
N LEU L 249 17.33 -20.48 11.15
CA LEU L 249 15.95 -20.86 10.86
C LEU L 249 15.13 -19.72 10.25
N TYR L 250 15.71 -18.54 10.05
CA TYR L 250 14.99 -17.43 9.46
C TYR L 250 15.10 -17.41 7.94
N ARG L 251 16.30 -17.67 7.41
CA ARG L 251 16.49 -17.66 5.97
C ARG L 251 15.71 -18.78 5.27
N THR L 252 15.28 -19.79 6.01
CA THR L 252 14.55 -20.91 5.42
C THR L 252 13.04 -20.77 5.51
N ASP L 253 12.53 -20.16 6.58
CA ASP L 253 11.09 -19.99 6.74
C ASP L 253 10.57 -18.72 6.08
N TYR L 254 11.31 -17.61 6.19
CA TYR L 254 10.92 -16.38 5.46
C TYR L 254 11.47 -16.49 4.04
N SER L 255 11.01 -15.64 3.10
CA SER L 255 11.43 -15.82 1.69
C SER L 255 11.90 -14.51 1.03
N GLY L 256 13.14 -14.08 1.28
CA GLY L 256 13.71 -12.90 0.60
C GLY L 256 12.88 -11.63 0.73
N ARG L 257 12.80 -10.84 -0.35
CA ARG L 257 12.08 -9.54 -0.31
C ARG L 257 10.60 -9.77 -0.01
N GLY L 258 9.90 -8.73 0.44
CA GLY L 258 8.47 -8.90 0.80
C GLY L 258 8.35 -9.69 2.08
N GLU L 259 9.43 -10.35 2.50
CA GLU L 259 9.43 -11.10 3.79
C GLU L 259 10.61 -10.62 4.65
N LEU L 260 11.51 -9.83 4.06
CA LEU L 260 12.67 -9.30 4.81
C LEU L 260 12.17 -8.46 5.99
N SER L 261 11.19 -7.58 5.73
CA SER L 261 10.69 -6.67 6.80
C SER L 261 10.20 -7.51 7.99
N ALA L 262 9.36 -8.51 7.75
CA ALA L 262 8.79 -9.32 8.85
C ALA L 262 9.89 -10.10 9.57
N ARG L 263 10.75 -10.79 8.81
CA ARG L 263 11.80 -11.62 9.42
C ARG L 263 12.66 -10.77 10.36
N GLN L 264 13.06 -9.59 9.91
CA GLN L 264 13.96 -8.70 10.70
C GLN L 264 13.19 -7.99 11.81
N MET L 265 11.85 -7.92 11.75
CA MET L 265 11.07 -7.41 12.87
C MET L 265 10.61 -8.56 13.75
N HIS L 266 10.85 -9.81 13.35
CA HIS L 266 10.75 -10.92 14.28
C HIS L 266 12.14 -11.26 14.83
N LEU L 267 13.20 -11.00 14.08
CA LEU L 267 14.57 -11.04 14.57
C LEU L 267 14.84 -9.98 15.61
N ALA L 268 14.37 -8.75 15.39
CA ALA L 268 14.54 -7.69 16.36
C ALA L 268 13.84 -8.00 17.68
N ARG L 269 12.68 -8.65 17.64
CA ARG L 269 12.02 -9.12 18.85
C ARG L 269 12.70 -10.35 19.45
N PHE L 270 13.36 -11.16 18.63
CA PHE L 270 14.13 -12.28 19.18
C PHE L 270 15.40 -11.78 19.86
N LEU L 271 16.10 -10.84 19.24
CA LEU L 271 17.22 -10.17 19.91
C LEU L 271 16.73 -8.99 20.74
N ARG L 272 15.66 -9.19 21.50
CA ARG L 272 15.26 -8.29 22.56
C ARG L 272 15.00 -9.12 23.80
N MET L 273 14.39 -10.30 23.59
CA MET L 273 14.26 -11.28 24.64
C MET L 273 15.61 -11.88 25.02
N LEU L 274 16.47 -12.13 24.04
CA LEU L 274 17.81 -12.61 24.31
C LEU L 274 18.62 -11.61 25.13
N LEU L 275 18.41 -10.32 24.89
CA LEU L 275 19.01 -9.27 25.68
C LEU L 275 18.38 -9.15 27.06
N ARG L 276 17.07 -9.40 27.18
CA ARG L 276 16.40 -9.37 28.47
C ARG L 276 16.99 -10.40 29.43
N LEU L 277 17.15 -11.63 28.97
CA LEU L 277 17.70 -12.69 29.83
C LEU L 277 19.12 -12.46 30.20
N ALA L 278 19.90 -11.79 29.35
CA ALA L 278 21.25 -11.39 29.70
C ALA L 278 21.33 -10.27 30.72
N ASP L 279 20.21 -9.60 31.01
CA ASP L 279 20.20 -8.49 31.94
C ASP L 279 19.77 -8.88 33.34
N GLU L 280 18.80 -9.79 33.46
CA GLU L 280 18.26 -10.14 34.77
C GLU L 280 19.11 -11.19 35.48
N PHE L 281 19.24 -12.38 34.89
CA PHE L 281 19.92 -13.47 35.58
C PHE L 281 21.43 -13.37 35.42
N GLY L 282 21.89 -12.40 34.64
CA GLY L 282 23.32 -12.29 34.39
C GLY L 282 23.89 -13.47 33.65
N VAL L 283 23.12 -14.05 32.75
CA VAL L 283 23.59 -15.13 31.90
C VAL L 283 24.53 -14.55 30.86
N ALA L 284 25.24 -15.42 30.14
CA ALA L 284 26.37 -15.06 29.31
C ALA L 284 26.02 -15.39 27.86
N VAL L 285 24.87 -14.88 27.42
CA VAL L 285 24.26 -15.23 26.13
C VAL L 285 25.29 -15.32 25.03
N VAL L 286 25.34 -16.46 24.37
CA VAL L 286 26.15 -16.64 23.19
C VAL L 286 25.21 -16.89 22.02
N ILE L 287 25.72 -16.78 20.81
CA ILE L 287 24.86 -16.87 19.64
C ILE L 287 25.72 -17.15 18.41
N THR L 288 25.16 -17.81 17.41
CA THR L 288 25.94 -18.27 16.25
C THR L 288 25.19 -17.85 14.99
N ASN L 289 25.91 -17.22 14.05
CA ASN L 289 25.30 -16.67 12.80
C ASN L 289 25.84 -17.41 11.57
N GLN L 290 25.18 -17.27 10.42
CA GLN L 290 25.64 -17.88 9.14
C GLN L 290 26.28 -16.78 8.29
N VAL L 291 26.68 -17.07 7.04
CA VAL L 291 27.18 -16.07 6.10
C VAL L 291 26.48 -16.23 4.77
N VAL L 292 26.59 -15.19 3.94
CA VAL L 292 26.27 -15.23 2.53
C VAL L 292 27.51 -14.74 1.77
N ALA L 293 27.37 -14.66 0.45
CA ALA L 293 28.48 -14.30 -0.42
C ALA L 293 28.18 -12.96 -1.06
N GLN L 294 29.10 -12.01 -0.89
CA GLN L 294 28.93 -10.69 -1.48
C GLN L 294 29.15 -10.77 -2.99
N VAL L 295 28.06 -10.91 -3.74
CA VAL L 295 28.12 -11.16 -5.17
C VAL L 295 28.56 -9.88 -5.89
N ASP L 296 28.60 -8.78 -5.15
CA ASP L 296 28.91 -7.45 -5.70
C ASP L 296 30.14 -7.46 -6.60
N GLY L 297 31.28 -7.87 -6.06
CA GLY L 297 32.51 -7.91 -6.83
C GLY L 297 33.57 -8.84 -6.28
N PRO L 305 35.01 -12.40 1.12
CA PRO L 305 33.65 -12.04 0.70
C PRO L 305 32.57 -12.78 1.49
N LYS L 306 32.81 -12.96 2.80
CA LYS L 306 31.86 -13.64 3.68
C LYS L 306 31.25 -12.58 4.59
N LYS L 307 30.04 -12.16 4.27
CA LYS L 307 29.32 -11.20 5.08
C LYS L 307 28.26 -11.91 5.91
N PRO L 308 28.17 -11.66 7.22
CA PRO L 308 27.16 -12.35 8.03
C PRO L 308 25.75 -11.94 7.62
N ILE L 309 24.80 -12.78 7.97
CA ILE L 309 23.41 -12.53 7.62
C ILE L 309 22.66 -12.03 8.85
N GLY L 310 21.44 -11.53 8.64
CA GLY L 310 20.73 -10.77 9.65
C GLY L 310 20.74 -9.28 9.40
N GLY L 311 21.50 -8.81 8.41
CA GLY L 311 21.52 -7.43 7.99
C GLY L 311 21.96 -6.50 9.10
N ASN L 312 21.34 -5.32 9.13
CA ASN L 312 21.67 -4.28 10.10
C ASN L 312 20.82 -4.35 11.35
N ILE L 313 20.25 -5.52 11.66
CA ILE L 313 19.53 -5.74 12.90
C ILE L 313 20.35 -6.53 13.90
N ILE L 314 20.83 -7.71 13.48
CA ILE L 314 21.73 -8.49 14.32
C ILE L 314 23.10 -7.83 14.40
N ALA L 315 23.42 -6.93 13.47
CA ALA L 315 24.72 -6.25 13.51
C ALA L 315 24.80 -5.30 14.69
N HIS L 316 23.78 -4.47 14.88
CA HIS L 316 23.81 -3.48 15.94
C HIS L 316 23.60 -4.12 17.31
N ALA L 317 22.67 -5.05 17.40
CA ALA L 317 22.26 -5.63 18.69
C ALA L 317 23.17 -6.80 19.04
N SER L 318 24.47 -6.54 19.10
CA SER L 318 25.45 -7.55 19.53
C SER L 318 26.71 -6.85 19.99
N THR L 319 26.98 -6.90 21.29
CA THR L 319 28.11 -6.15 21.85
C THR L 319 29.42 -6.63 21.26
N THR L 320 29.80 -7.88 21.52
CA THR L 320 31.01 -8.44 20.94
C THR L 320 30.62 -9.39 19.81
N ARG L 321 31.53 -9.64 18.88
CA ARG L 321 31.20 -10.43 17.70
C ARG L 321 32.47 -10.99 17.08
N LEU L 322 32.64 -12.31 17.12
CA LEU L 322 33.84 -12.95 16.62
C LEU L 322 33.69 -13.21 15.11
N TYR L 323 34.73 -13.76 14.50
CA TYR L 323 34.70 -14.13 13.09
C TYR L 323 35.55 -15.37 12.88
N LEU L 324 34.92 -16.54 12.88
CA LEU L 324 35.66 -17.77 12.72
C LEU L 324 36.07 -17.95 11.26
N ARG L 325 37.24 -18.56 11.06
CA ARG L 325 37.79 -18.74 9.72
C ARG L 325 38.65 -19.98 9.70
N LYS L 326 38.79 -20.57 8.52
CA LYS L 326 39.52 -21.82 8.34
C LYS L 326 40.98 -21.53 8.07
N GLY L 327 41.87 -22.21 8.77
CA GLY L 327 43.28 -22.14 8.50
C GLY L 327 43.76 -23.37 7.74
N ARG L 328 44.60 -24.18 8.37
CA ARG L 328 45.11 -25.40 7.74
C ARG L 328 44.87 -26.56 8.69
N GLY L 329 44.03 -27.51 8.29
CA GLY L 329 43.74 -28.66 9.11
C GLY L 329 42.90 -28.33 10.33
N GLU L 330 43.51 -28.42 11.52
CA GLU L 330 42.80 -28.16 12.75
C GLU L 330 42.82 -26.69 13.17
N THR L 331 43.69 -25.87 12.56
CA THR L 331 43.88 -24.50 13.01
C THR L 331 42.78 -23.62 12.42
N ARG L 332 42.18 -22.79 13.27
CA ARG L 332 41.18 -21.82 12.88
C ARG L 332 41.58 -20.43 13.36
N ILE L 333 41.17 -19.41 12.62
CA ILE L 333 41.50 -18.02 12.92
C ILE L 333 40.23 -17.32 13.37
N CYS L 334 40.26 -16.75 14.57
CA CYS L 334 39.15 -15.99 15.13
C CYS L 334 39.60 -14.57 15.39
N LYS L 335 38.92 -13.60 14.76
CA LYS L 335 39.22 -12.19 14.95
C LYS L 335 38.00 -11.49 15.53
N ILE L 336 38.24 -10.44 16.32
CA ILE L 336 37.15 -9.68 16.91
C ILE L 336 36.62 -8.70 15.89
N TYR L 337 35.57 -9.12 15.18
CA TYR L 337 34.96 -8.31 14.13
C TYR L 337 34.48 -6.97 14.68
N ASP L 338 33.83 -6.98 15.84
CA ASP L 338 33.28 -5.77 16.43
C ASP L 338 33.11 -5.97 17.92
N SER L 339 33.48 -4.97 18.70
CA SER L 339 33.33 -5.00 20.16
C SER L 339 33.39 -3.59 20.70
N PRO L 340 32.71 -3.29 21.80
CA PRO L 340 32.73 -1.92 22.32
C PRO L 340 33.91 -1.64 23.24
N CYS L 341 34.66 -2.69 23.59
CA CYS L 341 35.81 -2.53 24.48
C CYS L 341 37.04 -3.21 23.91
N LEU L 342 36.84 -4.31 23.20
CA LEU L 342 37.93 -5.20 22.87
C LEU L 342 38.58 -4.78 21.55
N PRO L 343 39.91 -4.92 21.41
CA PRO L 343 40.58 -4.48 20.17
C PRO L 343 40.23 -5.36 18.98
N GLU L 344 40.85 -5.07 17.83
CA GLU L 344 40.55 -5.75 16.57
C GLU L 344 41.62 -6.76 16.22
N ALA L 345 42.20 -7.41 17.25
CA ALA L 345 43.27 -8.41 17.05
C ALA L 345 42.67 -9.72 16.57
N GLU L 346 43.49 -10.76 16.40
CA GLU L 346 42.99 -12.11 16.03
C GLU L 346 43.79 -13.14 16.84
N ALA L 347 43.37 -14.41 16.84
CA ALA L 347 44.06 -15.47 17.55
C ALA L 347 44.08 -16.78 16.76
N MET L 348 44.56 -17.85 17.39
CA MET L 348 44.70 -19.14 16.72
C MET L 348 44.30 -20.23 17.70
N PHE L 349 43.36 -21.07 17.31
CA PHE L 349 42.94 -22.21 18.12
C PHE L 349 42.76 -23.42 17.21
N ALA L 350 42.52 -24.58 17.82
CA ALA L 350 42.40 -25.83 17.08
C ALA L 350 41.30 -26.69 17.68
N ILE L 351 40.51 -27.34 16.81
CA ILE L 351 39.37 -28.22 17.23
C ILE L 351 39.96 -29.61 17.57
N ASN L 352 40.69 -29.72 18.68
CA ASN L 352 41.37 -31.00 19.02
C ASN L 352 40.29 -32.01 19.46
N ALA L 353 40.66 -33.27 19.72
CA ALA L 353 39.70 -34.35 20.08
C ALA L 353 39.11 -34.09 21.47
N ASP L 354 39.75 -33.25 22.29
CA ASP L 354 39.27 -32.91 23.62
C ASP L 354 38.52 -31.58 23.64
N GLY L 355 38.04 -31.14 22.49
CA GLY L 355 37.42 -29.82 22.46
C GLY L 355 38.43 -28.73 22.16
N VAL L 356 37.90 -27.57 21.78
CA VAL L 356 38.71 -26.45 21.29
C VAL L 356 39.80 -26.08 22.29
N GLY L 357 41.04 -25.98 21.80
CA GLY L 357 42.19 -25.64 22.60
C GLY L 357 43.31 -25.14 21.71
N ASP L 358 44.49 -24.97 22.31
CA ASP L 358 45.65 -24.50 21.57
C ASP L 358 46.04 -25.46 20.45
PG ANP M . 26.84 -0.39 17.67
O1G ANP M . 26.64 -1.79 18.24
O2G ANP M . 26.36 -0.21 16.22
O3G ANP M . 26.44 0.75 18.60
PB ANP M . 29.39 1.22 17.06
O1B ANP M . 29.24 1.55 15.61
O2B ANP M . 29.20 2.28 18.10
N3B ANP M . 28.61 -0.19 17.44
PA ANP M . 31.86 0.67 18.53
O1A ANP M . 32.36 2.00 18.98
O2A ANP M . 31.17 -0.26 19.50
O3A ANP M . 31.02 0.76 17.17
O5' ANP M . 33.19 -0.07 17.90
C5' ANP M . 34.46 0.44 18.20
C4' ANP M . 35.59 -0.26 17.47
O4' ANP M . 36.84 0.29 17.91
C3' ANP M . 35.71 -1.76 17.72
O3' ANP M . 34.90 -2.52 16.90
C2' ANP M . 37.20 -2.02 17.56
O2' ANP M . 37.48 -2.17 16.20
C1' ANP M . 37.79 -0.71 18.11
N9 ANP M . 38.09 -0.76 19.53
C8 ANP M . 37.23 -0.85 20.59
N7 ANP M . 37.82 -0.87 21.74
C5 ANP M . 39.16 -0.78 21.44
C6 ANP M . 40.33 -0.77 22.21
N6 ANP M . 40.29 -0.83 23.56
N1 ANP M . 41.50 -0.68 21.60
C2 ANP M . 41.52 -0.62 20.27
N3 ANP M . 40.50 -0.64 19.43
C4 ANP M . 39.35 -0.72 20.07
MG MG N . 27.33 1.06 20.37
PG ANP O . 17.77 19.96 9.91
O1G ANP O . 18.36 18.56 9.90
O2G ANP O . 16.25 20.02 10.07
O3G ANP O . 18.55 20.94 10.79
PB ANP O . 17.20 21.97 7.65
O1B ANP O . 16.26 21.64 6.53
O2B ANP O . 16.74 22.87 8.77
N3B ANP O . 17.93 20.60 8.24
PA ANP O . 18.87 22.87 5.37
O1A ANP O . 18.00 22.01 4.53
O2A ANP O . 19.11 24.32 4.99
O3A ANP O . 18.52 22.76 6.94
O5' ANP O . 20.33 22.10 5.41
C5' ANP O . 21.51 22.81 5.73
C4' ANP O . 22.55 22.79 4.62
O4' ANP O . 23.40 23.94 4.71
C3' ANP O . 23.56 21.63 4.64
O3' ANP O . 23.04 20.45 4.17
C2' ANP O . 24.73 22.16 3.85
O2' ANP O . 24.56 21.79 2.51
C1' ANP O . 24.58 23.69 4.00
N9 ANP O . 25.70 24.33 4.67
C8 ANP O . 25.87 24.65 5.98
N7 ANP O . 27.01 25.24 6.23
C5 ANP O . 27.63 25.30 5.01
C6 ANP O . 28.87 25.80 4.58
N6 ANP O . 29.75 26.36 5.42
N1 ANP O . 29.18 25.71 3.28
C2 ANP O . 28.30 25.15 2.45
N3 ANP O . 27.11 24.65 2.73
C4 ANP O . 26.83 24.75 4.02
MG MG P . 16.71 28.40 8.73
PG ANP Q . -5.85 27.92 -3.56
O1G ANP Q . -4.45 28.02 -2.93
O2G ANP Q . -6.49 26.54 -3.45
O3G ANP Q . -6.78 29.09 -3.22
PB ANP Q . -5.80 26.79 -6.43
O1B ANP Q . -5.42 25.48 -5.83
O2B ANP Q . -7.05 26.91 -7.26
N3B ANP Q . -5.62 28.03 -5.33
PA ANP Q . -4.48 26.56 -9.03
O1A ANP Q . -4.42 25.07 -9.11
O2A ANP Q . -5.48 27.31 -9.89
O3A ANP Q . -4.53 27.10 -7.52
O5' ANP Q . -2.96 27.05 -9.41
C5' ANP Q . -2.54 27.07 -10.76
C4' ANP Q . -1.69 25.88 -11.17
O4' ANP Q . -1.60 25.86 -12.59
C3' ANP Q . -0.24 25.90 -10.67
O3' ANP Q . -0.06 25.29 -9.43
C2' ANP Q . 0.54 25.27 -11.81
O2' ANP Q . 0.49 23.88 -11.68
C1' ANP Q . -0.28 25.74 -13.02
N9 ANP Q . 0.13 27.03 -13.56
C8 ANP Q . 0.11 28.26 -12.97
N7 ANP Q . 0.55 29.22 -13.73
C5 ANP Q . 0.86 28.59 -14.90
C6 ANP Q . 1.38 29.06 -16.12
N6 ANP Q . 1.67 30.35 -16.34
N1 ANP Q . 1.58 28.17 -17.10
C2 ANP Q . 1.29 26.90 -16.89
N3 ANP Q . 0.81 26.34 -15.79
C4 ANP Q . 0.61 27.23 -14.83
MG MG R . -9.63 29.59 -11.81
PG ANP S . -29.87 18.73 -4.02
O1G ANP S . -29.46 18.08 -2.71
O2G ANP S . -31.36 19.05 -4.13
O3G ANP S . -28.94 19.84 -4.51
PB ANP S . -30.55 15.97 -5.06
O1B ANP S . -29.94 15.17 -3.96
O2B ANP S . -32.05 16.17 -5.12
N3B ANP S . -29.76 17.42 -5.24
PA ANP S . -30.65 15.56 -7.96
O1A ANP S . -31.93 14.89 -8.32
O2A ANP S . -30.45 17.05 -8.20
O3A ANP S . -30.12 15.18 -6.49
O5' ANP S . -29.47 14.75 -8.79
C5' ANP S . -28.78 13.71 -8.14
C4' ANP S . -27.91 12.92 -9.09
O4' ANP S . -28.63 12.52 -10.25
C3' ANP S . -26.71 13.66 -9.67
O3' ANP S . -25.72 13.95 -8.76
C2' ANP S . -26.33 12.71 -10.78
O2' ANP S . -25.60 11.64 -10.23
C1' ANP S . -27.73 12.25 -11.28
N9 ANP S . -28.12 12.94 -12.49
C8 ANP S . -28.28 14.28 -12.71
N7 ANP S . -28.64 14.57 -13.93
C5 ANP S . -28.73 13.36 -14.55
C6 ANP S . -29.06 12.97 -15.86
N6 ANP S . -29.40 13.84 -16.82
N1 ANP S . -29.06 11.66 -16.15
C2 ANP S . -28.73 10.78 -15.20
N3 ANP S . -28.39 11.03 -13.95
C4 ANP S . -28.41 12.34 -13.68
MG MG T . -36.92 14.46 -8.12
PG ANP U . -47.11 10.09 12.25
O1G ANP U . -46.12 9.43 11.31
O2G ANP U . -47.06 11.62 12.25
O3G ANP U . -48.53 9.52 12.16
PB ANP U . -46.15 8.27 14.60
O1B ANP U . -44.85 8.39 15.33
O2B ANP U . -47.32 7.59 15.26
N3B ANP U . -46.57 9.74 13.92
PA ANP U . -46.58 6.08 12.62
O1A ANP U . -47.51 5.42 13.58
O2A ANP U . -47.05 6.47 11.23
O3A ANP U . -45.72 7.30 13.26
O5' ANP U . -45.33 5.01 12.47
C5' ANP U . -45.56 3.62 12.50
C4' ANP U . -44.32 2.79 12.29
O4' ANP U . -44.64 1.40 12.40
C3' ANP U . -43.64 2.95 10.93
O3' ANP U . -42.72 3.99 10.88
C2' ANP U . -43.05 1.57 10.64
O2' ANP U . -41.80 1.48 11.24
C1' ANP U . -44.09 0.67 11.35
N9 ANP U . -45.17 0.23 10.48
C8 ANP U . -46.15 0.98 9.88
N7 ANP U . -46.97 0.28 9.17
C5 ANP U . -46.54 -1.02 9.30
C6 ANP U . -46.99 -2.23 8.79
N6 ANP U . -48.06 -2.34 8.00
N1 ANP U . -46.32 -3.35 9.12
C2 ANP U . -45.25 -3.24 9.92
N3 ANP U . -44.73 -2.16 10.46
C4 ANP U . -45.42 -1.06 10.12
MG MG V . -46.27 5.96 14.98
PG ANP W . 61.86 -23.57 -44.64
O1G ANP W . 61.49 -23.79 -43.18
O2G ANP W . 60.75 -22.99 -45.51
O3G ANP W . 63.22 -22.89 -44.82
PB ANP W . 60.83 -26.24 -45.83
O1B ANP W . 60.83 -27.49 -45.00
O2B ANP W . 59.53 -25.51 -46.09
N3B ANP W . 62.05 -25.20 -45.37
PA ANP W . 60.97 -26.05 -48.73
O1A ANP W . 59.52 -26.24 -49.03
O2A ANP W . 61.59 -24.66 -48.79
O3A ANP W . 61.38 -26.76 -47.35
O5' ANP W . 61.76 -27.04 -49.80
C5' ANP W . 62.92 -26.60 -50.46
C4' ANP W . 63.75 -27.75 -51.00
O4' ANP W . 63.51 -28.00 -52.39
C3' ANP W . 65.26 -27.58 -50.98
O3' ANP W . 65.82 -27.54 -49.71
C2' ANP W . 65.68 -28.77 -51.83
O2' ANP W . 65.65 -29.91 -51.04
C1' ANP W . 64.55 -28.80 -52.88
N9 ANP W . 65.00 -28.35 -54.20
C8 ANP W . 66.27 -28.45 -54.71
N7 ANP W . 66.37 -27.98 -55.93
C5 ANP W . 65.12 -27.56 -56.24
C6 ANP W . 64.56 -26.97 -57.39
N6 ANP W . 65.29 -26.70 -58.48
N1 ANP W . 63.26 -26.68 -57.38
C2 ANP W . 62.55 -26.95 -56.29
N3 ANP W . 62.95 -27.49 -55.16
C4 ANP W . 64.24 -27.79 -55.18
MG MG X . 59.76 -24.41 -47.63
PG ANP Y . 40.05 -35.60 -34.49
O1G ANP Y . 39.12 -34.78 -33.58
O2G ANP Y . 41.28 -34.85 -35.01
O3G ANP Y . 40.30 -37.01 -33.98
PB ANP Y . 37.75 -36.70 -36.21
O1B ANP Y . 37.38 -37.37 -34.91
O2B ANP Y . 36.71 -35.96 -37.01
N3B ANP Y . 39.15 -35.83 -36.02
PA ANP Y . 38.55 -39.50 -36.69
O1A ANP Y . 39.05 -39.59 -35.29
O2A ANP Y . 37.42 -40.38 -37.17
O3A ANP Y . 38.31 -37.98 -37.18
O5' ANP Y . 39.88 -39.83 -37.61
C5' ANP Y . 39.78 -40.68 -38.73
C4' ANP Y . 40.90 -41.70 -38.80
O4' ANP Y . 40.38 -42.98 -39.16
C3' ANP Y . 41.97 -41.41 -39.86
O3' ANP Y . 42.92 -40.50 -39.48
C2' ANP Y . 42.49 -42.80 -40.18
O2' ANP Y . 43.38 -43.20 -39.18
C1' ANP Y . 41.18 -43.61 -40.11
N9 ANP Y . 40.44 -43.65 -41.36
C8 ANP Y . 39.52 -42.76 -41.84
N7 ANP Y . 39.05 -43.08 -43.01
C5 ANP Y . 39.67 -44.25 -43.32
C6 ANP Y . 39.61 -45.10 -44.43
N6 ANP Y . 38.80 -44.86 -45.47
N1 ANP Y . 40.38 -46.19 -44.44
C2 ANP Y . 41.17 -46.42 -43.39
N3 ANP Y . 41.32 -45.71 -42.30
C4 ANP Y . 40.55 -44.62 -42.31
MG MG Z . 39.57 -37.81 -35.48
PG ANP AA . 28.57 -38.85 -13.95
O1G ANP AA . 29.10 -37.64 -13.19
O2G ANP AA . 27.05 -38.89 -14.12
O3G ANP AA . 29.35 -39.18 -15.22
PB ANP AA . 28.56 -40.15 -11.21
O1B ANP AA . 29.62 -39.32 -10.54
O2B ANP AA . 27.11 -39.90 -10.89
N3B ANP AA . 28.83 -40.22 -12.85
PA ANP AA . 29.98 -42.26 -9.69
O1A ANP AA . 31.01 -41.22 -9.39
O2A ANP AA . 29.33 -43.04 -8.58
O3A ANP AA . 28.88 -41.75 -10.76
O5' ANP AA . 30.76 -43.32 -10.69
C5' ANP AA . 30.79 -44.70 -10.41
C4' ANP AA . 32.08 -45.35 -10.86
O4' ANP AA . 32.23 -46.66 -10.31
C3' ANP AA . 32.22 -45.58 -12.35
O3' ANP AA . 32.45 -44.43 -13.10
C2' ANP AA . 33.33 -46.62 -12.42
O2' ANP AA . 34.56 -45.99 -12.26
C1' ANP AA . 32.98 -47.46 -11.16
N9 ANP AA . 32.21 -48.65 -11.51
C8 ANP AA . 30.96 -48.74 -12.08
N7 ANP AA . 30.56 -49.96 -12.26
C5 ANP AA . 31.59 -50.72 -11.77
C6 ANP AA . 31.78 -52.11 -11.67
N6 ANP AA . 30.87 -53.00 -12.08
N1 ANP AA . 32.92 -52.55 -11.14
C2 ANP AA . 33.83 -51.67 -10.73
N3 ANP AA . 33.76 -50.34 -10.77
C4 ANP AA . 32.62 -49.93 -11.31
MG MG BA . 33.37 -39.17 -9.85
PG ANP CA . 27.63 -25.52 10.56
O1G ANP CA . 26.97 -26.40 9.51
O2G ANP CA . 28.37 -24.30 10.00
O3G ANP CA . 26.77 -25.22 11.79
PB ANP CA . 30.34 -25.77 11.97
O1B ANP CA . 31.04 -24.80 11.07
O2B ANP CA . 30.05 -25.41 13.39
N3B ANP CA . 29.03 -26.44 11.21
PA ANP CA . 31.62 -27.89 13.45
O1A ANP CA . 32.29 -27.04 14.46
O2A ANP CA . 30.35 -28.65 13.80
O3A ANP CA . 31.40 -27.09 12.07
O5' ANP CA . 32.77 -28.97 12.95
C5' ANP CA . 33.94 -28.50 12.34
C4' ANP CA . 35.09 -29.47 12.43
O4' ANP CA . 35.26 -29.96 13.76
C3' ANP CA . 34.98 -30.77 11.65
O3' ANP CA . 35.01 -30.61 10.27
C2' ANP CA . 36.15 -31.54 12.23
O2' ANP CA . 37.31 -31.10 11.60
C1' ANP CA . 36.12 -31.06 13.70
N9 ANP CA . 35.69 -32.11 14.60
C8 ANP CA . 34.43 -32.46 14.99
N7 ANP CA . 34.41 -33.45 15.84
C5 ANP CA . 35.73 -33.78 16.02
C6 ANP CA . 36.40 -34.74 16.79
N6 ANP CA . 35.76 -35.62 17.57
N1 ANP CA . 37.73 -34.78 16.73
C2 ANP CA . 38.38 -33.92 15.96
N3 ANP CA . 37.88 -32.97 15.19
C4 ANP CA . 36.54 -32.94 15.26
MG MG DA . 27.40 -26.36 13.17
#